data_5VBF
#
_entry.id   5VBF
#
_cell.length_a   106.620
_cell.length_b   191.760
_cell.length_c   219.800
_cell.angle_alpha   90.000
_cell.angle_beta   90.000
_cell.angle_gamma   90.000
#
_symmetry.space_group_name_H-M   'P 21 21 21'
#
loop_
_entity.id
_entity.type
_entity.pdbx_description
1 polymer 'NAD-dependent succinate-semialdehyde dehydrogenase'
2 non-polymer '2-(N-MORPHOLINO)-ETHANESULFONIC ACID'
3 non-polymer GLYCEROL
4 non-polymer 'FORMIC ACID'
5 non-polymer 'UNKNOWN ATOM OR ION'
6 water water
#
_entity_poly.entity_id   1
_entity_poly.type   'polypeptide(L)'
_entity_poly.pdbx_seq_one_letter_code
;RHDYAPLRLYIDGRFHDADGRRTQPVVDPGTTRVLGELPHATAHDIDAAVQAAHRAFVTWRHESPLVRSDLLRRAAALAR
ERAETIGRHITMDQGKPLREAIAEVVSAAEQLEWHAEEGRRTYGRVVPARSPDVMQTVLREPIGVCAAFSPWNFPFSQAM
HKIAAALASGCTLVLKGPEESPSAIVALAQLFHDAGLPPGCLNIVWGVPGDVSKQLIEAPQVRKISFTGSVPVGKQLAAL
AASLMKRMTMELGGHAPVLVCADADVERAAAMLAAYKFRNAGQVCVSPTRFFVQRAAFDRFVCAYLDAVGTIRVGYGLDA
GVTMGPLAHARRVDEIDAFVADATAKGAQIATGGMRLPGPGHYFAPTVVLGPTRDTRLMNDEPFGPIVGIVPFDDLDDAL
AEANRLPFGLASYAFTTSARNAHRISRALEAGMVNINHFGMGPAEIPFGGVKDSGFGSEGGMEAFDGYLVTKFVTQMN
;
_entity_poly.pdbx_strand_id   A,B,C,D,E,F,G,H
#
loop_
_chem_comp.id
_chem_comp.type
_chem_comp.name
_chem_comp.formula
FMT non-polymer 'FORMIC ACID' 'C H2 O2'
GOL non-polymer GLYCEROL 'C3 H8 O3'
MES non-polymer '2-(N-MORPHOLINO)-ETHANESULFONIC ACID' 'C6 H13 N O4 S'
UNX non-polymer 'UNKNOWN ATOM OR ION' ?
#
# COMPACT_ATOMS: atom_id res chain seq x y z
N ARG A 1 16.62 58.45 -36.14
CA ARG A 1 17.14 57.78 -37.33
C ARG A 1 18.67 57.79 -37.43
N HIS A 2 19.27 58.99 -37.30
CA HIS A 2 20.71 59.14 -37.51
C HIS A 2 21.55 58.36 -36.50
N ASP A 3 21.07 58.20 -35.27
CA ASP A 3 21.79 57.44 -34.27
C ASP A 3 21.27 56.01 -34.13
N TYR A 4 20.50 55.53 -35.11
CA TYR A 4 19.90 54.20 -35.13
C TYR A 4 20.19 53.54 -36.47
N ALA A 5 20.51 52.25 -36.47
CA ALA A 5 20.98 51.57 -37.68
C ALA A 5 19.82 51.20 -38.62
N PRO A 6 20.11 51.04 -39.91
CA PRO A 6 19.06 50.63 -40.86
C PRO A 6 18.56 49.23 -40.58
N LEU A 7 17.26 49.05 -40.78
CA LEU A 7 16.60 47.78 -40.55
C LEU A 7 16.44 47.06 -41.89
N ARG A 8 16.84 45.79 -41.92
CA ARG A 8 16.91 45.01 -43.15
CA ARG A 8 16.85 45.03 -43.16
C ARG A 8 16.45 43.59 -42.88
N LEU A 9 15.96 42.94 -43.93
CA LEU A 9 15.86 41.48 -43.96
C LEU A 9 17.21 40.91 -44.36
N TYR A 10 17.42 39.63 -44.07
CA TYR A 10 18.66 38.97 -44.48
C TYR A 10 18.32 37.57 -44.94
N ILE A 11 18.46 37.32 -46.25
CA ILE A 11 18.01 36.07 -46.87
C ILE A 11 19.06 35.62 -47.86
N ASP A 12 19.55 34.39 -47.70
CA ASP A 12 20.48 33.78 -48.65
C ASP A 12 21.69 34.69 -48.89
N GLY A 13 22.24 35.23 -47.80
CA GLY A 13 23.46 36.01 -47.85
C GLY A 13 23.32 37.42 -48.34
N ARG A 14 22.11 37.94 -48.50
CA ARG A 14 21.91 39.30 -48.98
C ARG A 14 20.95 40.03 -48.04
N PHE A 15 21.24 41.31 -47.80
CA PHE A 15 20.29 42.16 -47.08
C PHE A 15 19.23 42.70 -48.04
N HIS A 16 18.01 42.88 -47.54
CA HIS A 16 16.97 43.48 -48.36
C HIS A 16 16.28 44.59 -47.58
N ASP A 17 15.93 45.66 -48.30
CA ASP A 17 15.28 46.83 -47.74
CA ASP A 17 15.28 46.83 -47.75
C ASP A 17 13.77 46.75 -48.01
N ALA A 18 13.07 47.88 -47.90
CA ALA A 18 11.62 47.94 -47.95
C ALA A 18 11.03 48.05 -49.34
N ASP A 19 11.85 48.00 -50.40
CA ASP A 19 11.34 48.21 -51.76
C ASP A 19 10.37 47.08 -52.10
N GLY A 20 9.10 47.41 -52.34
CA GLY A 20 8.13 46.37 -52.62
C GLY A 20 7.55 45.69 -51.39
N ARG A 21 7.81 46.21 -50.18
CA ARG A 21 7.41 45.55 -48.96
C ARG A 21 6.61 46.48 -48.06
N ARG A 22 5.80 45.88 -47.19
CA ARG A 22 5.15 46.62 -46.12
C ARG A 22 6.14 46.84 -44.98
N THR A 23 5.93 47.92 -44.23
CA THR A 23 6.80 48.22 -43.09
C THR A 23 5.98 48.49 -41.84
N GLN A 24 6.69 48.56 -40.72
CA GLN A 24 6.13 48.81 -39.42
C GLN A 24 7.07 49.76 -38.69
N PRO A 25 6.54 50.75 -37.98
CA PRO A 25 7.43 51.66 -37.24
C PRO A 25 8.03 50.99 -36.02
N VAL A 26 9.25 51.41 -35.70
CA VAL A 26 9.97 50.99 -34.50
C VAL A 26 10.06 52.21 -33.61
N VAL A 27 9.61 52.07 -32.36
CA VAL A 27 9.43 53.19 -31.46
C VAL A 27 10.35 53.06 -30.25
N ASP A 28 10.94 54.19 -29.85
CA ASP A 28 11.73 54.24 -28.62
C ASP A 28 10.78 54.28 -27.42
N PRO A 29 10.77 53.27 -26.54
CA PRO A 29 9.82 53.26 -25.41
C PRO A 29 10.08 54.33 -24.38
N GLY A 30 11.26 54.95 -24.37
CA GLY A 30 11.54 55.98 -23.40
C GLY A 30 11.14 57.36 -23.89
N THR A 31 11.06 57.55 -25.20
CA THR A 31 10.68 58.84 -25.75
C THR A 31 9.41 58.82 -26.59
N THR A 32 8.99 57.65 -27.10
CA THR A 32 7.89 57.46 -28.05
C THR A 32 8.20 57.96 -29.45
N ARG A 33 9.44 58.38 -29.70
CA ARG A 33 9.82 58.81 -31.04
C ARG A 33 9.99 57.59 -31.94
N VAL A 34 9.67 57.76 -33.22
CA VAL A 34 9.85 56.67 -34.18
C VAL A 34 11.32 56.61 -34.57
N LEU A 35 11.91 55.42 -34.51
CA LEU A 35 13.33 55.26 -34.81
C LEU A 35 13.59 54.94 -36.27
N GLY A 36 12.70 54.21 -36.92
CA GLY A 36 12.88 53.78 -38.28
C GLY A 36 11.76 52.83 -38.66
N GLU A 37 11.82 52.37 -39.90
CA GLU A 37 10.79 51.49 -40.44
C GLU A 37 11.39 50.10 -40.61
N LEU A 38 10.65 49.08 -40.18
CA LEU A 38 11.12 47.71 -40.28
C LEU A 38 10.47 47.03 -41.47
N PRO A 39 11.23 46.51 -42.44
CA PRO A 39 10.61 45.83 -43.58
C PRO A 39 10.10 44.44 -43.23
N HIS A 40 8.90 44.14 -43.72
CA HIS A 40 8.27 42.84 -43.56
C HIS A 40 8.62 41.93 -44.73
N ALA A 41 8.92 40.68 -44.42
CA ALA A 41 9.10 39.68 -45.44
C ALA A 41 7.78 39.42 -46.13
N THR A 42 7.81 39.24 -47.45
CA THR A 42 6.62 38.73 -48.12
C THR A 42 6.53 37.22 -47.91
N ALA A 43 5.37 36.65 -48.25
CA ALA A 43 5.25 35.20 -48.25
C ALA A 43 6.32 34.57 -49.13
N HIS A 44 6.58 35.17 -50.31
CA HIS A 44 7.64 34.64 -51.16
C HIS A 44 9.00 34.81 -50.52
N ASP A 45 9.25 35.92 -49.81
CA ASP A 45 10.51 36.07 -49.07
C ASP A 45 10.72 34.89 -48.14
N ILE A 46 9.67 34.50 -47.41
CA ILE A 46 9.81 33.44 -46.44
C ILE A 46 10.05 32.10 -47.13
N ASP A 47 9.31 31.84 -48.22
CA ASP A 47 9.61 30.65 -49.03
C ASP A 47 11.06 30.64 -49.45
N ALA A 48 11.58 31.78 -49.91
CA ALA A 48 12.97 31.84 -50.36
C ALA A 48 13.93 31.61 -49.20
N ALA A 49 13.59 32.10 -48.00
CA ALA A 49 14.44 31.88 -46.83
C ALA A 49 14.52 30.40 -46.48
N VAL A 50 13.39 29.70 -46.52
CA VAL A 50 13.37 28.27 -46.23
C VAL A 50 14.15 27.49 -47.29
N GLN A 51 13.91 27.77 -48.58
CA GLN A 51 14.66 27.09 -49.63
C GLN A 51 16.16 27.34 -49.51
N ALA A 52 16.56 28.58 -49.22
CA ALA A 52 17.99 28.88 -49.07
C ALA A 52 18.59 28.15 -47.88
N ALA A 53 17.86 28.05 -46.78
CA ALA A 53 18.35 27.32 -45.62
C ALA A 53 18.53 25.84 -45.96
N HIS A 54 17.65 25.29 -46.79
CA HIS A 54 17.76 23.89 -47.14
C HIS A 54 18.98 23.63 -48.00
N ARG A 55 19.21 24.48 -49.00
CA ARG A 55 20.40 24.32 -49.85
C ARG A 55 21.68 24.48 -49.04
N ALA A 56 21.68 25.43 -48.10
CA ALA A 56 22.86 25.62 -47.26
C ALA A 56 23.10 24.41 -46.37
N PHE A 57 22.02 23.83 -45.83
CA PHE A 57 22.15 22.70 -44.92
C PHE A 57 22.85 21.52 -45.58
N VAL A 58 22.66 21.34 -46.89
CA VAL A 58 23.21 20.19 -47.59
C VAL A 58 24.73 20.11 -47.41
N THR A 59 25.40 21.25 -47.43
CA THR A 59 26.85 21.23 -47.25
C THR A 59 27.28 21.61 -45.84
N TRP A 60 26.57 22.53 -45.18
CA TRP A 60 26.96 22.96 -43.84
C TRP A 60 26.96 21.79 -42.86
N ARG A 61 26.04 20.84 -43.03
CA ARG A 61 25.99 19.68 -42.15
C ARG A 61 27.29 18.87 -42.20
N HIS A 62 28.01 18.91 -43.31
CA HIS A 62 29.24 18.14 -43.52
C HIS A 62 30.51 18.94 -43.33
N GLU A 63 30.40 20.24 -43.05
CA GLU A 63 31.59 21.03 -42.78
C GLU A 63 32.27 20.54 -41.51
N SER A 64 33.59 20.63 -41.49
CA SER A 64 34.34 20.23 -40.31
C SER A 64 33.81 20.97 -39.09
N PRO A 65 33.60 20.29 -37.97
CA PRO A 65 33.19 21.00 -36.75
C PRO A 65 34.21 22.04 -36.29
N LEU A 66 35.49 21.86 -36.63
CA LEU A 66 36.49 22.87 -36.29
C LEU A 66 36.41 24.08 -37.22
N VAL A 67 36.15 23.84 -38.51
CA VAL A 67 35.92 24.96 -39.42
C VAL A 67 34.67 25.73 -39.00
N ARG A 68 33.59 25.03 -38.58
CA ARG A 68 32.40 25.74 -38.13
C ARG A 68 32.68 26.53 -36.85
N SER A 69 33.45 25.93 -35.95
CA SER A 69 33.88 26.59 -34.71
C SER A 69 34.69 27.85 -34.98
N ASP A 70 35.71 27.75 -35.85
CA ASP A 70 36.51 28.92 -36.21
C ASP A 70 35.61 30.07 -36.63
N LEU A 71 34.64 29.77 -37.49
CA LEU A 71 33.75 30.81 -37.99
C LEU A 71 32.89 31.38 -36.87
N LEU A 72 32.33 30.50 -36.03
CA LEU A 72 31.48 30.99 -34.95
C LEU A 72 32.27 31.84 -33.96
N ARG A 73 33.53 31.47 -33.70
CA ARG A 73 34.34 32.29 -32.79
C ARG A 73 34.68 33.64 -33.40
N ARG A 74 34.84 33.72 -34.73
CA ARG A 74 35.04 35.02 -35.38
CA ARG A 74 35.05 35.01 -35.36
C ARG A 74 33.82 35.90 -35.21
N ALA A 75 32.62 35.33 -35.36
CA ALA A 75 31.40 36.11 -35.20
C ALA A 75 31.30 36.63 -33.77
N ALA A 76 31.66 35.78 -32.79
CA ALA A 76 31.63 36.18 -31.39
C ALA A 76 32.59 37.33 -31.13
N ALA A 77 33.78 37.26 -31.71
CA ALA A 77 34.76 38.33 -31.53
C ALA A 77 34.21 39.64 -32.09
N LEU A 78 33.53 39.57 -33.23
CA LEU A 78 32.93 40.77 -33.81
C LEU A 78 31.84 41.32 -32.91
N ALA A 79 31.04 40.43 -32.31
CA ALA A 79 30.05 40.87 -31.34
C ALA A 79 30.71 41.65 -30.21
N ARG A 80 31.85 41.16 -29.70
CA ARG A 80 32.54 41.88 -28.63
C ARG A 80 33.00 43.25 -29.07
N GLU A 81 33.56 43.35 -30.29
CA GLU A 81 34.01 44.64 -30.79
C GLU A 81 32.87 45.64 -30.92
N ARG A 82 31.67 45.17 -31.25
CA ARG A 82 30.56 46.05 -31.58
C ARG A 82 29.61 46.23 -30.41
N ALA A 83 30.00 45.79 -29.22
CA ALA A 83 29.09 45.72 -28.08
C ALA A 83 28.48 47.07 -27.75
N GLU A 84 29.28 48.14 -27.80
CA GLU A 84 28.77 49.46 -27.44
C GLU A 84 27.72 49.93 -28.45
N THR A 85 27.97 49.76 -29.75
CA THR A 85 27.02 50.20 -30.77
C THR A 85 25.75 49.36 -30.75
N ILE A 86 25.91 48.03 -30.70
CA ILE A 86 24.75 47.15 -30.61
C ILE A 86 23.96 47.44 -29.33
N GLY A 87 24.66 47.64 -28.22
CA GLY A 87 23.97 47.91 -26.97
C GLY A 87 23.19 49.22 -27.00
N ARG A 88 23.79 50.26 -27.57
CA ARG A 88 23.12 51.55 -27.66
CA ARG A 88 23.12 51.55 -27.66
C ARG A 88 21.81 51.43 -28.42
N HIS A 89 21.79 50.64 -29.50
CA HIS A 89 20.58 50.49 -30.28
C HIS A 89 19.56 49.63 -29.55
N ILE A 90 20.03 48.67 -28.76
CA ILE A 90 19.13 47.88 -27.95
C ILE A 90 18.42 48.76 -26.92
N THR A 91 19.19 49.58 -26.19
CA THR A 91 18.59 50.54 -25.27
C THR A 91 17.52 51.39 -25.96
N MET A 92 17.82 51.87 -27.18
CA MET A 92 16.92 52.75 -27.89
C MET A 92 15.63 52.04 -28.29
N ASP A 93 15.72 50.80 -28.80
CA ASP A 93 14.51 50.14 -29.29
C ASP A 93 13.92 49.14 -28.31
N GLN A 94 14.52 48.96 -27.14
CA GLN A 94 13.96 48.04 -26.16
C GLN A 94 13.75 48.69 -24.81
N GLY A 95 14.64 49.59 -24.39
CA GLY A 95 14.43 50.42 -23.21
C GLY A 95 15.42 50.24 -22.08
N LYS A 96 16.08 49.10 -21.98
CA LYS A 96 16.92 48.78 -20.82
C LYS A 96 18.14 49.72 -20.76
N PRO A 97 18.70 49.91 -19.57
CA PRO A 97 19.91 50.76 -19.44
C PRO A 97 21.08 50.26 -20.28
N LEU A 98 21.91 51.21 -20.71
CA LEU A 98 23.02 50.91 -21.61
C LEU A 98 23.92 49.80 -21.07
N ARG A 99 24.28 49.88 -19.78
CA ARG A 99 25.17 48.88 -19.20
C ARG A 99 24.54 47.49 -19.29
N GLU A 100 23.22 47.39 -19.17
CA GLU A 100 22.55 46.09 -19.30
C GLU A 100 22.62 45.58 -20.73
N ALA A 101 22.41 46.46 -21.71
CA ALA A 101 22.44 46.04 -23.10
C ALA A 101 23.84 45.59 -23.50
N ILE A 102 24.87 46.31 -23.08
CA ILE A 102 26.22 45.89 -23.42
C ILE A 102 26.55 44.55 -22.76
N ALA A 103 26.17 44.38 -21.48
CA ALA A 103 26.40 43.10 -20.80
C ALA A 103 25.67 41.97 -21.49
N GLU A 104 24.51 42.25 -22.10
CA GLU A 104 23.78 41.23 -22.85
C GLU A 104 24.58 40.78 -24.05
N VAL A 105 25.20 41.72 -24.77
CA VAL A 105 25.99 41.36 -25.94
C VAL A 105 27.17 40.47 -25.50
N VAL A 106 27.85 40.87 -24.43
CA VAL A 106 29.02 40.13 -23.95
C VAL A 106 28.61 38.73 -23.52
N SER A 107 27.46 38.62 -22.83
CA SER A 107 26.93 37.32 -22.47
C SER A 107 26.65 36.47 -23.70
N ALA A 108 26.05 37.07 -24.74
CA ALA A 108 25.73 36.34 -25.95
C ALA A 108 27.00 35.88 -26.69
N ALA A 109 28.05 36.69 -26.63
CA ALA A 109 29.33 36.26 -27.19
C ALA A 109 29.86 35.01 -26.49
N GLU A 110 29.75 34.98 -25.16
CA GLU A 110 30.19 33.79 -24.41
C GLU A 110 29.34 32.58 -24.76
N GLN A 111 28.03 32.76 -24.86
CA GLN A 111 27.18 31.63 -25.23
CA GLN A 111 27.17 31.63 -25.23
C GLN A 111 27.60 31.07 -26.58
N LEU A 112 27.85 31.95 -27.56
CA LEU A 112 28.22 31.54 -28.91
C LEU A 112 29.55 30.81 -28.91
N GLU A 113 30.52 31.32 -28.16
CA GLU A 113 31.82 30.64 -28.06
C GLU A 113 31.69 29.27 -27.43
N TRP A 114 30.81 29.14 -26.42
CA TRP A 114 30.57 27.83 -25.82
C TRP A 114 30.05 26.82 -26.84
N HIS A 115 29.11 27.26 -27.69
CA HIS A 115 28.52 26.37 -28.69
C HIS A 115 29.53 25.98 -29.76
N ALA A 116 30.40 26.91 -30.15
CA ALA A 116 31.50 26.57 -31.04
C ALA A 116 32.34 25.44 -30.45
N GLU A 117 32.65 25.54 -29.15
CA GLU A 117 33.40 24.47 -28.52
C GLU A 117 32.58 23.19 -28.43
N GLU A 118 31.29 23.32 -28.11
CA GLU A 118 30.46 22.14 -27.91
C GLU A 118 30.15 21.42 -29.22
N GLY A 119 30.12 22.15 -30.34
CA GLY A 119 29.86 21.52 -31.63
C GLY A 119 30.90 20.48 -32.04
N ARG A 120 32.10 20.53 -31.46
CA ARG A 120 33.13 19.53 -31.72
C ARG A 120 32.90 18.24 -30.93
N ARG A 121 31.92 18.24 -30.01
CA ARG A 121 31.77 17.22 -28.99
C ARG A 121 30.37 16.61 -29.00
N THR A 122 29.71 16.58 -30.16
CA THR A 122 28.41 15.93 -30.31
C THR A 122 28.62 14.42 -30.44
N TYR A 123 29.17 13.85 -29.36
CA TYR A 123 29.73 12.51 -29.41
C TYR A 123 28.65 11.47 -29.67
N GLY A 124 29.01 10.46 -30.45
CA GLY A 124 28.22 9.26 -30.55
C GLY A 124 28.73 8.23 -29.57
N ARG A 125 28.08 7.07 -29.56
CA ARG A 125 28.37 5.99 -28.62
C ARG A 125 28.59 4.67 -29.35
N VAL A 126 29.56 3.88 -28.90
CA VAL A 126 29.75 2.50 -29.36
C VAL A 126 29.23 1.57 -28.26
N VAL A 127 28.24 0.73 -28.59
CA VAL A 127 27.61 -0.16 -27.63
C VAL A 127 28.19 -1.57 -27.78
N PRO A 128 28.79 -2.14 -26.74
CA PRO A 128 29.38 -3.49 -26.86
C PRO A 128 28.36 -4.52 -27.35
N ALA A 129 28.74 -5.27 -28.37
CA ALA A 129 27.80 -6.12 -29.08
C ALA A 129 27.78 -7.55 -28.52
N ARG A 130 26.68 -8.24 -28.80
CA ARG A 130 26.54 -9.61 -28.30
C ARG A 130 27.34 -10.61 -29.11
N SER A 131 27.83 -10.21 -30.27
CA SER A 131 28.61 -11.03 -31.17
C SER A 131 29.84 -10.25 -31.63
N PRO A 132 31.02 -10.89 -31.71
CA PRO A 132 32.25 -10.15 -32.03
C PRO A 132 32.34 -9.67 -33.48
N ASP A 133 31.48 -10.13 -34.38
CA ASP A 133 31.48 -9.64 -35.74
C ASP A 133 30.53 -8.46 -35.93
N VAL A 134 29.89 -7.97 -34.87
CA VAL A 134 28.90 -6.91 -34.99
C VAL A 134 29.46 -5.61 -34.38
N MET A 135 29.19 -4.50 -35.05
CA MET A 135 29.57 -3.17 -34.59
C MET A 135 28.30 -2.34 -34.42
N GLN A 136 28.07 -1.85 -33.21
CA GLN A 136 26.88 -1.07 -32.87
C GLN A 136 27.29 0.36 -32.51
N THR A 137 26.85 1.33 -33.33
CA THR A 137 27.12 2.74 -33.07
C THR A 137 25.83 3.52 -33.01
N VAL A 138 25.79 4.47 -32.07
CA VAL A 138 24.70 5.41 -31.90
C VAL A 138 25.24 6.79 -32.28
N LEU A 139 24.80 7.31 -33.42
CA LEU A 139 25.24 8.60 -33.95
C LEU A 139 24.25 9.71 -33.59
N ARG A 140 24.76 10.94 -33.58
CA ARG A 140 23.96 12.14 -33.40
C ARG A 140 24.14 12.99 -34.64
N GLU A 141 23.05 13.26 -35.35
CA GLU A 141 23.18 13.98 -36.61
C GLU A 141 22.23 15.17 -36.66
N PRO A 142 22.64 16.24 -37.34
CA PRO A 142 21.79 17.42 -37.41
C PRO A 142 20.45 17.11 -38.07
N ILE A 143 19.38 17.68 -37.49
CA ILE A 143 18.05 17.32 -37.93
C ILE A 143 17.69 17.98 -39.28
N GLY A 144 18.22 19.17 -39.57
CA GLY A 144 17.88 19.86 -40.78
C GLY A 144 17.58 21.34 -40.59
N VAL A 145 16.67 21.87 -41.40
CA VAL A 145 16.33 23.29 -41.33
C VAL A 145 15.50 23.57 -40.09
N CYS A 146 15.88 24.59 -39.34
CA CYS A 146 15.19 25.00 -38.12
C CYS A 146 14.53 26.35 -38.33
N ALA A 147 13.39 26.55 -37.68
CA ALA A 147 12.72 27.84 -37.60
C ALA A 147 12.70 28.24 -36.13
N ALA A 148 13.03 29.50 -35.84
CA ALA A 148 13.15 29.97 -34.47
C ALA A 148 12.44 31.29 -34.27
N PHE A 149 11.92 31.50 -33.06
CA PHE A 149 11.19 32.71 -32.71
C PHE A 149 11.68 33.20 -31.35
N SER A 150 12.14 34.43 -31.30
CA SER A 150 12.76 34.92 -30.09
C SER A 150 12.17 36.27 -29.72
N PRO A 151 12.12 36.60 -28.43
CA PRO A 151 11.34 37.76 -27.99
C PRO A 151 12.17 39.01 -27.80
N TRP A 152 11.53 40.07 -27.28
CA TRP A 152 12.15 41.38 -27.18
C TRP A 152 12.91 41.61 -25.88
N ASN A 153 12.75 40.79 -24.85
CA ASN A 153 13.26 41.19 -23.53
C ASN A 153 14.79 41.17 -23.49
N PHE A 154 15.40 40.20 -24.15
CA PHE A 154 16.83 40.19 -24.43
C PHE A 154 16.98 39.93 -25.92
N PRO A 155 16.75 40.94 -26.76
CA PRO A 155 16.61 40.67 -28.20
C PRO A 155 17.85 40.04 -28.81
N PHE A 156 19.03 40.38 -28.32
CA PHE A 156 20.28 39.89 -28.87
C PHE A 156 20.62 38.52 -28.30
N SER A 157 20.58 38.37 -26.97
CA SER A 157 21.05 37.09 -26.43
C SER A 157 20.03 35.97 -26.59
N GLN A 158 18.72 36.26 -26.53
CA GLN A 158 17.74 35.21 -26.86
C GLN A 158 17.91 34.71 -28.30
N ALA A 159 18.09 35.63 -29.25
CA ALA A 159 18.26 35.22 -30.63
C ALA A 159 19.58 34.47 -30.82
N MET A 160 20.64 34.91 -30.13
CA MET A 160 21.92 34.22 -30.21
C MET A 160 21.78 32.74 -29.83
N HIS A 161 20.97 32.45 -28.82
CA HIS A 161 20.73 31.06 -28.45
C HIS A 161 20.22 30.25 -29.62
N LYS A 162 19.25 30.81 -30.36
CA LYS A 162 18.71 30.10 -31.51
C LYS A 162 19.76 29.91 -32.58
N ILE A 163 20.55 30.95 -32.85
CA ILE A 163 21.54 30.88 -33.93
C ILE A 163 22.68 29.94 -33.56
N ALA A 164 23.22 30.10 -32.35
CA ALA A 164 24.37 29.32 -31.91
C ALA A 164 24.03 27.84 -31.87
N ALA A 165 22.85 27.51 -31.34
CA ALA A 165 22.47 26.11 -31.22
C ALA A 165 22.25 25.47 -32.59
N ALA A 166 21.53 26.16 -33.48
CA ALA A 166 21.30 25.60 -34.81
C ALA A 166 22.61 25.46 -35.58
N LEU A 167 23.37 26.56 -35.71
CA LEU A 167 24.54 26.53 -36.57
C LEU A 167 25.58 25.53 -36.06
N ALA A 168 25.86 25.57 -34.74
CA ALA A 168 26.94 24.74 -34.22
C ALA A 168 26.60 23.27 -34.22
N SER A 169 25.32 22.91 -34.28
CA SER A 169 24.95 21.50 -34.41
C SER A 169 25.02 21.00 -35.86
N GLY A 170 25.22 21.87 -36.83
CA GLY A 170 25.16 21.49 -38.24
C GLY A 170 23.84 21.79 -38.93
N CYS A 171 22.86 22.37 -38.23
CA CYS A 171 21.62 22.80 -38.85
C CYS A 171 21.78 24.19 -39.48
N THR A 172 20.75 24.60 -40.23
CA THR A 172 20.60 25.98 -40.69
C THR A 172 19.26 26.52 -40.19
N LEU A 173 19.06 27.83 -40.35
CA LEU A 173 18.06 28.50 -39.53
C LEU A 173 17.36 29.62 -40.29
N VAL A 174 16.04 29.66 -40.19
CA VAL A 174 15.27 30.87 -40.48
C VAL A 174 14.72 31.37 -39.15
N LEU A 175 15.08 32.60 -38.81
CA LEU A 175 14.80 33.21 -37.51
C LEU A 175 13.87 34.38 -37.70
N LYS A 176 12.82 34.46 -36.87
CA LYS A 176 11.97 35.64 -36.75
C LYS A 176 12.15 36.22 -35.35
N GLY A 177 13.00 37.23 -35.22
CA GLY A 177 13.19 37.93 -33.98
C GLY A 177 12.08 38.93 -33.70
N PRO A 178 12.26 39.78 -32.68
CA PRO A 178 11.20 40.68 -32.23
C PRO A 178 11.08 41.93 -33.10
N GLU A 179 9.93 42.07 -33.78
CA GLU A 179 9.65 43.27 -34.57
C GLU A 179 9.72 44.55 -33.73
N GLU A 180 9.40 44.47 -32.43
CA GLU A 180 9.39 45.69 -31.62
C GLU A 180 10.79 46.14 -31.22
N SER A 181 11.78 45.25 -31.18
CA SER A 181 13.16 45.60 -30.83
C SER A 181 14.11 44.93 -31.80
N PRO A 182 14.14 45.39 -33.05
CA PRO A 182 14.74 44.56 -34.12
C PRO A 182 16.21 44.79 -34.41
N SER A 183 16.80 45.90 -33.97
CA SER A 183 18.16 46.21 -34.42
C SER A 183 19.16 45.13 -33.98
N ALA A 184 18.95 44.53 -32.80
CA ALA A 184 19.86 43.48 -32.34
C ALA A 184 19.95 42.32 -33.34
N ILE A 185 18.82 41.97 -33.97
CA ILE A 185 18.78 40.86 -34.91
C ILE A 185 19.47 41.23 -36.21
N VAL A 186 19.24 42.45 -36.70
CA VAL A 186 19.97 42.94 -37.86
C VAL A 186 21.48 42.91 -37.59
N ALA A 187 21.90 43.35 -36.39
CA ALA A 187 23.32 43.30 -36.06
C ALA A 187 23.83 41.85 -36.04
N LEU A 188 23.01 40.91 -35.55
CA LEU A 188 23.41 39.50 -35.57
C LEU A 188 23.60 39.02 -37.01
N ALA A 189 22.66 39.36 -37.89
CA ALA A 189 22.84 39.02 -39.30
C ALA A 189 24.13 39.64 -39.85
N GLN A 190 24.41 40.89 -39.48
CA GLN A 190 25.59 41.59 -40.02
C GLN A 190 26.89 40.92 -39.58
N LEU A 191 27.00 40.54 -38.30
CA LEU A 191 28.27 39.98 -37.85
C LEU A 191 28.48 38.55 -38.33
N PHE A 192 27.40 37.77 -38.50
CA PHE A 192 27.56 36.46 -39.12
C PHE A 192 27.89 36.61 -40.59
N HIS A 193 27.29 37.61 -41.23
CA HIS A 193 27.66 37.95 -42.60
C HIS A 193 29.14 38.32 -42.68
N ASP A 194 29.59 39.24 -41.82
CA ASP A 194 30.98 39.68 -41.87
C ASP A 194 31.95 38.57 -41.51
N ALA A 195 31.54 37.58 -40.72
CA ALA A 195 32.41 36.48 -40.39
C ALA A 195 32.53 35.44 -41.51
N GLY A 196 31.73 35.58 -42.57
CA GLY A 196 31.80 34.67 -43.69
C GLY A 196 30.88 33.47 -43.62
N LEU A 197 29.84 33.53 -42.80
CA LEU A 197 28.89 32.44 -42.74
C LEU A 197 28.31 32.22 -44.14
N PRO A 198 28.29 30.99 -44.64
CA PRO A 198 27.86 30.77 -46.01
C PRO A 198 26.40 31.18 -46.18
N PRO A 199 26.05 31.68 -47.37
CA PRO A 199 24.67 32.15 -47.58
C PRO A 199 23.66 31.04 -47.38
N GLY A 200 22.52 31.40 -46.78
CA GLY A 200 21.47 30.47 -46.48
C GLY A 200 21.53 29.87 -45.10
N CYS A 201 22.70 29.84 -44.47
CA CYS A 201 22.82 29.24 -43.15
C CYS A 201 21.97 29.99 -42.14
N LEU A 202 21.96 31.32 -42.22
CA LEU A 202 21.18 32.16 -41.32
C LEU A 202 20.33 33.12 -42.14
N ASN A 203 19.05 33.10 -41.87
CA ASN A 203 18.12 34.01 -42.52
C ASN A 203 17.26 34.64 -41.45
N ILE A 204 17.04 35.95 -41.54
CA ILE A 204 16.17 36.65 -40.60
C ILE A 204 15.02 37.28 -41.38
N VAL A 205 13.81 37.12 -40.84
CA VAL A 205 12.59 37.59 -41.48
C VAL A 205 11.78 38.32 -40.41
N TRP A 206 10.82 39.12 -40.88
CA TRP A 206 9.97 39.92 -40.02
C TRP A 206 8.57 39.90 -40.59
N GLY A 207 7.57 40.11 -39.74
CA GLY A 207 6.22 40.30 -40.26
C GLY A 207 5.18 40.22 -39.15
N VAL A 208 3.96 39.91 -39.56
CA VAL A 208 2.90 39.63 -38.59
C VAL A 208 3.25 38.31 -37.90
N PRO A 209 3.49 38.31 -36.59
CA PRO A 209 4.12 37.13 -35.96
C PRO A 209 3.36 35.83 -36.18
N GLY A 210 2.04 35.84 -36.00
CA GLY A 210 1.26 34.63 -36.20
C GLY A 210 1.28 34.12 -37.63
N ASP A 211 1.31 35.04 -38.61
CA ASP A 211 1.36 34.61 -40.01
C ASP A 211 2.74 34.06 -40.36
N VAL A 212 3.81 34.72 -39.90
CA VAL A 212 5.16 34.25 -40.20
C VAL A 212 5.39 32.87 -39.59
N SER A 213 5.01 32.71 -38.32
CA SER A 213 5.27 31.44 -37.65
C SER A 213 4.43 30.32 -38.27
N LYS A 214 3.19 30.62 -38.65
CA LYS A 214 2.37 29.60 -39.30
C LYS A 214 3.04 29.12 -40.59
N GLN A 215 3.48 30.06 -41.43
CA GLN A 215 4.10 29.66 -42.71
C GLN A 215 5.40 28.88 -42.47
N LEU A 216 6.23 29.33 -41.53
CA LEU A 216 7.49 28.64 -41.28
C LEU A 216 7.27 27.23 -40.75
N ILE A 217 6.36 27.08 -39.79
CA ILE A 217 6.13 25.77 -39.20
C ILE A 217 5.54 24.82 -40.22
N GLU A 218 4.70 25.32 -41.13
CA GLU A 218 4.10 24.47 -42.16
C GLU A 218 4.99 24.25 -43.38
N ALA A 219 6.16 24.88 -43.44
CA ALA A 219 7.06 24.65 -44.58
C ALA A 219 7.63 23.23 -44.50
N PRO A 220 7.48 22.40 -45.54
CA PRO A 220 7.90 20.98 -45.44
C PRO A 220 9.39 20.81 -45.17
N GLN A 221 10.23 21.71 -45.67
CA GLN A 221 11.67 21.62 -45.43
CA GLN A 221 11.66 21.58 -45.42
C GLN A 221 12.03 21.89 -43.97
N VAL A 222 11.19 22.64 -43.25
CA VAL A 222 11.46 22.93 -41.84
C VAL A 222 11.18 21.68 -41.02
N ARG A 223 12.18 21.23 -40.27
CA ARG A 223 12.06 19.98 -39.51
C ARG A 223 12.03 20.17 -38.01
N LYS A 224 12.28 21.37 -37.51
CA LYS A 224 12.40 21.60 -36.08
C LYS A 224 12.11 23.06 -35.78
N ILE A 225 11.42 23.30 -34.67
CA ILE A 225 10.98 24.62 -34.24
C ILE A 225 11.62 24.92 -32.89
N SER A 226 11.98 26.17 -32.66
CA SER A 226 12.45 26.60 -31.34
C SER A 226 11.81 27.94 -31.02
N PHE A 227 11.12 28.02 -29.90
CA PHE A 227 10.34 29.20 -29.55
C PHE A 227 10.64 29.62 -28.11
N THR A 228 10.92 30.91 -27.92
CA THR A 228 10.98 31.54 -26.59
C THR A 228 9.95 32.65 -26.56
N GLY A 229 9.06 32.61 -25.58
CA GLY A 229 7.99 33.59 -25.48
C GLY A 229 6.99 33.21 -24.42
N SER A 230 5.75 33.64 -24.63
CA SER A 230 4.75 33.40 -23.61
C SER A 230 4.21 31.98 -23.70
N VAL A 231 3.69 31.50 -22.54
CA VAL A 231 3.08 30.17 -22.49
C VAL A 231 1.93 30.02 -23.47
N PRO A 232 0.94 30.92 -23.52
CA PRO A 232 -0.18 30.68 -24.46
C PRO A 232 0.26 30.65 -25.92
N VAL A 233 1.17 31.52 -26.34
CA VAL A 233 1.64 31.44 -27.73
C VAL A 233 2.44 30.17 -27.97
N GLY A 234 3.30 29.80 -27.03
CA GLY A 234 4.02 28.53 -27.15
C GLY A 234 3.09 27.33 -27.35
N LYS A 235 1.96 27.30 -26.61
CA LYS A 235 1.01 26.20 -26.75
C LYS A 235 0.39 26.18 -28.14
N GLN A 236 0.08 27.34 -28.71
CA GLN A 236 -0.46 27.37 -30.06
C GLN A 236 0.56 26.83 -31.05
N LEU A 237 1.78 27.33 -30.97
CA LEU A 237 2.79 26.97 -31.95
C LEU A 237 3.20 25.51 -31.77
N ALA A 238 3.30 25.06 -30.51
CA ALA A 238 3.66 23.67 -30.22
C ALA A 238 2.61 22.71 -30.76
N ALA A 239 1.33 23.06 -30.63
CA ALA A 239 0.28 22.18 -31.13
C ALA A 239 0.34 22.07 -32.65
N LEU A 240 0.61 23.19 -33.34
CA LEU A 240 0.75 23.14 -34.79
C LEU A 240 1.96 22.30 -35.18
N ALA A 241 3.11 22.54 -34.53
CA ALA A 241 4.30 21.77 -34.83
C ALA A 241 4.09 20.28 -34.59
N ALA A 242 3.49 19.93 -33.45
CA ALA A 242 3.26 18.54 -33.13
C ALA A 242 2.29 17.90 -34.12
N SER A 243 1.29 18.66 -34.60
CA SER A 243 0.35 18.10 -35.57
C SER A 243 1.04 17.67 -36.86
N LEU A 244 2.23 18.21 -37.12
CA LEU A 244 3.03 17.86 -38.28
C LEU A 244 4.24 17.01 -37.92
N MET A 245 4.30 16.47 -36.69
CA MET A 245 5.40 15.61 -36.26
C MET A 245 6.75 16.33 -36.34
N LYS A 246 6.78 17.61 -36.02
CA LYS A 246 8.02 18.38 -36.01
C LYS A 246 8.51 18.57 -34.58
N ARG A 247 9.81 18.41 -34.41
CA ARG A 247 10.43 18.57 -33.10
C ARG A 247 10.39 20.03 -32.66
N MET A 248 10.31 20.24 -31.35
CA MET A 248 10.26 21.58 -30.80
C MET A 248 11.02 21.65 -29.48
N THR A 249 11.67 22.78 -29.25
CA THR A 249 12.12 23.13 -27.91
C THR A 249 11.50 24.48 -27.57
N MET A 250 11.23 24.68 -26.27
CA MET A 250 10.42 25.82 -25.86
C MET A 250 10.95 26.39 -24.56
N GLU A 251 11.15 27.71 -24.54
CA GLU A 251 11.51 28.47 -23.35
C GLU A 251 10.38 29.46 -23.11
N LEU A 252 9.52 29.19 -22.13
CA LEU A 252 8.33 30.01 -21.90
C LEU A 252 8.50 30.81 -20.60
N GLY A 253 7.40 31.36 -20.10
CA GLY A 253 7.47 32.17 -18.90
C GLY A 253 7.74 31.37 -17.64
N GLY A 254 8.03 32.09 -16.56
CA GLY A 254 8.15 31.51 -15.25
C GLY A 254 7.37 32.33 -14.23
N HIS A 255 7.44 31.90 -12.98
CA HIS A 255 6.80 32.62 -11.88
C HIS A 255 7.62 32.31 -10.63
N ALA A 256 8.83 32.84 -10.60
CA ALA A 256 9.89 32.29 -9.74
C ALA A 256 9.59 32.46 -8.27
N PRO A 257 9.58 31.39 -7.49
CA PRO A 257 9.50 31.55 -6.04
C PRO A 257 10.89 31.77 -5.44
N VAL A 258 10.90 32.48 -4.33
CA VAL A 258 12.10 32.72 -3.55
C VAL A 258 11.78 32.31 -2.13
N LEU A 259 12.59 31.40 -1.57
CA LEU A 259 12.43 30.95 -0.19
C LEU A 259 13.57 31.51 0.65
N VAL A 260 13.25 32.40 1.59
CA VAL A 260 14.25 33.00 2.48
C VAL A 260 14.10 32.35 3.85
N CYS A 261 14.99 31.42 4.17
CA CYS A 261 14.94 30.73 5.45
C CYS A 261 15.40 31.65 6.57
N ALA A 262 14.98 31.32 7.79
CA ALA A 262 15.33 32.15 8.94
C ALA A 262 16.83 32.18 9.20
N ASP A 263 17.56 31.14 8.80
CA ASP A 263 18.98 31.08 9.08
C ASP A 263 19.83 31.70 7.96
N ALA A 264 19.20 32.39 7.00
CA ALA A 264 19.90 33.04 5.90
C ALA A 264 20.65 34.30 6.35
N ASP A 265 21.60 34.74 5.53
CA ASP A 265 22.06 36.12 5.65
C ASP A 265 20.97 36.97 5.01
N VAL A 266 20.07 37.47 5.86
CA VAL A 266 18.82 38.06 5.38
C VAL A 266 19.10 39.36 4.65
N GLU A 267 19.94 40.21 5.25
CA GLU A 267 20.26 41.51 4.66
C GLU A 267 20.97 41.36 3.32
N ARG A 268 21.90 40.40 3.24
CA ARG A 268 22.59 40.12 1.98
C ARG A 268 21.60 39.67 0.91
N ALA A 269 20.71 38.75 1.28
CA ALA A 269 19.70 38.26 0.35
C ALA A 269 18.81 39.39 -0.14
N ALA A 270 18.35 40.24 0.78
CA ALA A 270 17.46 41.35 0.38
C ALA A 270 18.15 42.28 -0.60
N ALA A 271 19.39 42.69 -0.28
CA ALA A 271 20.10 43.62 -1.16
C ALA A 271 20.32 43.01 -2.53
N MET A 272 20.75 41.74 -2.58
CA MET A 272 20.97 41.05 -3.87
C MET A 272 19.66 40.90 -4.63
N LEU A 273 18.61 40.47 -3.95
CA LEU A 273 17.36 40.21 -4.62
C LEU A 273 16.73 41.49 -5.16
N ALA A 274 16.98 42.63 -4.50
CA ALA A 274 16.45 43.89 -5.01
C ALA A 274 17.14 44.31 -6.32
N ALA A 275 18.48 44.28 -6.35
CA ALA A 275 19.19 44.67 -7.55
C ALA A 275 18.89 43.71 -8.69
N TYR A 276 18.85 42.42 -8.40
CA TYR A 276 18.62 41.43 -9.44
C TYR A 276 17.20 41.53 -10.00
N LYS A 277 16.21 41.69 -9.12
CA LYS A 277 14.81 41.73 -9.54
C LYS A 277 14.56 42.78 -10.61
N PHE A 278 15.09 43.97 -10.42
CA PHE A 278 14.69 45.09 -11.27
C PHE A 278 15.64 45.30 -12.45
N ARG A 279 16.57 44.37 -12.68
CA ARG A 279 17.27 44.37 -13.95
C ARG A 279 16.25 44.19 -15.08
N ASN A 280 16.42 44.95 -16.17
CA ASN A 280 15.49 44.96 -17.30
C ASN A 280 14.05 45.23 -16.83
N ALA A 281 13.92 45.99 -15.74
CA ALA A 281 12.63 46.31 -15.14
C ALA A 281 11.80 45.05 -14.85
N GLY A 282 12.48 43.95 -14.50
CA GLY A 282 11.81 42.71 -14.18
C GLY A 282 11.26 41.94 -15.36
N GLN A 283 11.52 42.40 -16.58
CA GLN A 283 11.06 41.76 -17.81
C GLN A 283 12.00 40.59 -18.15
N VAL A 284 12.01 39.63 -17.25
CA VAL A 284 12.99 38.55 -17.22
C VAL A 284 12.25 37.25 -16.95
N CYS A 285 12.46 36.25 -17.81
CA CYS A 285 11.73 34.99 -17.67
C CYS A 285 11.97 34.33 -16.32
N VAL A 286 13.16 34.51 -15.74
CA VAL A 286 13.50 33.90 -14.45
C VAL A 286 13.30 34.88 -13.29
N SER A 287 12.67 36.03 -13.53
CA SER A 287 12.62 37.11 -12.55
C SER A 287 12.07 36.63 -11.21
N PRO A 288 12.73 36.92 -10.10
CA PRO A 288 12.17 36.54 -8.81
C PRO A 288 10.88 37.30 -8.55
N THR A 289 9.80 36.57 -8.26
CA THR A 289 8.49 37.21 -8.19
C THR A 289 7.72 36.96 -6.88
N ARG A 290 7.65 35.70 -6.44
CA ARG A 290 6.92 35.33 -5.23
C ARG A 290 7.93 35.06 -4.11
N PHE A 291 8.00 35.98 -3.16
CA PHE A 291 8.97 35.92 -2.08
C PHE A 291 8.29 35.36 -0.85
N PHE A 292 8.74 34.19 -0.40
CA PHE A 292 8.29 33.50 0.80
C PHE A 292 9.39 33.62 1.85
N VAL A 293 9.16 34.45 2.87
CA VAL A 293 10.18 34.75 3.87
C VAL A 293 9.73 34.19 5.22
N GLN A 294 10.59 33.39 5.85
CA GLN A 294 10.23 32.81 7.14
C GLN A 294 9.89 33.92 8.14
N ARG A 295 8.79 33.70 8.88
CA ARG A 295 8.15 34.77 9.64
C ARG A 295 9.14 35.53 10.53
N ALA A 296 10.03 34.81 11.22
CA ALA A 296 10.97 35.46 12.12
C ALA A 296 11.90 36.42 11.40
N ALA A 297 12.13 36.24 10.09
CA ALA A 297 12.98 37.11 9.32
C ALA A 297 12.22 38.12 8.45
N PHE A 298 10.88 38.11 8.51
CA PHE A 298 10.09 38.86 7.54
C PHE A 298 10.34 40.37 7.64
N ASP A 299 10.18 40.94 8.83
CA ASP A 299 10.32 42.39 8.98
C ASP A 299 11.72 42.86 8.59
N ARG A 300 12.75 42.15 9.07
CA ARG A 300 14.13 42.46 8.71
C ARG A 300 14.34 42.41 7.20
N PHE A 301 13.81 41.37 6.54
CA PHE A 301 13.98 41.27 5.10
C PHE A 301 13.29 42.44 4.39
N VAL A 302 12.04 42.72 4.75
CA VAL A 302 11.26 43.76 4.08
C VAL A 302 11.96 45.12 4.23
N CYS A 303 12.36 45.47 5.45
CA CYS A 303 13.04 46.75 5.68
CA CYS A 303 13.02 46.76 5.67
C CYS A 303 14.26 46.90 4.79
N ALA A 304 15.07 45.85 4.69
CA ALA A 304 16.27 45.93 3.87
C ALA A 304 15.91 45.95 2.39
N TYR A 305 14.88 45.19 2.00
CA TYR A 305 14.50 45.15 0.59
C TYR A 305 13.99 46.52 0.13
N LEU A 306 13.15 47.17 0.94
CA LEU A 306 12.63 48.48 0.58
C LEU A 306 13.75 49.51 0.48
N ASP A 307 14.71 49.45 1.42
CA ASP A 307 15.85 50.34 1.35
C ASP A 307 16.60 50.17 0.04
N ALA A 308 16.85 48.91 -0.37
CA ALA A 308 17.60 48.71 -1.60
C ALA A 308 16.79 49.18 -2.81
N VAL A 309 15.49 48.89 -2.82
CA VAL A 309 14.65 49.36 -3.92
C VAL A 309 14.66 50.87 -4.00
N GLY A 310 14.78 51.55 -2.87
CA GLY A 310 14.75 53.01 -2.86
C GLY A 310 15.90 53.68 -3.58
N THR A 311 16.98 52.98 -3.82
CA THR A 311 18.14 53.54 -4.51
C THR A 311 18.05 53.42 -6.03
N ILE A 312 17.03 52.73 -6.55
CA ILE A 312 16.90 52.59 -7.98
C ILE A 312 16.56 53.94 -8.58
N ARG A 313 17.20 54.27 -9.70
CA ARG A 313 16.93 55.50 -10.41
C ARG A 313 16.26 55.18 -11.74
N VAL A 314 15.02 55.62 -11.89
CA VAL A 314 14.28 55.36 -13.12
C VAL A 314 14.48 56.53 -14.06
N GLY A 315 14.75 56.22 -15.32
CA GLY A 315 14.92 57.26 -16.31
C GLY A 315 15.26 56.66 -17.66
N TYR A 316 15.68 57.53 -18.57
CA TYR A 316 16.02 57.10 -19.92
C TYR A 316 17.31 56.28 -19.95
N GLY A 317 17.30 55.20 -20.72
CA GLY A 317 18.33 54.19 -20.63
C GLY A 317 19.73 54.65 -21.03
N LEU A 318 19.83 55.75 -21.79
CA LEU A 318 21.15 56.24 -22.15
C LEU A 318 21.69 57.28 -21.18
N ASP A 319 20.91 57.71 -20.20
CA ASP A 319 21.35 58.78 -19.31
C ASP A 319 22.21 58.23 -18.17
N ALA A 320 23.21 59.01 -17.78
CA ALA A 320 24.13 58.60 -16.73
C ALA A 320 23.36 58.39 -15.44
N GLY A 321 23.69 57.33 -14.72
CA GLY A 321 23.09 57.07 -13.42
C GLY A 321 21.74 56.40 -13.45
N VAL A 322 21.12 56.21 -14.62
CA VAL A 322 19.84 55.51 -14.68
C VAL A 322 20.09 54.02 -14.49
N THR A 323 19.37 53.41 -13.54
CA THR A 323 19.52 51.98 -13.33
C THR A 323 18.26 51.18 -13.66
N MET A 324 17.15 51.84 -13.97
CA MET A 324 16.02 51.13 -14.54
C MET A 324 15.36 51.99 -15.59
N GLY A 325 15.06 51.40 -16.75
CA GLY A 325 14.46 52.10 -17.86
C GLY A 325 12.96 51.93 -17.89
N PRO A 326 12.32 52.39 -18.97
CA PRO A 326 10.87 52.17 -19.13
C PRO A 326 10.57 50.73 -19.48
N LEU A 327 9.29 50.38 -19.34
CA LEU A 327 8.79 49.10 -19.82
C LEU A 327 8.75 49.10 -21.34
N ALA A 328 8.57 47.90 -21.91
CA ALA A 328 8.76 47.75 -23.35
C ALA A 328 7.66 48.44 -24.15
N HIS A 329 6.42 48.44 -23.66
CA HIS A 329 5.37 49.15 -24.39
C HIS A 329 4.24 49.48 -23.45
N ALA A 330 3.30 50.29 -23.97
CA ALA A 330 2.23 50.85 -23.16
C ALA A 330 1.37 49.76 -22.54
N ARG A 331 1.12 48.67 -23.28
CA ARG A 331 0.30 47.59 -22.71
C ARG A 331 0.97 46.97 -21.48
N ARG A 332 2.30 47.00 -21.38
CA ARG A 332 2.97 46.50 -20.17
C ARG A 332 2.64 47.37 -18.96
N VAL A 333 2.60 48.69 -19.16
CA VAL A 333 2.24 49.59 -18.07
C VAL A 333 0.82 49.29 -17.59
N ASP A 334 -0.11 49.14 -18.54
CA ASP A 334 -1.48 48.79 -18.19
C ASP A 334 -1.55 47.49 -17.40
N GLU A 335 -0.76 46.50 -17.83
CA GLU A 335 -0.78 45.19 -17.19
C GLU A 335 -0.30 45.30 -15.73
N ILE A 336 0.78 46.03 -15.49
CA ILE A 336 1.27 46.13 -14.12
C ILE A 336 0.28 46.89 -13.25
N ASP A 337 -0.32 47.96 -13.78
CA ASP A 337 -1.42 48.64 -13.09
C ASP A 337 -2.50 47.67 -12.67
N ALA A 338 -2.90 46.76 -13.56
CA ALA A 338 -3.98 45.84 -13.22
C ALA A 338 -3.55 44.90 -12.10
N PHE A 339 -2.27 44.49 -12.10
CA PHE A 339 -1.74 43.69 -11.00
C PHE A 339 -1.82 44.45 -9.68
N VAL A 340 -1.47 45.75 -9.71
CA VAL A 340 -1.48 46.55 -8.48
C VAL A 340 -2.90 46.71 -7.96
N ALA A 341 -3.82 47.08 -8.84
CA ALA A 341 -5.21 47.25 -8.42
C ALA A 341 -5.79 45.95 -7.88
N ASP A 342 -5.51 44.82 -8.56
CA ASP A 342 -6.02 43.53 -8.11
C ASP A 342 -5.49 43.17 -6.72
N ALA A 343 -4.21 43.46 -6.47
CA ALA A 343 -3.65 43.22 -5.14
C ALA A 343 -4.30 44.13 -4.11
N THR A 344 -4.42 45.42 -4.45
CA THR A 344 -5.05 46.36 -3.53
C THR A 344 -6.49 45.97 -3.26
N ALA A 345 -7.22 45.56 -4.29
CA ALA A 345 -8.60 45.15 -4.11
C ALA A 345 -8.74 43.97 -3.16
N LYS A 346 -7.73 43.12 -3.07
CA LYS A 346 -7.77 41.93 -2.24
C LYS A 346 -7.01 42.08 -0.93
N GLY A 347 -6.68 43.31 -0.52
CA GLY A 347 -6.21 43.59 0.82
C GLY A 347 -4.72 43.75 1.01
N ALA A 348 -3.94 43.68 -0.06
CA ALA A 348 -2.49 43.80 0.06
C ALA A 348 -2.05 45.25 0.25
N GLN A 349 -0.84 45.41 0.78
CA GLN A 349 -0.24 46.72 0.99
C GLN A 349 0.81 46.95 -0.10
N ILE A 350 0.79 48.13 -0.69
CA ILE A 350 1.79 48.53 -1.67
C ILE A 350 2.91 49.24 -0.90
N ALA A 351 3.99 48.52 -0.59
CA ALA A 351 5.02 49.09 0.28
C ALA A 351 5.85 50.16 -0.42
N THR A 352 6.05 50.04 -1.73
CA THR A 352 6.71 51.10 -2.48
C THR A 352 6.27 50.98 -3.93
N GLY A 353 6.32 52.10 -4.65
CA GLY A 353 5.93 52.07 -6.05
C GLY A 353 4.43 51.92 -6.20
N GLY A 354 4.01 51.17 -7.21
CA GLY A 354 2.59 50.94 -7.41
C GLY A 354 1.92 51.88 -8.37
N MET A 355 2.65 52.82 -8.96
CA MET A 355 2.05 53.78 -9.86
C MET A 355 2.92 53.94 -11.11
N ARG A 356 2.28 54.41 -12.17
CA ARG A 356 3.05 54.81 -13.35
C ARG A 356 3.75 56.15 -13.08
N LEU A 357 4.83 56.39 -13.84
CA LEU A 357 5.65 57.59 -13.76
C LEU A 357 5.36 58.52 -14.93
N PRO A 358 5.68 59.81 -14.82
CA PRO A 358 5.30 60.77 -15.87
C PRO A 358 6.02 60.53 -17.18
N GLY A 359 5.56 61.26 -18.20
CA GLY A 359 6.25 61.34 -19.46
C GLY A 359 5.52 60.52 -20.49
N PRO A 360 5.79 60.75 -21.77
CA PRO A 360 5.21 59.86 -22.79
C PRO A 360 5.78 58.45 -22.74
N GLY A 361 7.04 58.28 -22.29
CA GLY A 361 7.60 56.93 -22.16
C GLY A 361 6.84 56.07 -21.17
N HIS A 362 7.05 54.75 -21.30
CA HIS A 362 6.31 53.73 -20.56
C HIS A 362 6.95 53.45 -19.20
N TYR A 363 7.14 54.50 -18.42
CA TYR A 363 7.79 54.39 -17.13
C TYR A 363 6.85 53.94 -16.03
N PHE A 364 7.35 53.07 -15.17
CA PHE A 364 6.62 52.56 -14.03
C PHE A 364 7.60 52.41 -12.87
N ALA A 365 7.14 52.70 -11.66
CA ALA A 365 7.97 52.65 -10.44
C ALA A 365 8.19 51.21 -9.98
N PRO A 366 9.39 50.88 -9.50
CA PRO A 366 9.60 49.57 -8.86
C PRO A 366 8.64 49.36 -7.70
N THR A 367 7.94 48.23 -7.71
CA THR A 367 6.79 48.02 -6.85
C THR A 367 7.00 46.82 -5.94
N VAL A 368 6.70 47.01 -4.65
CA VAL A 368 6.79 45.94 -3.65
C VAL A 368 5.41 45.80 -3.02
N VAL A 369 4.84 44.59 -3.09
CA VAL A 369 3.52 44.30 -2.56
C VAL A 369 3.67 43.35 -1.38
N LEU A 370 3.08 43.71 -0.25
CA LEU A 370 3.20 42.92 0.98
C LEU A 370 1.91 42.16 1.24
N GLY A 371 2.06 40.88 1.57
CA GLY A 371 0.97 40.01 1.92
C GLY A 371 -0.12 39.75 0.88
N PRO A 372 0.21 39.71 -0.41
CA PRO A 372 -0.85 39.41 -1.38
C PRO A 372 -1.36 37.98 -1.19
N THR A 373 -2.67 37.82 -1.24
CA THR A 373 -3.27 36.53 -0.94
C THR A 373 -3.13 35.56 -2.11
N ARG A 374 -3.47 34.30 -1.84
CA ARG A 374 -3.32 33.23 -2.82
C ARG A 374 -4.19 33.43 -4.06
N ASP A 375 -5.18 34.32 -4.01
CA ASP A 375 -6.05 34.51 -5.16
C ASP A 375 -5.76 35.80 -5.90
N THR A 376 -4.68 36.50 -5.56
CA THR A 376 -4.28 37.66 -6.34
C THR A 376 -3.66 37.21 -7.67
N ARG A 377 -3.78 38.07 -8.67
CA ARG A 377 -3.06 37.81 -9.92
C ARG A 377 -1.56 37.74 -9.66
N LEU A 378 -1.05 38.59 -8.77
CA LEU A 378 0.39 38.64 -8.53
C LEU A 378 0.94 37.27 -8.12
N MET A 379 0.18 36.49 -7.37
CA MET A 379 0.62 35.17 -6.90
C MET A 379 0.20 34.04 -7.85
N ASN A 380 -0.34 34.34 -9.04
CA ASN A 380 -0.76 33.30 -9.96
C ASN A 380 -0.30 33.53 -11.40
N ASP A 381 -0.31 34.77 -11.86
CA ASP A 381 -0.01 35.08 -13.25
C ASP A 381 1.36 35.75 -13.34
N GLU A 382 2.09 35.44 -14.41
CA GLU A 382 3.42 36.02 -14.54
C GLU A 382 3.30 37.51 -14.82
N PRO A 383 3.78 38.38 -13.94
CA PRO A 383 3.67 39.82 -14.18
C PRO A 383 4.69 40.34 -15.18
N PHE A 384 5.90 39.74 -15.25
CA PHE A 384 6.94 40.13 -16.21
C PHE A 384 7.17 41.63 -16.16
N GLY A 385 7.43 42.14 -14.96
CA GLY A 385 7.56 43.57 -14.78
C GLY A 385 8.13 43.92 -13.42
N PRO A 386 8.21 45.22 -13.12
CA PRO A 386 8.89 45.66 -11.88
C PRO A 386 8.00 45.56 -10.66
N ILE A 387 7.65 44.32 -10.29
CA ILE A 387 6.73 44.10 -9.18
C ILE A 387 7.05 42.74 -8.53
N VAL A 388 6.99 42.71 -7.19
CA VAL A 388 7.17 41.49 -6.41
C VAL A 388 6.11 41.45 -5.32
N GLY A 389 5.81 40.23 -4.87
CA GLY A 389 4.99 40.01 -3.69
C GLY A 389 5.82 39.32 -2.62
N ILE A 390 5.63 39.74 -1.37
CA ILE A 390 6.37 39.18 -0.23
C ILE A 390 5.36 38.74 0.82
N VAL A 391 5.43 37.46 1.21
CA VAL A 391 4.53 36.92 2.23
C VAL A 391 5.36 36.18 3.26
N PRO A 392 4.94 36.13 4.52
CA PRO A 392 5.61 35.29 5.50
C PRO A 392 5.22 33.83 5.29
N PHE A 393 6.09 32.95 5.79
CA PHE A 393 5.73 31.55 5.92
C PHE A 393 6.23 31.08 7.27
N ASP A 394 5.57 30.05 7.80
CA ASP A 394 5.99 29.43 9.05
C ASP A 394 6.67 28.09 8.81
N ASP A 395 5.99 27.20 8.11
CA ASP A 395 6.47 25.85 7.84
C ASP A 395 7.03 25.79 6.43
N LEU A 396 8.28 25.33 6.31
CA LEU A 396 8.95 25.31 5.02
C LEU A 396 8.21 24.46 3.99
N ASP A 397 7.62 23.33 4.43
CA ASP A 397 6.94 22.44 3.49
C ASP A 397 5.72 23.08 2.87
N ASP A 398 5.01 23.92 3.63
CA ASP A 398 3.88 24.70 3.12
C ASP A 398 4.35 25.73 2.10
N ALA A 399 5.49 26.38 2.38
CA ALA A 399 6.06 27.31 1.43
C ALA A 399 6.46 26.60 0.16
N LEU A 400 7.06 25.41 0.29
CA LEU A 400 7.45 24.63 -0.87
C LEU A 400 6.24 24.22 -1.69
N ALA A 401 5.15 23.83 -1.01
CA ALA A 401 3.92 23.50 -1.71
C ALA A 401 3.38 24.71 -2.45
N GLU A 402 3.46 25.89 -1.85
CA GLU A 402 3.01 27.09 -2.56
C GLU A 402 3.95 27.41 -3.71
N ALA A 403 5.26 27.25 -3.49
CA ALA A 403 6.23 27.47 -4.56
C ALA A 403 5.96 26.55 -5.75
N ASN A 404 5.36 25.39 -5.52
CA ASN A 404 5.10 24.43 -6.59
C ASN A 404 3.68 24.44 -7.10
N ARG A 405 2.80 25.27 -6.52
CA ARG A 405 1.38 25.18 -6.83
C ARG A 405 1.07 25.60 -8.28
N LEU A 406 1.84 26.53 -8.84
CA LEU A 406 1.52 27.06 -10.17
C LEU A 406 2.08 26.15 -11.26
N PRO A 407 1.45 26.17 -12.44
CA PRO A 407 2.01 25.39 -13.58
C PRO A 407 3.33 25.92 -14.11
N PHE A 408 3.80 27.09 -13.67
CA PHE A 408 5.11 27.58 -14.06
C PHE A 408 6.21 26.80 -13.32
N GLY A 409 7.36 26.67 -13.97
CA GLY A 409 8.46 25.95 -13.36
C GLY A 409 9.79 26.22 -14.05
N LEU A 410 10.14 27.50 -14.16
CA LEU A 410 11.38 27.85 -14.84
C LEU A 410 12.50 28.01 -13.83
N ALA A 411 12.63 29.19 -13.23
CA ALA A 411 13.62 29.42 -12.18
C ALA A 411 12.99 29.46 -10.79
N SER A 412 13.85 29.32 -9.78
CA SER A 412 13.49 29.39 -8.37
C SER A 412 14.75 29.72 -7.57
N TYR A 413 14.55 30.27 -6.36
CA TYR A 413 15.63 30.84 -5.58
C TYR A 413 15.47 30.49 -4.10
N ALA A 414 16.60 30.33 -3.40
CA ALA A 414 16.53 30.05 -1.97
C ALA A 414 17.75 30.62 -1.27
N PHE A 415 17.57 31.03 -0.02
CA PHE A 415 18.67 31.57 0.77
C PHE A 415 18.65 30.88 2.12
N THR A 416 19.76 30.22 2.46
CA THR A 416 19.86 29.48 3.71
C THR A 416 21.33 29.14 3.95
N THR A 417 21.68 28.94 5.23
CA THR A 417 22.99 28.42 5.61
C THR A 417 22.96 26.95 5.96
N SER A 418 21.77 26.35 6.03
CA SER A 418 21.62 24.97 6.48
C SER A 418 21.80 24.01 5.31
N ALA A 419 22.66 23.00 5.50
CA ALA A 419 22.79 21.98 4.47
C ALA A 419 21.46 21.24 4.26
N ARG A 420 20.73 20.98 5.35
CA ARG A 420 19.45 20.29 5.21
C ARG A 420 18.44 21.14 4.44
N ASN A 421 18.31 22.41 4.80
CA ASN A 421 17.40 23.28 4.07
C ASN A 421 17.74 23.30 2.59
N ALA A 422 19.02 23.52 2.27
CA ALA A 422 19.43 23.57 0.87
C ALA A 422 19.07 22.27 0.15
N HIS A 423 19.34 21.13 0.79
CA HIS A 423 19.04 19.85 0.17
C HIS A 423 17.53 19.65 0.04
N ARG A 424 16.78 19.90 1.11
CA ARG A 424 15.33 19.69 1.04
C ARG A 424 14.68 20.60 0.02
N ILE A 425 15.10 21.86 -0.02
CA ILE A 425 14.49 22.82 -0.94
C ILE A 425 14.82 22.48 -2.39
N SER A 426 16.09 22.17 -2.67
CA SER A 426 16.49 21.95 -4.06
C SER A 426 15.83 20.70 -4.64
N ARG A 427 15.62 19.66 -3.83
CA ARG A 427 14.97 18.46 -4.32
C ARG A 427 13.46 18.66 -4.49
N ALA A 428 12.83 19.38 -3.57
CA ALA A 428 11.37 19.49 -3.57
C ALA A 428 10.86 20.50 -4.60
N LEU A 429 11.65 21.48 -5.00
CA LEU A 429 11.16 22.47 -5.96
C LEU A 429 10.89 21.84 -7.32
N GLU A 430 9.77 22.20 -7.92
CA GLU A 430 9.45 21.82 -9.29
C GLU A 430 9.88 23.00 -10.16
N ALA A 431 11.11 22.96 -10.65
CA ALA A 431 11.67 24.07 -11.39
C ALA A 431 12.86 23.55 -12.18
N GLY A 432 13.07 24.15 -13.36
CA GLY A 432 14.23 23.78 -14.14
C GLY A 432 15.53 24.26 -13.55
N MET A 433 15.49 25.32 -12.74
CA MET A 433 16.69 25.93 -12.18
C MET A 433 16.43 26.34 -10.73
N VAL A 434 17.36 25.95 -9.85
CA VAL A 434 17.31 26.30 -8.43
C VAL A 434 18.58 27.05 -8.06
N ASN A 435 18.44 28.32 -7.67
CA ASN A 435 19.55 29.16 -7.30
C ASN A 435 19.56 29.32 -5.78
N ILE A 436 20.67 28.94 -5.14
CA ILE A 436 20.76 28.94 -3.69
C ILE A 436 21.88 29.89 -3.28
N ASN A 437 21.49 30.97 -2.60
CA ASN A 437 22.37 32.00 -2.05
C ASN A 437 23.01 32.92 -3.09
N HIS A 438 22.73 32.74 -4.37
CA HIS A 438 23.25 33.61 -5.43
C HIS A 438 22.46 33.33 -6.70
N PHE A 439 22.77 34.07 -7.76
CA PHE A 439 22.10 33.92 -9.05
C PHE A 439 23.13 33.37 -10.02
N GLY A 440 22.98 32.09 -10.36
CA GLY A 440 24.02 31.39 -11.10
C GLY A 440 23.58 30.80 -12.41
N MET A 441 22.64 31.43 -13.10
CA MET A 441 22.13 30.92 -14.36
C MET A 441 22.82 31.55 -15.56
N GLY A 442 23.77 32.46 -15.34
CA GLY A 442 24.52 33.12 -16.37
C GLY A 442 25.49 32.30 -17.22
N PRO A 443 26.23 31.36 -16.63
CA PRO A 443 27.31 30.71 -17.39
C PRO A 443 26.81 29.97 -18.61
N ALA A 444 27.48 30.17 -19.74
CA ALA A 444 27.11 29.46 -20.96
C ALA A 444 27.18 27.95 -20.78
N GLU A 445 28.03 27.48 -19.86
CA GLU A 445 28.27 26.04 -19.72
C GLU A 445 27.19 25.34 -18.92
N ILE A 446 26.13 26.02 -18.48
CA ILE A 446 25.09 25.31 -17.74
C ILE A 446 23.79 25.25 -18.53
N PRO A 447 22.93 24.26 -18.27
CA PRO A 447 21.66 24.17 -19.01
C PRO A 447 20.55 25.00 -18.39
N PHE A 448 19.88 25.78 -19.25
CA PHE A 448 18.84 26.73 -18.89
C PHE A 448 17.54 26.26 -19.52
N GLY A 449 16.55 25.95 -18.70
CA GLY A 449 15.27 25.47 -19.21
C GLY A 449 14.33 25.25 -18.05
N GLY A 450 13.07 24.92 -18.39
CA GLY A 450 12.02 24.82 -17.40
C GLY A 450 11.30 23.49 -17.44
N VAL A 451 10.34 23.36 -16.52
CA VAL A 451 9.45 22.21 -16.49
C VAL A 451 8.00 22.71 -16.51
N LYS A 452 7.09 21.75 -16.60
CA LYS A 452 5.63 21.99 -16.64
C LYS A 452 5.34 23.03 -17.72
N ASP A 453 4.58 24.08 -17.44
CA ASP A 453 4.20 25.04 -18.48
C ASP A 453 5.37 25.89 -18.96
N SER A 454 6.51 25.87 -18.27
CA SER A 454 7.60 26.77 -18.66
C SER A 454 8.40 26.25 -19.86
N GLY A 455 8.07 25.09 -20.41
CA GLY A 455 8.65 24.64 -21.66
C GLY A 455 9.36 23.31 -21.50
N PHE A 456 10.11 22.96 -22.54
CA PHE A 456 10.97 21.79 -22.45
C PHE A 456 12.17 21.99 -23.36
N GLY A 457 13.23 21.24 -23.04
CA GLY A 457 14.54 21.45 -23.62
C GLY A 457 15.34 22.43 -22.80
N SER A 458 16.62 22.53 -23.15
CA SER A 458 17.57 23.38 -22.47
C SER A 458 18.33 24.18 -23.51
N GLU A 459 18.81 25.34 -23.11
CA GLU A 459 19.74 26.10 -23.94
C GLU A 459 21.02 26.27 -23.13
N GLY A 460 22.17 26.20 -23.82
CA GLY A 460 23.45 26.20 -23.16
C GLY A 460 23.80 24.82 -22.61
N GLY A 461 25.01 24.74 -22.07
CA GLY A 461 25.47 23.51 -21.48
C GLY A 461 25.67 22.38 -22.49
N MET A 462 25.80 21.18 -21.94
CA MET A 462 25.96 19.99 -22.75
C MET A 462 24.67 19.68 -23.51
N GLU A 463 23.54 20.06 -22.93
CA GLU A 463 22.21 19.78 -23.45
C GLU A 463 21.81 20.65 -24.63
N ALA A 464 22.66 21.59 -25.05
CA ALA A 464 22.23 22.64 -25.98
C ALA A 464 21.79 22.08 -27.32
N PHE A 465 22.35 20.96 -27.76
CA PHE A 465 22.07 20.44 -29.08
C PHE A 465 20.99 19.35 -29.09
N ASP A 466 20.39 19.03 -27.93
CA ASP A 466 19.54 17.85 -27.86
C ASP A 466 18.36 17.94 -28.81
N GLY A 467 17.74 19.12 -28.90
CA GLY A 467 16.63 19.28 -29.81
C GLY A 467 17.04 19.37 -31.27
N TYR A 468 18.32 19.56 -31.55
CA TYR A 468 18.81 19.80 -32.90
C TYR A 468 19.46 18.57 -33.53
N LEU A 469 19.65 17.51 -32.75
CA LEU A 469 20.29 16.30 -33.21
C LEU A 469 19.30 15.16 -33.23
N VAL A 470 19.38 14.33 -34.24
CA VAL A 470 18.62 13.08 -34.26
C VAL A 470 19.55 11.95 -33.85
N THR A 471 18.98 10.95 -33.20
CA THR A 471 19.69 9.73 -32.89
C THR A 471 19.59 8.79 -34.08
N LYS A 472 20.73 8.22 -34.50
CA LYS A 472 20.74 7.22 -35.56
C LYS A 472 21.49 6.01 -35.01
N PHE A 473 20.79 4.89 -34.87
CA PHE A 473 21.41 3.63 -34.48
C PHE A 473 21.87 2.88 -35.73
N VAL A 474 23.16 2.61 -35.82
CA VAL A 474 23.73 1.84 -36.93
C VAL A 474 24.29 0.55 -36.37
N THR A 475 23.83 -0.58 -36.90
CA THR A 475 24.33 -1.88 -36.48
C THR A 475 24.77 -2.66 -37.72
N GLN A 476 26.01 -3.12 -37.71
CA GLN A 476 26.64 -3.69 -38.90
C GLN A 476 27.27 -5.03 -38.54
N MET A 477 26.93 -6.07 -39.29
CA MET A 477 27.56 -7.37 -39.18
C MET A 477 28.60 -7.53 -40.27
N ASN A 478 29.82 -7.88 -39.89
CA ASN A 478 30.91 -8.01 -40.85
C ASN A 478 31.39 -9.45 -40.99
N ARG B 1 -4.59 -27.49 -22.69
CA ARG B 1 -5.27 -26.24 -22.35
C ARG B 1 -5.61 -25.43 -23.62
N HIS B 2 -6.91 -25.16 -23.81
CA HIS B 2 -7.39 -24.17 -24.77
C HIS B 2 -8.13 -23.03 -24.07
N ASP B 3 -7.97 -22.93 -22.75
CA ASP B 3 -8.59 -21.86 -21.98
C ASP B 3 -7.99 -20.50 -22.34
N TYR B 4 -8.77 -19.47 -22.09
CA TYR B 4 -8.38 -18.08 -22.28
C TYR B 4 -8.60 -17.40 -20.95
N ALA B 5 -7.64 -16.58 -20.56
CA ALA B 5 -7.64 -16.05 -19.20
C ALA B 5 -8.67 -14.94 -19.01
N PRO B 6 -9.08 -14.68 -17.77
CA PRO B 6 -10.02 -13.57 -17.52
C PRO B 6 -9.40 -12.22 -17.87
N LEU B 7 -10.22 -11.34 -18.44
CA LEU B 7 -9.80 -9.99 -18.78
C LEU B 7 -10.30 -9.03 -17.72
N ARG B 8 -9.37 -8.23 -17.17
CA ARG B 8 -9.67 -7.39 -16.03
C ARG B 8 -9.03 -6.02 -16.17
N LEU B 9 -9.60 -5.04 -15.47
CA LEU B 9 -8.94 -3.77 -15.23
C LEU B 9 -8.04 -3.91 -14.01
N TYR B 10 -7.05 -3.01 -13.89
CA TYR B 10 -6.17 -3.01 -12.72
C TYR B 10 -5.89 -1.57 -12.30
N ILE B 11 -6.43 -1.19 -11.15
CA ILE B 11 -6.40 0.21 -10.70
C ILE B 11 -6.03 0.22 -9.22
N ASP B 12 -4.99 0.99 -8.88
CA ASP B 12 -4.60 1.17 -7.49
C ASP B 12 -4.42 -0.18 -6.78
N GLY B 13 -3.74 -1.09 -7.45
CA GLY B 13 -3.37 -2.35 -6.84
C GLY B 13 -4.46 -3.39 -6.72
N ARG B 14 -5.63 -3.15 -7.30
CA ARG B 14 -6.65 -4.18 -7.25
C ARG B 14 -7.24 -4.37 -8.64
N PHE B 15 -7.56 -5.62 -8.94
CA PHE B 15 -8.21 -6.00 -10.19
C PHE B 15 -9.71 -5.76 -10.12
N HIS B 16 -10.29 -5.46 -11.28
CA HIS B 16 -11.73 -5.33 -11.41
C HIS B 16 -12.23 -6.15 -12.57
N ASP B 17 -13.23 -6.98 -12.31
CA ASP B 17 -14.04 -7.58 -13.36
C ASP B 17 -15.01 -6.51 -13.89
N ALA B 18 -15.87 -6.89 -14.84
CA ALA B 18 -16.72 -5.91 -15.49
C ALA B 18 -17.68 -5.25 -14.51
N ASP B 19 -18.22 -6.04 -13.58
CA ASP B 19 -19.21 -5.57 -12.59
C ASP B 19 -20.19 -4.58 -13.20
N GLY B 20 -20.77 -4.97 -14.35
CA GLY B 20 -21.74 -4.15 -15.03
C GLY B 20 -21.16 -3.09 -15.96
N ARG B 21 -19.85 -3.02 -16.10
CA ARG B 21 -19.30 -2.05 -17.03
C ARG B 21 -19.61 -2.48 -18.46
N ARG B 22 -19.55 -1.54 -19.39
CA ARG B 22 -19.59 -1.92 -20.79
C ARG B 22 -18.43 -2.87 -21.07
N THR B 23 -18.66 -3.84 -21.94
CA THR B 23 -17.60 -4.77 -22.34
C THR B 23 -17.55 -4.85 -23.86
N GLN B 24 -16.48 -5.45 -24.35
CA GLN B 24 -16.26 -5.63 -25.76
C GLN B 24 -15.73 -7.03 -26.00
N PRO B 25 -16.24 -7.72 -27.01
CA PRO B 25 -15.75 -9.07 -27.28
C PRO B 25 -14.32 -9.05 -27.79
N VAL B 26 -13.59 -10.10 -27.43
CA VAL B 26 -12.24 -10.34 -27.93
C VAL B 26 -12.31 -11.57 -28.82
N VAL B 27 -11.82 -11.45 -30.06
CA VAL B 27 -12.03 -12.46 -31.09
C VAL B 27 -10.69 -13.07 -31.50
N ASP B 28 -10.68 -14.39 -31.66
CA ASP B 28 -9.51 -15.10 -32.18
C ASP B 28 -9.41 -14.85 -33.68
N PRO B 29 -8.34 -14.22 -34.18
CA PRO B 29 -8.26 -13.94 -35.63
C PRO B 29 -8.08 -15.18 -36.48
N GLY B 30 -7.73 -16.32 -35.89
CA GLY B 30 -7.55 -17.53 -36.66
C GLY B 30 -8.81 -18.37 -36.78
N THR B 31 -9.77 -18.21 -35.84
CA THR B 31 -11.01 -18.97 -35.86
C THR B 31 -12.25 -18.09 -35.96
N THR B 32 -12.16 -16.81 -35.60
CA THR B 32 -13.25 -15.85 -35.46
C THR B 32 -14.12 -16.13 -34.26
N ARG B 33 -13.75 -17.09 -33.41
CA ARG B 33 -14.54 -17.36 -32.22
C ARG B 33 -14.30 -16.28 -31.17
N VAL B 34 -15.34 -16.03 -30.37
CA VAL B 34 -15.23 -15.09 -29.26
C VAL B 34 -14.45 -15.76 -28.14
N LEU B 35 -13.40 -15.10 -27.66
CA LEU B 35 -12.58 -15.67 -26.60
C LEU B 35 -13.03 -15.22 -25.23
N GLY B 36 -13.56 -14.02 -25.12
CA GLY B 36 -13.97 -13.47 -23.85
C GLY B 36 -14.40 -12.03 -24.03
N GLU B 37 -14.83 -11.43 -22.93
CA GLU B 37 -15.32 -10.07 -22.92
C GLU B 37 -14.34 -9.20 -22.15
N LEU B 38 -13.98 -8.07 -22.74
CA LEU B 38 -13.03 -7.14 -22.16
C LEU B 38 -13.81 -6.01 -21.48
N PRO B 39 -13.60 -5.75 -20.19
CA PRO B 39 -14.29 -4.63 -19.52
C PRO B 39 -13.68 -3.26 -19.83
N HIS B 40 -14.56 -2.29 -20.09
CA HIS B 40 -14.16 -0.92 -20.33
C HIS B 40 -14.10 -0.13 -19.03
N ALA B 41 -13.07 0.69 -18.88
CA ALA B 41 -13.01 1.63 -17.76
C ALA B 41 -14.03 2.73 -17.95
N THR B 42 -14.68 3.14 -16.86
CA THR B 42 -15.48 4.36 -16.87
C THR B 42 -14.57 5.58 -16.73
N ALA B 43 -15.16 6.75 -16.96
CA ALA B 43 -14.44 7.99 -16.73
C ALA B 43 -13.95 8.08 -15.29
N HIS B 44 -14.76 7.64 -14.33
CA HIS B 44 -14.32 7.62 -12.94
C HIS B 44 -13.18 6.63 -12.71
N ASP B 45 -13.25 5.44 -13.33
CA ASP B 45 -12.14 4.49 -13.27
C ASP B 45 -10.84 5.15 -13.73
N ILE B 46 -10.89 5.92 -14.80
CA ILE B 46 -9.70 6.56 -15.35
C ILE B 46 -9.20 7.65 -14.42
N ASP B 47 -10.10 8.46 -13.87
CA ASP B 47 -9.74 9.43 -12.83
C ASP B 47 -9.07 8.76 -11.65
N ALA B 48 -9.62 7.64 -11.19
CA ALA B 48 -9.06 6.95 -10.03
C ALA B 48 -7.66 6.44 -10.33
N ALA B 49 -7.44 5.95 -11.55
CA ALA B 49 -6.13 5.44 -11.93
C ALA B 49 -5.10 6.55 -11.93
N VAL B 50 -5.48 7.73 -12.45
CA VAL B 50 -4.58 8.88 -12.45
C VAL B 50 -4.28 9.31 -11.02
N GLN B 51 -5.30 9.38 -10.18
CA GLN B 51 -5.07 9.78 -8.82
C GLN B 51 -4.21 8.75 -8.08
N ALA B 52 -4.47 7.47 -8.33
CA ALA B 52 -3.67 6.45 -7.67
C ALA B 52 -2.21 6.55 -8.10
N ALA B 53 -1.98 6.74 -9.41
CA ALA B 53 -0.61 6.90 -9.89
C ALA B 53 0.05 8.12 -9.29
N HIS B 54 -0.72 9.19 -9.06
CA HIS B 54 -0.16 10.39 -8.46
C HIS B 54 0.27 10.15 -7.01
N ARG B 55 -0.64 9.57 -6.19
CA ARG B 55 -0.26 9.21 -4.82
C ARG B 55 0.97 8.31 -4.80
N ALA B 56 0.98 7.29 -5.66
CA ALA B 56 2.09 6.33 -5.67
C ALA B 56 3.41 7.01 -6.03
N PHE B 57 3.37 7.94 -6.99
CA PHE B 57 4.58 8.63 -7.42
C PHE B 57 5.25 9.37 -6.26
N VAL B 58 4.46 9.86 -5.31
CA VAL B 58 4.99 10.64 -4.19
C VAL B 58 6.08 9.86 -3.45
N THR B 59 5.89 8.55 -3.28
CA THR B 59 6.87 7.72 -2.59
C THR B 59 7.72 6.89 -3.54
N TRP B 60 7.16 6.45 -4.68
CA TRP B 60 7.92 5.63 -5.62
C TRP B 60 9.14 6.39 -6.14
N ARG B 61 9.01 7.69 -6.37
CA ARG B 61 10.14 8.45 -6.89
CA ARG B 61 10.13 8.49 -6.87
C ARG B 61 11.31 8.47 -5.92
N HIS B 62 11.07 8.32 -4.63
CA HIS B 62 12.15 8.37 -3.65
C HIS B 62 12.65 7.00 -3.25
N GLU B 63 12.03 5.93 -3.75
CA GLU B 63 12.47 4.58 -3.44
C GLU B 63 13.88 4.36 -3.99
N SER B 64 14.65 3.54 -3.28
CA SER B 64 16.00 3.22 -3.72
C SER B 64 15.99 2.65 -5.14
N PRO B 65 16.84 3.12 -6.03
CA PRO B 65 16.89 2.52 -7.37
C PRO B 65 17.24 1.04 -7.34
N LEU B 66 17.96 0.58 -6.31
CA LEU B 66 18.26 -0.84 -6.18
C LEU B 66 17.03 -1.60 -5.71
N VAL B 67 16.26 -1.03 -4.80
CA VAL B 67 15.01 -1.69 -4.42
C VAL B 67 14.06 -1.76 -5.61
N ARG B 68 13.96 -0.67 -6.39
CA ARG B 68 13.10 -0.69 -7.57
C ARG B 68 13.62 -1.71 -8.59
N SER B 69 14.94 -1.79 -8.76
CA SER B 69 15.51 -2.78 -9.68
C SER B 69 15.18 -4.20 -9.24
N ASP B 70 15.40 -4.50 -7.95
CA ASP B 70 15.05 -5.81 -7.41
C ASP B 70 13.62 -6.19 -7.76
N LEU B 71 12.70 -5.26 -7.59
CA LEU B 71 11.28 -5.54 -7.86
C LEU B 71 11.05 -5.78 -9.35
N LEU B 72 11.65 -4.94 -10.20
CA LEU B 72 11.47 -5.11 -11.64
C LEU B 72 12.09 -6.43 -12.10
N ARG B 73 13.23 -6.81 -11.53
CA ARG B 73 13.85 -8.08 -11.92
C ARG B 73 12.99 -9.27 -11.49
N ARG B 74 12.32 -9.16 -10.33
CA ARG B 74 11.38 -10.21 -9.94
CA ARG B 74 11.38 -10.21 -9.95
C ARG B 74 10.24 -10.32 -10.96
N ALA B 75 9.71 -9.17 -11.38
CA ALA B 75 8.68 -9.17 -12.41
C ALA B 75 9.18 -9.84 -13.68
N ALA B 76 10.43 -9.54 -14.08
CA ALA B 76 10.98 -10.15 -15.29
C ALA B 76 11.06 -11.67 -15.15
N ALA B 77 11.51 -12.14 -13.99
CA ALA B 77 11.62 -13.57 -13.75
C ALA B 77 10.26 -14.26 -13.86
N LEU B 78 9.21 -13.60 -13.35
CA LEU B 78 7.87 -14.15 -13.45
C LEU B 78 7.40 -14.21 -14.90
N ALA B 79 7.71 -13.18 -15.69
CA ALA B 79 7.38 -13.21 -17.11
C ALA B 79 8.03 -14.41 -17.79
N ARG B 80 9.30 -14.67 -17.48
CA ARG B 80 9.98 -15.82 -18.07
C ARG B 80 9.32 -17.12 -17.64
N GLU B 81 8.96 -17.23 -16.35
CA GLU B 81 8.30 -18.45 -15.86
C GLU B 81 6.97 -18.69 -16.53
N ARG B 82 6.24 -17.63 -16.88
CA ARG B 82 4.89 -17.73 -17.39
C ARG B 82 4.84 -17.61 -18.91
N ALA B 83 6.00 -17.67 -19.58
CA ALA B 83 6.10 -17.33 -20.99
C ALA B 83 5.20 -18.21 -21.86
N GLU B 84 5.14 -19.52 -21.57
CA GLU B 84 4.35 -20.40 -22.42
C GLU B 84 2.87 -20.06 -22.37
N THR B 85 2.33 -19.82 -21.17
CA THR B 85 0.92 -19.50 -21.02
C THR B 85 0.61 -18.11 -21.57
N ILE B 86 1.45 -17.12 -21.25
CA ILE B 86 1.25 -15.78 -21.78
C ILE B 86 1.33 -15.81 -23.30
N GLY B 87 2.30 -16.56 -23.84
CA GLY B 87 2.45 -16.63 -25.29
C GLY B 87 1.26 -17.30 -25.97
N ARG B 88 0.74 -18.37 -25.38
CA ARG B 88 -0.40 -19.05 -25.98
C ARG B 88 -1.59 -18.10 -26.10
N HIS B 89 -1.87 -17.34 -25.03
CA HIS B 89 -2.99 -16.40 -25.05
C HIS B 89 -2.78 -15.30 -26.08
N ILE B 90 -1.53 -14.87 -26.29
CA ILE B 90 -1.23 -13.88 -27.32
C ILE B 90 -1.56 -14.45 -28.69
N THR B 91 -1.09 -15.66 -28.97
CA THR B 91 -1.45 -16.30 -30.24
C THR B 91 -2.97 -16.29 -30.43
N MET B 92 -3.72 -16.59 -29.36
CA MET B 92 -5.16 -16.72 -29.47
C MET B 92 -5.83 -15.39 -29.79
N ASP B 93 -5.43 -14.30 -29.13
CA ASP B 93 -6.10 -13.02 -29.36
C ASP B 93 -5.34 -12.10 -30.30
N GLN B 94 -4.17 -12.52 -30.82
CA GLN B 94 -3.45 -11.65 -31.75
C GLN B 94 -3.14 -12.35 -33.06
N GLY B 95 -2.86 -13.65 -33.04
CA GLY B 95 -2.73 -14.44 -34.24
C GLY B 95 -1.36 -15.05 -34.50
N LYS B 96 -0.30 -14.46 -33.93
CA LYS B 96 1.06 -14.85 -34.28
C LYS B 96 1.39 -16.27 -33.82
N PRO B 97 2.28 -16.97 -34.51
CA PRO B 97 2.64 -18.34 -34.09
C PRO B 97 3.18 -18.35 -32.67
N LEU B 98 2.92 -19.48 -31.98
CA LEU B 98 3.28 -19.61 -30.57
C LEU B 98 4.77 -19.31 -30.34
N ARG B 99 5.65 -19.80 -31.21
CA ARG B 99 7.09 -19.56 -31.03
C ARG B 99 7.42 -18.06 -31.08
N GLU B 100 6.71 -17.29 -31.90
CA GLU B 100 6.90 -15.84 -31.92
C GLU B 100 6.39 -15.20 -30.64
N ALA B 101 5.25 -15.66 -30.13
CA ALA B 101 4.68 -15.08 -28.92
C ALA B 101 5.59 -15.33 -27.72
N ILE B 102 6.13 -16.54 -27.61
CA ILE B 102 7.02 -16.83 -26.49
C ILE B 102 8.27 -15.97 -26.58
N ALA B 103 8.85 -15.86 -27.78
CA ALA B 103 10.05 -15.04 -27.97
C ALA B 103 9.79 -13.59 -27.63
N GLU B 104 8.57 -13.10 -27.92
CA GLU B 104 8.20 -11.75 -27.53
C GLU B 104 8.22 -11.57 -26.02
N VAL B 105 7.69 -12.55 -25.28
CA VAL B 105 7.71 -12.46 -23.82
C VAL B 105 9.14 -12.45 -23.30
N VAL B 106 9.97 -13.37 -23.82
CA VAL B 106 11.37 -13.43 -23.38
C VAL B 106 12.09 -12.13 -23.70
N SER B 107 11.90 -11.62 -24.93
CA SER B 107 12.49 -10.34 -25.32
C SER B 107 12.06 -9.20 -24.39
N ALA B 108 10.78 -9.18 -24.01
CA ALA B 108 10.29 -8.15 -23.09
C ALA B 108 10.92 -8.31 -21.70
N ALA B 109 11.15 -9.56 -21.26
CA ALA B 109 11.83 -9.77 -19.99
C ALA B 109 13.22 -9.17 -20.03
N GLU B 110 13.94 -9.34 -21.15
CA GLU B 110 15.26 -8.72 -21.27
C GLU B 110 15.16 -7.20 -21.26
N GLN B 111 14.12 -6.66 -21.88
CA GLN B 111 13.94 -5.22 -21.88
C GLN B 111 13.70 -4.72 -20.47
N LEU B 112 12.86 -5.43 -19.71
CA LEU B 112 12.59 -5.03 -18.33
C LEU B 112 13.86 -5.09 -17.48
N GLU B 113 14.66 -6.14 -17.63
CA GLU B 113 15.88 -6.27 -16.83
C GLU B 113 16.88 -5.16 -17.17
N TRP B 114 17.02 -4.82 -18.45
CA TRP B 114 17.90 -3.72 -18.82
C TRP B 114 17.49 -2.41 -18.14
N HIS B 115 16.19 -2.13 -18.11
CA HIS B 115 15.72 -0.89 -17.49
C HIS B 115 15.96 -0.90 -15.98
N ALA B 116 15.84 -2.08 -15.35
CA ALA B 116 16.21 -2.21 -13.94
C ALA B 116 17.66 -1.78 -13.71
N GLU B 117 18.56 -2.25 -14.58
CA GLU B 117 19.95 -1.86 -14.45
C GLU B 117 20.14 -0.38 -14.75
N GLU B 118 19.45 0.12 -15.77
CA GLU B 118 19.66 1.49 -16.20
C GLU B 118 19.08 2.48 -15.19
N GLY B 119 18.03 2.08 -14.46
CA GLY B 119 17.48 2.95 -13.44
C GLY B 119 18.47 3.29 -12.35
N ARG B 120 19.51 2.46 -12.17
CA ARG B 120 20.52 2.82 -11.19
C ARG B 120 21.49 3.86 -11.72
N ARG B 121 21.39 4.23 -13.01
CA ARG B 121 22.41 5.00 -13.70
C ARG B 121 21.85 6.27 -14.35
N THR B 122 20.79 6.84 -13.78
CA THR B 122 20.25 8.11 -14.29
C THR B 122 21.11 9.26 -13.74
N TYR B 123 22.37 9.26 -14.20
CA TYR B 123 23.41 10.10 -13.62
C TYR B 123 23.15 11.58 -13.82
N GLY B 124 23.52 12.37 -12.80
CA GLY B 124 23.64 13.79 -12.96
C GLY B 124 25.07 14.19 -13.28
N ARG B 125 25.26 15.50 -13.46
CA ARG B 125 26.55 16.05 -13.87
C ARG B 125 26.96 17.16 -12.93
N VAL B 126 28.25 17.20 -12.59
CA VAL B 126 28.84 18.32 -11.86
C VAL B 126 29.61 19.18 -12.86
N VAL B 127 29.23 20.45 -12.98
CA VAL B 127 29.84 21.36 -13.94
C VAL B 127 30.86 22.21 -13.18
N PRO B 128 32.14 22.18 -13.57
CA PRO B 128 33.14 22.99 -12.86
C PRO B 128 32.76 24.47 -12.87
N ALA B 129 32.77 25.07 -11.68
CA ALA B 129 32.26 26.41 -11.51
C ALA B 129 33.35 27.45 -11.72
N ARG B 130 32.94 28.67 -12.00
CA ARG B 130 33.86 29.78 -12.23
C ARG B 130 34.44 30.35 -10.95
N SER B 131 33.87 30.01 -9.81
CA SER B 131 34.27 30.46 -8.50
C SER B 131 34.35 29.25 -7.57
N PRO B 132 35.36 29.18 -6.68
CA PRO B 132 35.52 27.97 -5.86
C PRO B 132 34.48 27.80 -4.75
N ASP B 133 33.66 28.80 -4.48
CA ASP B 133 32.63 28.65 -3.46
C ASP B 133 31.29 28.20 -4.03
N VAL B 134 31.20 27.94 -5.33
CA VAL B 134 29.94 27.60 -5.98
C VAL B 134 29.94 26.13 -6.39
N MET B 135 28.80 25.48 -6.19
CA MET B 135 28.59 24.08 -6.57
C MET B 135 27.47 24.02 -7.61
N GLN B 136 27.79 23.50 -8.80
CA GLN B 136 26.84 23.39 -9.91
C GLN B 136 26.59 21.94 -10.23
N THR B 137 25.35 21.50 -10.05
CA THR B 137 24.97 20.12 -10.37
C THR B 137 23.80 20.14 -11.34
N VAL B 138 23.82 19.21 -12.29
CA VAL B 138 22.71 19.01 -13.20
C VAL B 138 22.08 17.68 -12.83
N LEU B 139 20.89 17.73 -12.27
CA LEU B 139 20.19 16.55 -11.83
C LEU B 139 19.15 16.12 -12.87
N ARG B 140 18.83 14.83 -12.87
CA ARG B 140 17.76 14.30 -13.69
C ARG B 140 16.74 13.64 -12.77
N GLU B 141 15.49 14.11 -12.83
CA GLU B 141 14.48 13.63 -11.88
C GLU B 141 13.24 13.18 -12.62
N PRO B 142 12.53 12.18 -12.08
CA PRO B 142 11.34 11.67 -12.77
C PRO B 142 10.29 12.75 -12.91
N ILE B 143 9.65 12.77 -14.08
CA ILE B 143 8.75 13.88 -14.41
C ILE B 143 7.43 13.79 -13.64
N GLY B 144 6.95 12.58 -13.33
CA GLY B 144 5.67 12.44 -12.66
C GLY B 144 4.79 11.36 -13.25
N VAL B 145 3.48 11.57 -13.27
CA VAL B 145 2.56 10.57 -13.78
C VAL B 145 2.62 10.53 -15.30
N CYS B 146 2.76 9.34 -15.84
CA CYS B 146 2.78 9.13 -17.28
C CYS B 146 1.51 8.42 -17.71
N ALA B 147 1.08 8.73 -18.94
CA ALA B 147 0.02 8.00 -19.64
C ALA B 147 0.62 7.41 -20.91
N ALA B 148 0.30 6.14 -21.18
CA ALA B 148 0.87 5.43 -22.31
C ALA B 148 -0.21 4.66 -23.06
N PHE B 149 0.02 4.50 -24.36
CA PHE B 149 -0.89 3.81 -25.26
C PHE B 149 -0.07 2.89 -26.14
N SER B 150 -0.41 1.61 -26.15
CA SER B 150 0.43 0.67 -26.86
C SER B 150 -0.44 -0.22 -27.75
N PRO B 151 0.11 -0.69 -28.87
CA PRO B 151 -0.72 -1.35 -29.88
C PRO B 151 -0.68 -2.87 -29.79
N TRP B 152 -1.32 -3.52 -30.77
CA TRP B 152 -1.55 -4.95 -30.75
C TRP B 152 -0.49 -5.78 -31.44
N ASN B 153 0.44 -5.19 -32.22
CA ASN B 153 1.28 -6.04 -33.05
C ASN B 153 2.27 -6.84 -32.20
N PHE B 154 2.80 -6.22 -31.14
CA PHE B 154 3.57 -6.91 -30.11
C PHE B 154 2.94 -6.53 -28.78
N PRO B 155 1.80 -7.10 -28.45
CA PRO B 155 1.02 -6.57 -27.33
C PRO B 155 1.74 -6.64 -26.00
N PHE B 156 2.63 -7.63 -25.82
CA PHE B 156 3.34 -7.76 -24.55
C PHE B 156 4.57 -6.85 -24.53
N SER B 157 5.40 -6.89 -25.58
CA SER B 157 6.68 -6.19 -25.52
C SER B 157 6.52 -4.69 -25.77
N GLN B 158 5.54 -4.27 -26.58
CA GLN B 158 5.28 -2.84 -26.73
C GLN B 158 4.87 -2.22 -25.39
N ALA B 159 3.98 -2.90 -24.67
CA ALA B 159 3.53 -2.40 -23.37
C ALA B 159 4.64 -2.42 -22.34
N MET B 160 5.48 -3.49 -22.37
CA MET B 160 6.61 -3.57 -21.45
C MET B 160 7.51 -2.34 -21.58
N HIS B 161 7.72 -1.87 -22.82
CA HIS B 161 8.49 -0.65 -23.03
C HIS B 161 7.92 0.52 -22.22
N LYS B 162 6.60 0.67 -22.26
CA LYS B 162 5.97 1.75 -21.52
C LYS B 162 6.14 1.56 -20.04
N ILE B 163 5.94 0.33 -19.57
CA ILE B 163 5.99 0.04 -18.13
C ILE B 163 7.42 0.15 -17.63
N ALA B 164 8.37 -0.48 -18.32
CA ALA B 164 9.74 -0.51 -17.84
C ALA B 164 10.33 0.89 -17.77
N ALA B 165 10.10 1.70 -18.82
CA ALA B 165 10.72 3.03 -18.83
C ALA B 165 10.11 3.93 -17.76
N ALA B 166 8.79 3.89 -17.60
CA ALA B 166 8.16 4.73 -16.58
C ALA B 166 8.60 4.32 -15.19
N LEU B 167 8.46 3.03 -14.84
CA LEU B 167 8.73 2.59 -13.47
C LEU B 167 10.20 2.75 -13.12
N ALA B 168 11.11 2.34 -14.02
CA ALA B 168 12.53 2.33 -13.69
C ALA B 168 13.10 3.74 -13.62
N SER B 169 12.45 4.71 -14.25
CA SER B 169 12.87 6.08 -14.09
C SER B 169 12.38 6.72 -12.79
N GLY B 170 11.50 6.04 -12.06
CA GLY B 170 10.86 6.63 -10.90
C GLY B 170 9.49 7.23 -11.15
N CYS B 171 8.95 7.12 -12.37
CA CYS B 171 7.59 7.57 -12.67
C CYS B 171 6.57 6.49 -12.33
N THR B 172 5.30 6.88 -12.43
CA THR B 172 4.18 5.95 -12.40
C THR B 172 3.36 6.11 -13.68
N LEU B 173 2.44 5.17 -13.87
CA LEU B 173 1.91 4.94 -15.21
C LEU B 173 0.45 4.54 -15.17
N VAL B 174 -0.35 5.17 -16.04
CA VAL B 174 -1.64 4.65 -16.45
C VAL B 174 -1.49 4.23 -17.91
N LEU B 175 -1.74 2.96 -18.19
CA LEU B 175 -1.49 2.34 -19.48
C LEU B 175 -2.79 1.90 -20.11
N LYS B 176 -2.99 2.27 -21.37
CA LYS B 176 -4.10 1.73 -22.17
C LYS B 176 -3.50 0.90 -23.30
N GLY B 177 -3.48 -0.42 -23.11
CA GLY B 177 -3.03 -1.34 -24.12
C GLY B 177 -4.09 -1.59 -25.17
N PRO B 178 -3.84 -2.57 -26.04
CA PRO B 178 -4.74 -2.84 -27.18
C PRO B 178 -5.96 -3.65 -26.78
N GLU B 179 -7.14 -3.04 -26.94
CA GLU B 179 -8.40 -3.74 -26.68
C GLU B 179 -8.57 -4.98 -27.55
N GLU B 180 -7.98 -5.00 -28.75
CA GLU B 180 -8.19 -6.14 -29.64
C GLU B 180 -7.33 -7.34 -29.26
N SER B 181 -6.25 -7.14 -28.51
CA SER B 181 -5.36 -8.24 -28.08
C SER B 181 -4.95 -8.00 -26.64
N PRO B 182 -5.90 -8.12 -25.71
CA PRO B 182 -5.68 -7.59 -24.36
C PRO B 182 -5.03 -8.52 -23.35
N SER B 183 -4.94 -9.82 -23.61
CA SER B 183 -4.50 -10.74 -22.57
C SER B 183 -3.08 -10.41 -22.08
N ALA B 184 -2.19 -10.01 -23.00
CA ALA B 184 -0.81 -9.68 -22.63
C ALA B 184 -0.75 -8.59 -21.55
N ILE B 185 -1.63 -7.58 -21.62
CA ILE B 185 -1.58 -6.47 -20.68
C ILE B 185 -2.06 -6.92 -19.30
N VAL B 186 -3.14 -7.71 -19.28
CA VAL B 186 -3.60 -8.27 -18.02
C VAL B 186 -2.50 -9.10 -17.39
N ALA B 187 -1.79 -9.89 -18.21
CA ALA B 187 -0.69 -10.68 -17.70
C ALA B 187 0.41 -9.78 -17.12
N LEU B 188 0.68 -8.64 -17.76
CA LEU B 188 1.66 -7.70 -17.25
C LEU B 188 1.23 -7.14 -15.89
N ALA B 189 -0.04 -6.73 -15.78
CA ALA B 189 -0.55 -6.28 -14.50
C ALA B 189 -0.40 -7.36 -13.45
N GLN B 190 -0.70 -8.61 -13.81
CA GLN B 190 -0.64 -9.68 -12.83
C GLN B 190 0.78 -9.90 -12.34
N LEU B 191 1.76 -9.87 -13.24
CA LEU B 191 3.10 -10.19 -12.78
C LEU B 191 3.73 -9.05 -11.99
N PHE B 192 3.41 -7.79 -12.33
CA PHE B 192 3.89 -6.69 -11.51
C PHE B 192 3.19 -6.69 -10.16
N HIS B 193 1.91 -7.03 -10.14
CA HIS B 193 1.20 -7.24 -8.88
C HIS B 193 1.84 -8.37 -8.07
N ASP B 194 2.09 -9.51 -8.70
CA ASP B 194 2.68 -10.64 -8.00
C ASP B 194 4.09 -10.35 -7.53
N ALA B 195 4.80 -9.44 -8.21
CA ALA B 195 6.14 -9.08 -7.77
C ALA B 195 6.12 -8.10 -6.60
N GLY B 196 4.96 -7.57 -6.22
CA GLY B 196 4.87 -6.64 -5.10
C GLY B 196 4.95 -5.17 -5.45
N LEU B 197 4.74 -4.80 -6.71
CA LEU B 197 4.73 -3.40 -7.09
C LEU B 197 3.70 -2.62 -6.29
N PRO B 198 4.08 -1.48 -5.69
CA PRO B 198 3.14 -0.77 -4.82
C PRO B 198 1.90 -0.32 -5.58
N PRO B 199 0.76 -0.28 -4.90
CA PRO B 199 -0.50 0.09 -5.58
C PRO B 199 -0.43 1.50 -6.16
N GLY B 200 -1.01 1.66 -7.35
CA GLY B 200 -0.99 2.91 -8.05
C GLY B 200 0.17 3.08 -9.01
N CYS B 201 1.27 2.36 -8.83
CA CYS B 201 2.42 2.53 -9.72
C CYS B 201 2.10 2.14 -11.15
N LEU B 202 1.34 1.05 -11.33
CA LEU B 202 0.93 0.62 -12.64
C LEU B 202 -0.58 0.45 -12.66
N ASN B 203 -1.24 1.11 -13.60
CA ASN B 203 -2.67 0.95 -13.75
C ASN B 203 -2.98 0.67 -15.21
N ILE B 204 -3.87 -0.29 -15.47
CA ILE B 204 -4.26 -0.60 -16.83
C ILE B 204 -5.75 -0.33 -17.00
N VAL B 205 -6.09 0.34 -18.10
CA VAL B 205 -7.45 0.75 -18.43
C VAL B 205 -7.75 0.39 -19.88
N TRP B 206 -9.04 0.35 -20.20
CA TRP B 206 -9.51 -0.02 -21.53
C TRP B 206 -10.72 0.84 -21.86
N GLY B 207 -10.98 1.00 -23.15
CA GLY B 207 -12.23 1.63 -23.56
C GLY B 207 -12.20 1.98 -25.04
N VAL B 208 -13.02 2.96 -25.39
CA VAL B 208 -12.94 3.57 -26.73
C VAL B 208 -11.64 4.36 -26.79
N PRO B 209 -10.72 3.99 -27.70
CA PRO B 209 -9.34 4.53 -27.59
C PRO B 209 -9.27 6.04 -27.64
N GLY B 210 -10.02 6.68 -28.54
CA GLY B 210 -10.01 8.13 -28.61
C GLY B 210 -10.52 8.80 -27.35
N ASP B 211 -11.54 8.20 -26.71
CA ASP B 211 -12.05 8.79 -25.48
C ASP B 211 -11.08 8.60 -24.33
N VAL B 212 -10.50 7.40 -24.20
CA VAL B 212 -9.57 7.15 -23.11
C VAL B 212 -8.34 8.04 -23.25
N SER B 213 -7.80 8.13 -24.46
CA SER B 213 -6.58 8.90 -24.64
C SER B 213 -6.84 10.38 -24.43
N LYS B 214 -8.00 10.87 -24.87
CA LYS B 214 -8.34 12.26 -24.62
C LYS B 214 -8.40 12.54 -23.13
N GLN B 215 -9.09 11.68 -22.38
CA GLN B 215 -9.23 11.92 -20.95
C GLN B 215 -7.89 11.86 -20.23
N LEU B 216 -7.04 10.89 -20.57
CA LEU B 216 -5.73 10.78 -19.92
C LEU B 216 -4.85 11.97 -20.24
N ILE B 217 -4.82 12.40 -21.50
CA ILE B 217 -3.93 13.48 -21.87
C ILE B 217 -4.37 14.77 -21.19
N GLU B 218 -5.68 14.96 -21.03
CA GLU B 218 -6.21 16.17 -20.41
C GLU B 218 -6.25 16.11 -18.89
N ALA B 219 -5.89 14.99 -18.29
CA ALA B 219 -5.86 14.93 -16.82
C ALA B 219 -4.72 15.81 -16.30
N PRO B 220 -5.01 16.73 -15.37
CA PRO B 220 -3.95 17.65 -14.89
C PRO B 220 -2.75 16.95 -14.28
N GLN B 221 -2.95 15.85 -13.55
CA GLN B 221 -1.81 15.21 -12.90
CA GLN B 221 -1.81 15.21 -12.90
C GLN B 221 -0.92 14.47 -13.89
N VAL B 222 -1.43 14.17 -15.08
CA VAL B 222 -0.64 13.49 -16.11
C VAL B 222 0.32 14.50 -16.71
N ARG B 223 1.63 14.20 -16.65
CA ARG B 223 2.62 15.17 -17.12
C ARG B 223 3.36 14.74 -18.39
N LYS B 224 3.21 13.51 -18.83
CA LYS B 224 3.99 13.03 -19.95
C LYS B 224 3.21 11.91 -20.61
N ILE B 225 3.24 11.88 -21.94
CA ILE B 225 2.50 10.92 -22.75
C ILE B 225 3.50 10.10 -23.56
N SER B 226 3.20 8.83 -23.75
CA SER B 226 4.02 8.02 -24.64
C SER B 226 3.09 7.17 -25.51
N PHE B 227 3.27 7.25 -26.83
CA PHE B 227 2.35 6.60 -27.76
C PHE B 227 3.10 5.76 -28.79
N THR B 228 2.66 4.52 -28.97
CA THR B 228 3.12 3.71 -30.09
C THR B 228 1.88 3.32 -30.89
N GLY B 229 1.89 3.69 -32.17
CA GLY B 229 0.76 3.45 -33.05
C GLY B 229 1.00 4.07 -34.41
N SER B 230 -0.10 4.45 -35.07
CA SER B 230 -0.03 4.94 -36.43
C SER B 230 0.34 6.42 -36.46
N VAL B 231 0.91 6.84 -37.60
CA VAL B 231 1.26 8.26 -37.76
C VAL B 231 0.07 9.20 -37.62
N PRO B 232 -1.06 9.00 -38.32
CA PRO B 232 -2.16 9.97 -38.18
C PRO B 232 -2.69 10.08 -36.76
N VAL B 233 -2.84 8.96 -36.06
CA VAL B 233 -3.29 9.04 -34.67
C VAL B 233 -2.21 9.69 -33.79
N GLY B 234 -0.94 9.35 -34.00
CA GLY B 234 0.13 10.01 -33.27
C GLY B 234 0.11 11.52 -33.39
N LYS B 235 -0.12 12.04 -34.61
CA LYS B 235 -0.19 13.48 -34.84
C LYS B 235 -1.37 14.09 -34.11
N GLN B 236 -2.50 13.38 -34.08
CA GLN B 236 -3.67 13.88 -33.36
C GLN B 236 -3.38 13.97 -31.87
N LEU B 237 -2.82 12.90 -31.29
CA LEU B 237 -2.54 12.89 -29.86
C LEU B 237 -1.41 13.86 -29.50
N ALA B 238 -0.38 13.95 -30.34
CA ALA B 238 0.73 14.86 -30.06
C ALA B 238 0.28 16.32 -30.03
N ALA B 239 -0.64 16.69 -30.93
CA ALA B 239 -1.15 18.08 -30.96
C ALA B 239 -1.92 18.40 -29.69
N LEU B 240 -2.73 17.47 -29.21
CA LEU B 240 -3.45 17.68 -27.96
C LEU B 240 -2.49 17.82 -26.79
N ALA B 241 -1.51 16.91 -26.72
CA ALA B 241 -0.50 16.97 -25.67
C ALA B 241 0.28 18.28 -25.72
N ALA B 242 0.67 18.70 -26.92
CA ALA B 242 1.44 19.93 -27.04
C ALA B 242 0.63 21.15 -26.61
N SER B 243 -0.66 21.17 -26.93
CA SER B 243 -1.51 22.29 -26.55
C SER B 243 -1.59 22.45 -25.03
N LEU B 244 -1.26 21.40 -24.28
CA LEU B 244 -1.22 21.46 -22.82
C LEU B 244 0.19 21.42 -22.28
N MET B 245 1.18 21.63 -23.15
CA MET B 245 2.59 21.67 -22.75
C MET B 245 3.04 20.38 -22.05
N LYS B 246 2.49 19.24 -22.49
CA LYS B 246 2.88 17.95 -21.92
C LYS B 246 3.91 17.26 -22.78
N ARG B 247 4.92 16.70 -22.13
CA ARG B 247 5.98 15.99 -22.86
C ARG B 247 5.44 14.71 -23.51
N MET B 248 5.98 14.39 -24.67
CA MET B 248 5.53 13.20 -25.39
C MET B 248 6.71 12.52 -26.08
N THR B 249 6.66 11.19 -26.13
CA THR B 249 7.50 10.40 -27.02
C THR B 249 6.60 9.53 -27.89
N MET B 250 7.07 9.25 -29.10
CA MET B 250 6.21 8.61 -30.09
C MET B 250 7.00 7.61 -30.93
N GLU B 251 6.45 6.41 -31.07
CA GLU B 251 6.98 5.38 -31.97
C GLU B 251 5.87 5.13 -33.00
N LEU B 252 6.04 5.68 -34.19
CA LEU B 252 4.97 5.62 -35.18
C LEU B 252 5.35 4.63 -36.29
N GLY B 253 4.64 4.69 -37.40
CA GLY B 253 4.90 3.76 -38.46
C GLY B 253 6.23 4.03 -39.15
N GLY B 254 6.63 3.06 -39.97
CA GLY B 254 7.78 3.21 -40.84
C GLY B 254 7.45 2.73 -42.23
N HIS B 255 8.47 2.76 -43.09
CA HIS B 255 8.32 2.25 -44.45
C HIS B 255 9.70 1.80 -44.93
N ALA B 256 10.19 0.71 -44.35
CA ALA B 256 11.64 0.45 -44.34
C ALA B 256 12.18 0.20 -45.75
N PRO B 257 13.17 0.96 -46.19
CA PRO B 257 13.86 0.63 -47.43
C PRO B 257 14.95 -0.39 -47.17
N VAL B 258 15.24 -1.18 -48.19
CA VAL B 258 16.31 -2.18 -48.18
C VAL B 258 17.15 -1.92 -49.42
N LEU B 259 18.46 -1.68 -49.23
CA LEU B 259 19.39 -1.46 -50.32
C LEU B 259 20.28 -2.69 -50.43
N VAL B 260 20.14 -3.45 -51.53
CA VAL B 260 20.96 -4.64 -51.74
C VAL B 260 21.97 -4.32 -52.83
N CYS B 261 23.22 -4.12 -52.43
CA CYS B 261 24.28 -3.81 -53.37
C CYS B 261 24.72 -5.04 -54.16
N ALA B 262 25.31 -4.77 -55.34
CA ALA B 262 25.79 -5.85 -56.20
C ALA B 262 26.88 -6.67 -55.52
N ASP B 263 27.62 -6.09 -54.59
CA ASP B 263 28.71 -6.84 -53.97
C ASP B 263 28.26 -7.61 -52.72
N ALA B 264 26.96 -7.68 -52.47
CA ALA B 264 26.46 -8.39 -51.30
C ALA B 264 26.55 -9.89 -51.48
N ASP B 265 26.48 -10.63 -50.36
CA ASP B 265 26.09 -12.04 -50.43
C ASP B 265 24.59 -12.07 -50.68
N VAL B 266 24.22 -12.17 -51.97
CA VAL B 266 22.85 -11.91 -52.39
C VAL B 266 21.91 -12.99 -51.89
N GLU B 267 22.31 -14.26 -52.02
CA GLU B 267 21.43 -15.34 -51.58
C GLU B 267 21.24 -15.31 -50.08
N ARG B 268 22.30 -15.03 -49.33
CA ARG B 268 22.14 -14.90 -47.88
C ARG B 268 21.16 -13.78 -47.55
N ALA B 269 21.28 -12.64 -48.23
CA ALA B 269 20.37 -11.52 -48.00
C ALA B 269 18.93 -11.90 -48.30
N ALA B 270 18.71 -12.54 -49.45
CA ALA B 270 17.36 -12.89 -49.84
C ALA B 270 16.73 -13.81 -48.80
N ALA B 271 17.46 -14.87 -48.40
CA ALA B 271 16.91 -15.82 -47.44
C ALA B 271 16.63 -15.17 -46.09
N MET B 272 17.57 -14.36 -45.59
CA MET B 272 17.34 -13.68 -44.31
C MET B 272 16.16 -12.73 -44.39
N LEU B 273 16.10 -11.94 -45.46
CA LEU B 273 15.06 -10.94 -45.58
C LEU B 273 13.69 -11.58 -45.75
N ALA B 274 13.61 -12.76 -46.35
CA ALA B 274 12.31 -13.41 -46.48
C ALA B 274 11.79 -13.85 -45.12
N ALA B 275 12.63 -14.53 -44.33
CA ALA B 275 12.17 -14.98 -43.02
C ALA B 275 11.86 -13.81 -42.10
N TYR B 276 12.70 -12.77 -42.11
CA TYR B 276 12.46 -11.64 -41.22
C TYR B 276 11.18 -10.90 -41.62
N LYS B 277 10.99 -10.71 -42.93
CA LYS B 277 9.84 -9.95 -43.41
C LYS B 277 8.52 -10.51 -42.90
N PHE B 278 8.34 -11.82 -42.97
CA PHE B 278 7.02 -12.39 -42.73
C PHE B 278 6.83 -12.84 -41.29
N ARG B 279 7.75 -12.48 -40.40
CA ARG B 279 7.48 -12.56 -38.98
C ARG B 279 6.30 -11.66 -38.63
N ASN B 280 5.41 -12.16 -37.76
CA ASN B 280 4.20 -11.43 -37.39
C ASN B 280 3.41 -10.99 -38.63
N ALA B 281 3.55 -11.79 -39.71
CA ALA B 281 2.88 -11.53 -40.98
C ALA B 281 3.19 -10.11 -41.49
N GLY B 282 4.40 -9.63 -41.22
CA GLY B 282 4.77 -8.30 -41.64
C GLY B 282 4.16 -7.17 -40.85
N GLN B 283 3.40 -7.49 -39.80
CA GLN B 283 2.73 -6.46 -38.99
C GLN B 283 3.71 -5.89 -37.98
N VAL B 284 4.74 -5.25 -38.52
CA VAL B 284 5.93 -4.87 -37.76
C VAL B 284 6.32 -3.44 -38.16
N CYS B 285 6.55 -2.59 -37.17
CA CYS B 285 6.86 -1.19 -37.44
C CYS B 285 8.14 -1.04 -38.27
N VAL B 286 9.08 -1.97 -38.13
CA VAL B 286 10.36 -1.92 -38.84
C VAL B 286 10.37 -2.85 -40.06
N SER B 287 9.21 -3.36 -40.45
CA SER B 287 9.15 -4.40 -41.48
C SER B 287 9.83 -3.95 -42.77
N PRO B 288 10.74 -4.74 -43.34
CA PRO B 288 11.32 -4.40 -44.65
C PRO B 288 10.23 -4.41 -45.70
N THR B 289 10.11 -3.29 -46.42
CA THR B 289 8.97 -3.14 -47.33
C THR B 289 9.40 -2.80 -48.76
N ARG B 290 10.29 -1.82 -48.91
CA ARG B 290 10.73 -1.35 -50.22
C ARG B 290 12.15 -1.86 -50.45
N PHE B 291 12.29 -2.81 -51.37
CA PHE B 291 13.56 -3.46 -51.67
C PHE B 291 14.16 -2.86 -52.94
N PHE B 292 15.30 -2.19 -52.80
CA PHE B 292 16.03 -1.66 -53.94
C PHE B 292 17.26 -2.54 -54.15
N VAL B 293 17.25 -3.32 -55.22
CA VAL B 293 18.31 -4.28 -55.51
C VAL B 293 19.07 -3.81 -56.74
N GLN B 294 20.40 -3.69 -56.61
CA GLN B 294 21.22 -3.26 -57.75
C GLN B 294 20.97 -4.19 -58.93
N ARG B 295 20.87 -3.59 -60.13
CA ARG B 295 20.33 -4.32 -61.28
C ARG B 295 21.03 -5.65 -61.49
N ALA B 296 22.37 -5.67 -61.37
CA ALA B 296 23.15 -6.88 -61.62
C ALA B 296 22.82 -8.02 -60.65
N ALA B 297 22.24 -7.72 -59.48
CA ALA B 297 21.85 -8.74 -58.52
C ALA B 297 20.36 -9.02 -58.53
N PHE B 298 19.59 -8.34 -59.37
CA PHE B 298 18.14 -8.38 -59.24
C PHE B 298 17.58 -9.78 -59.47
N ASP B 299 17.93 -10.42 -60.59
CA ASP B 299 17.37 -11.73 -60.91
C ASP B 299 17.70 -12.77 -59.84
N ARG B 300 18.97 -12.81 -59.44
CA ARG B 300 19.44 -13.71 -58.40
C ARG B 300 18.70 -13.48 -57.09
N PHE B 301 18.52 -12.21 -56.71
CA PHE B 301 17.84 -11.90 -55.45
C PHE B 301 16.39 -12.35 -55.49
N VAL B 302 15.68 -11.98 -56.55
CA VAL B 302 14.25 -12.29 -56.61
C VAL B 302 14.04 -13.81 -56.61
N CYS B 303 14.79 -14.53 -57.45
CA CYS B 303 14.66 -15.99 -57.46
CA CYS B 303 14.66 -15.99 -57.47
C CYS B 303 14.91 -16.59 -56.09
N ALA B 304 15.97 -16.14 -55.41
CA ALA B 304 16.26 -16.66 -54.07
C ALA B 304 15.21 -16.21 -53.06
N TYR B 305 14.69 -15.00 -53.20
CA TYR B 305 13.66 -14.52 -52.28
C TYR B 305 12.37 -15.34 -52.43
N LEU B 306 11.95 -15.59 -53.67
CA LEU B 306 10.74 -16.38 -53.91
C LEU B 306 10.89 -17.80 -53.36
N ASP B 307 12.06 -18.41 -53.53
CA ASP B 307 12.28 -19.74 -52.95
C ASP B 307 12.06 -19.73 -51.44
N ALA B 308 12.62 -18.75 -50.75
CA ALA B 308 12.50 -18.70 -49.30
C ALA B 308 11.07 -18.41 -48.87
N VAL B 309 10.40 -17.48 -49.56
CA VAL B 309 9.00 -17.20 -49.23
C VAL B 309 8.16 -18.46 -49.37
N GLY B 310 8.49 -19.29 -50.35
CA GLY B 310 7.75 -20.52 -50.60
C GLY B 310 7.84 -21.53 -49.48
N THR B 311 8.79 -21.37 -48.56
CA THR B 311 8.87 -22.30 -47.43
C THR B 311 8.00 -21.90 -46.26
N ILE B 312 7.36 -20.73 -46.31
CA ILE B 312 6.52 -20.27 -45.22
C ILE B 312 5.26 -21.12 -45.14
N ARG B 313 4.87 -21.51 -43.94
CA ARG B 313 3.66 -22.30 -43.73
C ARG B 313 2.62 -21.45 -42.99
N VAL B 314 1.50 -21.19 -43.65
CA VAL B 314 0.43 -20.38 -43.07
C VAL B 314 -0.57 -21.29 -42.37
N GLY B 315 -0.99 -20.91 -41.17
CA GLY B 315 -1.98 -21.69 -40.46
C GLY B 315 -2.25 -21.09 -39.09
N TYR B 316 -2.99 -21.85 -38.29
CA TYR B 316 -3.31 -21.40 -36.95
C TYR B 316 -2.06 -21.41 -36.08
N GLY B 317 -1.87 -20.35 -35.31
CA GLY B 317 -0.62 -20.09 -34.61
C GLY B 317 -0.25 -21.12 -33.58
N LEU B 318 -1.21 -21.90 -33.10
CA LEU B 318 -0.92 -22.98 -32.14
C LEU B 318 -0.65 -24.32 -32.83
N ASP B 319 -0.80 -24.40 -34.14
CA ASP B 319 -0.62 -25.66 -34.83
C ASP B 319 0.85 -25.91 -35.16
N ALA B 320 1.23 -27.19 -35.11
CA ALA B 320 2.62 -27.58 -35.34
C ALA B 320 3.09 -27.18 -36.73
N GLY B 321 4.31 -26.66 -36.81
CA GLY B 321 4.92 -26.31 -38.08
C GLY B 321 4.48 -25.00 -38.69
N VAL B 322 3.48 -24.31 -38.12
CA VAL B 322 3.01 -23.04 -38.69
C VAL B 322 4.05 -21.95 -38.44
N THR B 323 4.42 -21.22 -39.50
CA THR B 323 5.35 -20.11 -39.37
C THR B 323 4.75 -18.75 -39.72
N MET B 324 3.52 -18.69 -40.21
CA MET B 324 2.83 -17.43 -40.31
C MET B 324 1.36 -17.65 -39.98
N GLY B 325 0.82 -16.80 -39.12
CA GLY B 325 -0.57 -16.87 -38.75
C GLY B 325 -1.44 -15.95 -39.57
N PRO B 326 -2.69 -15.78 -39.15
CA PRO B 326 -3.58 -14.85 -39.85
C PRO B 326 -3.22 -13.40 -39.53
N LEU B 327 -3.75 -12.49 -40.36
CA LEU B 327 -3.65 -11.08 -40.03
C LEU B 327 -4.52 -10.79 -38.81
N ALA B 328 -4.30 -9.61 -38.21
CA ALA B 328 -4.89 -9.36 -36.89
C ALA B 328 -6.39 -9.18 -36.94
N HIS B 329 -6.93 -8.72 -38.05
CA HIS B 329 -8.35 -8.37 -38.13
CA HIS B 329 -8.37 -8.50 -38.13
C HIS B 329 -8.77 -8.37 -39.59
N ALA B 330 -10.08 -8.46 -39.82
CA ALA B 330 -10.60 -8.45 -41.18
C ALA B 330 -10.18 -7.18 -41.93
N ARG B 331 -10.16 -6.03 -41.26
CA ARG B 331 -9.81 -4.79 -41.95
C ARG B 331 -8.39 -4.85 -42.52
N ARG B 332 -7.49 -5.64 -41.92
CA ARG B 332 -6.15 -5.78 -42.49
C ARG B 332 -6.18 -6.52 -43.82
N VAL B 333 -7.04 -7.54 -43.94
CA VAL B 333 -7.19 -8.26 -45.20
C VAL B 333 -7.66 -7.31 -46.31
N ASP B 334 -8.68 -6.50 -46.02
CA ASP B 334 -9.14 -5.52 -47.00
C ASP B 334 -8.01 -4.58 -47.41
N GLU B 335 -7.23 -4.13 -46.43
CA GLU B 335 -6.14 -3.19 -46.72
C GLU B 335 -5.12 -3.81 -47.67
N ILE B 336 -4.70 -5.05 -47.41
CA ILE B 336 -3.67 -5.64 -48.26
C ILE B 336 -4.21 -5.87 -49.65
N ASP B 337 -5.48 -6.31 -49.76
CA ASP B 337 -6.16 -6.40 -51.06
C ASP B 337 -6.06 -5.10 -51.84
N ALA B 338 -6.28 -3.98 -51.16
CA ALA B 338 -6.25 -2.69 -51.84
C ALA B 338 -4.85 -2.36 -52.33
N PHE B 339 -3.82 -2.68 -51.54
CA PHE B 339 -2.45 -2.50 -51.98
C PHE B 339 -2.17 -3.33 -53.23
N VAL B 340 -2.62 -4.59 -53.22
CA VAL B 340 -2.39 -5.48 -54.35
C VAL B 340 -3.11 -4.96 -55.59
N ALA B 341 -4.38 -4.57 -55.43
CA ALA B 341 -5.15 -4.08 -56.57
C ALA B 341 -4.52 -2.83 -57.17
N ASP B 342 -4.09 -1.89 -56.32
CA ASP B 342 -3.46 -0.68 -56.82
C ASP B 342 -2.19 -1.02 -57.59
N ALA B 343 -1.41 -1.97 -57.08
CA ALA B 343 -0.14 -2.34 -57.73
C ALA B 343 -0.37 -2.96 -59.11
N THR B 344 -1.30 -3.92 -59.22
CA THR B 344 -1.58 -4.52 -60.52
C THR B 344 -2.16 -3.50 -61.49
N ALA B 345 -3.11 -2.68 -61.04
CA ALA B 345 -3.70 -1.66 -61.90
C ALA B 345 -2.63 -0.72 -62.46
N LYS B 346 -1.51 -0.56 -61.75
CA LYS B 346 -0.45 0.32 -62.21
C LYS B 346 0.69 -0.44 -62.87
N GLY B 347 0.50 -1.73 -63.16
CA GLY B 347 1.40 -2.47 -64.02
C GLY B 347 2.41 -3.36 -63.34
N ALA B 348 2.35 -3.49 -62.01
CA ALA B 348 3.32 -4.33 -61.32
C ALA B 348 2.98 -5.81 -61.50
N GLN B 349 3.96 -6.67 -61.21
CA GLN B 349 3.74 -8.10 -61.29
C GLN B 349 3.60 -8.68 -59.89
N ILE B 350 2.55 -9.47 -59.69
CA ILE B 350 2.39 -10.20 -58.45
C ILE B 350 3.11 -11.52 -58.65
N ALA B 351 4.34 -11.61 -58.14
CA ALA B 351 5.13 -12.80 -58.37
C ALA B 351 4.62 -13.97 -57.54
N THR B 352 4.07 -13.71 -56.35
CA THR B 352 3.47 -14.79 -55.58
C THR B 352 2.50 -14.19 -54.57
N GLY B 353 1.56 -15.03 -54.13
CA GLY B 353 0.58 -14.58 -53.16
C GLY B 353 -0.40 -13.61 -53.78
N GLY B 354 -0.83 -12.62 -52.99
CA GLY B 354 -1.73 -11.61 -53.51
C GLY B 354 -3.20 -11.86 -53.25
N MET B 355 -3.56 -12.95 -52.60
CA MET B 355 -4.96 -13.26 -52.35
C MET B 355 -5.12 -13.66 -50.89
N ARG B 356 -6.35 -13.53 -50.40
CA ARG B 356 -6.63 -14.08 -49.08
C ARG B 356 -6.71 -15.60 -49.18
N LEU B 357 -6.48 -16.25 -48.07
CA LEU B 357 -6.45 -17.70 -47.99
C LEU B 357 -7.78 -18.22 -47.44
N PRO B 358 -8.10 -19.48 -47.67
CA PRO B 358 -9.42 -19.98 -47.28
C PRO B 358 -9.61 -19.98 -45.77
N GLY B 359 -10.87 -20.18 -45.39
CA GLY B 359 -11.19 -20.45 -44.02
C GLY B 359 -11.77 -19.21 -43.39
N PRO B 360 -12.54 -19.40 -42.32
N PRO B 360 -12.40 -19.33 -42.22
CA PRO B 360 -12.79 -18.29 -41.40
CA PRO B 360 -13.02 -18.15 -41.60
C PRO B 360 -11.50 -17.93 -40.72
C PRO B 360 -12.03 -17.05 -41.21
N GLY B 361 -11.33 -16.65 -40.45
N GLY B 361 -10.84 -17.42 -40.74
CA GLY B 361 -10.01 -16.29 -40.03
CA GLY B 361 -9.90 -16.45 -40.20
C GLY B 361 -9.35 -15.52 -41.15
C GLY B 361 -9.31 -15.52 -41.25
N HIS B 362 -8.58 -14.51 -40.77
CA HIS B 362 -8.04 -13.49 -41.66
C HIS B 362 -6.71 -13.91 -42.27
N TYR B 363 -6.70 -15.07 -42.91
CA TYR B 363 -5.47 -15.58 -43.51
C TYR B 363 -5.22 -14.94 -44.87
N PHE B 364 -3.96 -14.59 -45.11
CA PHE B 364 -3.53 -13.95 -46.35
C PHE B 364 -2.18 -14.52 -46.76
N ALA B 365 -2.00 -14.72 -48.07
CA ALA B 365 -0.80 -15.35 -48.62
C ALA B 365 0.37 -14.36 -48.61
N PRO B 366 1.58 -14.82 -48.29
CA PRO B 366 2.75 -13.94 -48.44
C PRO B 366 2.87 -13.46 -49.87
N THR B 367 2.99 -12.14 -50.04
CA THR B 367 2.87 -11.49 -51.34
C THR B 367 4.16 -10.75 -51.70
N VAL B 368 4.66 -11.02 -52.89
CA VAL B 368 5.85 -10.37 -53.44
C VAL B 368 5.44 -9.66 -54.72
N VAL B 369 5.69 -8.36 -54.75
CA VAL B 369 5.31 -7.50 -55.88
C VAL B 369 6.58 -7.06 -56.58
N LEU B 370 6.64 -7.27 -57.90
CA LEU B 370 7.82 -6.92 -58.70
C LEU B 370 7.58 -5.64 -59.48
N GLY B 371 8.56 -4.73 -59.42
CA GLY B 371 8.55 -3.49 -60.15
C GLY B 371 7.46 -2.47 -59.90
N PRO B 372 6.91 -2.38 -58.68
CA PRO B 372 5.90 -1.34 -58.44
C PRO B 372 6.50 0.05 -58.62
N THR B 373 5.76 0.91 -59.30
CA THR B 373 6.23 2.24 -59.62
C THR B 373 6.12 3.16 -58.40
N ARG B 374 6.73 4.35 -58.53
CA ARG B 374 6.77 5.30 -57.43
C ARG B 374 5.40 5.85 -57.05
N ASP B 375 4.37 5.63 -57.87
CA ASP B 375 3.05 6.15 -57.55
C ASP B 375 2.14 5.06 -57.01
N THR B 376 2.64 3.85 -56.80
CA THR B 376 1.83 2.82 -56.16
C THR B 376 1.74 3.08 -54.66
N ARG B 377 0.61 2.67 -54.09
CA ARG B 377 0.48 2.74 -52.63
C ARG B 377 1.59 1.96 -51.94
N LEU B 378 1.98 0.82 -52.51
CA LEU B 378 2.99 -0.02 -51.88
C LEU B 378 4.30 0.73 -51.65
N MET B 379 4.66 1.65 -52.55
CA MET B 379 5.90 2.41 -52.43
C MET B 379 5.72 3.73 -51.71
N ASN B 380 4.55 4.00 -51.15
CA ASN B 380 4.30 5.28 -50.48
C ASN B 380 3.65 5.14 -49.10
N ASP B 381 2.74 4.19 -48.92
CA ASP B 381 2.02 4.02 -47.67
C ASP B 381 2.51 2.77 -46.95
N GLU B 382 2.53 2.83 -45.63
CA GLU B 382 2.96 1.67 -44.87
C GLU B 382 1.93 0.55 -44.97
N PRO B 383 2.24 -0.59 -45.59
CA PRO B 383 1.24 -1.66 -45.73
C PRO B 383 1.01 -2.44 -44.44
N PHE B 384 2.03 -2.59 -43.59
CA PHE B 384 1.92 -3.28 -42.30
C PHE B 384 1.29 -4.66 -42.46
N GLY B 385 1.87 -5.45 -43.35
CA GLY B 385 1.29 -6.73 -43.70
C GLY B 385 2.23 -7.56 -44.54
N PRO B 386 1.76 -8.72 -44.98
CA PRO B 386 2.66 -9.69 -45.65
C PRO B 386 2.86 -9.36 -47.13
N ILE B 387 3.54 -8.23 -47.39
CA ILE B 387 3.73 -7.77 -48.76
C ILE B 387 5.00 -6.94 -48.86
N VAL B 388 5.75 -7.13 -49.95
CA VAL B 388 6.96 -6.36 -50.24
C VAL B 388 6.94 -5.93 -51.70
N GLY B 389 7.65 -4.85 -51.99
CA GLY B 389 7.92 -4.44 -53.36
C GLY B 389 9.41 -4.50 -53.64
N ILE B 390 9.77 -5.00 -54.83
CA ILE B 390 11.18 -5.14 -55.21
C ILE B 390 11.39 -4.44 -56.55
N VAL B 391 12.31 -3.49 -56.59
CA VAL B 391 12.65 -2.80 -57.84
C VAL B 391 14.16 -2.80 -58.04
N PRO B 392 14.63 -2.80 -59.27
CA PRO B 392 16.06 -2.64 -59.52
C PRO B 392 16.48 -1.20 -59.32
N PHE B 393 17.76 -1.03 -59.03
CA PHE B 393 18.36 0.30 -59.12
C PHE B 393 19.69 0.19 -59.83
N ASP B 394 20.09 1.29 -60.48
CA ASP B 394 21.36 1.40 -61.16
C ASP B 394 22.37 2.21 -60.36
N ASP B 395 22.00 3.41 -59.96
CA ASP B 395 22.88 4.33 -59.26
C ASP B 395 22.53 4.33 -57.78
N LEU B 396 23.54 4.06 -56.92
CA LEU B 396 23.30 3.96 -55.49
C LEU B 396 22.71 5.26 -54.92
N ASP B 397 23.16 6.41 -55.43
CA ASP B 397 22.64 7.69 -54.92
C ASP B 397 21.17 7.88 -55.24
N ASP B 398 20.71 7.38 -56.39
CA ASP B 398 19.29 7.42 -56.72
C ASP B 398 18.47 6.51 -55.80
N ALA B 399 18.99 5.32 -55.47
CA ALA B 399 18.29 4.46 -54.53
C ALA B 399 18.19 5.12 -53.15
N LEU B 400 19.27 5.76 -52.70
CA LEU B 400 19.22 6.45 -51.42
C LEU B 400 18.21 7.59 -51.44
N ALA B 401 18.15 8.33 -52.56
CA ALA B 401 17.18 9.42 -52.63
C ALA B 401 15.76 8.89 -52.54
N GLU B 402 15.49 7.75 -53.19
CA GLU B 402 14.17 7.13 -53.11
C GLU B 402 13.90 6.57 -51.72
N ALA B 403 14.93 5.97 -51.09
CA ALA B 403 14.81 5.49 -49.72
C ALA B 403 14.44 6.62 -48.77
N ASN B 404 14.82 7.84 -49.12
CA ASN B 404 14.59 9.00 -48.27
C ASN B 404 13.40 9.84 -48.70
N ARG B 405 12.74 9.50 -49.81
CA ARG B 405 11.70 10.37 -50.34
C ARG B 405 10.49 10.47 -49.40
N LEU B 406 10.17 9.38 -48.70
CA LEU B 406 8.93 9.34 -47.92
C LEU B 406 9.13 10.03 -46.58
N PRO B 407 8.05 10.56 -45.99
CA PRO B 407 8.18 11.16 -44.65
C PRO B 407 8.45 10.14 -43.55
N PHE B 408 8.38 8.85 -43.86
CA PHE B 408 8.71 7.82 -42.89
C PHE B 408 10.21 7.72 -42.71
N GLY B 409 10.61 7.34 -41.49
CA GLY B 409 12.03 7.24 -41.19
C GLY B 409 12.34 6.45 -39.94
N LEU B 410 11.84 5.23 -39.86
CA LEU B 410 12.07 4.39 -38.69
C LEU B 410 13.28 3.47 -38.91
N ALA B 411 13.08 2.29 -39.51
CA ALA B 411 14.17 1.36 -39.79
C ALA B 411 14.55 1.39 -41.26
N SER B 412 15.75 0.88 -41.54
CA SER B 412 16.30 0.77 -42.88
C SER B 412 17.34 -0.34 -42.89
N TYR B 413 17.59 -0.88 -44.07
CA TYR B 413 18.44 -2.06 -44.18
C TYR B 413 19.33 -1.96 -45.42
N ALA B 414 20.53 -2.53 -45.32
CA ALA B 414 21.44 -2.55 -46.45
C ALA B 414 22.31 -3.78 -46.38
N PHE B 415 22.71 -4.28 -47.55
CA PHE B 415 23.59 -5.44 -47.64
C PHE B 415 24.70 -5.11 -48.62
N THR B 416 25.93 -5.21 -48.16
CA THR B 416 27.11 -4.87 -48.95
C THR B 416 28.33 -5.46 -48.28
N THR B 417 29.38 -5.73 -49.07
CA THR B 417 30.66 -6.11 -48.52
C THR B 417 31.64 -4.96 -48.54
N SER B 418 31.24 -3.82 -49.12
CA SER B 418 32.13 -2.68 -49.30
C SER B 418 32.08 -1.77 -48.06
N ALA B 419 33.26 -1.44 -47.54
CA ALA B 419 33.32 -0.45 -46.46
C ALA B 419 32.79 0.91 -46.93
N ARG B 420 33.13 1.31 -48.17
CA ARG B 420 32.64 2.59 -48.67
C ARG B 420 31.10 2.60 -48.80
N ASN B 421 30.53 1.52 -49.36
CA ASN B 421 29.07 1.44 -49.45
C ASN B 421 28.41 1.52 -48.09
N ALA B 422 28.91 0.72 -47.13
CA ALA B 422 28.32 0.71 -45.80
C ALA B 422 28.33 2.10 -45.20
N HIS B 423 29.45 2.81 -45.36
CA HIS B 423 29.59 4.14 -44.80
C HIS B 423 28.64 5.12 -45.49
N ARG B 424 28.70 5.17 -46.83
CA ARG B 424 27.87 6.11 -47.59
CA ARG B 424 27.87 6.13 -47.55
C ARG B 424 26.39 5.89 -47.28
N ILE B 425 25.96 4.64 -47.29
CA ILE B 425 24.54 4.34 -47.06
C ILE B 425 24.13 4.73 -45.65
N SER B 426 24.91 4.31 -44.65
CA SER B 426 24.51 4.53 -43.27
C SER B 426 24.47 6.01 -42.93
N ARG B 427 25.36 6.80 -43.53
CA ARG B 427 25.33 8.24 -43.27
C ARG B 427 24.20 8.94 -44.03
N ALA B 428 23.89 8.49 -45.26
CA ALA B 428 22.92 9.18 -46.11
C ALA B 428 21.47 8.82 -45.78
N LEU B 429 21.23 7.63 -45.23
CA LEU B 429 19.86 7.22 -44.93
C LEU B 429 19.25 8.13 -43.87
N GLU B 430 18.02 8.55 -44.09
CA GLU B 430 17.25 9.30 -43.09
C GLU B 430 16.35 8.31 -42.37
N ALA B 431 16.85 7.77 -41.26
CA ALA B 431 16.19 6.72 -40.51
C ALA B 431 16.77 6.70 -39.11
N GLY B 432 15.94 6.33 -38.13
CA GLY B 432 16.42 6.14 -36.78
C GLY B 432 17.31 4.92 -36.60
N MET B 433 17.21 3.94 -37.50
CA MET B 433 17.97 2.69 -37.38
C MET B 433 18.41 2.21 -38.75
N VAL B 434 19.70 1.89 -38.88
CA VAL B 434 20.29 1.36 -40.10
C VAL B 434 20.90 0.01 -39.77
N ASN B 435 20.38 -1.04 -40.41
CA ASN B 435 20.81 -2.42 -40.23
C ASN B 435 21.60 -2.84 -41.46
N ILE B 436 22.85 -3.25 -41.26
CA ILE B 436 23.73 -3.61 -42.37
C ILE B 436 24.12 -5.07 -42.21
N ASN B 437 23.72 -5.91 -43.17
CA ASN B 437 24.03 -7.33 -43.32
C ASN B 437 23.36 -8.25 -42.29
N HIS B 438 22.57 -7.70 -41.37
CA HIS B 438 21.83 -8.49 -40.41
C HIS B 438 20.74 -7.60 -39.82
N PHE B 439 19.94 -8.17 -38.94
CA PHE B 439 18.86 -7.47 -38.26
C PHE B 439 19.23 -7.33 -36.79
N GLY B 440 19.61 -6.12 -36.38
CA GLY B 440 20.20 -5.96 -35.07
C GLY B 440 19.49 -5.00 -34.15
N MET B 441 18.16 -4.90 -34.26
CA MET B 441 17.37 -3.98 -33.44
C MET B 441 16.78 -4.65 -32.20
N GLY B 442 16.97 -5.97 -32.00
CA GLY B 442 16.50 -6.65 -30.83
C GLY B 442 17.09 -6.26 -29.49
N PRO B 443 18.40 -5.97 -29.40
CA PRO B 443 19.01 -5.83 -28.07
C PRO B 443 18.41 -4.72 -27.23
N ALA B 444 18.09 -5.06 -25.98
CA ALA B 444 17.54 -4.09 -25.04
C ALA B 444 18.48 -2.92 -24.84
N GLU B 445 19.79 -3.14 -25.05
CA GLU B 445 20.82 -2.13 -24.79
C GLU B 445 21.00 -1.12 -25.93
N ILE B 446 20.23 -1.19 -27.02
CA ILE B 446 20.38 -0.18 -28.07
C ILE B 446 19.13 0.69 -28.16
N PRO B 447 19.23 1.94 -28.65
CA PRO B 447 18.04 2.79 -28.72
C PRO B 447 17.23 2.56 -29.99
N PHE B 448 15.92 2.40 -29.81
CA PHE B 448 14.99 2.10 -30.89
C PHE B 448 14.06 3.31 -31.05
N GLY B 449 14.07 3.90 -32.23
CA GLY B 449 13.23 5.07 -32.50
C GLY B 449 13.45 5.55 -33.92
N GLY B 450 12.65 6.55 -34.31
CA GLY B 450 12.63 7.01 -35.69
C GLY B 450 12.84 8.52 -35.81
N VAL B 451 12.85 8.98 -37.06
CA VAL B 451 12.92 10.41 -37.37
C VAL B 451 11.76 10.76 -38.27
N LYS B 452 11.62 12.06 -38.57
CA LYS B 452 10.55 12.63 -39.41
C LYS B 452 9.20 12.13 -38.90
N ASP B 453 8.34 11.57 -39.76
CA ASP B 453 7.00 11.19 -39.29
C ASP B 453 7.00 9.97 -38.38
N SER B 454 8.14 9.27 -38.26
CA SER B 454 8.18 8.02 -37.52
C SER B 454 8.26 8.23 -36.01
N GLY B 455 8.27 9.46 -35.51
CA GLY B 455 8.16 9.72 -34.09
C GLY B 455 9.34 10.52 -33.58
N PHE B 456 9.46 10.57 -32.25
CA PHE B 456 10.67 11.10 -31.62
C PHE B 456 10.86 10.47 -30.25
N GLY B 457 12.10 10.49 -29.80
CA GLY B 457 12.51 9.78 -28.61
C GLY B 457 12.89 8.33 -28.89
N SER B 458 13.45 7.69 -27.89
CA SER B 458 13.92 6.33 -28.06
C SER B 458 13.42 5.47 -26.91
N GLU B 459 13.29 4.18 -27.22
CA GLU B 459 13.05 3.17 -26.21
C GLU B 459 14.25 2.22 -26.21
N GLY B 460 14.57 1.73 -25.02
CA GLY B 460 15.75 0.92 -24.85
C GLY B 460 16.99 1.79 -24.74
N GLY B 461 18.12 1.11 -24.51
CA GLY B 461 19.41 1.74 -24.47
C GLY B 461 19.57 2.75 -23.33
N MET B 462 20.61 3.56 -23.46
CA MET B 462 20.87 4.61 -22.48
C MET B 462 19.82 5.71 -22.57
N GLU B 463 19.26 5.91 -23.76
CA GLU B 463 18.28 6.94 -24.06
C GLU B 463 16.91 6.64 -23.49
N ALA B 464 16.72 5.47 -22.87
CA ALA B 464 15.39 4.98 -22.58
C ALA B 464 14.61 5.93 -21.68
N PHE B 465 15.31 6.67 -20.82
CA PHE B 465 14.69 7.51 -19.82
C PHE B 465 14.58 8.98 -20.25
N ASP B 466 15.00 9.35 -21.46
CA ASP B 466 15.10 10.78 -21.79
C ASP B 466 13.74 11.46 -21.72
N GLY B 467 12.69 10.81 -22.22
CA GLY B 467 11.41 11.46 -22.12
C GLY B 467 10.81 11.50 -20.72
N TYR B 468 11.35 10.73 -19.79
CA TYR B 468 10.74 10.53 -18.48
C TYR B 468 11.44 11.32 -17.38
N LEU B 469 12.57 11.96 -17.69
CA LEU B 469 13.33 12.72 -16.73
C LEU B 469 13.29 14.20 -17.09
N VAL B 470 13.16 15.05 -16.08
CA VAL B 470 13.31 16.49 -16.29
C VAL B 470 14.71 16.84 -15.85
N THR B 471 15.29 17.83 -16.51
CA THR B 471 16.58 18.38 -16.09
C THR B 471 16.37 19.42 -15.00
N LYS B 472 17.17 19.34 -13.94
CA LYS B 472 17.14 20.35 -12.88
C LYS B 472 18.56 20.85 -12.65
N PHE B 473 18.80 22.12 -12.95
CA PHE B 473 20.08 22.76 -12.68
C PHE B 473 20.05 23.37 -11.28
N VAL B 474 20.98 22.94 -10.41
CA VAL B 474 21.09 23.46 -9.07
C VAL B 474 22.45 24.14 -8.93
N THR B 475 22.44 25.41 -8.56
CA THR B 475 23.68 26.15 -8.35
C THR B 475 23.64 26.78 -6.97
N GLN B 476 24.65 26.50 -6.17
CA GLN B 476 24.64 26.87 -4.77
C GLN B 476 25.93 27.57 -4.44
N MET B 477 25.82 28.75 -3.83
CA MET B 477 26.96 29.48 -3.32
C MET B 477 27.11 29.24 -1.83
N ASN B 478 28.29 28.80 -1.41
CA ASN B 478 28.55 28.55 -0.01
C ASN B 478 29.65 29.48 0.48
N ASP C 3 33.80 -29.00 10.70
CA ASP C 3 33.12 -27.71 10.85
C ASP C 3 33.82 -26.64 10.03
N TYR C 4 34.93 -27.01 9.40
CA TYR C 4 35.69 -26.11 8.54
C TYR C 4 35.94 -26.82 7.20
N ALA C 5 35.80 -26.10 6.12
CA ALA C 5 35.81 -26.69 4.78
C ALA C 5 37.22 -27.03 4.31
N PRO C 6 37.33 -27.96 3.36
CA PRO C 6 38.64 -28.30 2.82
C PRO C 6 39.24 -27.13 2.05
N LEU C 7 40.55 -26.97 2.17
CA LEU C 7 41.26 -25.91 1.47
C LEU C 7 41.89 -26.49 0.21
N ARG C 8 41.75 -25.79 -0.91
CA ARG C 8 42.16 -26.30 -2.21
C ARG C 8 42.79 -25.18 -3.04
N LEU C 9 43.54 -25.59 -4.06
CA LEU C 9 43.85 -24.71 -5.18
C LEU C 9 42.78 -24.84 -6.25
N TYR C 10 42.70 -23.86 -7.14
CA TYR C 10 41.78 -23.97 -8.27
C TYR C 10 42.49 -23.45 -9.51
N ILE C 11 42.78 -24.34 -10.46
CA ILE C 11 43.59 -24.02 -11.63
C ILE C 11 42.95 -24.67 -12.84
N ASP C 12 42.69 -23.89 -13.88
CA ASP C 12 42.19 -24.39 -15.16
C ASP C 12 40.95 -25.26 -14.97
N GLY C 13 40.00 -24.77 -14.16
CA GLY C 13 38.74 -25.42 -13.95
C GLY C 13 38.75 -26.63 -13.04
N ARG C 14 39.85 -26.89 -12.33
CA ARG C 14 39.96 -28.07 -11.50
C ARG C 14 40.48 -27.71 -10.12
N PHE C 15 39.94 -28.34 -9.08
CA PHE C 15 40.47 -28.19 -7.73
C PHE C 15 41.67 -29.11 -7.51
N HIS C 16 42.63 -28.63 -6.70
CA HIS C 16 43.79 -29.46 -6.35
C HIS C 16 44.03 -29.44 -4.87
N ASP C 17 44.45 -30.58 -4.33
CA ASP C 17 44.66 -30.72 -2.90
C ASP C 17 46.16 -30.73 -2.58
N ALA C 18 46.52 -31.23 -1.40
CA ALA C 18 47.88 -31.19 -0.87
C ALA C 18 48.79 -32.24 -1.51
N ASP C 19 48.25 -33.34 -2.01
CA ASP C 19 49.08 -34.43 -2.51
C ASP C 19 50.26 -33.90 -3.33
N GLY C 20 51.48 -34.12 -2.84
CA GLY C 20 52.65 -33.64 -3.55
C GLY C 20 53.00 -32.18 -3.32
N ARG C 21 52.29 -31.48 -2.45
CA ARG C 21 52.53 -30.06 -2.24
C ARG C 21 52.91 -29.75 -0.80
N ARG C 22 53.49 -28.58 -0.62
CA ARG C 22 53.68 -28.05 0.71
C ARG C 22 52.37 -27.50 1.24
N THR C 23 52.19 -27.61 2.55
CA THR C 23 51.04 -26.98 3.18
C THR C 23 51.51 -26.05 4.28
N GLN C 24 50.55 -25.24 4.74
CA GLN C 24 50.73 -24.28 5.79
C GLN C 24 49.52 -24.39 6.70
N PRO C 25 49.71 -24.40 8.02
CA PRO C 25 48.55 -24.48 8.92
C PRO C 25 47.74 -23.20 8.87
N VAL C 26 46.43 -23.37 9.06
CA VAL C 26 45.48 -22.28 9.17
C VAL C 26 44.89 -22.32 10.58
N VAL C 27 44.96 -21.18 11.28
CA VAL C 27 44.62 -21.12 12.70
C VAL C 27 43.44 -20.18 12.92
N ASP C 28 42.58 -20.57 13.86
CA ASP C 28 41.47 -19.73 14.33
C ASP C 28 41.99 -18.67 15.30
N PRO C 29 41.85 -17.37 14.99
CA PRO C 29 42.39 -16.34 15.91
C PRO C 29 41.65 -16.24 17.23
N GLY C 30 40.47 -16.83 17.32
CA GLY C 30 39.72 -16.77 18.55
C GLY C 30 40.03 -17.90 19.50
N THR C 31 40.58 -19.00 18.98
CA THR C 31 40.94 -20.15 19.80
C THR C 31 42.42 -20.49 19.77
N THR C 32 43.15 -20.04 18.74
CA THR C 32 44.54 -20.38 18.41
C THR C 32 44.70 -21.79 17.87
N ARG C 33 43.62 -22.55 17.75
CA ARG C 33 43.67 -23.92 17.27
C ARG C 33 43.76 -23.98 15.74
N VAL C 34 44.33 -25.09 15.25
CA VAL C 34 44.42 -25.35 13.82
C VAL C 34 43.06 -25.72 13.25
N LEU C 35 42.69 -25.08 12.15
CA LEU C 35 41.44 -25.33 11.44
C LEU C 35 41.59 -26.29 10.26
N GLY C 36 42.74 -26.24 9.61
CA GLY C 36 43.02 -27.04 8.44
C GLY C 36 44.38 -26.63 7.90
N GLU C 37 44.78 -27.30 6.82
CA GLU C 37 46.06 -27.07 6.19
C GLU C 37 45.83 -26.59 4.76
N LEU C 38 46.54 -25.54 4.39
CA LEU C 38 46.36 -24.90 3.10
C LEU C 38 47.43 -25.36 2.13
N PRO C 39 47.06 -25.92 0.97
CA PRO C 39 48.06 -26.33 -0.02
C PRO C 39 48.66 -25.14 -0.75
N HIS C 40 49.99 -25.16 -0.89
CA HIS C 40 50.72 -24.15 -1.64
C HIS C 40 50.86 -24.54 -3.10
N ALA C 41 50.74 -23.54 -3.97
CA ALA C 41 51.03 -23.74 -5.37
C ALA C 41 52.54 -23.95 -5.56
N THR C 42 52.90 -24.88 -6.44
CA THR C 42 54.27 -24.92 -6.91
C THR C 42 54.48 -23.86 -7.98
N ALA C 43 55.75 -23.63 -8.33
CA ALA C 43 56.07 -22.77 -9.45
C ALA C 43 55.39 -23.28 -10.72
N HIS C 44 55.37 -24.59 -10.92
CA HIS C 44 54.68 -25.15 -12.08
C HIS C 44 53.17 -24.92 -12.01
N ASP C 45 52.57 -25.05 -10.81
CA ASP C 45 51.16 -24.72 -10.66
C ASP C 45 50.87 -23.30 -11.14
N ILE C 46 51.73 -22.35 -10.76
CA ILE C 46 51.47 -20.95 -11.10
C ILE C 46 51.64 -20.71 -12.60
N ASP C 47 52.67 -21.30 -13.20
CA ASP C 47 52.79 -21.26 -14.66
C ASP C 47 51.54 -21.80 -15.32
N ALA C 48 51.04 -22.94 -14.83
CA ALA C 48 49.87 -23.56 -15.46
C ALA C 48 48.68 -22.63 -15.38
N ALA C 49 48.54 -21.95 -14.24
CA ALA C 49 47.41 -21.03 -14.03
C ALA C 49 47.48 -19.82 -14.96
N VAL C 50 48.68 -19.26 -15.16
CA VAL C 50 48.84 -18.13 -16.09
C VAL C 50 48.50 -18.58 -17.51
N GLN C 51 49.06 -19.72 -17.92
CA GLN C 51 48.81 -20.22 -19.26
C GLN C 51 47.34 -20.54 -19.46
N ALA C 52 46.68 -21.11 -18.45
CA ALA C 52 45.25 -21.38 -18.57
C ALA C 52 44.47 -20.07 -18.65
N ALA C 53 44.82 -19.08 -17.84
CA ALA C 53 44.14 -17.79 -17.91
C ALA C 53 44.35 -17.14 -19.27
N HIS C 54 45.53 -17.30 -19.86
CA HIS C 54 45.76 -16.72 -21.17
C HIS C 54 44.92 -17.40 -22.23
N ARG C 55 44.85 -18.73 -22.16
CA ARG C 55 44.07 -19.50 -23.11
CA ARG C 55 44.08 -19.48 -23.13
C ARG C 55 42.58 -19.19 -22.98
N ALA C 56 42.10 -19.06 -21.74
CA ALA C 56 40.71 -18.70 -21.48
C ALA C 56 40.38 -17.32 -22.01
N PHE C 57 41.31 -16.37 -21.86
CA PHE C 57 41.06 -14.99 -22.29
C PHE C 57 40.74 -14.92 -23.78
N VAL C 58 41.36 -15.79 -24.59
CA VAL C 58 41.20 -15.71 -26.04
C VAL C 58 39.72 -15.76 -26.44
N THR C 59 38.92 -16.57 -25.75
CA THR C 59 37.50 -16.67 -26.11
C THR C 59 36.61 -15.88 -25.17
N TRP C 60 36.95 -15.81 -23.89
CA TRP C 60 36.12 -15.12 -22.91
C TRP C 60 35.96 -13.65 -23.26
N ARG C 61 37.04 -13.01 -23.74
CA ARG C 61 36.94 -11.61 -24.14
C ARG C 61 35.87 -11.40 -25.21
N HIS C 62 35.55 -12.41 -26.00
CA HIS C 62 34.60 -12.27 -27.08
C HIS C 62 33.22 -12.78 -26.73
N GLU C 63 33.06 -13.34 -25.54
CA GLU C 63 31.76 -13.77 -25.11
C GLU C 63 30.82 -12.58 -25.04
N SER C 64 29.55 -12.83 -25.34
CA SER C 64 28.55 -11.77 -25.24
C SER C 64 28.57 -11.19 -23.84
N PRO C 65 28.55 -9.86 -23.70
CA PRO C 65 28.50 -9.27 -22.35
C PRO C 65 27.25 -9.66 -21.58
N LEU C 66 26.16 -9.99 -22.26
CA LEU C 66 24.96 -10.47 -21.55
C LEU C 66 25.14 -11.90 -21.06
N VAL C 67 25.75 -12.75 -21.90
CA VAL C 67 26.06 -14.10 -21.46
C VAL C 67 27.00 -14.06 -20.25
N ARG C 68 28.00 -13.17 -20.29
CA ARG C 68 28.90 -13.03 -19.15
C ARG C 68 28.15 -12.52 -17.93
N SER C 69 27.24 -11.56 -18.14
CA SER C 69 26.43 -11.04 -17.05
C SER C 69 25.60 -12.15 -16.41
N ASP C 70 24.87 -12.91 -17.24
CA ASP C 70 24.09 -14.02 -16.73
C ASP C 70 24.91 -14.91 -15.83
N LEU C 71 26.13 -15.25 -16.26
CA LEU C 71 26.97 -16.15 -15.49
C LEU C 71 27.40 -15.48 -14.17
N LEU C 72 27.80 -14.22 -14.22
CA LEU C 72 28.23 -13.56 -12.99
C LEU C 72 27.06 -13.45 -12.00
N ARG C 73 25.85 -13.19 -12.51
CA ARG C 73 24.69 -13.07 -11.63
C ARG C 73 24.37 -14.40 -10.99
N ARG C 74 24.53 -15.49 -11.75
CA ARG C 74 24.33 -16.82 -11.19
CA ARG C 74 24.36 -16.83 -11.21
C ARG C 74 25.31 -17.09 -10.05
N ALA C 75 26.57 -16.66 -10.19
CA ALA C 75 27.53 -16.78 -9.09
C ALA C 75 27.09 -15.96 -7.89
N ALA C 76 26.62 -14.73 -8.12
CA ALA C 76 26.18 -13.90 -7.01
C ALA C 76 25.00 -14.54 -6.29
N ALA C 77 24.08 -15.13 -7.04
CA ALA C 77 22.95 -15.81 -6.41
C ALA C 77 23.43 -16.95 -5.52
N LEU C 78 24.43 -17.72 -5.97
CA LEU C 78 24.96 -18.81 -5.15
C LEU C 78 25.63 -18.29 -3.90
N ALA C 79 26.39 -17.19 -4.02
CA ALA C 79 26.97 -16.56 -2.84
C ALA C 79 25.89 -16.20 -1.83
N ARG C 80 24.77 -15.62 -2.29
CA ARG C 80 23.69 -15.29 -1.36
C ARG C 80 23.11 -16.54 -0.71
N GLU C 81 22.93 -17.62 -1.49
CA GLU C 81 22.41 -18.86 -0.92
C GLU C 81 23.35 -19.44 0.14
N ARG C 82 24.66 -19.27 -0.05
CA ARG C 82 25.66 -19.91 0.80
C ARG C 82 26.25 -18.96 1.84
N ALA C 83 25.64 -17.79 2.03
CA ALA C 83 26.24 -16.75 2.87
C ALA C 83 26.51 -17.24 4.29
N GLU C 84 25.56 -17.99 4.88
CA GLU C 84 25.74 -18.42 6.28
C GLU C 84 26.92 -19.39 6.42
N THR C 85 27.05 -20.34 5.50
CA THR C 85 28.16 -21.27 5.55
C THR C 85 29.49 -20.56 5.27
N ILE C 86 29.52 -19.74 4.22
CA ILE C 86 30.74 -19.00 3.89
C ILE C 86 31.12 -18.06 5.03
N GLY C 87 30.13 -17.33 5.57
CA GLY C 87 30.44 -16.39 6.63
C GLY C 87 30.96 -17.07 7.88
N ARG C 88 30.39 -18.25 8.20
CA ARG C 88 30.81 -18.96 9.40
C ARG C 88 32.29 -19.36 9.31
N HIS C 89 32.72 -19.84 8.14
CA HIS C 89 34.13 -20.16 7.96
C HIS C 89 35.00 -18.92 7.99
N ILE C 90 34.50 -17.79 7.48
CA ILE C 90 35.24 -16.54 7.59
C ILE C 90 35.43 -16.17 9.05
N THR C 91 34.34 -16.22 9.84
CA THR C 91 34.47 -15.98 11.27
C THR C 91 35.56 -16.85 11.86
N MET C 92 35.62 -18.12 11.46
CA MET C 92 36.57 -19.06 12.04
C MET C 92 38.01 -18.71 11.68
N ASP C 93 38.28 -18.37 10.42
CA ASP C 93 39.67 -18.18 10.03
C ASP C 93 40.10 -16.71 9.97
N GLN C 94 39.20 -15.79 10.27
CA GLN C 94 39.57 -14.37 10.28
C GLN C 94 39.21 -13.67 11.58
N GLY C 95 38.11 -14.05 12.22
CA GLY C 95 37.79 -13.61 13.56
C GLY C 95 36.52 -12.80 13.70
N LYS C 96 36.03 -12.16 12.62
CA LYS C 96 34.94 -11.20 12.75
C LYS C 96 33.63 -11.87 13.16
N PRO C 97 32.73 -11.14 13.83
CA PRO C 97 31.45 -11.74 14.21
C PRO C 97 30.68 -12.25 13.01
N LEU C 98 29.92 -13.32 13.24
CA LEU C 98 29.20 -13.99 12.15
C LEU C 98 28.33 -13.03 11.34
N ARG C 99 27.59 -12.15 12.03
CA ARG C 99 26.70 -11.22 11.33
C ARG C 99 27.48 -10.31 10.39
N GLU C 100 28.70 -9.91 10.79
CA GLU C 100 29.55 -9.11 9.93
C GLU C 100 30.05 -9.92 8.74
N ALA C 101 30.40 -11.19 8.98
CA ALA C 101 30.86 -12.05 7.90
C ALA C 101 29.77 -12.26 6.85
N ILE C 102 28.52 -12.46 7.28
CA ILE C 102 27.41 -12.64 6.33
C ILE C 102 27.18 -11.35 5.56
N ALA C 103 27.22 -10.20 6.24
CA ALA C 103 27.06 -8.92 5.56
C ALA C 103 28.14 -8.71 4.51
N GLU C 104 29.36 -9.21 4.78
CA GLU C 104 30.42 -9.12 3.79
C GLU C 104 30.08 -9.93 2.55
N VAL C 105 29.53 -11.13 2.74
CA VAL C 105 29.16 -11.95 1.59
C VAL C 105 28.07 -11.25 0.77
N VAL C 106 27.06 -10.71 1.45
CA VAL C 106 25.99 -10.02 0.73
C VAL C 106 26.55 -8.81 -0.03
N SER C 107 27.39 -8.02 0.63
CA SER C 107 27.98 -6.88 -0.03
C SER C 107 28.77 -7.30 -1.26
N ALA C 108 29.49 -8.42 -1.17
CA ALA C 108 30.26 -8.92 -2.30
C ALA C 108 29.35 -9.37 -3.44
N ALA C 109 28.20 -9.98 -3.11
CA ALA C 109 27.24 -10.35 -4.15
C ALA C 109 26.71 -9.11 -4.87
N GLU C 110 26.41 -8.04 -4.14
CA GLU C 110 25.96 -6.81 -4.78
C GLU C 110 27.04 -6.24 -5.69
N GLN C 111 28.29 -6.28 -5.22
CA GLN C 111 29.40 -5.83 -6.04
C GLN C 111 29.47 -6.64 -7.32
N LEU C 112 29.37 -7.97 -7.21
CA LEU C 112 29.44 -8.81 -8.38
C LEU C 112 28.29 -8.51 -9.35
N GLU C 113 27.09 -8.30 -8.81
CA GLU C 113 25.95 -7.99 -9.66
C GLU C 113 26.12 -6.64 -10.35
N TRP C 114 26.63 -5.63 -9.64
CA TRP C 114 26.87 -4.33 -10.25
C TRP C 114 27.84 -4.43 -11.42
N HIS C 115 28.91 -5.23 -11.25
CA HIS C 115 29.89 -5.41 -12.33
C HIS C 115 29.28 -6.16 -13.52
N ALA C 116 28.40 -7.12 -13.23
CA ALA C 116 27.66 -7.79 -14.31
C ALA C 116 26.90 -6.77 -15.14
N GLU C 117 26.23 -5.84 -14.48
CA GLU C 117 25.47 -4.80 -15.19
C GLU C 117 26.41 -3.87 -15.94
N GLU C 118 27.52 -3.51 -15.31
CA GLU C 118 28.42 -2.53 -15.88
C GLU C 118 29.19 -3.11 -17.06
N GLY C 119 29.42 -4.43 -17.06
CA GLY C 119 30.09 -5.06 -18.20
C GLY C 119 29.34 -4.91 -19.52
N ARG C 120 28.03 -4.66 -19.46
CA ARG C 120 27.30 -4.40 -20.69
C ARG C 120 27.49 -2.98 -21.18
N ARG C 121 28.15 -2.11 -20.39
CA ARG C 121 28.15 -0.67 -20.60
C ARG C 121 29.57 -0.11 -20.73
N THR C 122 30.50 -0.91 -21.23
CA THR C 122 31.88 -0.47 -21.47
C THR C 122 31.93 0.32 -22.77
N TYR C 123 31.22 1.44 -22.76
CA TYR C 123 30.93 2.19 -23.97
C TYR C 123 32.19 2.72 -24.63
N GLY C 124 32.17 2.71 -25.97
CA GLY C 124 33.11 3.49 -26.76
C GLY C 124 32.48 4.83 -27.14
N ARG C 125 33.28 5.64 -27.83
CA ARG C 125 32.88 6.99 -28.20
C ARG C 125 33.06 7.22 -29.70
N VAL C 126 32.10 7.88 -30.34
CA VAL C 126 32.26 8.33 -31.71
C VAL C 126 32.57 9.83 -31.67
N VAL C 127 33.71 10.21 -32.22
CA VAL C 127 34.18 11.60 -32.23
C VAL C 127 33.85 12.19 -33.60
N PRO C 128 33.09 13.30 -33.67
CA PRO C 128 32.79 13.90 -34.98
C PRO C 128 34.05 14.25 -35.77
N ALA C 129 34.10 13.79 -37.01
CA ALA C 129 35.31 13.88 -37.82
C ALA C 129 35.35 15.18 -38.60
N ARG C 130 36.57 15.56 -39.00
CA ARG C 130 36.74 16.78 -39.78
C ARG C 130 36.34 16.59 -41.23
N SER C 131 36.21 15.34 -41.68
CA SER C 131 35.86 15.01 -43.03
C SER C 131 34.71 14.00 -43.04
N PRO C 132 33.73 14.16 -43.95
CA PRO C 132 32.54 13.29 -43.90
C PRO C 132 32.79 11.86 -44.36
N ASP C 133 33.93 11.56 -44.95
CA ASP C 133 34.27 10.19 -45.33
C ASP C 133 35.05 9.47 -44.23
N VAL C 134 35.26 10.08 -43.07
CA VAL C 134 36.04 9.51 -41.99
C VAL C 134 35.15 9.10 -40.82
N MET C 135 35.47 7.94 -40.23
CA MET C 135 34.79 7.46 -39.03
C MET C 135 35.82 7.30 -37.91
N GLN C 136 35.59 7.99 -36.79
CA GLN C 136 36.47 8.00 -35.62
C GLN C 136 35.77 7.37 -34.42
N THR C 137 36.28 6.24 -33.94
CA THR C 137 35.74 5.58 -32.75
C THR C 137 36.85 5.35 -31.72
N VAL C 138 36.47 5.52 -30.47
CA VAL C 138 37.35 5.23 -29.34
C VAL C 138 36.75 4.02 -28.64
N LEU C 139 37.43 2.88 -28.77
CA LEU C 139 36.94 1.63 -28.20
C LEU C 139 37.64 1.38 -26.87
N ARG C 140 36.99 0.62 -26.01
CA ARG C 140 37.59 0.16 -24.75
C ARG C 140 37.60 -1.35 -24.76
N GLU C 141 38.79 -1.94 -24.61
CA GLU C 141 38.96 -3.39 -24.76
C GLU C 141 39.73 -3.99 -23.59
N PRO C 142 39.39 -5.22 -23.21
CA PRO C 142 40.08 -5.85 -22.06
C PRO C 142 41.58 -6.02 -22.32
N ILE C 143 42.37 -5.74 -21.28
CA ILE C 143 43.82 -5.70 -21.44
C ILE C 143 44.42 -7.10 -21.60
N GLY C 144 43.81 -8.11 -20.98
CA GLY C 144 44.37 -9.46 -21.03
C GLY C 144 44.39 -10.15 -19.68
N VAL C 145 45.40 -10.97 -19.42
CA VAL C 145 45.50 -11.72 -18.17
C VAL C 145 45.91 -10.79 -17.02
N CYS C 146 45.17 -10.87 -15.92
CA CYS C 146 45.41 -10.08 -14.72
C CYS C 146 45.89 -10.97 -13.58
N ALA C 147 46.74 -10.39 -12.72
CA ALA C 147 47.12 -11.00 -11.46
C ALA C 147 46.65 -10.09 -10.34
N ALA C 148 46.04 -10.70 -9.31
CA ALA C 148 45.50 -9.94 -8.21
C ALA C 148 45.94 -10.56 -6.90
N PHE C 149 46.07 -9.70 -5.89
CA PHE C 149 46.48 -10.10 -4.54
C PHE C 149 45.55 -9.38 -3.59
N SER C 150 44.88 -10.13 -2.71
CA SER C 150 43.89 -9.53 -1.84
C SER C 150 44.11 -9.99 -0.41
N PRO C 151 43.76 -9.14 0.58
CA PRO C 151 44.16 -9.39 1.97
C PRO C 151 43.10 -10.06 2.84
N TRP C 152 43.38 -10.17 4.14
CA TRP C 152 42.56 -10.95 5.06
C TRP C 152 41.45 -10.15 5.76
N ASN C 153 41.44 -8.82 5.72
CA ASN C 153 40.52 -8.10 6.59
C ASN C 153 39.08 -8.30 6.14
N PHE C 154 38.84 -8.31 4.83
CA PHE C 154 37.56 -8.71 4.24
C PHE C 154 37.88 -9.76 3.18
N PRO C 155 38.20 -10.99 3.59
CA PRO C 155 38.80 -11.94 2.64
C PRO C 155 37.89 -12.27 1.47
N PHE C 156 36.58 -12.26 1.69
CA PHE C 156 35.63 -12.58 0.62
C PHE C 156 35.40 -11.38 -0.29
N SER C 157 35.10 -10.21 0.27
CA SER C 157 34.71 -9.07 -0.56
C SER C 157 35.90 -8.38 -1.23
N GLN C 158 37.07 -8.32 -0.58
CA GLN C 158 38.25 -7.78 -1.26
C GLN C 158 38.56 -8.58 -2.53
N ALA C 159 38.51 -9.91 -2.41
CA ALA C 159 38.77 -10.76 -3.58
C ALA C 159 37.68 -10.60 -4.62
N MET C 160 36.41 -10.49 -4.18
CA MET C 160 35.33 -10.32 -5.14
C MET C 160 35.58 -9.12 -6.04
N HIS C 161 36.11 -8.04 -5.47
CA HIS C 161 36.48 -6.89 -6.28
C HIS C 161 37.42 -7.26 -7.42
N LYS C 162 38.46 -8.04 -7.10
CA LYS C 162 39.40 -8.42 -8.15
C LYS C 162 38.74 -9.31 -9.19
N ILE C 163 37.93 -10.26 -8.73
CA ILE C 163 37.30 -11.22 -9.64
C ILE C 163 36.24 -10.51 -10.47
N ALA C 164 35.37 -9.72 -9.83
CA ALA C 164 34.28 -9.07 -10.54
C ALA C 164 34.80 -8.11 -11.62
N ALA C 165 35.82 -7.31 -11.28
CA ALA C 165 36.36 -6.36 -12.24
C ALA C 165 37.06 -7.06 -13.40
N ALA C 166 37.88 -8.07 -13.13
CA ALA C 166 38.56 -8.76 -14.22
C ALA C 166 37.57 -9.46 -15.14
N LEU C 167 36.71 -10.30 -14.59
CA LEU C 167 35.83 -11.13 -15.42
C LEU C 167 34.84 -10.27 -16.20
N ALA C 168 34.19 -9.30 -15.54
CA ALA C 168 33.15 -8.53 -16.21
C ALA C 168 33.72 -7.59 -17.28
N SER C 169 35.00 -7.26 -17.19
CA SER C 169 35.63 -6.49 -18.25
C SER C 169 36.05 -7.36 -19.42
N GLY C 170 35.93 -8.67 -19.30
CA GLY C 170 36.42 -9.56 -20.33
C GLY C 170 37.83 -10.05 -20.13
N CYS C 171 38.47 -9.69 -19.00
CA CYS C 171 39.78 -10.22 -18.67
C CYS C 171 39.64 -11.56 -17.97
N THR C 172 40.78 -12.21 -17.77
CA THR C 172 40.86 -13.37 -16.92
C THR C 172 41.90 -13.11 -15.83
N LEU C 173 41.96 -14.02 -14.85
CA LEU C 173 42.56 -13.67 -13.57
C LEU C 173 43.28 -14.85 -12.92
N VAL C 174 44.47 -14.60 -12.41
CA VAL C 174 45.07 -15.46 -11.39
C VAL C 174 45.14 -14.68 -10.09
N LEU C 175 44.51 -15.23 -9.06
CA LEU C 175 44.33 -14.52 -7.80
C LEU C 175 45.09 -15.24 -6.70
N LYS C 176 45.85 -14.48 -5.91
CA LYS C 176 46.43 -14.99 -4.67
C LYS C 176 45.76 -14.24 -3.51
N GLY C 177 44.79 -14.88 -2.89
CA GLY C 177 44.15 -14.35 -1.71
C GLY C 177 44.97 -14.57 -0.44
N PRO C 178 44.38 -14.28 0.72
CA PRO C 178 45.14 -14.31 1.99
C PRO C 178 45.33 -15.73 2.50
N GLU C 179 46.59 -16.17 2.55
CA GLU C 179 46.90 -17.50 3.09
C GLU C 179 46.42 -17.70 4.53
N GLU C 180 46.34 -16.61 5.30
CA GLU C 180 45.94 -16.74 6.69
C GLU C 180 44.43 -16.87 6.87
N SER C 181 43.61 -16.36 5.94
CA SER C 181 42.15 -16.45 6.03
C SER C 181 41.59 -16.96 4.71
N PRO C 182 41.84 -18.23 4.38
CA PRO C 182 41.69 -18.66 2.98
C PRO C 182 40.34 -19.22 2.56
N SER C 183 39.48 -19.60 3.51
CA SER C 183 38.25 -20.32 3.15
C SER C 183 37.37 -19.47 2.25
N ALA C 184 37.33 -18.15 2.49
CA ALA C 184 36.55 -17.26 1.64
C ALA C 184 36.96 -17.40 0.18
N ILE C 185 38.26 -17.55 -0.10
CA ILE C 185 38.70 -17.62 -1.49
C ILE C 185 38.33 -18.96 -2.12
N VAL C 186 38.47 -20.05 -1.36
CA VAL C 186 38.04 -21.35 -1.86
C VAL C 186 36.57 -21.34 -2.22
N ALA C 187 35.73 -20.73 -1.37
CA ALA C 187 34.31 -20.67 -1.67
C ALA C 187 34.03 -19.86 -2.94
N LEU C 188 34.80 -18.80 -3.18
CA LEU C 188 34.62 -18.04 -4.42
C LEU C 188 34.93 -18.90 -5.63
N ALA C 189 36.04 -19.63 -5.58
CA ALA C 189 36.33 -20.57 -6.66
C ALA C 189 35.18 -21.56 -6.82
N GLN C 190 34.66 -22.06 -5.70
CA GLN C 190 33.59 -23.07 -5.76
C GLN C 190 32.35 -22.51 -6.44
N LEU C 191 31.95 -21.30 -6.09
CA LEU C 191 30.69 -20.81 -6.63
C LEU C 191 30.85 -20.36 -8.08
N PHE C 192 32.03 -19.85 -8.46
CA PHE C 192 32.23 -19.56 -9.87
C PHE C 192 32.32 -20.85 -10.69
N HIS C 193 32.94 -21.88 -10.12
CA HIS C 193 32.93 -23.20 -10.73
C HIS C 193 31.51 -23.71 -10.94
N ASP C 194 30.69 -23.63 -9.88
CA ASP C 194 29.31 -24.10 -9.95
C ASP C 194 28.46 -23.27 -10.89
N ALA C 195 28.78 -22.00 -11.06
CA ALA C 195 28.03 -21.18 -12.00
C ALA C 195 28.41 -21.47 -13.45
N GLY C 196 29.42 -22.30 -13.69
CA GLY C 196 29.82 -22.65 -15.05
C GLY C 196 30.86 -21.75 -15.69
N LEU C 197 31.60 -20.98 -14.90
CA LEU C 197 32.65 -20.16 -15.45
C LEU C 197 33.63 -21.04 -16.23
N PRO C 198 33.95 -20.71 -17.48
CA PRO C 198 34.80 -21.59 -18.28
C PRO C 198 36.17 -21.77 -17.64
N PRO C 199 36.79 -22.92 -17.84
CA PRO C 199 38.06 -23.21 -17.15
C PRO C 199 39.15 -22.21 -17.53
N GLY C 200 39.98 -21.83 -16.56
CA GLY C 200 41.03 -20.88 -16.79
C GLY C 200 40.68 -19.43 -16.55
N CYS C 201 39.39 -19.08 -16.58
CA CYS C 201 38.98 -17.69 -16.39
C CYS C 201 39.31 -17.21 -14.97
N LEU C 202 39.16 -18.08 -13.97
CA LEU C 202 39.49 -17.77 -12.59
C LEU C 202 40.39 -18.86 -12.05
N ASN C 203 41.54 -18.47 -11.51
CA ASN C 203 42.48 -19.41 -10.88
C ASN C 203 42.89 -18.82 -9.54
N ILE C 204 42.92 -19.65 -8.51
CA ILE C 204 43.39 -19.20 -7.20
C ILE C 204 44.61 -20.03 -6.82
N VAL C 205 45.64 -19.33 -6.30
CA VAL C 205 46.90 -19.92 -5.93
C VAL C 205 47.26 -19.40 -4.54
N TRP C 206 48.20 -20.10 -3.92
CA TRP C 206 48.66 -19.80 -2.58
C TRP C 206 50.15 -20.08 -2.49
N GLY C 207 50.82 -19.40 -1.56
CA GLY C 207 52.21 -19.75 -1.26
C GLY C 207 52.84 -18.68 -0.38
N VAL C 208 54.17 -18.62 -0.42
CA VAL C 208 54.92 -17.52 0.21
C VAL C 208 54.60 -16.26 -0.61
N PRO C 209 53.98 -15.25 -0.01
CA PRO C 209 53.41 -14.16 -0.82
C PRO C 209 54.41 -13.45 -1.72
N GLY C 210 55.61 -13.16 -1.21
CA GLY C 210 56.60 -12.49 -2.05
C GLY C 210 57.01 -13.33 -3.25
N ASP C 211 57.12 -14.64 -3.07
CA ASP C 211 57.48 -15.52 -4.18
C ASP C 211 56.35 -15.63 -5.20
N VAL C 212 55.11 -15.78 -4.72
CA VAL C 212 53.98 -15.90 -5.64
C VAL C 212 53.81 -14.60 -6.41
N SER C 213 53.86 -13.46 -5.72
CA SER C 213 53.60 -12.20 -6.40
C SER C 213 54.71 -11.90 -7.39
N LYS C 214 55.96 -12.20 -7.02
CA LYS C 214 57.06 -11.98 -7.96
C LYS C 214 56.87 -12.81 -9.22
N GLN C 215 56.53 -14.09 -9.06
CA GLN C 215 56.40 -14.94 -10.23
C GLN C 215 55.23 -14.50 -11.11
N LEU C 216 54.10 -14.11 -10.50
CA LEU C 216 52.95 -13.67 -11.29
C LEU C 216 53.26 -12.38 -12.05
N ILE C 217 53.91 -11.42 -11.40
CA ILE C 217 54.19 -10.13 -12.04
C ILE C 217 55.19 -10.30 -13.20
N GLU C 218 56.14 -11.22 -13.06
CA GLU C 218 57.12 -11.40 -14.11
C GLU C 218 56.64 -12.32 -15.22
N ALA C 219 55.48 -12.92 -15.07
CA ALA C 219 54.95 -13.79 -16.11
C ALA C 219 54.63 -12.97 -17.36
N PRO C 220 55.21 -13.30 -18.51
CA PRO C 220 55.02 -12.46 -19.71
C PRO C 220 53.57 -12.31 -20.14
N GLN C 221 52.74 -13.32 -19.94
CA GLN C 221 51.35 -13.19 -20.34
C GLN C 221 50.54 -12.31 -19.39
N VAL C 222 51.05 -12.01 -18.20
CA VAL C 222 50.30 -11.16 -17.27
C VAL C 222 50.50 -9.71 -17.69
N ARG C 223 49.40 -9.02 -17.95
CA ARG C 223 49.48 -7.68 -18.50
C ARG C 223 49.03 -6.61 -17.50
N LYS C 224 48.42 -7.00 -16.38
CA LYS C 224 47.92 -6.00 -15.45
C LYS C 224 47.86 -6.63 -14.07
N ILE C 225 48.21 -5.82 -13.07
CA ILE C 225 48.30 -6.23 -11.68
C ILE C 225 47.31 -5.42 -10.88
N SER C 226 46.70 -6.05 -9.88
CA SER C 226 45.85 -5.32 -8.94
C SER C 226 46.18 -5.80 -7.53
N PHE C 227 46.51 -4.85 -6.64
CA PHE C 227 46.97 -5.17 -5.31
C PHE C 227 46.19 -4.39 -4.27
N THR C 228 45.69 -5.10 -3.25
CA THR C 228 45.11 -4.48 -2.06
C THR C 228 45.91 -4.97 -0.86
N GLY C 229 46.48 -4.03 -0.10
CA GLY C 229 47.34 -4.42 1.00
C GLY C 229 48.04 -3.22 1.60
N SER C 230 49.23 -3.47 2.15
CA SER C 230 49.93 -2.40 2.85
C SER C 230 50.68 -1.51 1.87
N VAL C 231 50.90 -0.26 2.32
CA VAL C 231 51.65 0.71 1.52
C VAL C 231 53.06 0.24 1.19
N PRO C 232 53.87 -0.24 2.14
CA PRO C 232 55.23 -0.64 1.75
C PRO C 232 55.24 -1.79 0.76
N VAL C 233 54.38 -2.80 0.93
CA VAL C 233 54.36 -3.88 -0.06
C VAL C 233 53.83 -3.35 -1.39
N GLY C 234 52.79 -2.50 -1.34
CA GLY C 234 52.29 -1.89 -2.56
C GLY C 234 53.37 -1.17 -3.35
N LYS C 235 54.24 -0.43 -2.66
CA LYS C 235 55.33 0.25 -3.34
C LYS C 235 56.29 -0.74 -4.00
N GLN C 236 56.59 -1.85 -3.33
CA GLN C 236 57.50 -2.84 -3.92
C GLN C 236 56.92 -3.47 -5.17
N LEU C 237 55.66 -3.91 -5.10
CA LEU C 237 55.07 -4.58 -6.25
C LEU C 237 54.85 -3.58 -7.39
N ALA C 238 54.47 -2.35 -7.06
CA ALA C 238 54.25 -1.33 -8.09
C ALA C 238 55.54 -1.05 -8.86
N ALA C 239 56.68 -0.98 -8.15
CA ALA C 239 57.95 -0.70 -8.83
C ALA C 239 58.31 -1.82 -9.77
N LEU C 240 58.12 -3.07 -9.33
CA LEU C 240 58.38 -4.23 -10.17
C LEU C 240 57.46 -4.25 -11.39
N ALA C 241 56.16 -4.03 -11.15
CA ALA C 241 55.21 -3.99 -12.26
C ALA C 241 55.57 -2.87 -13.24
N ALA C 242 55.89 -1.68 -12.72
CA ALA C 242 56.21 -0.55 -13.59
C ALA C 242 57.49 -0.79 -14.37
N SER C 243 58.46 -1.47 -13.75
CA SER C 243 59.73 -1.78 -14.43
C SER C 243 59.52 -2.67 -15.65
N LEU C 244 58.39 -3.38 -15.72
CA LEU C 244 58.05 -4.20 -16.87
C LEU C 244 56.93 -3.59 -17.70
N MET C 245 56.58 -2.33 -17.45
CA MET C 245 55.52 -1.64 -18.20
C MET C 245 54.19 -2.35 -18.06
N LYS C 246 53.92 -2.87 -16.87
CA LYS C 246 52.63 -3.50 -16.60
C LYS C 246 51.73 -2.56 -15.81
N ARG C 247 50.48 -2.50 -16.24
CA ARG C 247 49.48 -1.67 -15.60
C ARG C 247 49.17 -2.17 -14.19
N MET C 248 48.85 -1.23 -13.30
CA MET C 248 48.58 -1.59 -11.91
C MET C 248 47.52 -0.68 -11.32
N THR C 249 46.67 -1.25 -10.45
CA THR C 249 45.79 -0.48 -9.58
C THR C 249 45.97 -0.99 -8.17
N MET C 250 45.83 -0.09 -7.18
CA MET C 250 46.27 -0.34 -5.82
C MET C 250 45.30 0.26 -4.83
N GLU C 251 44.89 -0.51 -3.83
CA GLU C 251 44.10 -0.05 -2.70
C GLU C 251 44.97 -0.28 -1.45
N LEU C 252 45.60 0.78 -0.94
CA LEU C 252 46.53 0.63 0.16
C LEU C 252 45.90 1.17 1.46
N GLY C 253 46.72 1.36 2.48
CA GLY C 253 46.20 1.79 3.76
C GLY C 253 45.68 3.23 3.75
N GLY C 254 44.99 3.56 4.83
CA GLY C 254 44.54 4.93 5.06
C GLY C 254 44.77 5.33 6.50
N HIS C 255 44.37 6.54 6.82
CA HIS C 255 44.50 7.02 8.19
C HIS C 255 43.44 8.08 8.41
N ALA C 256 42.19 7.64 8.47
CA ALA C 256 41.06 8.51 8.19
C ALA C 256 40.87 9.58 9.26
N PRO C 257 40.85 10.86 8.89
CA PRO C 257 40.49 11.91 9.84
C PRO C 257 38.98 12.05 9.95
N VAL C 258 38.54 12.52 11.12
CA VAL C 258 37.14 12.80 11.40
C VAL C 258 37.07 14.22 11.93
N LEU C 259 36.30 15.09 11.26
CA LEU C 259 36.08 16.47 11.68
C LEU C 259 34.65 16.60 12.19
N VAL C 260 34.50 16.82 13.48
CA VAL C 260 33.20 17.01 14.09
C VAL C 260 33.10 18.51 14.38
N CYS C 261 32.34 19.22 13.57
CA CYS C 261 32.17 20.66 13.76
C CYS C 261 31.28 20.93 14.97
N ALA C 262 31.41 22.15 15.49
CA ALA C 262 30.65 22.54 16.67
C ALA C 262 29.14 22.54 16.40
N ASP C 263 28.72 22.71 15.15
CA ASP C 263 27.30 22.76 14.81
C ASP C 263 26.74 21.40 14.46
N ALA C 264 27.48 20.32 14.65
CA ALA C 264 26.97 19.01 14.29
C ALA C 264 25.95 18.54 15.32
N ASP C 265 25.18 17.53 14.94
CA ASP C 265 24.51 16.69 15.93
C ASP C 265 25.59 15.82 16.58
N VAL C 266 26.10 16.30 17.72
CA VAL C 266 27.32 15.75 18.32
C VAL C 266 27.10 14.34 18.85
N GLU C 267 26.01 14.13 19.61
CA GLU C 267 25.75 12.80 20.17
C GLU C 267 25.49 11.80 19.07
N ARG C 268 24.76 12.20 18.04
CA ARG C 268 24.49 11.32 16.91
C ARG C 268 25.79 10.87 16.24
N ALA C 269 26.69 11.83 15.99
CA ALA C 269 27.97 11.50 15.38
C ALA C 269 28.76 10.51 16.26
N ALA C 270 28.82 10.78 17.56
CA ALA C 270 29.58 9.91 18.46
C ALA C 270 29.02 8.49 18.47
N ALA C 271 27.70 8.34 18.58
CA ALA C 271 27.10 7.00 18.58
C ALA C 271 27.37 6.26 17.26
N MET C 272 27.21 6.95 16.12
CA MET C 272 27.47 6.30 14.84
C MET C 272 28.93 5.91 14.70
N LEU C 273 29.84 6.83 15.03
CA LEU C 273 31.27 6.59 14.83
C LEU C 273 31.80 5.51 15.75
N ALA C 274 31.21 5.32 16.94
CA ALA C 274 31.66 4.26 17.82
C ALA C 274 31.31 2.89 17.23
N ALA C 275 30.06 2.72 16.79
CA ALA C 275 29.65 1.45 16.23
C ALA C 275 30.41 1.17 14.95
N TYR C 276 30.62 2.19 14.11
CA TYR C 276 31.31 1.98 12.85
C TYR C 276 32.79 1.67 13.07
N LYS C 277 33.45 2.41 13.98
CA LYS C 277 34.88 2.23 14.20
C LYS C 277 35.24 0.78 14.51
N PHE C 278 34.49 0.15 15.39
CA PHE C 278 34.91 -1.15 15.92
C PHE C 278 34.32 -2.33 15.16
N ARG C 279 33.66 -2.07 14.03
CA ARG C 279 33.39 -3.14 13.08
C ARG C 279 34.70 -3.74 12.61
N ASN C 280 34.72 -5.06 12.48
CA ASN C 280 35.94 -5.80 12.14
C ASN C 280 37.11 -5.42 13.07
N ALA C 281 36.78 -5.03 14.31
CA ALA C 281 37.78 -4.62 15.31
C ALA C 281 38.71 -3.52 14.80
N GLY C 282 38.20 -2.65 13.93
CA GLY C 282 38.97 -1.57 13.37
C GLY C 282 39.96 -1.95 12.28
N GLN C 283 39.96 -3.20 11.86
CA GLN C 283 40.87 -3.70 10.83
C GLN C 283 40.30 -3.37 9.45
N VAL C 284 40.15 -2.08 9.20
CA VAL C 284 39.40 -1.57 8.08
C VAL C 284 40.23 -0.46 7.42
N CYS C 285 40.43 -0.57 6.11
CA CYS C 285 41.24 0.43 5.41
C CYS C 285 40.66 1.84 5.57
N VAL C 286 39.34 1.96 5.72
CA VAL C 286 38.70 3.26 5.87
C VAL C 286 38.36 3.60 7.33
N SER C 287 38.86 2.82 8.29
CA SER C 287 38.48 2.98 9.69
C SER C 287 38.74 4.41 10.17
N PRO C 288 37.74 5.09 10.75
CA PRO C 288 37.99 6.44 11.30
C PRO C 288 38.97 6.35 12.46
N THR C 289 40.05 7.11 12.37
CA THR C 289 41.16 6.95 13.29
C THR C 289 41.52 8.24 14.02
N ARG C 290 41.66 9.35 13.30
CA ARG C 290 42.08 10.62 13.90
C ARG C 290 40.85 11.51 14.02
N PHE C 291 40.40 11.72 15.24
CA PHE C 291 39.17 12.48 15.46
C PHE C 291 39.51 13.91 15.88
N PHE C 292 39.12 14.88 15.06
CA PHE C 292 39.29 16.29 15.36
C PHE C 292 37.92 16.88 15.69
N VAL C 293 37.68 17.18 16.97
CA VAL C 293 36.39 17.66 17.45
C VAL C 293 36.54 19.10 17.91
N GLN C 294 35.69 19.98 17.39
CA GLN C 294 35.73 21.38 17.77
C GLN C 294 35.61 21.51 19.29
N ARG C 295 36.45 22.37 19.85
CA ARG C 295 36.65 22.44 21.30
C ARG C 295 35.35 22.49 22.08
N ALA C 296 34.42 23.33 21.65
CA ALA C 296 33.18 23.48 22.41
C ALA C 296 32.38 22.19 22.47
N ALA C 297 32.60 21.27 21.53
CA ALA C 297 31.89 20.00 21.47
C ALA C 297 32.71 18.82 21.99
N PHE C 298 33.94 19.05 22.44
CA PHE C 298 34.86 17.93 22.68
C PHE C 298 34.35 17.02 23.79
N ASP C 299 34.01 17.60 24.94
CA ASP C 299 33.59 16.81 26.10
C ASP C 299 32.28 16.08 25.83
N ARG C 300 31.31 16.78 25.24
CA ARG C 300 30.06 16.14 24.88
C ARG C 300 30.29 14.95 23.96
N PHE C 301 31.16 15.13 22.95
CA PHE C 301 31.44 14.02 22.04
C PHE C 301 32.11 12.88 22.78
N VAL C 302 33.13 13.17 23.57
CA VAL C 302 33.89 12.12 24.22
C VAL C 302 33.00 11.31 25.15
N CYS C 303 32.14 11.98 25.93
CA CYS C 303 31.23 11.25 26.81
C CYS C 303 30.26 10.38 26.00
N ALA C 304 29.68 10.95 24.95
CA ALA C 304 28.79 10.15 24.12
C ALA C 304 29.54 9.00 23.46
N TYR C 305 30.80 9.23 23.07
CA TYR C 305 31.55 8.17 22.38
C TYR C 305 31.85 7.00 23.31
N LEU C 306 32.32 7.31 24.52
CA LEU C 306 32.66 6.27 25.49
C LEU C 306 31.42 5.47 25.88
N ASP C 307 30.29 6.15 26.10
CA ASP C 307 29.05 5.42 26.42
C ASP C 307 28.70 4.41 25.33
N ALA C 308 28.81 4.80 24.05
CA ALA C 308 28.47 3.88 22.97
C ALA C 308 29.49 2.75 22.88
N VAL C 309 30.78 3.07 23.06
CA VAL C 309 31.82 2.04 23.06
C VAL C 309 31.56 1.03 24.18
N GLY C 310 30.99 1.51 25.30
CA GLY C 310 30.70 0.63 26.42
C GLY C 310 29.65 -0.43 26.14
N THR C 311 28.88 -0.29 25.06
CA THR C 311 27.89 -1.31 24.75
C THR C 311 28.44 -2.46 23.91
N ILE C 312 29.71 -2.35 23.48
CA ILE C 312 30.32 -3.40 22.68
C ILE C 312 30.60 -4.63 23.53
N ARG C 313 30.30 -5.81 22.98
CA ARG C 313 30.58 -7.08 23.62
C ARG C 313 31.65 -7.82 22.82
N VAL C 314 32.82 -8.01 23.42
CA VAL C 314 33.95 -8.70 22.80
C VAL C 314 33.86 -10.19 23.11
N GLY C 315 34.08 -11.03 22.09
CA GLY C 315 34.03 -12.46 22.32
C GLY C 315 34.25 -13.23 21.04
N TYR C 316 33.99 -14.53 21.13
CA TYR C 316 34.16 -15.40 19.99
C TYR C 316 33.06 -15.14 18.95
N GLY C 317 33.46 -15.09 17.68
CA GLY C 317 32.60 -14.56 16.63
C GLY C 317 31.35 -15.37 16.34
N LEU C 318 31.34 -16.64 16.72
CA LEU C 318 30.15 -17.46 16.51
C LEU C 318 29.18 -17.42 17.69
N ASP C 319 29.55 -16.74 18.78
CA ASP C 319 28.74 -16.72 19.99
C ASP C 319 27.67 -15.64 19.92
N ALA C 320 26.54 -15.92 20.55
CA ALA C 320 25.40 -15.00 20.53
C ALA C 320 25.73 -13.66 21.15
N GLY C 321 25.33 -12.58 20.48
CA GLY C 321 25.49 -11.26 21.02
C GLY C 321 26.88 -10.67 20.90
N VAL C 322 27.87 -11.43 20.45
CA VAL C 322 29.21 -10.85 20.29
C VAL C 322 29.19 -9.85 19.15
N THR C 323 29.64 -8.64 19.40
CA THR C 323 29.72 -7.62 18.37
C THR C 323 31.15 -7.19 18.04
N MET C 324 32.15 -7.70 18.75
CA MET C 324 33.54 -7.54 18.31
C MET C 324 34.33 -8.81 18.60
N GLY C 325 35.09 -9.27 17.60
CA GLY C 325 35.88 -10.47 17.72
C GLY C 325 37.31 -10.20 18.12
N PRO C 326 38.16 -11.22 18.07
CA PRO C 326 39.59 -11.02 18.32
C PRO C 326 40.23 -10.34 17.12
N LEU C 327 41.45 -9.84 17.33
CA LEU C 327 42.29 -9.39 16.24
C LEU C 327 42.78 -10.60 15.44
N ALA C 328 43.29 -10.33 14.23
CA ALA C 328 43.56 -11.41 13.29
C ALA C 328 44.78 -12.24 13.67
N HIS C 329 45.79 -11.65 14.31
CA HIS C 329 46.92 -12.45 14.77
C HIS C 329 47.59 -11.78 15.97
N ALA C 330 48.44 -12.56 16.63
CA ALA C 330 49.11 -12.10 17.83
C ALA C 330 49.91 -10.83 17.56
N ARG C 331 50.54 -10.73 16.39
CA ARG C 331 51.34 -9.56 16.09
C ARG C 331 50.51 -8.28 16.12
N ARG C 332 49.22 -8.36 15.80
CA ARG C 332 48.36 -7.18 15.87
C ARG C 332 48.20 -6.71 17.31
N VAL C 333 48.12 -7.64 18.26
CA VAL C 333 48.01 -7.27 19.68
C VAL C 333 49.24 -6.49 20.10
N ASP C 334 50.43 -7.00 19.77
CA ASP C 334 51.67 -6.29 20.09
C ASP C 334 51.68 -4.90 19.49
N GLU C 335 51.22 -4.77 18.24
CA GLU C 335 51.21 -3.49 17.55
C GLU C 335 50.37 -2.46 18.29
N ILE C 336 49.17 -2.85 18.74
CA ILE C 336 48.32 -1.89 19.45
C ILE C 336 48.94 -1.54 20.80
N ASP C 337 49.51 -2.54 21.49
CA ASP C 337 50.25 -2.29 22.73
C ASP C 337 51.27 -1.19 22.52
N ALA C 338 52.01 -1.25 21.40
CA ALA C 338 53.04 -0.24 21.12
C ALA C 338 52.42 1.12 20.84
N PHE C 339 51.27 1.16 20.16
CA PHE C 339 50.55 2.41 19.97
C PHE C 339 50.14 3.00 21.32
N VAL C 340 49.61 2.17 22.20
CA VAL C 340 49.16 2.63 23.52
C VAL C 340 50.35 3.15 24.33
N ALA C 341 51.44 2.37 24.37
CA ALA C 341 52.61 2.77 25.12
C ALA C 341 53.20 4.07 24.57
N ASP C 342 53.28 4.19 23.24
CA ASP C 342 53.83 5.42 22.67
C ASP C 342 52.95 6.61 23.02
N ALA C 343 51.62 6.44 22.98
CA ALA C 343 50.71 7.54 23.29
C ALA C 343 50.82 7.98 24.75
N THR C 344 50.82 7.05 25.69
CA THR C 344 50.93 7.45 27.09
C THR C 344 52.26 8.12 27.38
N ALA C 345 53.35 7.63 26.79
CA ALA C 345 54.65 8.24 27.05
C ALA C 345 54.67 9.71 26.66
N LYS C 346 53.87 10.08 25.66
CA LYS C 346 53.81 11.45 25.17
C LYS C 346 52.62 12.21 25.73
N GLY C 347 52.01 11.69 26.79
CA GLY C 347 51.07 12.44 27.60
C GLY C 347 49.61 12.19 27.34
N ALA C 348 49.28 11.25 26.47
CA ALA C 348 47.87 11.03 26.13
C ALA C 348 47.16 10.24 27.24
N GLN C 349 45.83 10.39 27.27
CA GLN C 349 45.00 9.70 28.25
C GLN C 349 44.26 8.54 27.60
N ILE C 350 44.34 7.37 28.23
CA ILE C 350 43.60 6.19 27.81
C ILE C 350 42.24 6.23 28.51
N ALA C 351 41.21 6.68 27.78
CA ALA C 351 39.89 6.86 28.39
C ALA C 351 39.19 5.53 28.60
N THR C 352 39.43 4.54 27.73
CA THR C 352 38.91 3.20 27.96
C THR C 352 39.78 2.19 27.21
N GLY C 353 39.76 0.96 27.68
CA GLY C 353 40.51 -0.10 26.99
C GLY C 353 42.00 0.07 27.18
N GLY C 354 42.76 -0.20 26.12
CA GLY C 354 44.19 -0.02 26.12
C GLY C 354 45.02 -1.27 26.42
N MET C 355 44.38 -2.41 26.70
CA MET C 355 45.07 -3.64 27.05
C MET C 355 44.42 -4.82 26.32
N ARG C 356 45.16 -5.92 26.25
CA ARG C 356 44.61 -7.15 25.72
C ARG C 356 43.60 -7.77 26.70
N LEU C 357 42.75 -8.58 26.17
CA LEU C 357 41.74 -9.18 27.02
C LEU C 357 42.16 -10.60 27.34
N PRO C 358 41.64 -11.17 28.42
CA PRO C 358 42.12 -12.48 28.85
C PRO C 358 41.74 -13.58 27.86
N GLY C 359 42.35 -14.75 28.06
CA GLY C 359 41.95 -15.94 27.35
C GLY C 359 42.94 -16.25 26.26
N PRO C 360 42.89 -17.46 25.74
CA PRO C 360 43.64 -17.75 24.52
C PRO C 360 42.94 -17.11 23.34
N GLY C 361 43.73 -16.62 22.40
CA GLY C 361 43.14 -15.86 21.32
C GLY C 361 43.42 -14.37 21.47
N HIS C 362 43.36 -13.68 20.35
CA HIS C 362 43.97 -12.35 20.25
C HIS C 362 42.98 -11.22 20.55
N TYR C 363 42.35 -11.31 21.71
CA TYR C 363 41.36 -10.33 22.13
C TYR C 363 42.01 -9.07 22.69
N PHE C 364 41.46 -7.92 22.33
CA PHE C 364 41.94 -6.62 22.76
C PHE C 364 40.75 -5.72 23.04
N ALA C 365 40.82 -4.91 24.10
CA ALA C 365 39.68 -4.07 24.45
C ALA C 365 39.56 -2.90 23.47
N PRO C 366 38.33 -2.50 23.11
CA PRO C 366 38.16 -1.24 22.36
C PRO C 366 38.80 -0.10 23.14
N THR C 367 39.67 0.65 22.46
CA THR C 367 40.56 1.63 23.09
C THR C 367 40.30 3.04 22.56
N VAL C 368 40.15 4.00 23.48
CA VAL C 368 39.91 5.40 23.15
C VAL C 368 41.02 6.22 23.79
N VAL C 369 41.74 6.97 22.97
CA VAL C 369 42.89 7.75 23.42
C VAL C 369 42.56 9.23 23.29
N LEU C 370 42.67 9.97 24.40
CA LEU C 370 42.31 11.39 24.44
C LEU C 370 43.57 12.24 24.41
N GLY C 371 43.55 13.27 23.58
CA GLY C 371 44.62 14.23 23.45
C GLY C 371 45.99 13.73 22.96
N PRO C 372 46.05 12.71 22.10
CA PRO C 372 47.37 12.30 21.58
C PRO C 372 47.99 13.38 20.71
N THR C 373 49.28 13.64 20.93
CA THR C 373 49.96 14.71 20.24
C THR C 373 50.31 14.30 18.81
N ARG C 374 50.72 15.30 18.01
CA ARG C 374 51.01 15.14 16.60
C ARG C 374 52.22 14.26 16.32
N ASP C 375 53.04 13.97 17.33
CA ASP C 375 54.19 13.11 17.12
C ASP C 375 53.97 11.70 17.68
N THR C 376 52.76 11.40 18.14
CA THR C 376 52.43 10.03 18.50
C THR C 376 52.26 9.17 17.25
N ARG C 377 52.62 7.88 17.38
CA ARG C 377 52.39 6.94 16.30
C ARG C 377 50.92 6.89 15.90
N LEU C 378 50.04 7.03 16.89
CA LEU C 378 48.61 6.98 16.63
C LEU C 378 48.19 8.03 15.63
N MET C 379 48.80 9.21 15.67
CA MET C 379 48.43 10.28 14.76
C MET C 379 49.26 10.28 13.48
N ASN C 380 50.06 9.22 13.22
CA ASN C 380 50.90 9.19 12.02
C ASN C 380 50.87 7.86 11.29
N ASP C 381 50.85 6.74 12.00
CA ASP C 381 50.92 5.42 11.37
C ASP C 381 49.56 4.75 11.49
N GLU C 382 49.19 4.04 10.44
CA GLU C 382 47.88 3.40 10.41
C GLU C 382 47.82 2.30 11.45
N PRO C 383 46.99 2.40 12.48
CA PRO C 383 46.95 1.34 13.49
C PRO C 383 46.22 0.08 13.04
N PHE C 384 45.21 0.22 12.17
CA PHE C 384 44.46 -0.93 11.65
C PHE C 384 43.97 -1.82 12.80
N GLY C 385 43.31 -1.21 13.77
CA GLY C 385 42.92 -1.91 14.96
C GLY C 385 41.94 -1.11 15.80
N PRO C 386 41.57 -1.65 16.98
CA PRO C 386 40.46 -1.07 17.77
C PRO C 386 40.92 0.07 18.66
N ILE C 387 41.35 1.16 18.02
CA ILE C 387 41.91 2.30 18.75
C ILE C 387 41.65 3.56 17.96
N VAL C 388 41.30 4.62 18.67
CA VAL C 388 41.09 5.93 18.07
C VAL C 388 41.82 6.99 18.89
N GLY C 389 42.12 8.10 18.23
CA GLY C 389 42.61 9.29 18.90
C GLY C 389 41.62 10.41 18.69
N ILE C 390 41.34 11.15 19.77
CA ILE C 390 40.38 12.24 19.75
C ILE C 390 41.09 13.48 20.29
N VAL C 391 41.17 14.53 19.47
CA VAL C 391 41.81 15.77 19.91
C VAL C 391 40.86 16.93 19.66
N PRO C 392 40.92 17.97 20.47
CA PRO C 392 40.14 19.18 20.17
C PRO C 392 40.82 20.00 19.08
N PHE C 393 40.01 20.82 18.41
CA PHE C 393 40.55 21.86 17.54
C PHE C 393 39.76 23.14 17.73
N ASP C 394 40.42 24.25 17.42
CA ASP C 394 39.80 25.56 17.49
C ASP C 394 39.47 26.08 16.10
N ASP C 395 40.44 26.11 15.20
CA ASP C 395 40.25 26.66 13.87
C ASP C 395 40.07 25.53 12.86
N LEU C 396 38.97 25.60 12.09
CA LEU C 396 38.65 24.54 11.15
C LEU C 396 39.77 24.33 10.11
N ASP C 397 40.39 25.42 9.66
CA ASP C 397 41.46 25.28 8.67
C ASP C 397 42.68 24.60 9.26
N ASP C 398 42.95 24.81 10.54
CA ASP C 398 44.05 24.09 11.18
C ASP C 398 43.75 22.61 11.24
N ALA C 399 42.50 22.25 11.57
CA ALA C 399 42.11 20.84 11.58
C ALA C 399 42.19 20.23 10.19
N LEU C 400 41.80 20.97 9.15
CA LEU C 400 41.92 20.45 7.79
C LEU C 400 43.38 20.25 7.41
N ALA C 401 44.25 21.18 7.78
CA ALA C 401 45.66 21.02 7.48
C ALA C 401 46.21 19.77 8.17
N GLU C 402 45.74 19.52 9.39
CA GLU C 402 46.20 18.31 10.07
C GLU C 402 45.63 17.06 9.41
N ALA C 403 44.37 17.14 8.97
CA ALA C 403 43.75 16.01 8.26
C ALA C 403 44.52 15.67 6.98
N ASN C 404 45.18 16.64 6.37
CA ASN C 404 45.89 16.44 5.12
C ASN C 404 47.39 16.25 5.29
N ARG C 405 47.90 16.32 6.52
CA ARG C 405 49.34 16.31 6.70
C ARG C 405 49.95 14.97 6.32
N LEU C 406 49.24 13.89 6.53
CA LEU C 406 49.84 12.59 6.31
C LEU C 406 49.82 12.21 4.84
N PRO C 407 50.75 11.36 4.40
CA PRO C 407 50.69 10.86 3.01
C PRO C 407 49.52 9.93 2.73
N PHE C 408 48.77 9.54 3.76
CA PHE C 408 47.55 8.77 3.56
C PHE C 408 46.43 9.66 3.04
N GLY C 409 45.53 9.05 2.26
CA GLY C 409 44.41 9.77 1.69
C GLY C 409 43.32 8.86 1.18
N LEU C 410 42.84 7.95 2.03
CA LEU C 410 41.81 7.03 1.55
C LEU C 410 40.44 7.57 1.90
N ALA C 411 39.96 7.31 3.11
CA ALA C 411 38.68 7.83 3.55
C ALA C 411 38.86 9.03 4.48
N SER C 412 37.77 9.77 4.65
CA SER C 412 37.73 10.91 5.56
C SER C 412 36.27 11.14 5.91
N TYR C 413 36.05 11.78 7.05
CA TYR C 413 34.69 11.93 7.58
C TYR C 413 34.50 13.32 8.15
N ALA C 414 33.27 13.81 8.08
CA ALA C 414 32.96 15.10 8.66
C ALA C 414 31.52 15.13 9.09
N PHE C 415 31.25 15.86 10.18
CA PHE C 415 29.91 16.01 10.71
C PHE C 415 29.65 17.48 10.96
N THR C 416 28.60 18.01 10.32
CA THR C 416 28.26 19.42 10.40
C THR C 416 26.83 19.59 9.88
N THR C 417 26.16 20.68 10.34
CA THR C 417 24.88 21.07 9.75
C THR C 417 25.02 22.24 8.77
N SER C 418 26.22 22.81 8.65
CA SER C 418 26.42 24.01 7.84
C SER C 418 26.73 23.65 6.39
N ALA C 419 26.02 24.30 5.46
CA ALA C 419 26.34 24.10 4.05
C ALA C 419 27.76 24.57 3.72
N ARG C 420 28.17 25.71 4.29
CA ARG C 420 29.52 26.23 4.06
C ARG C 420 30.59 25.30 4.64
N ASN C 421 30.40 24.84 5.87
CA ASN C 421 31.35 23.87 6.43
C ASN C 421 31.45 22.64 5.55
N ALA C 422 30.30 22.05 5.18
CA ALA C 422 30.35 20.85 4.36
C ALA C 422 31.08 21.09 3.05
N HIS C 423 30.82 22.23 2.41
CA HIS C 423 31.46 22.55 1.14
C HIS C 423 32.97 22.74 1.30
N ARG C 424 33.38 23.54 2.29
CA ARG C 424 34.80 23.81 2.48
C ARG C 424 35.57 22.55 2.88
N ILE C 425 35.00 21.77 3.80
CA ILE C 425 35.65 20.53 4.23
C ILE C 425 35.80 19.56 3.06
N SER C 426 34.71 19.36 2.31
CA SER C 426 34.76 18.35 1.26
C SER C 426 35.74 18.73 0.16
N ARG C 427 35.89 20.03 -0.13
CA ARG C 427 36.83 20.46 -1.17
C ARG C 427 38.27 20.45 -0.69
N ALA C 428 38.50 20.81 0.58
CA ALA C 428 39.86 20.95 1.09
C ALA C 428 40.49 19.60 1.46
N LEU C 429 39.68 18.60 1.78
CA LEU C 429 40.23 17.31 2.18
C LEU C 429 40.97 16.66 1.02
N GLU C 430 42.15 16.10 1.33
CA GLU C 430 42.93 15.33 0.35
C GLU C 430 42.67 13.86 0.63
N ALA C 431 41.65 13.33 -0.03
CA ALA C 431 41.17 11.99 0.24
C ALA C 431 40.36 11.54 -0.97
N GLY C 432 40.43 10.24 -1.25
CA GLY C 432 39.61 9.68 -2.31
C GLY C 432 38.13 9.62 -1.97
N MET C 433 37.79 9.66 -0.69
CA MET C 433 36.40 9.54 -0.24
C MET C 433 36.17 10.47 0.95
N VAL C 434 35.10 11.26 0.87
CA VAL C 434 34.67 12.18 1.92
C VAL C 434 33.25 11.81 2.33
N ASN C 435 33.09 11.42 3.59
CA ASN C 435 31.80 11.04 4.15
C ASN C 435 31.33 12.16 5.07
N ILE C 436 30.15 12.71 4.81
CA ILE C 436 29.60 13.81 5.59
C ILE C 436 28.28 13.37 6.24
N ASN C 437 28.27 13.31 7.57
CA ASN C 437 27.14 13.02 8.44
C ASN C 437 26.68 11.56 8.37
N HIS C 438 27.35 10.71 7.59
CA HIS C 438 27.03 9.28 7.53
C HIS C 438 28.21 8.54 6.89
N PHE C 439 28.08 7.22 6.81
CA PHE C 439 29.12 6.38 6.21
C PHE C 439 28.55 5.83 4.92
N GLY C 440 29.03 6.33 3.78
CA GLY C 440 28.36 6.02 2.54
C GLY C 440 29.24 5.35 1.50
N MET C 441 30.20 4.54 1.94
CA MET C 441 31.10 3.89 1.01
C MET C 441 30.69 2.47 0.66
N GLY C 442 29.60 1.96 1.25
CA GLY C 442 29.08 0.65 0.95
C GLY C 442 28.58 0.41 -0.46
N PRO C 443 27.89 1.37 -1.10
CA PRO C 443 27.23 1.05 -2.39
C PRO C 443 28.18 0.64 -3.50
N ALA C 444 27.85 -0.47 -4.17
CA ALA C 444 28.65 -0.94 -5.31
C ALA C 444 28.70 0.08 -6.45
N GLU C 445 27.68 0.95 -6.58
CA GLU C 445 27.57 1.91 -7.68
C GLU C 445 28.41 3.17 -7.48
N ILE C 446 29.20 3.27 -6.41
CA ILE C 446 30.07 4.43 -6.24
C ILE C 446 31.52 3.99 -6.36
N PRO C 447 32.45 4.88 -6.75
CA PRO C 447 33.85 4.48 -6.87
C PRO C 447 34.62 4.57 -5.55
N PHE C 448 35.36 3.52 -5.22
CA PHE C 448 36.09 3.40 -3.96
C PHE C 448 37.58 3.39 -4.29
N GLY C 449 38.32 4.35 -3.75
CA GLY C 449 39.74 4.43 -4.04
C GLY C 449 40.35 5.59 -3.30
N GLY C 450 41.68 5.68 -3.41
CA GLY C 450 42.44 6.65 -2.64
C GLY C 450 43.33 7.53 -3.51
N VAL C 451 44.00 8.46 -2.83
CA VAL C 451 45.01 9.33 -3.42
C VAL C 451 46.29 9.22 -2.59
N LYS C 452 47.34 9.90 -3.05
CA LYS C 452 48.67 9.93 -2.42
C LYS C 452 49.12 8.50 -2.12
N ASP C 453 49.60 8.19 -0.90
CA ASP C 453 50.11 6.86 -0.63
C ASP C 453 49.03 5.79 -0.58
N SER C 454 47.74 6.16 -0.63
CA SER C 454 46.65 5.22 -0.47
C SER C 454 46.31 4.43 -1.73
N GLY C 455 46.98 4.67 -2.85
CA GLY C 455 46.80 3.81 -4.01
C GLY C 455 46.45 4.57 -5.27
N PHE C 456 46.06 3.80 -6.30
CA PHE C 456 45.70 4.29 -7.62
C PHE C 456 44.48 3.55 -8.13
N GLY C 457 43.64 4.25 -8.88
CA GLY C 457 42.46 3.60 -9.43
C GLY C 457 41.33 3.49 -8.43
N SER C 458 40.21 3.00 -8.92
CA SER C 458 38.99 2.88 -8.16
C SER C 458 38.42 1.50 -8.36
N GLU C 459 37.68 1.02 -7.36
CA GLU C 459 36.90 -0.19 -7.47
C GLU C 459 35.44 0.15 -7.23
N GLY C 460 34.54 -0.52 -7.95
CA GLY C 460 33.13 -0.20 -7.93
C GLY C 460 32.80 0.97 -8.84
N GLY C 461 31.50 1.24 -8.96
CA GLY C 461 31.05 2.37 -9.75
C GLY C 461 31.33 2.22 -11.25
N MET C 462 31.20 3.36 -11.92
CA MET C 462 31.46 3.43 -13.35
C MET C 462 32.94 3.23 -13.64
N GLU C 463 33.80 3.64 -12.71
CA GLU C 463 35.26 3.60 -12.85
C GLU C 463 35.83 2.20 -12.71
N ALA C 464 34.99 1.19 -12.45
CA ALA C 464 35.51 -0.09 -11.97
C ALA C 464 36.43 -0.76 -12.98
N PHE C 465 36.19 -0.55 -14.27
CA PHE C 465 36.92 -1.26 -15.30
C PHE C 465 38.10 -0.46 -15.83
N ASP C 466 38.36 0.74 -15.30
CA ASP C 466 39.33 1.63 -15.95
C ASP C 466 40.71 0.99 -16.00
N GLY C 467 41.13 0.32 -14.93
CA GLY C 467 42.44 -0.33 -14.98
C GLY C 467 42.48 -1.58 -15.85
N TYR C 468 41.33 -2.12 -16.24
CA TYR C 468 41.26 -3.39 -16.94
C TYR C 468 41.02 -3.25 -18.44
N LEU C 469 40.75 -2.05 -18.92
CA LEU C 469 40.45 -1.83 -20.33
C LEU C 469 41.56 -0.98 -20.96
N VAL C 470 41.89 -1.28 -22.21
CA VAL C 470 42.77 -0.41 -22.98
C VAL C 470 41.91 0.46 -23.89
N THR C 471 42.40 1.66 -24.17
CA THR C 471 41.80 2.56 -25.15
C THR C 471 42.35 2.21 -26.54
N LYS C 472 41.46 2.10 -27.53
CA LYS C 472 41.89 1.89 -28.91
C LYS C 472 41.23 2.93 -29.78
N PHE C 473 42.04 3.80 -30.38
CA PHE C 473 41.52 4.76 -31.34
C PHE C 473 41.55 4.13 -32.73
N VAL C 474 40.38 4.03 -33.36
CA VAL C 474 40.27 3.53 -34.72
C VAL C 474 39.73 4.66 -35.60
N THR C 475 40.47 5.00 -36.64
CA THR C 475 40.06 6.03 -37.58
C THR C 475 40.11 5.44 -38.98
N GLN C 476 39.00 5.54 -39.71
CA GLN C 476 38.86 4.86 -40.99
C GLN C 476 38.35 5.83 -42.05
N MET C 477 39.04 5.91 -43.17
CA MET C 477 38.59 6.69 -44.32
C MET C 477 37.91 5.77 -45.32
N ASN C 478 36.69 6.12 -45.72
CA ASN C 478 35.97 5.33 -46.70
C ASN C 478 35.71 6.14 -47.95
N HIS D 2 72.40 35.35 -33.59
CA HIS D 2 72.08 36.13 -34.78
C HIS D 2 70.83 35.58 -35.45
N ASP D 3 70.95 34.41 -36.09
CA ASP D 3 69.81 33.74 -36.67
C ASP D 3 69.18 32.73 -35.72
N TYR D 4 69.78 32.54 -34.54
CA TYR D 4 69.29 31.59 -33.53
C TYR D 4 69.12 32.34 -32.21
N ALA D 5 68.02 32.06 -31.52
CA ALA D 5 67.61 32.81 -30.34
C ALA D 5 68.41 32.41 -29.09
N PRO D 6 68.46 33.29 -28.09
CA PRO D 6 69.15 32.93 -26.84
C PRO D 6 68.43 31.82 -26.09
N LEU D 7 69.20 30.91 -25.52
CA LEU D 7 68.67 29.78 -24.77
C LEU D 7 68.70 30.12 -23.28
N ARG D 8 67.57 29.93 -22.58
CA ARG D 8 67.40 30.39 -21.20
CA ARG D 8 67.47 30.34 -21.19
C ARG D 8 66.64 29.36 -20.37
N LEU D 9 66.85 29.40 -19.06
CA LEU D 9 65.96 28.74 -18.12
C LEU D 9 64.78 29.66 -17.80
N TYR D 10 63.70 29.07 -17.28
CA TYR D 10 62.51 29.84 -16.90
C TYR D 10 61.94 29.27 -15.61
N ILE D 11 62.04 30.04 -14.54
CA ILE D 11 61.68 29.55 -13.20
C ILE D 11 60.91 30.65 -12.48
N ASP D 12 59.72 30.32 -12.01
CA ASP D 12 58.93 31.24 -11.19
C ASP D 12 58.75 32.59 -11.90
N GLY D 13 58.42 32.52 -13.18
CA GLY D 13 58.12 33.73 -13.93
C GLY D 13 59.32 34.55 -14.34
N ARG D 14 60.54 34.04 -14.18
CA ARG D 14 61.71 34.81 -14.57
C ARG D 14 62.58 33.96 -15.49
N PHE D 15 63.11 34.59 -16.53
CA PHE D 15 64.11 33.95 -17.36
C PHE D 15 65.48 34.08 -16.71
N HIS D 16 66.32 33.06 -16.91
CA HIS D 16 67.70 33.07 -16.44
C HIS D 16 68.62 32.68 -17.58
N ASP D 17 69.64 33.50 -17.80
CA ASP D 17 70.77 33.12 -18.63
C ASP D 17 71.68 32.24 -17.77
N ALA D 18 72.85 31.87 -18.30
CA ALA D 18 73.68 30.90 -17.59
C ALA D 18 74.21 31.47 -16.26
N ASP D 19 74.58 32.75 -16.24
CA ASP D 19 75.30 33.38 -15.14
C ASP D 19 76.16 32.41 -14.34
N GLY D 20 77.20 31.87 -14.96
CA GLY D 20 78.08 30.95 -14.28
C GLY D 20 77.63 29.49 -14.23
N ARG D 21 76.51 29.13 -14.85
CA ARG D 21 76.06 27.75 -14.81
C ARG D 21 76.78 26.95 -15.89
N ARG D 22 76.82 25.64 -15.72
CA ARG D 22 77.36 24.80 -16.78
C ARG D 22 76.46 24.91 -18.02
N THR D 23 77.07 24.87 -19.19
CA THR D 23 76.33 24.92 -20.42
C THR D 23 76.68 23.71 -21.29
N GLN D 24 75.89 23.53 -22.34
CA GLN D 24 76.09 22.45 -23.27
C GLN D 24 75.85 23.03 -24.67
N PRO D 25 76.69 22.71 -25.65
CA PRO D 25 76.47 23.24 -27.00
C PRO D 25 75.27 22.63 -27.68
N VAL D 26 74.62 23.44 -28.51
CA VAL D 26 73.50 23.04 -29.37
C VAL D 26 73.98 23.09 -30.81
N VAL D 27 73.83 21.97 -31.53
CA VAL D 27 74.46 21.81 -32.83
C VAL D 27 73.38 21.71 -33.92
N ASP D 28 73.62 22.37 -35.04
CA ASP D 28 72.77 22.24 -36.22
C ASP D 28 73.07 20.92 -36.91
N PRO D 29 72.12 19.99 -36.97
CA PRO D 29 72.44 18.67 -37.53
C PRO D 29 72.72 18.66 -39.02
N GLY D 30 72.37 19.71 -39.77
CA GLY D 30 72.63 19.75 -41.20
C GLY D 30 73.96 20.36 -41.58
N THR D 31 74.53 21.18 -40.70
CA THR D 31 75.82 21.81 -40.96
C THR D 31 76.89 21.39 -39.95
N THR D 32 76.49 20.85 -38.79
CA THR D 32 77.31 20.49 -37.64
C THR D 32 77.88 21.70 -36.92
N ARG D 33 77.53 22.91 -37.33
CA ARG D 33 78.01 24.10 -36.64
C ARG D 33 77.24 24.29 -35.34
N VAL D 34 77.91 24.87 -34.35
CA VAL D 34 77.29 25.14 -33.06
C VAL D 34 76.41 26.38 -33.17
N LEU D 35 75.18 26.28 -32.68
CA LEU D 35 74.19 27.36 -32.73
C LEU D 35 74.20 28.23 -31.48
N GLY D 36 74.51 27.65 -30.33
CA GLY D 36 74.47 28.38 -29.08
C GLY D 36 74.73 27.44 -27.93
N GLU D 37 74.70 28.01 -26.74
CA GLU D 37 74.99 27.29 -25.51
C GLU D 37 73.72 27.19 -24.67
N LEU D 38 73.44 25.99 -24.16
CA LEU D 38 72.26 25.78 -23.34
C LEU D 38 72.66 25.78 -21.88
N PRO D 39 72.07 26.62 -21.03
CA PRO D 39 72.41 26.61 -19.60
C PRO D 39 71.77 25.45 -18.86
N HIS D 40 72.55 24.79 -18.00
CA HIS D 40 72.02 23.71 -17.16
C HIS D 40 71.52 24.24 -15.85
N ALA D 41 70.35 23.75 -15.43
CA ALA D 41 69.84 24.06 -14.11
C ALA D 41 70.67 23.40 -13.03
N THR D 42 70.93 24.14 -11.94
CA THR D 42 71.52 23.52 -10.77
C THR D 42 70.45 22.75 -9.97
N ALA D 43 70.92 21.95 -9.02
CA ALA D 43 70.00 21.31 -8.09
C ALA D 43 69.13 22.34 -7.40
N HIS D 44 69.73 23.48 -7.03
CA HIS D 44 68.95 24.54 -6.39
C HIS D 44 67.93 25.14 -7.34
N ASP D 45 68.31 25.35 -8.61
CA ASP D 45 67.34 25.80 -9.60
C ASP D 45 66.13 24.87 -9.67
N ILE D 46 66.36 23.56 -9.64
CA ILE D 46 65.28 22.61 -9.81
C ILE D 46 64.39 22.61 -8.58
N ASP D 47 64.99 22.67 -7.38
CA ASP D 47 64.23 22.85 -6.15
C ASP D 47 63.38 24.11 -6.21
N ALA D 48 63.96 25.22 -6.67
CA ALA D 48 63.20 26.46 -6.71
C ALA D 48 62.02 26.33 -7.67
N ALA D 49 62.20 25.61 -8.77
CA ALA D 49 61.12 25.42 -9.73
C ALA D 49 60.00 24.57 -9.13
N VAL D 50 60.34 23.52 -8.41
CA VAL D 50 59.33 22.69 -7.80
C VAL D 50 58.56 23.47 -6.73
N GLN D 51 59.29 24.24 -5.92
CA GLN D 51 58.63 25.06 -4.91
C GLN D 51 57.76 26.13 -5.56
N ALA D 52 58.25 26.75 -6.64
CA ALA D 52 57.45 27.75 -7.35
C ALA D 52 56.19 27.14 -7.93
N ALA D 53 56.32 25.94 -8.52
CA ALA D 53 55.16 25.28 -9.09
C ALA D 53 54.14 24.95 -8.00
N HIS D 54 54.61 24.60 -6.80
CA HIS D 54 53.69 24.28 -5.72
C HIS D 54 52.96 25.50 -5.20
N ARG D 55 53.67 26.62 -5.00
CA ARG D 55 52.99 27.85 -4.60
C ARG D 55 51.96 28.27 -5.64
N ALA D 56 52.34 28.18 -6.93
CA ALA D 56 51.42 28.55 -8.00
C ALA D 56 50.17 27.66 -8.00
N PHE D 57 50.35 26.35 -7.74
CA PHE D 57 49.25 25.41 -7.79
C PHE D 57 48.14 25.78 -6.80
N VAL D 58 48.52 26.31 -5.64
CA VAL D 58 47.55 26.64 -4.59
C VAL D 58 46.44 27.55 -5.12
N THR D 59 46.78 28.52 -5.97
CA THR D 59 45.75 29.42 -6.50
C THR D 59 45.27 29.06 -7.90
N TRP D 60 46.17 28.56 -8.76
CA TRP D 60 45.78 28.23 -10.13
C TRP D 60 44.73 27.12 -10.16
N ARG D 61 44.78 26.18 -9.20
CA ARG D 61 43.79 25.12 -9.13
C ARG D 61 42.38 25.66 -8.97
N HIS D 62 42.24 26.85 -8.37
CA HIS D 62 40.96 27.46 -8.07
C HIS D 62 40.59 28.56 -9.05
N GLU D 63 41.48 28.91 -9.99
CA GLU D 63 41.16 29.90 -11.00
C GLU D 63 40.01 29.41 -11.87
N SER D 64 39.19 30.33 -12.32
CA SER D 64 38.06 29.98 -13.18
C SER D 64 38.53 29.21 -14.41
N PRO D 65 37.89 28.09 -14.77
CA PRO D 65 38.27 27.39 -16.01
C PRO D 65 38.10 28.25 -17.25
N LEU D 66 37.19 29.22 -17.23
CA LEU D 66 37.10 30.12 -18.37
C LEU D 66 38.24 31.14 -18.37
N VAL D 67 38.66 31.62 -17.19
CA VAL D 67 39.83 32.47 -17.15
C VAL D 67 41.07 31.70 -17.62
N ARG D 68 41.23 30.46 -17.18
CA ARG D 68 42.36 29.64 -17.61
C ARG D 68 42.29 29.38 -19.11
N SER D 69 41.09 29.11 -19.62
CA SER D 69 40.91 28.92 -21.06
C SER D 69 41.31 30.18 -21.84
N ASP D 70 40.81 31.35 -21.42
CA ASP D 70 41.19 32.59 -22.10
C ASP D 70 42.71 32.69 -22.22
N LEU D 71 43.42 32.42 -21.11
CA LEU D 71 44.87 32.58 -21.11
C LEU D 71 45.55 31.57 -22.02
N LEU D 72 45.12 30.32 -21.95
CA LEU D 72 45.72 29.29 -22.81
C LEU D 72 45.47 29.61 -24.29
N ARG D 73 44.30 30.16 -24.61
CA ARG D 73 44.01 30.54 -26.00
C ARG D 73 44.89 31.71 -26.45
N ARG D 74 45.11 32.69 -25.57
CA ARG D 74 46.06 33.76 -25.88
C ARG D 74 47.44 33.20 -26.22
N ALA D 75 47.91 32.26 -25.41
CA ALA D 75 49.19 31.61 -25.68
C ALA D 75 49.17 30.92 -27.04
N ALA D 76 48.06 30.25 -27.37
CA ALA D 76 47.96 29.57 -28.66
C ALA D 76 48.01 30.59 -29.81
N ALA D 77 47.32 31.72 -29.66
CA ALA D 77 47.33 32.75 -30.69
C ALA D 77 48.73 33.28 -30.92
N LEU D 78 49.50 33.46 -29.85
CA LEU D 78 50.88 33.92 -30.00
C LEU D 78 51.72 32.87 -30.72
N ALA D 79 51.55 31.59 -30.36
CA ALA D 79 52.26 30.53 -31.06
C ALA D 79 51.97 30.58 -32.55
N ARG D 80 50.71 30.82 -32.92
CA ARG D 80 50.39 30.93 -34.35
C ARG D 80 51.10 32.12 -34.97
N GLU D 81 51.13 33.25 -34.29
CA GLU D 81 51.82 34.42 -34.82
C GLU D 81 53.31 34.17 -35.01
N ARG D 82 53.92 33.38 -34.15
CA ARG D 82 55.37 33.21 -34.15
C ARG D 82 55.81 31.95 -34.86
N ALA D 83 54.91 31.30 -35.60
CA ALA D 83 55.17 29.97 -36.12
C ALA D 83 56.40 29.94 -37.02
N GLU D 84 56.58 30.93 -37.88
CA GLU D 84 57.72 30.91 -38.81
C GLU D 84 59.05 31.01 -38.07
N THR D 85 59.14 31.92 -37.11
CA THR D 85 60.39 32.07 -36.37
C THR D 85 60.66 30.86 -35.50
N ILE D 86 59.64 30.40 -34.76
CA ILE D 86 59.80 29.21 -33.94
C ILE D 86 60.15 28.02 -34.82
N GLY D 87 59.49 27.92 -35.98
CA GLY D 87 59.74 26.81 -36.88
C GLY D 87 61.16 26.82 -37.45
N ARG D 88 61.61 27.99 -37.91
CA ARG D 88 62.97 28.10 -38.42
C ARG D 88 63.99 27.60 -37.39
N HIS D 89 63.83 28.01 -36.14
CA HIS D 89 64.80 27.59 -35.11
C HIS D 89 64.72 26.09 -34.88
N ILE D 90 63.52 25.51 -35.01
CA ILE D 90 63.37 24.07 -34.88
C ILE D 90 64.13 23.36 -35.99
N THR D 91 63.95 23.81 -37.24
CA THR D 91 64.75 23.26 -38.34
C THR D 91 66.23 23.34 -38.00
N MET D 92 66.67 24.46 -37.45
CA MET D 92 68.09 24.63 -37.19
C MET D 92 68.60 23.70 -36.11
N ASP D 93 67.86 23.52 -35.01
CA ASP D 93 68.42 22.72 -33.92
C ASP D 93 67.86 21.30 -33.87
N GLN D 94 66.99 20.94 -34.83
CA GLN D 94 66.47 19.58 -34.89
C GLN D 94 66.66 18.91 -36.25
N GLY D 95 66.53 19.65 -37.35
CA GLY D 95 66.87 19.15 -38.69
C GLY D 95 65.71 19.13 -39.67
N LYS D 96 64.48 19.03 -39.18
CA LYS D 96 63.34 18.82 -40.06
C LYS D 96 63.12 20.00 -40.98
N PRO D 97 62.53 19.77 -42.16
CA PRO D 97 62.25 20.87 -43.10
C PRO D 97 61.33 21.91 -42.48
N LEU D 98 61.51 23.16 -42.92
CA LEU D 98 60.75 24.29 -42.37
C LEU D 98 59.24 24.06 -42.43
N ARG D 99 58.73 23.53 -43.54
CA ARG D 99 57.29 23.33 -43.65
C ARG D 99 56.77 22.41 -42.56
N GLU D 100 57.56 21.38 -42.19
CA GLU D 100 57.18 20.47 -41.12
C GLU D 100 57.23 21.16 -39.76
N ALA D 101 58.26 21.98 -39.53
CA ALA D 101 58.38 22.68 -38.26
C ALA D 101 57.22 23.64 -38.06
N ILE D 102 56.83 24.36 -39.11
CA ILE D 102 55.69 25.26 -39.00
C ILE D 102 54.41 24.46 -38.77
N ALA D 103 54.23 23.36 -39.51
CA ALA D 103 53.06 22.55 -39.30
C ALA D 103 53.01 21.99 -37.88
N GLU D 104 54.18 21.68 -37.31
CA GLU D 104 54.21 21.21 -35.93
C GLU D 104 53.72 22.30 -34.98
N VAL D 105 54.12 23.55 -35.18
CA VAL D 105 53.70 24.64 -34.31
C VAL D 105 52.19 24.83 -34.39
N VAL D 106 51.65 24.84 -35.61
CA VAL D 106 50.21 25.01 -35.81
C VAL D 106 49.45 23.88 -35.14
N SER D 107 49.94 22.66 -35.30
CA SER D 107 49.30 21.52 -34.65
C SER D 107 49.29 21.68 -33.13
N ALA D 108 50.39 22.16 -32.57
CA ALA D 108 50.48 22.36 -31.12
C ALA D 108 49.51 23.44 -30.66
N ALA D 109 49.33 24.49 -31.46
CA ALA D 109 48.36 25.52 -31.14
C ALA D 109 46.94 24.95 -31.10
N GLU D 110 46.60 24.08 -32.06
CA GLU D 110 45.29 23.42 -32.03
C GLU D 110 45.15 22.55 -30.80
N GLN D 111 46.23 21.87 -30.43
CA GLN D 111 46.19 21.03 -29.25
C GLN D 111 45.98 21.87 -28.00
N LEU D 112 46.66 23.02 -27.92
CA LEU D 112 46.50 23.89 -26.76
C LEU D 112 45.06 24.43 -26.66
N GLU D 113 44.48 24.81 -27.79
CA GLU D 113 43.12 25.33 -27.81
C GLU D 113 42.11 24.25 -27.40
N TRP D 114 42.29 23.02 -27.90
CA TRP D 114 41.43 21.93 -27.49
C TRP D 114 41.45 21.75 -25.98
N HIS D 115 42.64 21.84 -25.38
CA HIS D 115 42.74 21.68 -23.93
C HIS D 115 42.10 22.84 -23.18
N ALA D 116 42.24 24.06 -23.70
CA ALA D 116 41.53 25.20 -23.11
C ALA D 116 40.04 24.92 -23.03
N GLU D 117 39.47 24.40 -24.13
CA GLU D 117 38.05 24.06 -24.18
C GLU D 117 37.74 22.90 -23.26
N GLU D 118 38.63 21.90 -23.21
CA GLU D 118 38.34 20.71 -22.42
C GLU D 118 38.42 20.99 -20.92
N GLY D 119 39.24 21.97 -20.52
CA GLY D 119 39.35 22.33 -19.11
C GLY D 119 38.05 22.84 -18.50
N ARG D 120 37.12 23.29 -19.34
CA ARG D 120 35.81 23.68 -18.83
C ARG D 120 34.91 22.49 -18.61
N ARG D 121 35.34 21.29 -19.01
CA ARG D 121 34.46 20.14 -19.11
C ARG D 121 34.98 18.95 -18.30
N THR D 122 35.72 19.24 -17.23
CA THR D 122 36.21 18.19 -16.33
C THR D 122 35.08 17.77 -15.38
N TYR D 123 34.02 17.22 -15.98
CA TYR D 123 32.75 17.01 -15.31
C TYR D 123 32.84 15.99 -14.19
N GLY D 124 32.07 16.24 -13.12
CA GLY D 124 31.83 15.23 -12.12
C GLY D 124 30.52 14.49 -12.38
N ARG D 125 30.22 13.53 -11.52
CA ARG D 125 29.03 12.71 -11.72
C ARG D 125 28.19 12.73 -10.45
N VAL D 126 26.87 12.80 -10.61
CA VAL D 126 25.93 12.61 -9.51
C VAL D 126 25.39 11.19 -9.62
N VAL D 127 25.62 10.38 -8.60
CA VAL D 127 25.17 8.98 -8.58
C VAL D 127 23.88 8.91 -7.78
N PRO D 128 22.75 8.50 -8.37
CA PRO D 128 21.49 8.45 -7.62
C PRO D 128 21.62 7.58 -6.37
N ALA D 129 21.20 8.14 -5.24
CA ALA D 129 21.44 7.55 -3.93
C ALA D 129 20.33 6.58 -3.55
N ARG D 130 20.65 5.68 -2.62
CA ARG D 130 19.65 4.72 -2.16
C ARG D 130 18.65 5.33 -1.18
N SER D 131 18.95 6.52 -0.67
CA SER D 131 18.12 7.22 0.29
C SER D 131 17.92 8.65 -0.18
N PRO D 132 16.71 9.21 -0.02
CA PRO D 132 16.43 10.55 -0.56
C PRO D 132 17.10 11.70 0.19
N ASP D 133 17.69 11.45 1.35
CA ASP D 133 18.42 12.48 2.08
C ASP D 133 19.92 12.51 1.76
N VAL D 134 20.38 11.65 0.84
CA VAL D 134 21.80 11.50 0.54
C VAL D 134 22.12 12.08 -0.83
N MET D 135 23.27 12.75 -0.94
CA MET D 135 23.78 13.30 -2.18
C MET D 135 25.14 12.69 -2.46
N GLN D 136 25.28 11.99 -3.59
CA GLN D 136 26.50 11.30 -3.99
C GLN D 136 27.09 11.95 -5.22
N THR D 137 28.27 12.53 -5.10
CA THR D 137 28.96 13.16 -6.21
C THR D 137 30.36 12.57 -6.38
N VAL D 138 30.75 12.38 -7.63
CA VAL D 138 32.09 11.93 -7.97
C VAL D 138 32.78 13.11 -8.63
N LEU D 139 33.72 13.73 -7.91
CA LEU D 139 34.40 14.92 -8.40
C LEU D 139 35.74 14.53 -9.00
N ARG D 140 36.23 15.36 -9.92
CA ARG D 140 37.56 15.20 -10.49
C ARG D 140 38.38 16.45 -10.19
N GLU D 141 39.50 16.29 -9.49
CA GLU D 141 40.27 17.44 -9.04
C GLU D 141 41.73 17.33 -9.44
N PRO D 142 42.39 18.45 -9.72
CA PRO D 142 43.79 18.41 -10.18
C PRO D 142 44.70 17.81 -9.11
N ILE D 143 45.63 16.96 -9.56
CA ILE D 143 46.43 16.17 -8.63
C ILE D 143 47.48 17.02 -7.93
N GLY D 144 48.03 18.05 -8.60
CA GLY D 144 49.08 18.83 -7.98
C GLY D 144 50.23 19.18 -8.90
N VAL D 145 51.44 19.25 -8.36
CA VAL D 145 52.61 19.62 -9.17
C VAL D 145 53.01 18.43 -10.03
N CYS D 146 53.23 18.69 -11.32
CA CYS D 146 53.64 17.68 -12.29
C CYS D 146 55.07 17.91 -12.76
N ALA D 147 55.75 16.82 -13.07
CA ALA D 147 57.05 16.85 -13.73
C ALA D 147 56.93 16.15 -15.07
N ALA D 148 57.45 16.76 -16.12
CA ALA D 148 57.31 16.21 -17.45
C ALA D 148 58.64 16.25 -18.18
N PHE D 149 58.84 15.26 -19.05
CA PHE D 149 60.06 15.15 -19.81
C PHE D 149 59.66 14.85 -21.25
N SER D 150 60.16 15.66 -22.19
CA SER D 150 59.69 15.47 -23.55
C SER D 150 60.88 15.45 -24.50
N PRO D 151 60.76 14.74 -25.61
CA PRO D 151 61.94 14.49 -26.45
C PRO D 151 62.10 15.48 -27.60
N TRP D 152 63.08 15.20 -28.47
CA TRP D 152 63.50 16.11 -29.53
C TRP D 152 62.78 15.91 -30.86
N ASN D 153 62.04 14.80 -31.05
CA ASN D 153 61.60 14.53 -32.42
C ASN D 153 60.53 15.53 -32.86
N PHE D 154 59.65 15.96 -31.95
CA PHE D 154 58.74 17.08 -32.16
C PHE D 154 58.91 17.99 -30.95
N PRO D 155 59.99 18.76 -30.90
CA PRO D 155 60.32 19.44 -29.63
C PRO D 155 59.23 20.39 -29.18
N PHE D 156 58.53 21.01 -30.12
CA PHE D 156 57.50 21.96 -29.71
C PHE D 156 56.20 21.26 -29.34
N SER D 157 55.69 20.36 -30.19
CA SER D 157 54.37 19.81 -29.91
C SER D 157 54.40 18.73 -28.83
N GLN D 158 55.48 17.94 -28.71
CA GLN D 158 55.56 17.01 -27.59
C GLN D 158 55.51 17.77 -26.27
N ALA D 159 56.23 18.88 -26.18
CA ALA D 159 56.23 19.67 -24.96
C ALA D 159 54.88 20.31 -24.72
N MET D 160 54.24 20.79 -25.79
CA MET D 160 52.91 21.40 -25.66
C MET D 160 51.92 20.42 -25.03
N HIS D 161 52.00 19.14 -25.41
CA HIS D 161 51.14 18.13 -24.80
C HIS D 161 51.27 18.16 -23.28
N LYS D 162 52.50 18.21 -22.79
CA LYS D 162 52.73 18.23 -21.35
C LYS D 162 52.20 19.51 -20.73
N ILE D 163 52.46 20.66 -21.36
CA ILE D 163 52.04 21.94 -20.79
C ILE D 163 50.52 22.09 -20.85
N ALA D 164 49.92 21.79 -22.01
CA ALA D 164 48.49 21.99 -22.17
C ALA D 164 47.71 21.12 -21.20
N ALA D 165 48.09 19.84 -21.07
CA ALA D 165 47.37 18.93 -20.19
C ALA D 165 47.53 19.33 -18.72
N ALA D 166 48.74 19.67 -18.29
CA ALA D 166 48.93 20.06 -16.90
C ALA D 166 48.15 21.33 -16.57
N LEU D 167 48.37 22.40 -17.35
CA LEU D 167 47.79 23.70 -17.03
C LEU D 167 46.27 23.68 -17.15
N ALA D 168 45.73 23.08 -18.21
CA ALA D 168 44.29 23.14 -18.41
C ALA D 168 43.53 22.26 -17.42
N SER D 169 44.19 21.28 -16.81
CA SER D 169 43.55 20.51 -15.76
C SER D 169 43.58 21.24 -14.41
N GLY D 170 44.28 22.36 -14.31
CA GLY D 170 44.46 23.02 -13.04
C GLY D 170 45.72 22.67 -12.29
N CYS D 171 46.59 21.83 -12.86
CA CYS D 171 47.89 21.52 -12.27
C CYS D 171 48.92 22.56 -12.69
N THR D 172 50.11 22.46 -12.08
CA THR D 172 51.28 23.20 -12.54
C THR D 172 52.39 22.21 -12.88
N LEU D 173 53.45 22.73 -13.49
CA LEU D 173 54.37 21.89 -14.23
C LEU D 173 55.82 22.34 -14.08
N VAL D 174 56.72 21.39 -13.85
CA VAL D 174 58.14 21.56 -14.12
C VAL D 174 58.49 20.66 -15.28
N LEU D 175 58.99 21.26 -16.36
CA LEU D 175 59.23 20.57 -17.62
C LEU D 175 60.72 20.54 -17.94
N LYS D 176 61.22 19.37 -18.32
CA LYS D 176 62.56 19.25 -18.89
C LYS D 176 62.41 18.81 -20.34
N GLY D 177 62.47 19.76 -21.26
CA GLY D 177 62.45 19.41 -22.66
C GLY D 177 63.80 18.91 -23.14
N PRO D 178 63.93 18.72 -24.45
CA PRO D 178 65.14 18.09 -25.03
C PRO D 178 66.31 19.07 -25.12
N GLU D 179 67.40 18.73 -24.41
CA GLU D 179 68.61 19.55 -24.47
C GLU D 179 69.17 19.65 -25.89
N GLU D 180 69.02 18.61 -26.71
CA GLU D 180 69.62 18.66 -28.04
C GLU D 180 68.84 19.51 -29.04
N SER D 181 67.58 19.83 -28.75
CA SER D 181 66.77 20.68 -29.63
C SER D 181 65.94 21.61 -28.77
N PRO D 182 66.57 22.58 -28.10
CA PRO D 182 65.90 23.31 -27.02
C PRO D 182 65.15 24.58 -27.41
N SER D 183 65.34 25.16 -28.60
CA SER D 183 64.74 26.47 -28.86
C SER D 183 63.22 26.42 -28.76
N ALA D 184 62.61 25.32 -29.19
CA ALA D 184 61.15 25.19 -29.11
C ALA D 184 60.65 25.37 -27.69
N ILE D 185 61.39 24.86 -26.70
CA ILE D 185 60.97 24.94 -25.31
C ILE D 185 61.07 26.36 -24.80
N VAL D 186 62.16 27.05 -25.16
CA VAL D 186 62.31 28.45 -24.79
C VAL D 186 61.16 29.28 -25.35
N ALA D 187 60.80 29.03 -26.61
CA ALA D 187 59.69 29.76 -27.21
C ALA D 187 58.37 29.48 -26.48
N LEU D 188 58.17 28.23 -26.04
CA LEU D 188 56.97 27.90 -25.27
C LEU D 188 56.93 28.69 -23.97
N ALA D 189 58.05 28.72 -23.24
CA ALA D 189 58.12 29.53 -22.03
C ALA D 189 57.85 31.00 -22.35
N GLN D 190 58.40 31.49 -23.46
CA GLN D 190 58.23 32.90 -23.79
C GLN D 190 56.78 33.25 -24.07
N LEU D 191 56.07 32.38 -24.80
CA LEU D 191 54.71 32.74 -25.18
C LEU D 191 53.72 32.56 -24.02
N PHE D 192 53.95 31.60 -23.13
CA PHE D 192 53.10 31.53 -21.96
C PHE D 192 53.39 32.70 -21.02
N HIS D 193 54.66 33.10 -20.94
CA HIS D 193 55.04 34.31 -20.21
C HIS D 193 54.36 35.54 -20.80
N ASP D 194 54.44 35.70 -22.12
CA ASP D 194 53.84 36.86 -22.77
C ASP D 194 52.31 36.84 -22.68
N ALA D 195 51.71 35.65 -22.56
CA ALA D 195 50.26 35.59 -22.36
C ALA D 195 49.86 35.90 -20.93
N GLY D 196 50.81 36.06 -20.02
CA GLY D 196 50.49 36.39 -18.64
C GLY D 196 50.25 35.22 -17.71
N LEU D 197 50.71 34.02 -18.08
CA LEU D 197 50.59 32.87 -17.19
C LEU D 197 51.26 33.20 -15.86
N PRO D 198 50.58 32.98 -14.73
CA PRO D 198 51.12 33.41 -13.45
C PRO D 198 52.44 32.74 -13.14
N PRO D 199 53.33 33.42 -12.43
CA PRO D 199 54.65 32.84 -12.13
C PRO D 199 54.52 31.55 -11.33
N GLY D 200 55.40 30.60 -11.65
CA GLY D 200 55.39 29.28 -11.04
C GLY D 200 54.58 28.23 -11.79
N CYS D 201 53.59 28.62 -12.60
CA CYS D 201 52.74 27.65 -13.27
C CYS D 201 53.53 26.77 -14.25
N LEU D 202 54.46 27.37 -14.98
CA LEU D 202 55.28 26.65 -15.93
C LEU D 202 56.75 26.99 -15.67
N ASN D 203 57.55 25.96 -15.48
CA ASN D 203 58.98 26.12 -15.29
C ASN D 203 59.71 25.17 -16.22
N ILE D 204 60.75 25.66 -16.88
CA ILE D 204 61.53 24.79 -17.76
C ILE D 204 62.96 24.72 -17.26
N VAL D 205 63.50 23.51 -17.22
CA VAL D 205 64.82 23.26 -16.70
C VAL D 205 65.57 22.41 -17.69
N TRP D 206 66.89 22.34 -17.52
CA TRP D 206 67.77 21.59 -18.38
C TRP D 206 68.84 20.96 -17.51
N GLY D 207 69.42 19.87 -18.00
CA GLY D 207 70.60 19.33 -17.37
C GLY D 207 70.92 17.96 -17.91
N VAL D 208 71.69 17.20 -17.13
CA VAL D 208 71.93 15.78 -17.39
C VAL D 208 70.60 15.07 -17.20
N PRO D 209 70.04 14.43 -18.23
CA PRO D 209 68.64 13.98 -18.15
C PRO D 209 68.37 13.04 -16.99
N GLY D 210 69.26 12.06 -16.75
CA GLY D 210 69.06 11.15 -15.64
C GLY D 210 69.12 11.83 -14.29
N ASP D 211 69.99 12.83 -14.14
CA ASP D 211 70.08 13.52 -12.86
C ASP D 211 68.87 14.42 -12.62
N VAL D 212 68.43 15.16 -13.64
CA VAL D 212 67.29 16.06 -13.49
C VAL D 212 66.03 15.26 -13.19
N SER D 213 65.78 14.19 -13.96
CA SER D 213 64.55 13.43 -13.80
C SER D 213 64.51 12.75 -12.44
N LYS D 214 65.65 12.24 -11.98
CA LYS D 214 65.69 11.63 -10.65
C LYS D 214 65.28 12.64 -9.59
N GLN D 215 65.85 13.85 -9.67
CA GLN D 215 65.54 14.87 -8.67
C GLN D 215 64.07 15.29 -8.75
N LEU D 216 63.54 15.43 -9.97
CA LEU D 216 62.14 15.86 -10.11
C LEU D 216 61.19 14.79 -9.59
N ILE D 217 61.45 13.53 -9.90
CA ILE D 217 60.56 12.46 -9.44
C ILE D 217 60.64 12.32 -7.93
N GLU D 218 61.82 12.51 -7.36
CA GLU D 218 61.97 12.37 -5.91
C GLU D 218 61.58 13.61 -5.12
N ALA D 219 61.26 14.72 -5.78
CA ALA D 219 60.84 15.92 -5.04
C ALA D 219 59.49 15.63 -4.39
N PRO D 220 59.37 15.78 -3.07
CA PRO D 220 58.11 15.37 -2.39
C PRO D 220 56.88 16.08 -2.92
N GLN D 221 57.02 17.36 -3.29
CA GLN D 221 55.88 18.13 -3.77
C GLN D 221 55.40 17.64 -5.14
N VAL D 222 56.27 16.99 -5.92
CA VAL D 222 55.86 16.48 -7.22
C VAL D 222 54.96 15.26 -7.01
N ARG D 223 53.76 15.31 -7.58
CA ARG D 223 52.79 14.24 -7.38
C ARG D 223 52.50 13.43 -8.64
N LYS D 224 52.98 13.84 -9.81
CA LYS D 224 52.62 13.17 -11.05
C LYS D 224 53.72 13.39 -12.06
N ILE D 225 54.03 12.35 -12.83
CA ILE D 225 55.08 12.36 -13.84
C ILE D 225 54.47 12.09 -15.20
N SER D 226 55.00 12.74 -16.23
CA SER D 226 54.60 12.46 -17.60
C SER D 226 55.85 12.42 -18.46
N PHE D 227 56.08 11.31 -19.16
CA PHE D 227 57.32 11.05 -19.87
C PHE D 227 57.01 10.61 -21.29
N THR D 228 57.67 11.24 -22.25
CA THR D 228 57.67 10.78 -23.64
C THR D 228 59.13 10.54 -24.03
N GLY D 229 59.44 9.32 -24.45
CA GLY D 229 60.82 8.97 -24.76
C GLY D 229 60.92 7.48 -25.05
N SER D 230 62.09 6.92 -24.78
CA SER D 230 62.36 5.53 -25.14
C SER D 230 61.76 4.57 -24.13
N VAL D 231 61.48 3.34 -24.58
CA VAL D 231 60.93 2.32 -23.68
C VAL D 231 61.86 2.04 -22.50
N PRO D 232 63.17 1.79 -22.68
CA PRO D 232 63.99 1.47 -21.50
C PRO D 232 64.07 2.61 -20.48
N VAL D 233 64.18 3.86 -20.94
CA VAL D 233 64.18 4.96 -19.97
C VAL D 233 62.81 5.06 -19.29
N GLY D 234 61.74 4.92 -20.07
CA GLY D 234 60.41 4.89 -19.49
C GLY D 234 60.26 3.86 -18.40
N LYS D 235 60.81 2.66 -18.61
CA LYS D 235 60.72 1.61 -17.59
C LYS D 235 61.50 2.00 -16.33
N GLN D 236 62.68 2.59 -16.51
CA GLN D 236 63.47 3.01 -15.35
C GLN D 236 62.76 4.09 -14.56
N LEU D 237 62.24 5.12 -15.24
CA LEU D 237 61.59 6.24 -14.55
C LEU D 237 60.27 5.79 -13.92
N ALA D 238 59.53 4.92 -14.62
CA ALA D 238 58.26 4.42 -14.08
C ALA D 238 58.49 3.63 -12.79
N ALA D 239 59.55 2.83 -12.75
CA ALA D 239 59.86 2.07 -11.54
C ALA D 239 60.18 3.00 -10.39
N LEU D 240 60.95 4.06 -10.66
CA LEU D 240 61.27 5.04 -9.63
C LEU D 240 60.00 5.75 -9.13
N ALA D 241 59.17 6.21 -10.07
CA ALA D 241 57.94 6.89 -9.67
C ALA D 241 57.01 5.97 -8.88
N ALA D 242 56.84 4.72 -9.35
CA ALA D 242 55.94 3.81 -8.66
C ALA D 242 56.41 3.51 -7.24
N SER D 243 57.72 3.42 -7.04
CA SER D 243 58.26 3.17 -5.71
C SER D 243 57.91 4.28 -4.73
N LEU D 244 57.57 5.46 -5.25
CA LEU D 244 57.14 6.57 -4.42
C LEU D 244 55.64 6.81 -4.52
N MET D 245 54.92 5.85 -5.11
CA MET D 245 53.46 5.93 -5.21
C MET D 245 53.02 7.18 -5.96
N LYS D 246 53.80 7.60 -6.95
CA LYS D 246 53.48 8.74 -7.78
C LYS D 246 52.87 8.28 -9.09
N ARG D 247 51.79 8.95 -9.50
CA ARG D 247 51.11 8.62 -10.73
C ARG D 247 51.99 8.95 -11.95
N MET D 248 51.84 8.17 -13.01
CA MET D 248 52.63 8.40 -14.22
C MET D 248 51.79 8.13 -15.46
N THR D 249 52.10 8.85 -16.53
CA THR D 249 51.65 8.50 -17.88
C THR D 249 52.86 8.55 -18.79
N MET D 250 52.85 7.73 -19.84
CA MET D 250 54.02 7.46 -20.65
C MET D 250 53.63 7.31 -22.11
N GLU D 251 54.37 7.98 -22.99
CA GLU D 251 54.27 7.82 -24.43
C GLU D 251 55.64 7.30 -24.87
N LEU D 252 55.73 6.00 -25.14
CA LEU D 252 57.01 5.42 -25.45
C LEU D 252 57.08 5.10 -26.95
N GLY D 253 58.08 4.31 -27.33
CA GLY D 253 58.26 4.02 -28.74
C GLY D 253 57.17 3.11 -29.28
N GLY D 254 57.15 3.00 -30.61
CA GLY D 254 56.28 2.06 -31.29
C GLY D 254 57.07 1.28 -32.33
N HIS D 255 56.36 0.39 -33.03
CA HIS D 255 56.95 -0.39 -34.13
C HIS D 255 55.81 -0.73 -35.09
N ALA D 256 55.33 0.32 -35.76
CA ALA D 256 53.99 0.31 -36.34
C ALA D 256 53.93 -0.66 -37.52
N PRO D 257 53.02 -1.63 -37.48
CA PRO D 257 52.82 -2.50 -38.64
C PRO D 257 51.83 -1.86 -39.62
N VAL D 258 51.98 -2.23 -40.89
CA VAL D 258 51.08 -1.82 -41.96
C VAL D 258 50.60 -3.09 -42.64
N LEU D 259 49.28 -3.27 -42.70
CA LEU D 259 48.69 -4.41 -43.41
C LEU D 259 48.04 -3.89 -44.70
N VAL D 260 48.60 -4.27 -45.84
CA VAL D 260 48.05 -3.89 -47.15
C VAL D 260 47.32 -5.11 -47.72
N CYS D 261 46.00 -5.08 -47.68
CA CYS D 261 45.19 -6.17 -48.21
C CYS D 261 45.17 -6.15 -49.74
N ALA D 262 44.86 -7.31 -50.31
CA ALA D 262 44.82 -7.43 -51.77
C ALA D 262 43.76 -6.55 -52.40
N ASP D 263 42.69 -6.24 -51.66
CA ASP D 263 41.58 -5.47 -52.20
C ASP D 263 41.75 -3.97 -52.00
N ALA D 264 42.88 -3.54 -51.48
CA ALA D 264 43.09 -2.10 -51.25
C ALA D 264 43.34 -1.38 -52.58
N ASP D 265 43.21 -0.06 -52.55
CA ASP D 265 43.79 0.77 -53.60
C ASP D 265 45.29 0.79 -53.36
N VAL D 266 45.99 -0.13 -54.04
CA VAL D 266 47.38 -0.43 -53.70
C VAL D 266 48.28 0.75 -54.06
N GLU D 267 48.13 1.30 -55.27
CA GLU D 267 48.96 2.42 -55.69
C GLU D 267 48.72 3.65 -54.81
N ARG D 268 47.46 3.89 -54.44
CA ARG D 268 47.17 4.98 -53.51
C ARG D 268 47.86 4.75 -52.17
N ALA D 269 47.80 3.51 -51.66
CA ALA D 269 48.44 3.22 -50.38
C ALA D 269 49.95 3.44 -50.45
N ALA D 270 50.60 2.98 -51.51
CA ALA D 270 52.05 3.10 -51.62
C ALA D 270 52.48 4.57 -51.63
N ALA D 271 51.82 5.41 -52.42
CA ALA D 271 52.19 6.82 -52.47
C ALA D 271 51.99 7.50 -51.11
N MET D 272 50.85 7.24 -50.46
CA MET D 272 50.59 7.86 -49.15
C MET D 272 51.62 7.42 -48.11
N LEU D 273 51.92 6.12 -48.07
CA LEU D 273 52.82 5.59 -47.05
C LEU D 273 54.25 6.05 -47.26
N ALA D 274 54.66 6.27 -48.50
CA ALA D 274 56.02 6.76 -48.74
C ALA D 274 56.18 8.20 -48.23
N ALA D 275 55.22 9.06 -48.57
CA ALA D 275 55.30 10.44 -48.12
C ALA D 275 55.21 10.52 -46.60
N TYR D 276 54.30 9.75 -46.00
CA TYR D 276 54.11 9.83 -44.55
C TYR D 276 55.31 9.25 -43.80
N LYS D 277 55.83 8.11 -44.26
CA LYS D 277 56.92 7.46 -43.54
C LYS D 277 58.10 8.40 -43.37
N PHE D 278 58.48 9.09 -44.44
CA PHE D 278 59.74 9.82 -44.41
C PHE D 278 59.60 11.26 -43.93
N ARG D 279 58.43 11.63 -43.41
CA ARG D 279 58.32 12.84 -42.61
C ARG D 279 59.21 12.72 -41.37
N ASN D 280 59.88 13.83 -41.03
CA ASN D 280 60.81 13.88 -39.91
C ASN D 280 61.86 12.77 -40.02
N ALA D 281 62.19 12.40 -41.26
CA ALA D 281 63.14 11.34 -41.59
C ALA D 281 62.78 10.04 -40.87
N GLY D 282 61.48 9.79 -40.67
CA GLY D 282 61.03 8.61 -40.00
C GLY D 282 61.22 8.62 -38.51
N GLN D 283 61.68 9.74 -37.93
CA GLN D 283 61.89 9.87 -36.49
C GLN D 283 60.57 10.21 -35.79
N VAL D 284 59.63 9.28 -35.91
CA VAL D 284 58.24 9.49 -35.53
C VAL D 284 57.79 8.28 -34.73
N CYS D 285 57.21 8.50 -33.55
CA CYS D 285 56.81 7.39 -32.70
C CYS D 285 55.78 6.48 -33.38
N VAL D 286 54.95 7.03 -34.26
CA VAL D 286 53.95 6.25 -34.98
C VAL D 286 54.43 5.82 -36.36
N SER D 287 55.71 6.01 -36.65
CA SER D 287 56.19 5.84 -38.02
C SER D 287 55.89 4.44 -38.54
N PRO D 288 55.28 4.31 -39.71
CA PRO D 288 55.05 2.98 -40.28
C PRO D 288 56.38 2.31 -40.57
N THR D 289 56.55 1.11 -40.03
CA THR D 289 57.85 0.45 -40.08
C THR D 289 57.79 -0.93 -40.70
N ARG D 290 56.84 -1.78 -40.31
CA ARG D 290 56.75 -3.15 -40.81
C ARG D 290 55.58 -3.24 -41.78
N PHE D 291 55.86 -3.41 -43.06
CA PHE D 291 54.83 -3.47 -44.09
C PHE D 291 54.57 -4.93 -44.44
N PHE D 292 53.35 -5.38 -44.18
CA PHE D 292 52.85 -6.70 -44.54
C PHE D 292 51.90 -6.50 -45.71
N VAL D 293 52.33 -6.89 -46.91
CA VAL D 293 51.54 -6.69 -48.13
C VAL D 293 51.11 -8.05 -48.63
N GLN D 294 49.80 -8.20 -48.88
CA GLN D 294 49.28 -9.46 -49.37
C GLN D 294 50.02 -9.84 -50.65
N ARG D 295 50.36 -11.12 -50.76
CA ARG D 295 51.33 -11.59 -51.76
C ARG D 295 50.97 -11.10 -53.16
N ALA D 296 49.69 -11.22 -53.53
CA ALA D 296 49.27 -10.88 -54.89
C ALA D 296 49.43 -9.39 -55.19
N ALA D 297 49.49 -8.56 -54.17
CA ALA D 297 49.67 -7.13 -54.34
C ALA D 297 51.11 -6.69 -54.10
N PHE D 298 52.00 -7.63 -53.78
CA PHE D 298 53.33 -7.27 -53.27
C PHE D 298 54.15 -6.49 -54.31
N ASP D 299 54.31 -7.04 -55.51
CA ASP D 299 55.16 -6.40 -56.52
C ASP D 299 54.59 -5.06 -56.94
N ARG D 300 53.27 -4.99 -57.19
CA ARG D 300 52.63 -3.73 -57.53
C ARG D 300 52.88 -2.68 -56.46
N PHE D 301 52.72 -3.05 -55.18
CA PHE D 301 52.94 -2.11 -54.08
C PHE D 301 54.38 -1.62 -54.04
N VAL D 302 55.33 -2.54 -54.16
CA VAL D 302 56.75 -2.21 -54.04
C VAL D 302 57.16 -1.22 -55.12
N CYS D 303 56.89 -1.55 -56.39
CA CYS D 303 57.21 -0.65 -57.50
CA CYS D 303 57.23 -0.64 -57.48
C CYS D 303 56.64 0.74 -57.25
N ALA D 304 55.38 0.82 -56.82
CA ALA D 304 54.77 2.12 -56.55
C ALA D 304 55.41 2.79 -55.34
N TYR D 305 55.79 2.01 -54.34
CA TYR D 305 56.44 2.57 -53.17
C TYR D 305 57.81 3.16 -53.53
N LEU D 306 58.62 2.41 -54.28
CA LEU D 306 59.94 2.88 -54.67
C LEU D 306 59.87 4.12 -55.57
N ASP D 307 58.93 4.14 -56.52
CA ASP D 307 58.75 5.33 -57.35
C ASP D 307 58.49 6.56 -56.48
N ALA D 308 57.60 6.41 -55.49
CA ALA D 308 57.26 7.53 -54.62
C ALA D 308 58.45 7.90 -53.74
N VAL D 309 59.18 6.90 -53.23
CA VAL D 309 60.36 7.20 -52.42
C VAL D 309 61.38 7.99 -53.24
N GLY D 310 61.45 7.71 -54.54
CA GLY D 310 62.42 8.39 -55.40
C GLY D 310 62.19 9.88 -55.58
N THR D 311 61.01 10.38 -55.24
CA THR D 311 60.73 11.80 -55.39
C THR D 311 61.14 12.61 -54.18
N ILE D 312 61.61 11.95 -53.12
CA ILE D 312 62.01 12.66 -51.91
C ILE D 312 63.28 13.44 -52.18
N ARG D 313 63.34 14.68 -51.69
CA ARG D 313 64.53 15.50 -51.84
C ARG D 313 65.16 15.68 -50.47
N VAL D 314 66.35 15.13 -50.29
CA VAL D 314 67.10 15.23 -49.05
C VAL D 314 67.98 16.47 -49.14
N GLY D 315 67.99 17.26 -48.07
CA GLY D 315 68.81 18.45 -48.05
C GLY D 315 68.65 19.22 -46.76
N TYR D 316 69.20 20.41 -46.74
CA TYR D 316 69.12 21.26 -45.56
C TYR D 316 67.70 21.78 -45.40
N GLY D 317 67.21 21.76 -44.15
CA GLY D 317 65.79 21.96 -43.91
C GLY D 317 65.26 23.33 -44.29
N LEU D 318 66.12 24.34 -44.38
CA LEU D 318 65.72 25.68 -44.79
C LEU D 318 65.81 25.89 -46.29
N ASP D 319 66.28 24.91 -47.06
CA ASP D 319 66.44 25.09 -48.49
C ASP D 319 65.15 24.76 -49.23
N ALA D 320 64.88 25.54 -50.27
CA ALA D 320 63.65 25.40 -51.03
C ALA D 320 63.52 24.01 -51.64
N GLY D 321 62.33 23.42 -51.54
CA GLY D 321 62.08 22.12 -52.15
C GLY D 321 62.57 20.92 -51.35
N VAL D 322 63.30 21.13 -50.25
CA VAL D 322 63.77 20.01 -49.45
C VAL D 322 62.60 19.39 -48.70
N THR D 323 62.43 18.07 -48.85
CA THR D 323 61.36 17.40 -48.14
C THR D 323 61.87 16.39 -47.10
N MET D 324 63.17 16.15 -47.03
CA MET D 324 63.72 15.41 -45.89
C MET D 324 65.05 15.99 -45.48
N GLY D 325 65.20 16.23 -44.18
CA GLY D 325 66.43 16.78 -43.65
C GLY D 325 67.36 15.69 -43.17
N PRO D 326 68.41 16.09 -42.46
CA PRO D 326 69.31 15.11 -41.85
C PRO D 326 68.68 14.45 -40.63
N LEU D 327 69.31 13.37 -40.18
CA LEU D 327 68.94 12.78 -38.90
C LEU D 327 69.39 13.71 -37.77
N ALA D 328 68.89 13.44 -36.57
CA ALA D 328 69.04 14.39 -35.48
C ALA D 328 70.46 14.45 -34.95
N HIS D 329 71.19 13.33 -35.00
CA HIS D 329 72.53 13.24 -34.44
CA HIS D 329 72.57 13.31 -34.53
C HIS D 329 73.29 12.13 -35.18
N ALA D 330 74.61 12.16 -35.03
CA ALA D 330 75.49 11.16 -35.64
C ALA D 330 75.14 9.74 -35.17
N ARG D 331 74.77 9.57 -33.90
CA ARG D 331 74.47 8.25 -33.39
C ARG D 331 73.29 7.61 -34.13
N ARG D 332 72.36 8.43 -34.64
CA ARG D 332 71.26 7.89 -35.44
C ARG D 332 71.76 7.31 -36.75
N VAL D 333 72.74 7.95 -37.38
CA VAL D 333 73.32 7.39 -38.60
C VAL D 333 73.95 6.03 -38.31
N ASP D 334 74.73 5.95 -37.23
CA ASP D 334 75.28 4.66 -36.82
C ASP D 334 74.19 3.63 -36.61
N GLU D 335 73.10 4.04 -35.96
CA GLU D 335 72.00 3.12 -35.67
C GLU D 335 71.37 2.57 -36.94
N ILE D 336 71.08 3.43 -37.91
CA ILE D 336 70.45 2.96 -39.14
C ILE D 336 71.42 2.08 -39.92
N ASP D 337 72.70 2.47 -39.94
CA ASP D 337 73.76 1.64 -40.52
C ASP D 337 73.70 0.23 -39.97
N ALA D 338 73.52 0.11 -38.66
CA ALA D 338 73.49 -1.20 -38.02
C ALA D 338 72.26 -1.99 -38.44
N PHE D 339 71.10 -1.33 -38.55
CA PHE D 339 69.90 -2.00 -39.05
C PHE D 339 70.12 -2.52 -40.47
N VAL D 340 70.73 -1.70 -41.32
CA VAL D 340 70.99 -2.09 -42.70
C VAL D 340 71.97 -3.26 -42.75
N ALA D 341 73.06 -3.17 -42.00
CA ALA D 341 74.04 -4.25 -41.98
C ALA D 341 73.44 -5.55 -41.49
N ASP D 342 72.65 -5.49 -40.41
CA ASP D 342 72.01 -6.68 -39.87
C ASP D 342 71.04 -7.30 -40.87
N ALA D 343 70.27 -6.47 -41.59
CA ALA D 343 69.33 -7.00 -42.56
C ALA D 343 70.06 -7.68 -43.71
N THR D 344 71.11 -7.04 -44.22
CA THR D 344 71.90 -7.59 -45.32
C THR D 344 72.53 -8.92 -44.91
N ALA D 345 73.09 -8.98 -43.70
CA ALA D 345 73.71 -10.21 -43.22
C ALA D 345 72.70 -11.37 -43.18
N LYS D 346 71.42 -11.07 -42.99
CA LYS D 346 70.40 -12.09 -42.88
C LYS D 346 69.63 -12.29 -44.18
N GLY D 347 70.11 -11.77 -45.30
CA GLY D 347 69.59 -12.13 -46.60
C GLY D 347 68.58 -11.18 -47.18
N ALA D 348 68.32 -10.06 -46.52
CA ALA D 348 67.30 -9.15 -47.04
C ALA D 348 67.89 -8.32 -48.18
N GLN D 349 67.00 -7.77 -49.00
CA GLN D 349 67.42 -6.96 -50.13
C GLN D 349 67.23 -5.48 -49.82
N ILE D 350 68.25 -4.68 -50.10
CA ILE D 350 68.19 -3.23 -49.95
C ILE D 350 67.73 -2.68 -51.30
N ALA D 351 66.44 -2.35 -51.41
CA ALA D 351 65.91 -1.91 -52.70
C ALA D 351 66.33 -0.49 -53.04
N THR D 352 66.50 0.39 -52.06
CA THR D 352 67.02 1.72 -52.33
C THR D 352 67.61 2.27 -51.04
N GLY D 353 68.52 3.23 -51.18
CA GLY D 353 69.11 3.84 -50.01
C GLY D 353 70.06 2.87 -49.32
N GLY D 354 70.08 2.94 -47.99
CA GLY D 354 70.90 2.03 -47.20
C GLY D 354 72.25 2.55 -46.79
N MET D 355 72.61 3.78 -47.18
CA MET D 355 73.90 4.36 -46.87
C MET D 355 73.73 5.80 -46.40
N ARG D 356 74.75 6.32 -45.74
CA ARG D 356 74.74 7.74 -45.42
C ARG D 356 74.97 8.56 -46.68
N LEU D 357 74.55 9.79 -46.62
CA LEU D 357 74.71 10.68 -47.74
C LEU D 357 75.91 11.59 -47.51
N PRO D 358 76.49 12.14 -48.58
CA PRO D 358 77.73 12.92 -48.42
C PRO D 358 77.49 14.22 -47.68
N GLY D 359 78.59 14.81 -47.24
CA GLY D 359 78.57 16.13 -46.68
C GLY D 359 78.69 16.07 -45.18
N PRO D 360 79.19 17.17 -44.62
N PRO D 360 78.91 17.21 -44.51
CA PRO D 360 78.88 17.49 -43.24
CA PRO D 360 79.12 17.18 -43.04
C PRO D 360 77.37 17.55 -43.06
C PRO D 360 78.03 16.50 -42.19
N GLY D 361 76.97 17.25 -41.85
CA GLY D 361 75.64 16.83 -41.42
C GLY D 361 75.25 15.36 -41.53
N HIS D 362 74.25 15.00 -40.74
CA HIS D 362 73.87 13.61 -40.51
C HIS D 362 72.81 13.14 -41.50
N TYR D 363 73.13 13.28 -42.79
CA TYR D 363 72.22 12.91 -43.86
C TYR D 363 72.27 11.41 -44.16
N PHE D 364 71.09 10.83 -44.40
CA PHE D 364 70.96 9.42 -44.69
C PHE D 364 69.89 9.22 -45.74
N ALA D 365 70.13 8.28 -46.65
CA ALA D 365 69.22 8.06 -47.77
C ALA D 365 67.96 7.30 -47.29
N PRO D 366 66.79 7.66 -47.82
CA PRO D 366 65.60 6.84 -47.54
C PRO D 366 65.86 5.40 -47.98
N THR D 367 65.58 4.46 -47.08
CA THR D 367 65.98 3.07 -47.20
C THR D 367 64.75 2.17 -47.23
N VAL D 368 64.68 1.27 -48.21
CA VAL D 368 63.59 0.31 -48.32
C VAL D 368 64.19 -1.09 -48.34
N VAL D 369 63.79 -1.93 -47.41
CA VAL D 369 64.34 -3.28 -47.28
C VAL D 369 63.26 -4.30 -47.61
N LEU D 370 63.58 -5.20 -48.53
CA LEU D 370 62.64 -6.21 -49.01
C LEU D 370 62.97 -7.58 -48.41
N GLY D 371 61.94 -8.27 -47.96
CA GLY D 371 62.04 -9.59 -47.38
C GLY D 371 62.86 -9.77 -46.10
N PRO D 372 62.93 -8.78 -45.19
CA PRO D 372 63.66 -9.01 -43.94
C PRO D 372 62.98 -10.06 -43.10
N THR D 373 63.77 -10.99 -42.55
CA THR D 373 63.21 -12.10 -41.80
C THR D 373 62.84 -11.67 -40.37
N ARG D 374 62.11 -12.54 -39.69
CA ARG D 374 61.60 -12.27 -38.36
C ARG D 374 62.69 -12.10 -37.30
N ASP D 375 63.93 -12.50 -37.57
CA ASP D 375 64.97 -12.31 -36.57
C ASP D 375 65.88 -11.12 -36.89
N THR D 376 65.56 -10.32 -37.90
CA THR D 376 66.31 -9.10 -38.15
C THR D 376 65.95 -8.05 -37.11
N ARG D 377 66.91 -7.18 -36.79
CA ARG D 377 66.60 -6.06 -35.90
C ARG D 377 65.47 -5.21 -36.46
N LEU D 378 65.44 -5.02 -37.78
CA LEU D 378 64.42 -4.17 -38.39
C LEU D 378 62.99 -4.64 -38.08
N MET D 379 62.78 -5.95 -37.94
CA MET D 379 61.46 -6.47 -37.65
C MET D 379 61.20 -6.69 -36.17
N ASN D 380 62.08 -6.19 -35.30
CA ASN D 380 61.93 -6.40 -33.86
C ASN D 380 62.17 -5.15 -33.04
N ASP D 381 63.15 -4.35 -33.44
CA ASP D 381 63.56 -3.14 -32.72
C ASP D 381 63.13 -1.93 -33.52
N GLU D 382 62.74 -0.88 -32.79
CA GLU D 382 62.29 0.35 -33.41
C GLU D 382 63.45 1.09 -34.06
N PRO D 383 63.46 1.26 -35.37
CA PRO D 383 64.59 1.95 -36.01
C PRO D 383 64.55 3.46 -35.85
N PHE D 384 63.35 4.05 -35.80
CA PHE D 384 63.19 5.49 -35.58
C PHE D 384 64.05 6.30 -36.55
N GLY D 385 63.92 5.97 -37.82
CA GLY D 385 64.74 6.57 -38.84
C GLY D 385 64.17 6.25 -40.19
N PRO D 386 64.86 6.67 -41.24
CA PRO D 386 64.29 6.59 -42.61
C PRO D 386 64.45 5.21 -43.26
N ILE D 387 63.75 4.22 -42.71
CA ILE D 387 63.91 2.83 -43.16
C ILE D 387 62.62 2.05 -42.90
N VAL D 388 62.26 1.19 -43.85
CA VAL D 388 61.11 0.29 -43.71
C VAL D 388 61.51 -1.10 -44.19
N GLY D 389 60.77 -2.08 -43.72
CA GLY D 389 60.82 -3.44 -44.25
C GLY D 389 59.48 -3.84 -44.83
N ILE D 390 59.51 -4.49 -46.00
CA ILE D 390 58.30 -4.89 -46.69
C ILE D 390 58.38 -6.40 -46.93
N VAL D 391 57.39 -7.13 -46.42
CA VAL D 391 57.33 -8.60 -46.60
C VAL D 391 55.96 -9.00 -47.12
N PRO D 392 55.86 -10.06 -47.92
CA PRO D 392 54.55 -10.56 -48.33
C PRO D 392 53.87 -11.35 -47.22
N PHE D 393 52.54 -11.43 -47.32
CA PHE D 393 51.79 -12.35 -46.48
C PHE D 393 50.72 -13.02 -47.33
N ASP D 394 50.30 -14.21 -46.90
CA ASP D 394 49.25 -14.97 -47.56
C ASP D 394 47.94 -14.93 -46.79
N ASP D 395 47.95 -15.28 -45.51
CA ASP D 395 46.76 -15.33 -44.68
C ASP D 395 46.69 -14.11 -43.76
N LEU D 396 45.56 -13.40 -43.79
CA LEU D 396 45.45 -12.17 -43.01
C LEU D 396 45.62 -12.42 -41.51
N ASP D 397 45.15 -13.57 -41.00
CA ASP D 397 45.30 -13.81 -39.56
C ASP D 397 46.76 -14.05 -39.18
N ASP D 398 47.54 -14.67 -40.07
CA ASP D 398 48.97 -14.81 -39.80
C ASP D 398 49.65 -13.44 -39.80
N ALA D 399 49.25 -12.55 -40.70
CA ALA D 399 49.81 -11.21 -40.71
C ALA D 399 49.46 -10.46 -39.43
N LEU D 400 48.24 -10.65 -38.92
CA LEU D 400 47.84 -9.99 -37.68
C LEU D 400 48.65 -10.48 -36.50
N ALA D 401 48.94 -11.79 -36.44
CA ALA D 401 49.76 -12.30 -35.35
C ALA D 401 51.17 -11.72 -35.40
N GLU D 402 51.70 -11.57 -36.62
CA GLU D 402 53.02 -10.98 -36.76
C GLU D 402 52.99 -9.51 -36.36
N ALA D 403 51.90 -8.81 -36.73
CA ALA D 403 51.72 -7.43 -36.31
C ALA D 403 51.68 -7.28 -34.81
N ASN D 404 51.20 -8.29 -34.10
CA ASN D 404 51.02 -8.23 -32.65
C ASN D 404 52.16 -8.90 -31.88
N ARG D 405 53.14 -9.46 -32.58
CA ARG D 405 54.17 -10.26 -31.92
C ARG D 405 55.10 -9.43 -31.03
N LEU D 406 55.36 -8.20 -31.40
CA LEU D 406 56.34 -7.41 -30.66
C LEU D 406 55.68 -6.78 -29.43
N PRO D 407 56.46 -6.50 -28.38
CA PRO D 407 55.88 -5.79 -27.22
C PRO D 407 55.47 -4.36 -27.51
N PHE D 408 55.79 -3.81 -28.68
CA PHE D 408 55.32 -2.47 -29.06
C PHE D 408 53.84 -2.52 -29.44
N GLY D 409 53.15 -1.40 -29.19
CA GLY D 409 51.73 -1.31 -29.49
C GLY D 409 51.18 0.10 -29.54
N LEU D 410 51.81 0.96 -30.32
CA LEU D 410 51.39 2.35 -30.39
C LEU D 410 50.46 2.55 -31.58
N ALA D 411 51.01 2.77 -32.78
CA ALA D 411 50.20 2.94 -33.98
C ALA D 411 50.19 1.68 -34.85
N SER D 412 49.22 1.65 -35.76
CA SER D 412 49.10 0.57 -36.72
C SER D 412 48.28 1.08 -37.89
N TYR D 413 48.47 0.45 -39.05
CA TYR D 413 47.87 0.94 -40.29
C TYR D 413 47.37 -0.24 -41.11
N ALA D 414 46.28 0.00 -41.85
CA ALA D 414 45.75 -1.03 -42.72
C ALA D 414 45.05 -0.35 -43.89
N PHE D 415 45.13 -0.99 -45.04
CA PHE D 415 44.53 -0.49 -46.27
C PHE D 415 43.71 -1.61 -46.88
N THR D 416 42.41 -1.35 -47.05
CA THR D 416 41.48 -2.36 -47.52
C THR D 416 40.21 -1.66 -47.97
N THR D 417 39.49 -2.28 -48.90
CA THR D 417 38.15 -1.84 -49.24
C THR D 417 37.07 -2.70 -48.61
N SER D 418 37.45 -3.79 -47.95
CA SER D 418 36.49 -4.75 -47.43
C SER D 418 35.99 -4.32 -46.05
N ALA D 419 34.67 -4.31 -45.87
CA ALA D 419 34.13 -4.04 -44.54
C ALA D 419 34.59 -5.09 -43.53
N ARG D 420 34.63 -6.36 -43.97
CA ARG D 420 35.06 -7.44 -43.09
C ARG D 420 36.54 -7.35 -42.74
N ASN D 421 37.39 -7.08 -43.72
CA ASN D 421 38.80 -6.89 -43.41
C ASN D 421 38.98 -5.76 -42.41
N ALA D 422 38.33 -4.61 -42.65
CA ALA D 422 38.45 -3.46 -41.75
C ALA D 422 38.01 -3.82 -40.33
N HIS D 423 36.89 -4.51 -40.20
CA HIS D 423 36.43 -4.88 -38.87
C HIS D 423 37.40 -5.86 -38.22
N ARG D 424 37.77 -6.93 -38.94
CA ARG D 424 38.68 -7.94 -38.38
CA ARG D 424 38.65 -7.92 -38.33
C ARG D 424 40.01 -7.32 -37.99
N ILE D 425 40.56 -6.47 -38.85
CA ILE D 425 41.88 -5.92 -38.58
C ILE D 425 41.83 -4.99 -37.37
N SER D 426 40.83 -4.09 -37.33
CA SER D 426 40.79 -3.12 -36.24
C SER D 426 40.54 -3.79 -34.90
N ARG D 427 39.76 -4.89 -34.89
CA ARG D 427 39.53 -5.59 -33.64
C ARG D 427 40.73 -6.41 -33.21
N ALA D 428 41.42 -7.03 -34.16
CA ALA D 428 42.49 -7.95 -33.80
C ALA D 428 43.79 -7.22 -33.43
N LEU D 429 44.02 -6.02 -33.97
CA LEU D 429 45.30 -5.37 -33.73
C LEU D 429 45.47 -5.03 -32.25
N GLU D 430 46.66 -5.31 -31.73
CA GLU D 430 47.00 -4.87 -30.37
C GLU D 430 47.79 -3.57 -30.52
N ALA D 431 47.07 -2.46 -30.51
CA ALA D 431 47.66 -1.16 -30.74
C ALA D 431 46.73 -0.11 -30.15
N GLY D 432 47.32 0.99 -29.68
CA GLY D 432 46.48 2.08 -29.19
C GLY D 432 45.78 2.83 -30.30
N MET D 433 46.30 2.77 -31.52
CA MET D 433 45.73 3.52 -32.62
C MET D 433 45.78 2.66 -33.88
N VAL D 434 44.64 2.58 -34.58
CA VAL D 434 44.49 1.84 -35.83
C VAL D 434 44.03 2.84 -36.89
N ASN D 435 44.87 3.03 -37.92
CA ASN D 435 44.59 3.92 -39.05
C ASN D 435 44.23 3.08 -40.27
N ILE D 436 43.05 3.30 -40.83
CA ILE D 436 42.57 2.52 -41.96
C ILE D 436 42.34 3.44 -43.15
N ASN D 437 43.12 3.23 -44.22
CA ASN D 437 43.06 3.92 -45.50
C ASN D 437 43.53 5.36 -45.43
N HIS D 438 43.97 5.85 -44.28
CA HIS D 438 44.48 7.21 -44.14
C HIS D 438 45.25 7.31 -42.84
N PHE D 439 45.84 8.48 -42.59
CA PHE D 439 46.57 8.75 -41.37
C PHE D 439 45.76 9.77 -40.59
N GLY D 440 45.13 9.31 -39.51
CA GLY D 440 44.17 10.15 -38.82
C GLY D 440 44.46 10.42 -37.35
N MET D 441 45.73 10.48 -36.97
CA MET D 441 46.08 10.71 -35.58
C MET D 441 46.38 12.19 -35.26
N GLY D 442 46.28 13.07 -36.24
CA GLY D 442 46.51 14.47 -36.03
C GLY D 442 45.55 15.24 -35.12
N PRO D 443 44.24 14.99 -35.23
CA PRO D 443 43.27 15.88 -34.53
C PRO D 443 43.48 15.94 -33.02
N ALA D 444 43.46 17.16 -32.48
CA ALA D 444 43.59 17.34 -31.04
C ALA D 444 42.46 16.67 -30.28
N GLU D 445 41.30 16.49 -30.93
CA GLU D 445 40.10 15.95 -30.29
C GLU D 445 40.08 14.42 -30.20
N ILE D 446 41.13 13.72 -30.64
CA ILE D 446 41.16 12.27 -30.50
C ILE D 446 42.27 11.86 -29.52
N PRO D 447 42.15 10.70 -28.86
CA PRO D 447 43.17 10.30 -27.87
C PRO D 447 44.36 9.58 -28.49
N PHE D 448 45.57 9.99 -28.09
CA PHE D 448 46.81 9.46 -28.66
C PHE D 448 47.54 8.71 -27.56
N GLY D 449 47.76 7.41 -27.75
CA GLY D 449 48.46 6.61 -26.74
C GLY D 449 48.62 5.18 -27.22
N GLY D 450 49.37 4.41 -26.43
CA GLY D 450 49.75 3.06 -26.82
C GLY D 450 49.37 2.03 -25.78
N VAL D 451 49.66 0.76 -26.11
CA VAL D 451 49.49 -0.37 -25.19
C VAL D 451 50.80 -1.15 -25.07
N LYS D 452 50.77 -2.14 -24.17
CA LYS D 452 51.91 -3.01 -23.87
C LYS D 452 53.11 -2.11 -23.59
N ASP D 453 54.27 -2.35 -24.21
CA ASP D 453 55.44 -1.52 -23.89
C ASP D 453 55.32 -0.08 -24.38
N SER D 454 54.30 0.26 -25.17
CA SER D 454 54.25 1.59 -25.77
C SER D 454 53.76 2.67 -24.81
N GLY D 455 53.39 2.31 -23.59
CA GLY D 455 53.10 3.27 -22.54
C GLY D 455 51.68 3.11 -22.05
N PHE D 456 51.24 4.07 -21.23
CA PHE D 456 49.84 4.05 -20.87
C PHE D 456 49.39 5.48 -20.65
N GLY D 457 48.07 5.65 -20.72
CA GLY D 457 47.46 6.96 -20.75
C GLY D 457 47.35 7.47 -22.18
N SER D 458 46.66 8.58 -22.31
CA SER D 458 46.39 9.18 -23.60
C SER D 458 46.65 10.68 -23.52
N GLU D 459 47.01 11.24 -24.66
CA GLU D 459 47.12 12.68 -24.82
C GLU D 459 46.12 13.13 -25.88
N GLY D 460 45.52 14.30 -25.65
CA GLY D 460 44.47 14.78 -26.51
C GLY D 460 43.15 14.13 -26.19
N GLY D 461 42.13 14.58 -26.91
CA GLY D 461 40.81 14.02 -26.73
C GLY D 461 40.22 14.30 -25.35
N MET D 462 39.17 13.55 -25.04
CA MET D 462 38.54 13.64 -23.73
C MET D 462 39.45 13.05 -22.66
N GLU D 463 40.26 12.06 -23.02
CA GLU D 463 41.12 11.33 -22.13
C GLU D 463 42.32 12.14 -21.67
N ALA D 464 42.50 13.35 -22.19
CA ALA D 464 43.76 14.07 -22.02
C ALA D 464 44.07 14.35 -20.56
N PHE D 465 43.03 14.49 -19.74
CA PHE D 465 43.21 14.87 -18.34
C PHE D 465 43.23 13.71 -17.37
N ASP D 466 43.10 12.46 -17.83
CA ASP D 466 42.88 11.34 -16.92
C ASP D 466 44.02 11.20 -15.93
N GLY D 467 45.27 11.32 -16.40
CA GLY D 467 46.36 11.21 -15.44
C GLY D 467 46.52 12.42 -14.52
N TYR D 468 45.86 13.54 -14.81
CA TYR D 468 46.08 14.79 -14.08
C TYR D 468 44.99 15.06 -13.06
N LEU D 469 43.91 14.30 -13.08
CA LEU D 469 42.81 14.45 -12.15
C LEU D 469 42.75 13.24 -11.23
N VAL D 470 42.46 13.49 -9.96
CA VAL D 470 42.14 12.45 -9.02
C VAL D 470 40.63 12.39 -8.87
N THR D 471 40.14 11.21 -8.54
CA THR D 471 38.74 10.99 -8.22
C THR D 471 38.51 11.31 -6.76
N LYS D 472 37.46 12.07 -6.46
CA LYS D 472 37.03 12.30 -5.09
C LYS D 472 35.54 11.97 -5.00
N PHE D 473 35.21 10.93 -4.24
CA PHE D 473 33.82 10.59 -3.96
C PHE D 473 33.36 11.35 -2.72
N VAL D 474 32.30 12.14 -2.87
CA VAL D 474 31.69 12.87 -1.76
C VAL D 474 30.28 12.36 -1.56
N THR D 475 29.98 11.90 -0.35
CA THR D 475 28.64 11.43 -0.02
C THR D 475 28.19 12.14 1.25
N GLN D 476 27.02 12.78 1.18
CA GLN D 476 26.56 13.66 2.25
C GLN D 476 25.13 13.31 2.62
N MET D 477 24.90 13.06 3.90
CA MET D 477 23.54 12.84 4.40
C MET D 477 23.04 14.16 4.97
N ASN D 478 21.86 14.58 4.51
CA ASN D 478 21.34 15.87 4.95
C ASN D 478 20.11 15.67 5.81
N ASP E 3 7.47 22.92 27.83
CA ASP E 3 6.88 23.09 29.16
C ASP E 3 6.03 21.88 29.56
N TYR E 4 5.70 21.81 30.85
CA TYR E 4 4.86 20.74 31.40
C TYR E 4 3.74 21.38 32.20
N ALA E 5 2.52 20.92 31.97
CA ALA E 5 1.36 21.60 32.51
C ALA E 5 1.16 21.30 34.00
N PRO E 6 0.43 22.16 34.71
CA PRO E 6 0.19 21.91 36.14
C PRO E 6 -0.61 20.63 36.36
N LEU E 7 -0.28 19.95 37.45
CA LEU E 7 -0.96 18.72 37.85
C LEU E 7 -1.98 19.06 38.94
N ARG E 8 -3.20 18.60 38.77
CA ARG E 8 -4.29 19.07 39.61
C ARG E 8 -5.16 17.91 40.07
N LEU E 9 -5.84 18.12 41.20
CA LEU E 9 -6.98 17.30 41.54
C LEU E 9 -8.24 17.85 40.87
N TYR E 10 -9.24 17.00 40.73
CA TYR E 10 -10.50 17.40 40.12
C TYR E 10 -11.63 16.74 40.89
N ILE E 11 -12.39 17.55 41.63
CA ILE E 11 -13.42 17.05 42.53
C ILE E 11 -14.64 17.95 42.40
N ASP E 12 -15.79 17.34 42.10
CA ASP E 12 -17.08 18.03 42.05
C ASP E 12 -17.03 19.23 41.11
N GLY E 13 -16.46 19.02 39.93
CA GLY E 13 -16.44 20.06 38.91
C GLY E 13 -15.42 21.17 39.10
N ARG E 14 -14.50 21.04 40.05
CA ARG E 14 -13.50 22.09 40.27
C ARG E 14 -12.11 21.48 40.32
N PHE E 15 -11.15 22.20 39.76
CA PHE E 15 -9.75 21.81 39.88
C PHE E 15 -9.16 22.33 41.19
N HIS E 16 -8.25 21.55 41.75
CA HIS E 16 -7.54 21.94 42.97
C HIS E 16 -6.04 21.80 42.76
N ASP E 17 -5.30 22.83 43.13
CA ASP E 17 -3.87 22.77 43.26
C ASP E 17 -3.50 22.31 44.67
N ALA E 18 -2.21 22.25 44.98
CA ALA E 18 -1.79 21.66 46.24
C ALA E 18 -2.43 22.37 47.43
N ASP E 19 -2.31 23.70 47.49
CA ASP E 19 -2.69 24.52 48.65
C ASP E 19 -2.46 23.79 49.97
N GLY E 20 -1.20 23.56 50.33
CA GLY E 20 -0.85 22.90 51.57
C GLY E 20 -0.92 21.39 51.57
N ARG E 21 -1.28 20.75 50.45
CA ARG E 21 -1.38 19.30 50.48
C ARG E 21 0.00 18.67 50.29
N ARG E 22 0.12 17.40 50.65
CA ARG E 22 1.34 16.68 50.36
C ARG E 22 1.51 16.58 48.85
N THR E 23 2.73 16.73 48.37
CA THR E 23 2.97 16.55 46.94
C THR E 23 4.04 15.49 46.75
N GLN E 24 4.19 15.07 45.49
CA GLN E 24 5.15 14.06 45.07
C GLN E 24 5.74 14.52 43.75
N PRO E 25 7.05 14.42 43.58
CA PRO E 25 7.64 14.82 42.29
C PRO E 25 7.30 13.82 41.18
N VAL E 26 7.18 14.35 39.98
CA VAL E 26 6.95 13.59 38.76
C VAL E 26 8.22 13.72 37.91
N VAL E 27 8.81 12.59 37.55
CA VAL E 27 10.15 12.56 36.96
C VAL E 27 10.04 12.12 35.51
N ASP E 28 10.82 12.78 34.66
CA ASP E 28 10.94 12.40 33.27
C ASP E 28 11.83 11.17 33.19
N PRO E 29 11.33 10.02 32.72
CA PRO E 29 12.17 8.81 32.69
C PRO E 29 13.30 8.87 31.69
N GLY E 30 13.25 9.82 30.74
CA GLY E 30 14.26 9.98 29.72
C GLY E 30 15.38 10.93 30.06
N THR E 31 15.15 11.84 31.03
CA THR E 31 16.18 12.78 31.48
C THR E 31 16.48 12.70 32.97
N THR E 32 15.58 12.15 33.79
CA THR E 32 15.59 12.16 35.26
C THR E 32 15.29 13.54 35.85
N ARG E 33 14.97 14.54 35.03
CA ARG E 33 14.64 15.85 35.56
C ARG E 33 13.23 15.83 36.14
N VAL E 34 13.02 16.64 37.17
CA VAL E 34 11.69 16.74 37.76
C VAL E 34 10.81 17.59 36.86
N LEU E 35 9.62 17.10 36.56
CA LEU E 35 8.72 17.85 35.70
C LEU E 35 7.79 18.75 36.49
N GLY E 36 7.41 18.33 37.69
CA GLY E 36 6.45 19.07 38.47
C GLY E 36 6.07 18.28 39.70
N GLU E 37 5.18 18.88 40.50
CA GLU E 37 4.74 18.29 41.76
C GLU E 37 3.28 17.94 41.66
N LEU E 38 2.95 16.70 42.04
CA LEU E 38 1.59 16.18 41.98
C LEU E 38 0.96 16.28 43.36
N PRO E 39 -0.15 16.99 43.51
CA PRO E 39 -0.79 17.10 44.82
C PRO E 39 -1.52 15.83 45.20
N HIS E 40 -1.39 15.43 46.47
CA HIS E 40 -2.10 14.26 46.98
C HIS E 40 -3.44 14.64 47.57
N ALA E 41 -4.44 13.82 47.28
CA ALA E 41 -5.73 13.97 47.92
C ALA E 41 -5.63 13.60 49.39
N THR E 42 -6.28 14.39 50.25
CA THR E 42 -6.49 14.00 51.63
C THR E 42 -7.64 13.00 51.73
N ALA E 43 -7.74 12.36 52.90
CA ALA E 43 -8.89 11.52 53.17
C ALA E 43 -10.19 12.29 53.00
N HIS E 44 -10.19 13.57 53.42
CA HIS E 44 -11.37 14.42 53.28
C HIS E 44 -11.69 14.71 51.81
N ASP E 45 -10.66 14.97 50.99
CA ASP E 45 -10.87 15.12 49.54
C ASP E 45 -11.58 13.90 48.97
N ILE E 46 -11.14 12.71 49.35
CA ILE E 46 -11.68 11.49 48.77
C ILE E 46 -13.12 11.28 49.20
N ASP E 47 -13.43 11.49 50.48
CA ASP E 47 -14.84 11.46 50.90
C ASP E 47 -15.68 12.42 50.06
N ALA E 48 -15.18 13.65 49.85
CA ALA E 48 -15.93 14.63 49.08
C ALA E 48 -16.12 14.17 47.64
N ALA E 49 -15.12 13.50 47.08
CA ALA E 49 -15.26 12.99 45.72
C ALA E 49 -16.33 11.90 45.64
N VAL E 50 -16.36 10.99 46.61
CA VAL E 50 -17.40 9.96 46.63
C VAL E 50 -18.77 10.59 46.81
N GLN E 51 -18.90 11.55 47.73
CA GLN E 51 -20.19 12.18 47.97
C GLN E 51 -20.67 12.93 46.73
N ALA E 52 -19.75 13.62 46.04
CA ALA E 52 -20.13 14.34 44.83
C ALA E 52 -20.52 13.37 43.71
N ALA E 53 -19.80 12.25 43.58
CA ALA E 53 -20.18 11.25 42.60
C ALA E 53 -21.55 10.68 42.92
N HIS E 54 -21.87 10.54 44.20
CA HIS E 54 -23.20 10.04 44.57
C HIS E 54 -24.28 11.04 44.20
N ARG E 55 -24.07 12.33 44.52
CA ARG E 55 -25.02 13.38 44.15
C ARG E 55 -25.26 13.39 42.65
N ALA E 56 -24.19 13.30 41.87
CA ALA E 56 -24.27 13.42 40.42
C ALA E 56 -25.00 12.23 39.82
N PHE E 57 -24.75 11.04 40.35
CA PHE E 57 -25.39 9.84 39.84
C PHE E 57 -26.90 9.94 39.95
N VAL E 58 -27.41 10.62 40.98
CA VAL E 58 -28.85 10.69 41.18
C VAL E 58 -29.55 11.20 39.92
N THR E 59 -28.94 12.16 39.22
CA THR E 59 -29.54 12.70 38.00
C THR E 59 -28.89 12.17 36.72
N TRP E 60 -27.57 11.95 36.73
CA TRP E 60 -26.89 11.47 35.52
C TRP E 60 -27.45 10.13 35.07
N ARG E 61 -27.88 9.29 36.03
CA ARG E 61 -28.49 8.01 35.69
C ARG E 61 -29.72 8.19 34.82
N HIS E 62 -30.40 9.33 34.94
CA HIS E 62 -31.66 9.54 34.24
C HIS E 62 -31.53 10.45 33.02
N GLU E 63 -30.33 10.95 32.75
CA GLU E 63 -30.16 11.76 31.55
C GLU E 63 -30.40 10.91 30.31
N SER E 64 -30.97 11.55 29.29
CA SER E 64 -31.19 10.89 28.01
C SER E 64 -29.88 10.27 27.50
N PRO E 65 -29.87 9.00 27.09
CA PRO E 65 -28.65 8.42 26.54
C PRO E 65 -28.12 9.17 25.35
N LEU E 66 -28.99 9.87 24.62
CA LEU E 66 -28.54 10.68 23.50
C LEU E 66 -27.84 11.95 23.98
N VAL E 67 -28.40 12.61 25.01
CA VAL E 67 -27.72 13.76 25.57
C VAL E 67 -26.37 13.34 26.15
N ARG E 68 -26.33 12.19 26.85
CA ARG E 68 -25.06 11.71 27.38
C ARG E 68 -24.09 11.38 26.25
N SER E 69 -24.59 10.79 25.17
CA SER E 69 -23.76 10.50 24.00
C SER E 69 -23.19 11.78 23.39
N ASP E 70 -24.05 12.78 23.16
CA ASP E 70 -23.59 14.06 22.63
C ASP E 70 -22.42 14.60 23.45
N LEU E 71 -22.56 14.59 24.78
CA LEU E 71 -21.52 15.16 25.63
C LEU E 71 -20.22 14.37 25.49
N LEU E 72 -20.31 13.04 25.50
CA LEU E 72 -19.12 12.21 25.40
C LEU E 72 -18.43 12.39 24.04
N ARG E 73 -19.20 12.54 22.95
CA ARG E 73 -18.57 12.77 21.65
C ARG E 73 -17.88 14.13 21.61
N ARG E 74 -18.45 15.14 22.28
CA ARG E 74 -17.75 16.41 22.41
CA ARG E 74 -17.75 16.41 22.43
C ARG E 74 -16.40 16.23 23.11
N ALA E 75 -16.38 15.51 24.23
CA ALA E 75 -15.12 15.26 24.92
C ALA E 75 -14.14 14.53 24.02
N ALA E 76 -14.64 13.56 23.24
CA ALA E 76 -13.78 12.84 22.31
C ALA E 76 -13.21 13.78 21.24
N ALA E 77 -14.03 14.71 20.72
CA ALA E 77 -13.53 15.65 19.71
C ALA E 77 -12.42 16.53 20.29
N LEU E 78 -12.57 16.95 21.55
CA LEU E 78 -11.53 17.75 22.20
C LEU E 78 -10.24 16.94 22.36
N ALA E 79 -10.36 15.67 22.73
CA ALA E 79 -9.17 14.83 22.83
C ALA E 79 -8.43 14.79 21.50
N ARG E 80 -9.16 14.65 20.39
CA ARG E 80 -8.51 14.63 19.08
C ARG E 80 -7.82 15.97 18.81
N GLU E 81 -8.49 17.08 19.15
CA GLU E 81 -7.89 18.40 18.94
C GLU E 81 -6.61 18.58 19.75
N ARG E 82 -6.53 17.99 20.94
CA ARG E 82 -5.43 18.24 21.86
C ARG E 82 -4.40 17.12 21.83
N ALA E 83 -4.49 16.21 20.84
CA ALA E 83 -3.70 14.99 20.87
C ALA E 83 -2.20 15.26 20.94
N GLU E 84 -1.72 16.26 20.19
CA GLU E 84 -0.29 16.56 20.19
C GLU E 84 0.18 17.04 21.56
N THR E 85 -0.58 17.94 22.18
CA THR E 85 -0.16 18.46 23.48
C THR E 85 -0.25 17.38 24.55
N ILE E 86 -1.35 16.64 24.57
CA ILE E 86 -1.49 15.54 25.52
C ILE E 86 -0.39 14.50 25.29
N GLY E 87 -0.12 14.15 24.02
CA GLY E 87 0.88 13.15 23.74
C GLY E 87 2.28 13.56 24.17
N ARG E 88 2.65 14.81 23.94
CA ARG E 88 3.98 15.26 24.33
CA ARG E 88 3.98 15.27 24.33
C ARG E 88 4.18 15.15 25.84
N HIS E 89 3.14 15.49 26.62
CA HIS E 89 3.25 15.34 28.07
C HIS E 89 3.29 13.88 28.50
N ILE E 90 2.61 12.99 27.76
CA ILE E 90 2.70 11.57 28.05
C ILE E 90 4.12 11.08 27.79
N THR E 91 4.69 11.45 26.65
CA THR E 91 6.10 11.12 26.38
C THR E 91 6.99 11.58 27.53
N MET E 92 6.74 12.77 28.07
CA MET E 92 7.62 13.34 29.08
C MET E 92 7.54 12.60 30.41
N ASP E 93 6.32 12.28 30.89
CA ASP E 93 6.20 11.66 32.20
C ASP E 93 6.00 10.14 32.17
N GLN E 94 6.01 9.53 30.98
CA GLN E 94 5.89 8.09 30.91
C GLN E 94 7.03 7.45 30.12
N GLY E 95 7.50 8.11 29.06
CA GLY E 95 8.68 7.71 28.32
C GLY E 95 8.47 7.36 26.85
N LYS E 96 7.27 6.95 26.45
CA LYS E 96 7.07 6.39 25.11
C LYS E 96 7.30 7.43 24.01
N PRO E 97 7.69 7.00 22.81
CA PRO E 97 7.88 7.95 21.70
C PRO E 97 6.60 8.71 21.39
N LEU E 98 6.78 9.96 20.93
CA LEU E 98 5.66 10.85 20.66
C LEU E 98 4.62 10.23 19.73
N ARG E 99 5.05 9.54 18.67
CA ARG E 99 4.09 8.98 17.74
C ARG E 99 3.19 7.96 18.45
N GLU E 100 3.76 7.19 19.37
CA GLU E 100 2.98 6.23 20.15
C GLU E 100 2.01 6.94 21.09
N ALA E 101 2.47 8.02 21.73
CA ALA E 101 1.60 8.77 22.64
C ALA E 101 0.42 9.39 21.89
N ILE E 102 0.68 9.97 20.73
CA ILE E 102 -0.43 10.54 19.95
C ILE E 102 -1.38 9.45 19.50
N ALA E 103 -0.84 8.31 19.06
CA ALA E 103 -1.71 7.19 18.66
C ALA E 103 -2.57 6.72 19.84
N GLU E 104 -2.02 6.78 21.06
CA GLU E 104 -2.79 6.38 22.23
C GLU E 104 -4.00 7.29 22.42
N VAL E 105 -3.82 8.60 22.28
CA VAL E 105 -4.95 9.51 22.46
C VAL E 105 -6.01 9.24 21.42
N VAL E 106 -5.59 9.07 20.16
CA VAL E 106 -6.56 8.83 19.09
C VAL E 106 -7.33 7.55 19.34
N SER E 107 -6.64 6.50 19.76
CA SER E 107 -7.31 5.26 20.10
C SER E 107 -8.30 5.48 21.25
N ALA E 108 -7.91 6.29 22.23
CA ALA E 108 -8.81 6.57 23.34
C ALA E 108 -10.04 7.34 22.89
N ALA E 109 -9.89 8.27 21.94
CA ALA E 109 -11.07 8.98 21.43
C ALA E 109 -12.03 8.02 20.73
N GLU E 110 -11.50 7.07 19.94
CA GLU E 110 -12.38 6.11 19.29
C GLU E 110 -13.10 5.25 20.32
N GLN E 111 -12.40 4.84 21.37
CA GLN E 111 -13.01 4.08 22.43
C GLN E 111 -14.13 4.86 23.08
N LEU E 112 -13.89 6.17 23.34
CA LEU E 112 -14.90 7.00 23.96
C LEU E 112 -16.13 7.12 23.07
N GLU E 113 -15.92 7.36 21.76
CA GLU E 113 -17.01 7.47 20.82
C GLU E 113 -17.81 6.17 20.74
N TRP E 114 -17.11 5.03 20.78
CA TRP E 114 -17.82 3.75 20.76
C TRP E 114 -18.76 3.62 21.96
N HIS E 115 -18.30 4.03 23.15
CA HIS E 115 -19.12 3.93 24.36
C HIS E 115 -20.32 4.88 24.31
N ALA E 116 -20.13 6.07 23.75
CA ALA E 116 -21.26 6.98 23.52
C ALA E 116 -22.33 6.29 22.68
N GLU E 117 -21.92 5.62 21.61
CA GLU E 117 -22.88 4.90 20.77
C GLU E 117 -23.50 3.74 21.54
N GLU E 118 -22.68 3.03 22.33
CA GLU E 118 -23.16 1.83 23.00
C GLU E 118 -24.10 2.19 24.16
N GLY E 119 -23.92 3.37 24.76
CA GLY E 119 -24.82 3.78 25.82
C GLY E 119 -26.27 3.93 25.36
N ARG E 120 -26.51 4.09 24.05
CA ARG E 120 -27.89 4.15 23.55
C ARG E 120 -28.52 2.78 23.41
N ARG E 121 -27.75 1.72 23.61
CA ARG E 121 -28.12 0.36 23.25
C ARG E 121 -27.99 -0.60 24.44
N THR E 122 -28.18 -0.09 25.66
CA THR E 122 -28.17 -0.96 26.84
C THR E 122 -29.54 -1.63 26.96
N TYR E 123 -29.84 -2.46 25.96
CA TYR E 123 -31.17 -3.00 25.71
C TYR E 123 -31.64 -3.90 26.84
N GLY E 124 -32.93 -3.85 27.10
CA GLY E 124 -33.61 -4.85 27.91
C GLY E 124 -34.21 -5.92 27.03
N ARG E 125 -34.82 -6.90 27.69
CA ARG E 125 -35.42 -8.04 27.02
C ARG E 125 -36.87 -8.19 27.48
N VAL E 126 -37.77 -8.50 26.56
CA VAL E 126 -39.13 -8.90 26.94
C VAL E 126 -39.23 -10.41 26.80
N VAL E 127 -39.55 -11.08 27.90
CA VAL E 127 -39.61 -12.54 27.95
C VAL E 127 -41.06 -12.99 27.79
N PRO E 128 -41.39 -13.74 26.74
CA PRO E 128 -42.80 -14.16 26.53
C PRO E 128 -43.38 -14.88 27.74
N ALA E 129 -44.53 -14.40 28.22
CA ALA E 129 -45.09 -14.84 29.49
C ALA E 129 -45.99 -16.06 29.31
N ARG E 130 -46.22 -16.76 30.41
CA ARG E 130 -47.07 -17.94 30.41
C ARG E 130 -48.55 -17.62 30.42
N SER E 131 -48.92 -16.38 30.74
CA SER E 131 -50.31 -15.98 30.76
C SER E 131 -50.38 -14.62 30.07
N PRO E 132 -51.44 -14.38 29.29
CA PRO E 132 -51.50 -13.15 28.49
C PRO E 132 -51.70 -11.89 29.32
N ASP E 133 -51.99 -11.98 30.60
CA ASP E 133 -52.11 -10.76 31.41
C ASP E 133 -50.81 -10.35 32.10
N VAL E 134 -49.71 -11.05 31.83
CA VAL E 134 -48.42 -10.79 32.49
C VAL E 134 -47.43 -10.20 31.50
N MET E 135 -46.64 -9.25 31.97
CA MET E 135 -45.58 -8.61 31.19
C MET E 135 -44.25 -8.85 31.91
N GLN E 136 -43.31 -9.49 31.23
CA GLN E 136 -42.00 -9.83 31.80
C GLN E 136 -40.91 -9.06 31.06
N THR E 137 -40.21 -8.19 31.78
CA THR E 137 -39.10 -7.43 31.20
C THR E 137 -37.85 -7.63 32.04
N VAL E 138 -36.72 -7.73 31.36
CA VAL E 138 -35.41 -7.79 31.97
C VAL E 138 -34.72 -6.48 31.65
N LEU E 139 -34.56 -5.63 32.65
CA LEU E 139 -33.93 -4.33 32.48
C LEU E 139 -32.49 -4.37 32.94
N ARG E 140 -31.69 -3.47 32.39
CA ARG E 140 -30.31 -3.25 32.79
C ARG E 140 -30.15 -1.82 33.26
N GLU E 141 -29.69 -1.64 34.49
CA GLU E 141 -29.64 -0.31 35.08
C GLU E 141 -28.28 -0.04 35.69
N PRO E 142 -27.83 1.21 35.68
CA PRO E 142 -26.49 1.52 36.20
C PRO E 142 -26.39 1.18 37.68
N ILE E 143 -25.24 0.62 38.06
CA ILE E 143 -25.08 0.12 39.41
C ILE E 143 -24.93 1.27 40.41
N GLY E 144 -24.33 2.39 40.00
CA GLY E 144 -24.09 3.48 40.92
C GLY E 144 -22.70 4.09 40.83
N VAL E 145 -22.18 4.53 41.98
CA VAL E 145 -20.85 5.15 42.02
C VAL E 145 -19.78 4.08 41.84
N CYS E 146 -18.85 4.32 40.93
CA CYS E 146 -17.76 3.40 40.64
C CYS E 146 -16.44 4.00 41.09
N ALA E 147 -15.52 3.12 41.51
CA ALA E 147 -14.15 3.50 41.80
C ALA E 147 -13.23 2.74 40.85
N ALA E 148 -12.28 3.45 40.26
CA ALA E 148 -11.40 2.85 39.27
C ALA E 148 -9.94 3.20 39.56
N PHE E 149 -9.06 2.28 39.19
CA PHE E 149 -7.63 2.45 39.38
C PHE E 149 -6.95 2.06 38.08
N SER E 150 -6.15 2.96 37.52
CA SER E 150 -5.59 2.69 36.20
C SER E 150 -4.08 2.95 36.21
N PRO E 151 -3.34 2.26 35.38
CA PRO E 151 -1.87 2.26 35.52
C PRO E 151 -1.14 3.23 34.59
N TRP E 152 0.20 3.16 34.57
CA TRP E 152 1.03 4.13 33.85
C TRP E 152 1.35 3.72 32.41
N ASN E 153 1.15 2.46 32.00
CA ASN E 153 1.74 2.05 30.72
C ASN E 153 1.01 2.70 29.55
N PHE E 154 -0.30 2.88 29.65
CA PHE E 154 -1.09 3.68 28.70
C PHE E 154 -1.91 4.63 29.54
N PRO E 155 -1.30 5.68 30.09
CA PRO E 155 -1.98 6.46 31.13
C PRO E 155 -3.28 7.11 30.64
N PHE E 156 -3.35 7.47 29.36
CA PHE E 156 -4.54 8.11 28.82
C PHE E 156 -5.62 7.08 28.44
N SER E 157 -5.26 6.04 27.68
CA SER E 157 -6.29 5.13 27.19
C SER E 157 -6.75 4.13 28.24
N GLN E 158 -5.87 3.70 29.16
CA GLN E 158 -6.36 2.86 30.25
C GLN E 158 -7.39 3.61 31.09
N ALA E 159 -7.11 4.88 31.41
CA ALA E 159 -8.05 5.64 32.21
C ALA E 159 -9.34 5.90 31.43
N MET E 160 -9.21 6.16 30.13
CA MET E 160 -10.37 6.41 29.29
C MET E 160 -11.34 5.23 29.35
N HIS E 161 -10.83 4.00 29.37
CA HIS E 161 -11.70 2.84 29.47
C HIS E 161 -12.60 2.93 30.69
N LYS E 162 -12.00 3.32 31.82
CA LYS E 162 -12.77 3.42 33.06
C LYS E 162 -13.80 4.55 32.96
N ILE E 163 -13.39 5.69 32.41
CA ILE E 163 -14.28 6.84 32.37
C ILE E 163 -15.43 6.57 31.40
N ALA E 164 -15.10 6.10 30.19
CA ALA E 164 -16.11 5.89 29.16
C ALA E 164 -17.13 4.85 29.59
N ALA E 165 -16.67 3.76 30.19
CA ALA E 165 -17.61 2.71 30.60
C ALA E 165 -18.49 3.17 31.75
N ALA E 166 -17.92 3.83 32.76
CA ALA E 166 -18.73 4.32 33.86
C ALA E 166 -19.73 5.36 33.37
N LEU E 167 -19.25 6.41 32.69
CA LEU E 167 -20.09 7.53 32.32
C LEU E 167 -21.18 7.11 31.34
N ALA E 168 -20.81 6.36 30.30
CA ALA E 168 -21.78 6.02 29.26
C ALA E 168 -22.82 5.02 29.74
N SER E 169 -22.51 4.25 30.80
CA SER E 169 -23.52 3.36 31.36
C SER E 169 -24.49 4.10 32.26
N GLY E 170 -24.23 5.38 32.56
CA GLY E 170 -25.06 6.08 33.51
C GLY E 170 -24.52 6.07 34.92
N CYS E 171 -23.34 5.50 35.14
CA CYS E 171 -22.68 5.57 36.44
C CYS E 171 -21.85 6.86 36.56
N THR E 172 -21.34 7.10 37.77
CA THR E 172 -20.34 8.13 38.00
C THR E 172 -19.09 7.52 38.61
N LEU E 173 -18.02 8.31 38.68
CA LEU E 173 -16.69 7.74 38.80
C LEU E 173 -15.78 8.58 39.68
N VAL E 174 -15.07 7.91 40.58
CA VAL E 174 -13.88 8.44 41.24
C VAL E 174 -12.71 7.61 40.73
N LEU E 175 -11.74 8.28 40.12
CA LEU E 175 -10.63 7.63 39.41
C LEU E 175 -9.32 7.98 40.10
N LYS E 176 -8.49 6.97 40.34
CA LYS E 176 -7.10 7.21 40.75
C LYS E 176 -6.20 6.67 39.63
N GLY E 177 -5.72 7.59 38.79
CA GLY E 177 -4.79 7.23 37.75
C GLY E 177 -3.38 7.08 38.27
N PRO E 178 -2.41 6.92 37.37
CA PRO E 178 -1.03 6.65 37.80
C PRO E 178 -0.32 7.92 38.29
N GLU E 179 0.03 7.93 39.58
CA GLU E 179 0.79 9.05 40.14
C GLU E 179 2.14 9.24 39.45
N GLU E 180 2.75 8.17 38.95
CA GLU E 180 4.05 8.26 38.28
CA GLU E 180 4.05 8.36 38.32
C GLU E 180 3.97 8.91 36.91
N SER E 181 2.81 8.86 36.25
CA SER E 181 2.63 9.44 34.91
C SER E 181 1.28 10.15 34.85
N PRO E 182 1.14 11.27 35.56
CA PRO E 182 -0.20 11.79 35.83
C PRO E 182 -0.78 12.76 34.81
N SER E 183 0.02 13.34 33.91
CA SER E 183 -0.50 14.42 33.07
C SER E 183 -1.69 13.96 32.23
N ALA E 184 -1.67 12.70 31.75
CA ALA E 184 -2.78 12.20 30.95
C ALA E 184 -4.11 12.29 31.69
N ILE E 185 -4.10 12.02 33.00
CA ILE E 185 -5.36 11.99 33.75
C ILE E 185 -5.89 13.41 33.93
N VAL E 186 -5.00 14.36 34.24
CA VAL E 186 -5.40 15.77 34.34
C VAL E 186 -6.01 16.24 33.04
N ALA E 187 -5.40 15.87 31.91
CA ALA E 187 -5.98 16.24 30.62
C ALA E 187 -7.36 15.63 30.42
N LEU E 188 -7.56 14.39 30.88
CA LEU E 188 -8.89 13.78 30.78
C LEU E 188 -9.92 14.56 31.57
N ALA E 189 -9.59 14.91 32.82
CA ALA E 189 -10.49 15.75 33.60
C ALA E 189 -10.77 17.06 32.89
N GLN E 190 -9.73 17.63 32.25
CA GLN E 190 -9.87 18.91 31.55
C GLN E 190 -10.83 18.81 30.37
N LEU E 191 -10.74 17.75 29.58
CA LEU E 191 -11.60 17.73 28.40
C LEU E 191 -13.05 17.36 28.74
N PHE E 192 -13.27 16.50 29.73
CA PHE E 192 -14.65 16.26 30.14
C PHE E 192 -15.24 17.49 30.82
N HIS E 193 -14.43 18.20 31.60
CA HIS E 193 -14.85 19.49 32.14
C HIS E 193 -15.20 20.49 31.02
N ASP E 194 -14.29 20.64 30.05
CA ASP E 194 -14.53 21.58 28.96
C ASP E 194 -15.74 21.15 28.13
N ALA E 195 -16.03 19.86 28.08
CA ALA E 195 -17.19 19.36 27.37
C ALA E 195 -18.50 19.58 28.14
N GLY E 196 -18.44 20.07 29.37
CA GLY E 196 -19.65 20.35 30.14
C GLY E 196 -20.18 19.19 30.97
N LEU E 197 -19.37 18.18 31.24
CA LEU E 197 -19.80 17.07 32.08
C LEU E 197 -20.24 17.58 33.46
N PRO E 198 -21.42 17.20 33.94
CA PRO E 198 -21.92 17.79 35.18
C PRO E 198 -21.00 17.48 36.35
N PRO E 199 -20.88 18.40 37.30
CA PRO E 199 -19.95 18.20 38.41
C PRO E 199 -20.28 16.95 39.22
N GLY E 200 -19.23 16.26 39.67
CA GLY E 200 -19.37 15.04 40.41
C GLY E 200 -19.35 13.79 39.56
N CYS E 201 -19.67 13.89 38.26
CA CYS E 201 -19.71 12.71 37.41
C CYS E 201 -18.33 12.07 37.29
N LEU E 202 -17.28 12.89 37.19
CA LEU E 202 -15.91 12.40 37.12
C LEU E 202 -15.08 13.12 38.17
N ASN E 203 -14.40 12.34 39.00
CA ASN E 203 -13.50 12.90 40.00
C ASN E 203 -12.19 12.15 39.92
N ILE E 204 -11.07 12.88 39.92
CA ILE E 204 -9.76 12.25 39.88
C ILE E 204 -9.01 12.62 41.14
N VAL E 205 -8.36 11.62 41.75
CA VAL E 205 -7.64 11.79 42.99
C VAL E 205 -6.29 11.10 42.87
N TRP E 206 -5.41 11.43 43.82
CA TRP E 206 -4.04 10.93 43.87
C TRP E 206 -3.64 10.70 45.33
N GLY E 207 -2.70 9.78 45.52
CA GLY E 207 -2.12 9.65 46.84
C GLY E 207 -1.27 8.40 46.93
N VAL E 208 -1.07 7.93 48.17
CA VAL E 208 -0.42 6.64 48.37
C VAL E 208 -1.40 5.59 47.87
N PRO E 209 -1.03 4.82 46.85
CA PRO E 209 -2.05 4.02 46.13
C PRO E 209 -2.81 3.08 47.04
N GLY E 210 -2.10 2.36 47.91
CA GLY E 210 -2.78 1.44 48.82
C GLY E 210 -3.75 2.13 49.76
N ASP E 211 -3.41 3.35 50.21
CA ASP E 211 -4.32 4.09 51.08
C ASP E 211 -5.54 4.59 50.33
N VAL E 212 -5.33 5.10 49.11
CA VAL E 212 -6.44 5.60 48.32
C VAL E 212 -7.39 4.47 47.96
N SER E 213 -6.84 3.34 47.51
CA SER E 213 -7.69 2.25 47.04
C SER E 213 -8.49 1.65 48.18
N LYS E 214 -7.87 1.51 49.36
CA LYS E 214 -8.62 1.01 50.52
C LYS E 214 -9.78 1.93 50.87
N GLN E 215 -9.54 3.24 50.91
CA GLN E 215 -10.59 4.16 51.31
C GLN E 215 -11.74 4.14 50.31
N LEU E 216 -11.42 4.12 49.02
CA LEU E 216 -12.45 4.10 47.99
C LEU E 216 -13.27 2.82 48.04
N ILE E 217 -12.59 1.67 48.15
CA ILE E 217 -13.30 0.39 48.14
C ILE E 217 -14.20 0.27 49.38
N GLU E 218 -13.77 0.84 50.50
CA GLU E 218 -14.57 0.76 51.73
C GLU E 218 -15.63 1.86 51.84
N ALA E 219 -15.66 2.82 50.92
CA ALA E 219 -16.68 3.86 50.98
C ALA E 219 -18.05 3.26 50.70
N PRO E 220 -19.03 3.42 51.59
CA PRO E 220 -20.31 2.73 51.41
C PRO E 220 -21.06 3.11 50.14
N GLN E 221 -20.89 4.32 49.62
CA GLN E 221 -21.62 4.68 48.39
C GLN E 221 -20.98 4.10 47.13
N VAL E 222 -19.74 3.63 47.21
CA VAL E 222 -19.08 2.99 46.07
C VAL E 222 -19.64 1.59 45.93
N ARG E 223 -20.17 1.26 44.74
CA ARG E 223 -20.81 -0.03 44.55
C ARG E 223 -20.07 -0.96 43.60
N LYS E 224 -19.05 -0.46 42.91
CA LYS E 224 -18.37 -1.24 41.89
C LYS E 224 -16.94 -0.72 41.75
N ILE E 225 -16.00 -1.66 41.59
CA ILE E 225 -14.56 -1.38 41.49
C ILE E 225 -14.07 -1.84 40.12
N SER E 226 -13.12 -1.11 39.55
CA SER E 226 -12.49 -1.54 38.31
C SER E 226 -11.00 -1.29 38.43
N PHE E 227 -10.20 -2.32 38.25
CA PHE E 227 -8.77 -2.22 38.46
C PHE E 227 -8.03 -2.75 37.25
N THR E 228 -7.06 -1.99 36.77
CA THR E 228 -6.10 -2.47 35.78
C THR E 228 -4.73 -2.32 36.41
N GLY E 229 -4.00 -3.44 36.49
CA GLY E 229 -2.69 -3.46 37.14
C GLY E 229 -2.15 -4.87 37.20
N SER E 230 -1.33 -5.12 38.23
CA SER E 230 -0.64 -6.39 38.39
C SER E 230 -1.53 -7.44 39.04
N VAL E 231 -1.19 -8.72 38.78
CA VAL E 231 -1.95 -9.82 39.38
C VAL E 231 -1.92 -9.75 40.91
N PRO E 232 -0.77 -9.62 41.59
CA PRO E 232 -0.80 -9.64 43.06
C PRO E 232 -1.59 -8.50 43.67
N VAL E 233 -1.46 -7.28 43.15
CA VAL E 233 -2.28 -6.19 43.65
C VAL E 233 -3.75 -6.42 43.34
N GLY E 234 -4.05 -6.92 42.12
CA GLY E 234 -5.42 -7.28 41.79
C GLY E 234 -6.04 -8.24 42.78
N LYS E 235 -5.28 -9.24 43.21
CA LYS E 235 -5.79 -10.22 44.19
C LYS E 235 -6.10 -9.54 45.53
N GLN E 236 -5.24 -8.61 45.96
CA GLN E 236 -5.48 -7.91 47.21
C GLN E 236 -6.77 -7.08 47.14
N LEU E 237 -6.92 -6.29 46.07
CA LEU E 237 -8.08 -5.42 45.97
C LEU E 237 -9.36 -6.22 45.77
N ALA E 238 -9.29 -7.27 44.94
CA ALA E 238 -10.47 -8.08 44.69
C ALA E 238 -10.96 -8.75 45.97
N ALA E 239 -10.04 -9.23 46.81
CA ALA E 239 -10.45 -9.88 48.05
C ALA E 239 -11.16 -8.89 48.96
N LEU E 240 -10.65 -7.66 49.03
CA LEU E 240 -11.30 -6.63 49.84
C LEU E 240 -12.68 -6.29 49.28
N ALA E 241 -12.77 -6.06 47.96
CA ALA E 241 -14.07 -5.76 47.36
C ALA E 241 -15.08 -6.87 47.59
N ALA E 242 -14.65 -8.13 47.39
CA ALA E 242 -15.55 -9.26 47.58
C ALA E 242 -16.00 -9.38 49.04
N SER E 243 -15.11 -9.06 49.99
CA SER E 243 -15.47 -9.13 51.40
C SER E 243 -16.59 -8.16 51.74
N LEU E 244 -16.81 -7.14 50.91
CA LEU E 244 -17.87 -6.16 51.08
C LEU E 244 -18.99 -6.33 50.05
N MET E 245 -19.02 -7.46 49.33
CA MET E 245 -20.04 -7.76 48.35
C MET E 245 -20.12 -6.70 47.24
N LYS E 246 -18.97 -6.14 46.87
CA LYS E 246 -18.92 -5.15 45.80
C LYS E 246 -18.41 -5.78 44.51
N ARG E 247 -19.11 -5.48 43.41
CA ARG E 247 -18.73 -5.99 42.10
C ARG E 247 -17.39 -5.42 41.67
N MET E 248 -16.73 -6.14 40.77
CA MET E 248 -15.41 -5.72 40.33
C MET E 248 -15.11 -6.29 38.96
N THR E 249 -14.40 -5.52 38.14
CA THR E 249 -13.80 -6.03 36.92
C THR E 249 -12.31 -5.72 36.95
N MET E 250 -11.52 -6.59 36.32
CA MET E 250 -10.08 -6.57 36.47
C MET E 250 -9.40 -6.90 35.16
N GLU E 251 -8.41 -6.09 34.79
CA GLU E 251 -7.52 -6.35 33.68
C GLU E 251 -6.12 -6.46 34.28
N LEU E 252 -5.61 -7.68 34.41
CA LEU E 252 -4.34 -7.87 35.07
C LEU E 252 -3.26 -8.21 34.04
N GLY E 253 -2.14 -8.75 34.49
CA GLY E 253 -1.04 -9.04 33.57
C GLY E 253 -1.31 -10.20 32.63
N GLY E 254 -0.42 -10.33 31.65
CA GLY E 254 -0.43 -11.47 30.75
C GLY E 254 0.96 -12.04 30.58
N HIS E 255 1.06 -13.06 29.74
CA HIS E 255 2.35 -13.68 29.43
C HIS E 255 2.18 -14.31 28.07
N ALA E 256 2.05 -13.48 27.03
CA ALA E 256 1.43 -13.93 25.79
C ALA E 256 2.30 -14.95 25.07
N PRO E 257 1.77 -16.12 24.75
CA PRO E 257 2.49 -17.06 23.89
C PRO E 257 2.28 -16.72 22.41
N VAL E 258 3.28 -17.08 21.61
CA VAL E 258 3.23 -16.91 20.16
C VAL E 258 3.59 -18.24 19.54
N LEU E 259 2.70 -18.79 18.70
CA LEU E 259 2.95 -20.03 17.99
C LEU E 259 3.17 -19.72 16.52
N VAL E 260 4.38 -19.93 16.04
CA VAL E 260 4.68 -19.69 14.62
C VAL E 260 4.79 -21.07 13.98
N CYS E 261 3.76 -21.45 13.22
CA CYS E 261 3.75 -22.74 12.55
C CYS E 261 4.71 -22.77 11.37
N ALA E 262 5.11 -23.99 10.98
CA ALA E 262 6.03 -24.14 9.86
C ALA E 262 5.45 -23.63 8.55
N ASP E 263 4.12 -23.60 8.41
CA ASP E 263 3.53 -23.15 7.16
C ASP E 263 3.22 -21.65 7.13
N ALA E 264 3.68 -20.89 8.11
CA ALA E 264 3.43 -19.46 8.13
C ALA E 264 4.31 -18.72 7.12
N ASP E 265 3.92 -17.49 6.82
CA ASP E 265 4.88 -16.57 6.22
C ASP E 265 5.84 -16.11 7.32
N VAL E 266 6.97 -16.80 7.44
CA VAL E 266 7.84 -16.69 8.61
C VAL E 266 8.46 -15.30 8.70
N GLU E 267 8.98 -14.81 7.59
CA GLU E 267 9.65 -13.51 7.56
C GLU E 267 8.68 -12.40 7.88
N ARG E 268 7.45 -12.51 7.37
CA ARG E 268 6.43 -11.51 7.66
C ARG E 268 6.12 -11.49 9.16
N ALA E 269 5.97 -12.67 9.76
CA ALA E 269 5.66 -12.73 11.19
C ALA E 269 6.78 -12.13 12.02
N ALA E 270 8.03 -12.46 11.70
CA ALA E 270 9.15 -11.96 12.50
C ALA E 270 9.19 -10.44 12.47
N ALA E 271 9.06 -9.85 11.29
CA ALA E 271 9.11 -8.40 11.17
C ALA E 271 7.96 -7.76 11.94
N MET E 272 6.75 -8.31 11.82
CA MET E 272 5.60 -7.77 12.52
C MET E 272 5.78 -7.89 14.02
N LEU E 273 6.21 -9.06 14.48
CA LEU E 273 6.32 -9.34 15.90
C LEU E 273 7.44 -8.52 16.55
N ALA E 274 8.49 -8.21 15.81
CA ALA E 274 9.57 -7.38 16.36
C ALA E 274 9.08 -5.95 16.57
N ALA E 275 8.43 -5.38 15.55
CA ALA E 275 7.95 -4.00 15.67
C ALA E 275 6.88 -3.89 16.76
N TYR E 276 5.98 -4.87 16.82
CA TYR E 276 4.90 -4.82 17.80
C TYR E 276 5.41 -5.05 19.22
N LYS E 277 6.32 -6.00 19.40
CA LYS E 277 6.83 -6.32 20.73
C LYS E 277 7.37 -5.09 21.44
N PHE E 278 8.17 -4.30 20.73
CA PHE E 278 8.90 -3.26 21.43
C PHE E 278 8.19 -1.93 21.42
N ARG E 279 6.92 -1.89 20.98
CA ARG E 279 6.07 -0.72 21.25
C ARG E 279 5.96 -0.53 22.75
N ASN E 280 6.04 0.72 23.19
CA ASN E 280 6.03 1.04 24.62
C ASN E 280 7.10 0.23 25.34
N ALA E 281 8.17 -0.12 24.62
CA ALA E 281 9.29 -0.90 25.17
C ALA E 281 8.82 -2.21 25.81
N GLY E 282 7.76 -2.81 25.27
CA GLY E 282 7.23 -4.05 25.80
C GLY E 282 6.40 -3.92 27.06
N GLN E 283 6.16 -2.71 27.55
CA GLN E 283 5.38 -2.47 28.77
C GLN E 283 3.89 -2.52 28.43
N VAL E 284 3.48 -3.70 27.98
CA VAL E 284 2.18 -3.88 27.35
C VAL E 284 1.57 -5.17 27.90
N CYS E 285 0.35 -5.07 28.41
CA CYS E 285 -0.30 -6.22 29.02
C CYS E 285 -0.41 -7.40 28.04
N VAL E 286 -0.55 -7.10 26.75
CA VAL E 286 -0.68 -8.14 25.72
C VAL E 286 0.66 -8.45 25.05
N SER E 287 1.77 -7.91 25.56
CA SER E 287 3.04 -8.00 24.85
C SER E 287 3.41 -9.45 24.53
N PRO E 288 3.73 -9.76 23.28
CA PRO E 288 4.21 -11.11 22.95
C PRO E 288 5.53 -11.39 23.66
N THR E 289 5.55 -12.48 24.43
CA THR E 289 6.68 -12.73 25.31
C THR E 289 7.29 -14.10 25.07
N ARG E 290 6.47 -15.16 24.99
CA ARG E 290 6.95 -16.53 24.81
C ARG E 290 6.72 -16.96 23.36
N PHE E 291 7.79 -17.07 22.60
CA PHE E 291 7.73 -17.39 21.18
C PHE E 291 8.05 -18.85 20.99
N PHE E 292 7.07 -19.61 20.51
CA PHE E 292 7.21 -21.02 20.16
C PHE E 292 7.17 -21.13 18.65
N VAL E 293 8.33 -21.43 18.05
CA VAL E 293 8.48 -21.46 16.60
C VAL E 293 8.76 -22.90 16.18
N GLN E 294 7.98 -23.40 15.22
CA GLN E 294 8.17 -24.75 14.74
C GLN E 294 9.61 -24.95 14.27
N ARG E 295 10.20 -26.09 14.64
CA ARG E 295 11.64 -26.27 14.51
C ARG E 295 12.13 -25.95 13.10
N ALA E 296 11.41 -26.41 12.08
CA ALA E 296 11.87 -26.19 10.71
C ALA E 296 11.95 -24.70 10.34
N ALA E 297 11.22 -23.83 11.03
CA ALA E 297 11.26 -22.40 10.76
C ALA E 297 12.08 -21.61 11.75
N PHE E 298 12.68 -22.28 12.74
CA PHE E 298 13.25 -21.57 13.89
C PHE E 298 14.40 -20.65 13.47
N ASP E 299 15.39 -21.17 12.73
CA ASP E 299 16.55 -20.36 12.36
C ASP E 299 16.15 -19.18 11.47
N ARG E 300 15.31 -19.44 10.47
CA ARG E 300 14.80 -18.39 9.59
C ARG E 300 14.10 -17.31 10.39
N PHE E 301 13.26 -17.72 11.35
CA PHE E 301 12.54 -16.73 12.16
C PHE E 301 13.52 -15.90 12.99
N VAL E 302 14.46 -16.55 13.68
CA VAL E 302 15.37 -15.82 14.56
C VAL E 302 16.21 -14.83 13.75
N CYS E 303 16.70 -15.23 12.58
CA CYS E 303 17.47 -14.33 11.75
CA CYS E 303 17.47 -14.33 11.74
C CYS E 303 16.64 -13.11 11.36
N ALA E 304 15.43 -13.34 10.86
CA ALA E 304 14.57 -12.22 10.48
C ALA E 304 14.20 -11.39 11.69
N TYR E 305 14.01 -12.04 12.84
CA TYR E 305 13.63 -11.30 14.03
C TYR E 305 14.77 -10.40 14.51
N LEU E 306 15.98 -10.96 14.57
CA LEU E 306 17.12 -10.15 14.99
C LEU E 306 17.38 -8.99 14.03
N ASP E 307 17.28 -9.22 12.72
CA ASP E 307 17.41 -8.12 11.76
C ASP E 307 16.41 -7.01 12.05
N ALA E 308 15.16 -7.38 12.29
CA ALA E 308 14.13 -6.37 12.54
C ALA E 308 14.39 -5.65 13.87
N VAL E 309 14.79 -6.40 14.89
CA VAL E 309 15.11 -5.78 16.17
C VAL E 309 16.23 -4.77 16.01
N GLY E 310 17.19 -5.03 15.10
CA GLY E 310 18.33 -4.15 14.90
C GLY E 310 18.01 -2.77 14.35
N THR E 311 16.83 -2.58 13.76
CA THR E 311 16.46 -1.29 13.23
C THR E 311 15.83 -0.37 14.27
N ILE E 312 15.65 -0.84 15.51
CA ILE E 312 15.09 0.00 16.55
C ILE E 312 16.12 1.04 16.97
N ARG E 313 15.68 2.29 17.09
CA ARG E 313 16.54 3.36 17.55
C ARG E 313 16.04 3.77 18.94
N VAL E 314 16.86 3.53 19.96
CA VAL E 314 16.50 3.83 21.34
C VAL E 314 16.94 5.25 21.66
N GLY E 315 16.06 6.01 22.30
CA GLY E 315 16.41 7.37 22.66
C GLY E 315 15.24 8.08 23.30
N TYR E 316 15.39 9.39 23.42
CA TYR E 316 14.37 10.22 24.03
C TYR E 316 13.16 10.35 23.12
N GLY E 317 11.96 10.22 23.71
CA GLY E 317 10.75 10.03 22.93
C GLY E 317 10.33 11.22 22.08
N LEU E 318 10.79 12.43 22.42
CA LEU E 318 10.45 13.58 21.60
C LEU E 318 11.43 13.81 20.46
N ASP E 319 12.51 13.03 20.38
CA ASP E 319 13.51 13.23 19.35
C ASP E 319 13.14 12.48 18.08
N ALA E 320 13.44 13.10 16.95
CA ALA E 320 13.13 12.53 15.64
C ALA E 320 13.86 11.21 15.43
N GLY E 321 13.15 10.25 14.84
CA GLY E 321 13.72 8.97 14.52
C GLY E 321 13.77 7.98 15.66
N VAL E 322 13.45 8.39 16.89
CA VAL E 322 13.43 7.47 18.01
C VAL E 322 12.23 6.54 17.88
N THR E 323 12.47 5.22 17.98
CA THR E 323 11.37 4.27 17.95
C THR E 323 11.22 3.48 19.24
N MET E 324 12.12 3.63 20.21
CA MET E 324 11.85 3.09 21.52
C MET E 324 12.41 4.05 22.58
N GLY E 325 11.62 4.30 23.62
CA GLY E 325 12.02 5.21 24.68
C GLY E 325 12.66 4.51 25.85
N PRO E 326 12.87 5.24 26.94
CA PRO E 326 13.35 4.61 28.17
C PRO E 326 12.22 3.80 28.83
N LEU E 327 12.62 2.94 29.76
CA LEU E 327 11.64 2.27 30.62
C LEU E 327 11.05 3.30 31.58
N ALA E 328 9.94 2.92 32.23
CA ALA E 328 9.18 3.92 32.97
C ALA E 328 9.90 4.40 34.22
N HIS E 329 10.71 3.55 34.85
CA HIS E 329 11.43 3.98 36.04
C HIS E 329 12.55 2.97 36.34
N ALA E 330 13.34 3.31 37.36
CA ALA E 330 14.58 2.58 37.61
C ALA E 330 14.31 1.13 38.01
N ARG E 331 13.24 0.89 38.77
CA ARG E 331 12.97 -0.48 39.19
C ARG E 331 12.71 -1.41 38.00
N ARG E 332 12.19 -0.89 36.88
CA ARG E 332 11.97 -1.74 35.70
C ARG E 332 13.29 -2.23 35.11
N VAL E 333 14.31 -1.36 35.08
CA VAL E 333 15.63 -1.76 34.60
C VAL E 333 16.21 -2.87 35.46
N ASP E 334 16.13 -2.71 36.79
CA ASP E 334 16.57 -3.77 37.70
C ASP E 334 15.84 -5.06 37.42
N GLU E 335 14.53 -4.97 37.20
CA GLU E 335 13.72 -6.15 36.94
C GLU E 335 14.17 -6.86 35.65
N ILE E 336 14.40 -6.11 34.57
CA ILE E 336 14.83 -6.75 33.33
C ILE E 336 16.25 -7.30 33.49
N ASP E 337 17.11 -6.57 34.21
CA ASP E 337 18.43 -7.11 34.55
C ASP E 337 18.31 -8.48 35.19
N ALA E 338 17.37 -8.63 36.12
CA ALA E 338 17.21 -9.90 36.82
C ALA E 338 16.73 -11.01 35.89
N PHE E 339 15.81 -10.69 34.97
CA PHE E 339 15.36 -11.68 34.00
C PHE E 339 16.52 -12.16 33.15
N VAL E 340 17.37 -11.23 32.71
CA VAL E 340 18.53 -11.58 31.88
C VAL E 340 19.51 -12.46 32.66
N ALA E 341 19.83 -12.05 33.89
CA ALA E 341 20.78 -12.82 34.68
C ALA E 341 20.26 -14.22 34.96
N ASP E 342 18.98 -14.34 35.31
CA ASP E 342 18.40 -15.66 35.54
C ASP E 342 18.44 -16.51 34.28
N ALA E 343 18.16 -15.90 33.12
CA ALA E 343 18.21 -16.65 31.87
C ALA E 343 19.63 -17.13 31.59
N THR E 344 20.61 -16.25 31.75
CA THR E 344 22.00 -16.62 31.51
C THR E 344 22.44 -17.74 32.44
N ALA E 345 22.06 -17.65 33.72
CA ALA E 345 22.44 -18.65 34.71
C ALA E 345 21.92 -20.04 34.36
N LYS E 346 20.80 -20.10 33.65
CA LYS E 346 20.19 -21.39 33.31
C LYS E 346 20.48 -21.82 31.87
N GLY E 347 21.44 -21.18 31.21
CA GLY E 347 21.96 -21.70 29.96
C GLY E 347 21.44 -21.07 28.71
N ALA E 348 20.62 -20.03 28.82
CA ALA E 348 20.10 -19.39 27.63
C ALA E 348 21.16 -18.48 27.00
N GLN E 349 20.95 -18.14 25.73
CA GLN E 349 21.83 -17.26 24.98
C GLN E 349 21.17 -15.91 24.80
N ILE E 350 21.90 -14.84 25.04
CA ILE E 350 21.41 -13.49 24.78
C ILE E 350 21.85 -13.13 23.37
N ALA E 351 20.93 -13.25 22.40
CA ALA E 351 21.26 -13.02 21.00
C ALA E 351 21.45 -11.55 20.70
N THR E 352 20.75 -10.67 21.42
CA THR E 352 20.97 -9.24 21.30
C THR E 352 20.47 -8.56 22.57
N GLY E 353 21.00 -7.37 22.82
CA GLY E 353 20.57 -6.57 23.95
C GLY E 353 21.04 -7.11 25.28
N GLY E 354 20.20 -6.97 26.31
CA GLY E 354 20.55 -7.50 27.59
C GLY E 354 21.25 -6.53 28.53
N MET E 355 21.45 -5.28 28.13
CA MET E 355 22.15 -4.34 28.99
C MET E 355 21.46 -2.99 28.97
N ARG E 356 21.82 -2.15 29.93
CA ARG E 356 21.41 -0.77 29.90
C ARG E 356 22.10 -0.08 28.74
N LEU E 357 21.45 0.96 28.22
CA LEU E 357 21.97 1.78 27.12
C LEU E 357 22.40 3.15 27.61
N PRO E 358 23.18 3.88 26.82
CA PRO E 358 23.62 5.21 27.25
C PRO E 358 22.45 6.19 27.33
N GLY E 359 22.72 7.31 27.98
CA GLY E 359 21.78 8.41 28.09
C GLY E 359 21.29 8.53 29.52
N PRO E 360 20.73 9.70 29.86
CA PRO E 360 20.43 9.98 31.28
C PRO E 360 19.00 9.56 31.63
N GLY E 361 18.81 8.27 31.91
CA GLY E 361 17.49 7.74 32.14
C GLY E 361 17.49 6.23 32.04
N HIS E 362 16.29 5.67 32.08
CA HIS E 362 16.10 4.23 32.25
C HIS E 362 16.10 3.49 30.92
N TYR E 363 17.17 3.71 30.15
CA TYR E 363 17.30 3.14 28.83
C TYR E 363 17.81 1.70 28.91
N PHE E 364 17.20 0.82 28.13
CA PHE E 364 17.55 -0.58 28.10
C PHE E 364 17.44 -1.10 26.67
N ALA E 365 18.34 -2.00 26.32
CA ALA E 365 18.39 -2.52 24.96
C ALA E 365 17.25 -3.51 24.69
N PRO E 366 16.65 -3.47 23.51
CA PRO E 366 15.74 -4.55 23.12
C PRO E 366 16.50 -5.88 23.20
N THR E 367 15.92 -6.84 23.91
CA THR E 367 16.63 -8.05 24.31
C THR E 367 15.94 -9.28 23.73
N VAL E 368 16.71 -10.16 23.11
CA VAL E 368 16.19 -11.40 22.53
C VAL E 368 16.92 -12.56 23.17
N VAL E 369 16.18 -13.47 23.81
CA VAL E 369 16.75 -14.58 24.55
C VAL E 369 16.39 -15.88 23.84
N LEU E 370 17.41 -16.68 23.52
CA LEU E 370 17.27 -17.93 22.78
C LEU E 370 17.39 -19.15 23.71
N GLY E 371 16.48 -20.11 23.53
CA GLY E 371 16.48 -21.34 24.28
C GLY E 371 16.28 -21.27 25.80
N PRO E 372 15.53 -20.30 26.31
CA PRO E 372 15.31 -20.28 27.76
C PRO E 372 14.49 -21.48 28.19
N THR E 373 14.91 -22.14 29.27
CA THR E 373 14.23 -23.36 29.67
C THR E 373 12.94 -23.04 30.43
N ARG E 374 12.14 -24.09 30.65
CA ARG E 374 10.84 -23.96 31.27
C ARG E 374 10.90 -23.45 32.70
N ASP E 375 12.08 -23.43 33.33
CA ASP E 375 12.19 -22.96 34.70
C ASP E 375 12.81 -21.58 34.81
N THR E 376 13.09 -20.90 33.69
CA THR E 376 13.56 -19.52 33.76
C THR E 376 12.43 -18.58 34.13
N ARG E 377 12.78 -17.47 34.79
CA ARG E 377 11.80 -16.45 35.07
C ARG E 377 11.14 -15.96 33.80
N LEU E 378 11.91 -15.84 32.71
CA LEU E 378 11.34 -15.31 31.47
C LEU E 378 10.17 -16.15 30.95
N MET E 379 10.20 -17.46 31.15
CA MET E 379 9.12 -18.33 30.66
C MET E 379 8.05 -18.59 31.72
N ASN E 380 8.08 -17.87 32.84
CA ASN E 380 7.12 -18.05 33.91
C ASN E 380 6.55 -16.74 34.46
N ASP E 381 7.37 -15.70 34.58
CA ASP E 381 6.93 -14.43 35.15
C ASP E 381 6.77 -13.38 34.07
N GLU E 382 5.79 -12.52 34.24
CA GLU E 382 5.57 -11.49 33.24
C GLU E 382 6.71 -10.48 33.28
N PRO E 383 7.52 -10.37 32.24
CA PRO E 383 8.63 -9.42 32.29
C PRO E 383 8.21 -7.97 32.10
N PHE E 384 7.16 -7.71 31.29
CA PHE E 384 6.64 -6.36 31.09
C PHE E 384 7.76 -5.38 30.71
N GLY E 385 8.52 -5.75 29.69
CA GLY E 385 9.67 -4.99 29.28
C GLY E 385 10.19 -5.44 27.93
N PRO E 386 11.31 -4.88 27.51
CA PRO E 386 11.82 -5.11 26.13
C PRO E 386 12.61 -6.40 25.99
N ILE E 387 11.93 -7.53 26.16
CA ILE E 387 12.60 -8.82 26.17
C ILE E 387 11.61 -9.90 25.72
N VAL E 388 12.10 -10.84 24.91
CA VAL E 388 11.33 -11.99 24.47
C VAL E 388 12.20 -13.23 24.61
N GLY E 389 11.54 -14.37 24.75
CA GLY E 389 12.19 -15.68 24.71
C GLY E 389 11.67 -16.43 23.49
N ILE E 390 12.58 -17.11 22.79
CA ILE E 390 12.26 -17.84 21.57
C ILE E 390 12.77 -19.27 21.71
N VAL E 391 11.87 -20.25 21.59
CA VAL E 391 12.23 -21.67 21.67
C VAL E 391 11.60 -22.44 20.52
N PRO E 392 12.24 -23.50 20.02
CA PRO E 392 11.61 -24.34 19.01
C PRO E 392 10.59 -25.27 19.63
N PHE E 393 9.64 -25.71 18.80
CA PHE E 393 8.74 -26.78 19.18
C PHE E 393 8.62 -27.76 18.02
N ASP E 394 8.28 -29.00 18.35
CA ASP E 394 8.09 -30.03 17.35
C ASP E 394 6.61 -30.34 17.11
N ASP E 395 5.89 -30.71 18.17
CA ASP E 395 4.49 -31.10 18.08
C ASP E 395 3.66 -29.92 18.54
N LEU E 396 2.73 -29.50 17.70
CA LEU E 396 1.92 -28.32 18.02
C LEU E 396 1.18 -28.49 19.34
N ASP E 397 0.71 -29.70 19.63
CA ASP E 397 -0.05 -29.91 20.86
C ASP E 397 0.82 -29.71 22.10
N ASP E 398 2.09 -30.09 22.02
CA ASP E 398 2.98 -29.83 23.15
C ASP E 398 3.24 -28.33 23.32
N ALA E 399 3.40 -27.60 22.21
CA ALA E 399 3.52 -26.15 22.28
C ALA E 399 2.27 -25.51 22.87
N LEU E 400 1.08 -26.00 22.49
CA LEU E 400 -0.15 -25.48 23.07
C LEU E 400 -0.21 -25.74 24.57
N ALA E 401 0.22 -26.93 25.01
CA ALA E 401 0.20 -27.20 26.44
C ALA E 401 1.12 -26.23 27.18
N GLU E 402 2.28 -25.94 26.60
CA GLU E 402 3.18 -24.97 27.21
C GLU E 402 2.60 -23.56 27.14
N ALA E 403 1.92 -23.24 26.04
CA ALA E 403 1.27 -21.94 25.95
C ALA E 403 0.24 -21.77 27.05
N ASN E 404 -0.37 -22.87 27.51
CA ASN E 404 -1.42 -22.83 28.51
C ASN E 404 -0.95 -23.13 29.93
N ARG E 405 0.33 -23.44 30.14
CA ARG E 405 0.79 -23.91 31.44
C ARG E 405 0.69 -22.85 32.53
N LEU E 406 0.89 -21.59 32.20
CA LEU E 406 0.94 -20.54 33.20
C LEU E 406 -0.46 -20.07 33.58
N PRO E 407 -0.63 -19.52 34.80
CA PRO E 407 -1.94 -18.97 35.19
C PRO E 407 -2.32 -17.70 34.43
N PHE E 408 -1.44 -17.15 33.61
CA PHE E 408 -1.80 -16.02 32.76
C PHE E 408 -2.64 -16.49 31.58
N GLY E 409 -3.54 -15.61 31.11
CA GLY E 409 -4.39 -15.92 29.99
C GLY E 409 -5.02 -14.68 29.38
N LEU E 410 -4.19 -13.69 29.03
CA LEU E 410 -4.72 -12.45 28.45
C LEU E 410 -4.69 -12.51 26.93
N ALA E 411 -3.56 -12.13 26.31
CA ALA E 411 -3.44 -12.22 24.87
C ALA E 411 -2.65 -13.45 24.46
N SER E 412 -2.79 -13.80 23.18
CA SER E 412 -2.07 -14.91 22.56
C SER E 412 -2.05 -14.68 21.05
N TYR E 413 -1.03 -15.24 20.39
CA TYR E 413 -0.77 -14.97 18.98
C TYR E 413 -0.38 -16.26 18.27
N ALA E 414 -0.75 -16.34 17.00
CA ALA E 414 -0.39 -17.47 16.17
C ALA E 414 -0.30 -17.02 14.72
N PHE E 415 0.59 -17.66 13.97
CA PHE E 415 0.79 -17.36 12.57
C PHE E 415 0.75 -18.67 11.79
N THR E 416 -0.18 -18.77 10.83
CA THR E 416 -0.34 -20.00 10.09
C THR E 416 -1.17 -19.74 8.84
N THR E 417 -0.96 -20.56 7.81
CA THR E 417 -1.80 -20.52 6.62
C THR E 417 -2.81 -21.66 6.58
N SER E 418 -2.76 -22.56 7.53
CA SER E 418 -3.62 -23.73 7.56
C SER E 418 -4.92 -23.45 8.30
N ALA E 419 -6.06 -23.76 7.68
CA ALA E 419 -7.33 -23.63 8.38
C ALA E 419 -7.39 -24.53 9.62
N ARG E 420 -6.90 -25.77 9.51
CA ARG E 420 -6.94 -26.67 10.67
C ARG E 420 -6.09 -26.12 11.82
N ASN E 421 -4.87 -25.66 11.52
CA ASN E 421 -4.03 -25.07 12.57
C ASN E 421 -4.75 -23.92 13.25
N ALA E 422 -5.30 -23.00 12.44
CA ALA E 422 -5.97 -21.84 13.01
C ALA E 422 -7.11 -22.25 13.93
N HIS E 423 -7.90 -23.23 13.50
CA HIS E 423 -9.01 -23.69 14.32
C HIS E 423 -8.52 -24.37 15.58
N ARG E 424 -7.58 -25.31 15.45
CA ARG E 424 -7.13 -26.03 16.63
CA ARG E 424 -7.09 -26.04 16.62
C ARG E 424 -6.46 -25.09 17.62
N ILE E 425 -5.61 -24.18 17.14
CA ILE E 425 -4.90 -23.27 18.03
C ILE E 425 -5.88 -22.35 18.75
N SER E 426 -6.81 -21.77 18.00
CA SER E 426 -7.71 -20.78 18.59
C SER E 426 -8.65 -21.42 19.63
N ARG E 427 -9.06 -22.67 19.41
CA ARG E 427 -9.92 -23.38 20.35
C ARG E 427 -9.15 -23.85 21.58
N ALA E 428 -7.89 -24.27 21.42
CA ALA E 428 -7.16 -24.85 22.53
C ALA E 428 -6.53 -23.79 23.46
N LEU E 429 -6.24 -22.60 22.97
CA LEU E 429 -5.57 -21.59 23.80
C LEU E 429 -6.47 -21.12 24.94
N GLU E 430 -5.90 -21.06 26.13
CA GLU E 430 -6.59 -20.52 27.30
C GLU E 430 -6.16 -19.06 27.43
N ALA E 431 -6.92 -18.19 26.78
CA ALA E 431 -6.62 -16.77 26.70
C ALA E 431 -7.90 -16.04 26.32
N GLY E 432 -8.04 -14.82 26.82
CA GLY E 432 -9.18 -14.01 26.44
C GLY E 432 -9.13 -13.51 25.00
N MET E 433 -7.94 -13.47 24.41
CA MET E 433 -7.78 -12.94 23.06
C MET E 433 -6.78 -13.79 22.28
N VAL E 434 -7.18 -14.19 21.07
CA VAL E 434 -6.33 -14.96 20.17
C VAL E 434 -6.20 -14.18 18.87
N ASN E 435 -4.96 -13.78 18.55
CA ASN E 435 -4.64 -13.02 17.35
C ASN E 435 -3.95 -13.95 16.36
N ILE E 436 -4.53 -14.10 15.17
CA ILE E 436 -4.01 -15.01 14.17
C ILE E 436 -3.60 -14.20 12.95
N ASN E 437 -2.30 -14.20 12.65
CA ASN E 437 -1.65 -13.60 11.48
C ASN E 437 -1.61 -12.08 11.49
N HIS E 438 -2.13 -11.44 12.52
CA HIS E 438 -2.06 -9.99 12.65
C HIS E 438 -2.34 -9.67 14.10
N PHE E 439 -2.27 -8.40 14.46
CA PHE E 439 -2.54 -7.93 15.81
C PHE E 439 -3.83 -7.13 15.76
N GLY E 440 -4.91 -7.72 16.28
CA GLY E 440 -6.22 -7.11 16.07
C GLY E 440 -7.01 -6.72 17.31
N MET E 441 -6.34 -6.30 18.38
CA MET E 441 -7.00 -5.94 19.62
C MET E 441 -7.26 -4.44 19.75
N GLY E 442 -6.85 -3.64 18.76
CA GLY E 442 -7.09 -2.22 18.74
C GLY E 442 -8.53 -1.76 18.66
N PRO E 443 -9.40 -2.40 17.86
CA PRO E 443 -10.74 -1.82 17.61
C PRO E 443 -11.58 -1.68 18.88
N ALA E 444 -12.19 -0.50 19.03
CA ALA E 444 -13.08 -0.23 20.16
C ALA E 444 -14.29 -1.16 20.18
N GLU E 445 -14.69 -1.69 19.02
CA GLU E 445 -15.89 -2.51 18.92
C GLU E 445 -15.66 -3.96 19.32
N ILE E 446 -14.46 -4.35 19.78
CA ILE E 446 -14.25 -5.73 20.20
C ILE E 446 -14.03 -5.78 21.70
N PRO E 447 -14.34 -6.90 22.35
CA PRO E 447 -14.13 -6.99 23.80
C PRO E 447 -12.71 -7.40 24.15
N PHE E 448 -12.13 -6.69 25.11
CA PHE E 448 -10.75 -6.87 25.54
C PHE E 448 -10.75 -7.35 26.99
N GLY E 449 -10.21 -8.54 27.23
CA GLY E 449 -10.15 -9.08 28.60
C GLY E 449 -9.44 -10.43 28.64
N GLY E 450 -9.27 -10.94 29.86
CA GLY E 450 -8.48 -12.13 30.09
C GLY E 450 -9.25 -13.22 30.83
N VAL E 451 -8.56 -14.35 31.01
CA VAL E 451 -9.05 -15.48 31.80
C VAL E 451 -8.00 -15.80 32.85
N LYS E 452 -8.34 -16.76 33.72
CA LYS E 452 -7.49 -17.24 34.83
C LYS E 452 -6.99 -16.04 35.61
N ASP E 453 -5.69 -15.91 35.88
CA ASP E 453 -5.18 -14.83 36.71
C ASP E 453 -5.22 -13.46 36.02
N SER E 454 -5.52 -13.39 34.71
CA SER E 454 -5.43 -12.13 33.98
C SER E 454 -6.63 -11.21 34.20
N GLY E 455 -7.62 -11.64 34.97
CA GLY E 455 -8.72 -10.79 35.37
C GLY E 455 -10.06 -11.37 34.98
N PHE E 456 -11.09 -10.55 35.10
CA PHE E 456 -12.40 -10.92 34.62
C PHE E 456 -13.17 -9.68 34.21
N GLY E 457 -14.15 -9.90 33.32
CA GLY E 457 -14.84 -8.82 32.65
C GLY E 457 -14.10 -8.40 31.39
N SER E 458 -14.74 -7.52 30.62
CA SER E 458 -14.19 -7.06 29.37
C SER E 458 -14.27 -5.54 29.29
N GLU E 459 -13.38 -4.96 28.49
CA GLU E 459 -13.49 -3.55 28.15
C GLU E 459 -13.62 -3.43 26.63
N GLY E 460 -14.40 -2.46 26.18
CA GLY E 460 -14.74 -2.34 24.78
C GLY E 460 -15.87 -3.30 24.38
N GLY E 461 -16.29 -3.17 23.12
CA GLY E 461 -17.32 -4.05 22.56
C GLY E 461 -18.69 -3.89 23.22
N MET E 462 -19.53 -4.90 22.98
CA MET E 462 -20.85 -4.96 23.63
C MET E 462 -20.70 -5.22 25.11
N GLU E 463 -19.65 -5.94 25.49
CA GLU E 463 -19.42 -6.38 26.86
C GLU E 463 -18.95 -5.27 27.79
N ALA E 464 -18.72 -4.06 27.28
CA ALA E 464 -18.06 -3.02 28.07
C ALA E 464 -18.87 -2.62 29.29
N PHE E 465 -20.19 -2.72 29.22
CA PHE E 465 -21.02 -2.26 30.32
C PHE E 465 -21.44 -3.39 31.26
N ASP E 466 -20.98 -4.62 31.03
CA ASP E 466 -21.51 -5.73 31.82
C ASP E 466 -21.22 -5.52 33.30
N GLY E 467 -20.00 -5.08 33.62
CA GLY E 467 -19.69 -4.85 35.01
C GLY E 467 -20.36 -3.65 35.63
N TYR E 468 -20.96 -2.76 34.81
CA TYR E 468 -21.52 -1.52 35.28
C TYR E 468 -23.05 -1.51 35.38
N LEU E 469 -23.72 -2.54 34.88
CA LEU E 469 -25.17 -2.60 34.89
C LEU E 469 -25.64 -3.71 35.83
N VAL E 470 -26.71 -3.46 36.57
CA VAL E 470 -27.35 -4.52 37.33
C VAL E 470 -28.54 -5.02 36.53
N THR E 471 -28.84 -6.30 36.67
CA THR E 471 -30.02 -6.90 36.06
C THR E 471 -31.21 -6.70 36.97
N LYS E 472 -32.33 -6.20 36.42
CA LYS E 472 -33.57 -6.07 37.16
C LYS E 472 -34.68 -6.75 36.37
N PHE E 473 -35.22 -7.83 36.95
CA PHE E 473 -36.38 -8.52 36.41
C PHE E 473 -37.65 -7.90 36.97
N VAL E 474 -38.50 -7.42 36.07
CA VAL E 474 -39.79 -6.83 36.41
C VAL E 474 -40.88 -7.74 35.84
N THR E 475 -41.80 -8.18 36.70
CA THR E 475 -42.92 -8.98 36.22
C THR E 475 -44.20 -8.37 36.76
N GLN E 476 -45.14 -8.07 35.88
CA GLN E 476 -46.31 -7.30 36.23
C GLN E 476 -47.56 -8.02 35.75
N MET E 477 -48.51 -8.24 36.66
CA MET E 477 -49.79 -8.80 36.28
C MET E 477 -50.83 -7.68 36.16
N ASN E 478 -51.49 -7.64 35.01
CA ASN E 478 -52.46 -6.60 34.73
C ASN E 478 -53.88 -7.13 34.64
N ASP F 3 -38.34 -46.27 55.15
CA ASP F 3 -39.09 -45.02 54.96
C ASP F 3 -38.19 -43.86 54.54
N TYR F 4 -36.89 -43.95 54.84
CA TYR F 4 -35.92 -42.94 54.46
C TYR F 4 -34.75 -43.61 53.75
N ALA F 5 -34.33 -43.02 52.64
CA ALA F 5 -33.36 -43.66 51.75
C ALA F 5 -31.93 -43.57 52.29
N PRO F 6 -31.05 -44.46 51.81
CA PRO F 6 -29.64 -44.39 52.23
C PRO F 6 -28.95 -43.12 51.73
N LEU F 7 -28.11 -42.55 52.58
CA LEU F 7 -27.35 -41.35 52.24
C LEU F 7 -25.96 -41.76 51.83
N ARG F 8 -25.49 -41.24 50.70
CA ARG F 8 -24.23 -41.70 50.14
CA ARG F 8 -24.30 -41.72 50.04
C ARG F 8 -23.49 -40.54 49.51
N LEU F 9 -22.21 -40.78 49.27
CA LEU F 9 -21.37 -39.88 48.49
C LEU F 9 -21.41 -40.34 47.03
N TYR F 10 -21.08 -39.45 46.12
CA TYR F 10 -21.03 -39.79 44.69
C TYR F 10 -19.81 -39.11 44.08
N ILE F 11 -18.84 -39.92 43.69
CA ILE F 11 -17.54 -39.45 43.23
C ILE F 11 -17.18 -40.27 42.01
N ASP F 12 -16.90 -39.60 40.90
CA ASP F 12 -16.40 -40.25 39.69
C ASP F 12 -17.26 -41.45 39.27
N GLY F 13 -18.58 -41.26 39.32
CA GLY F 13 -19.52 -42.25 38.85
C GLY F 13 -19.77 -43.41 39.77
N ARG F 14 -19.29 -43.38 41.01
CA ARG F 14 -19.53 -44.44 41.97
C ARG F 14 -20.11 -43.85 43.25
N PHE F 15 -21.11 -44.53 43.80
CA PHE F 15 -21.63 -44.17 45.11
C PHE F 15 -20.76 -44.78 46.20
N HIS F 16 -20.68 -44.09 47.34
CA HIS F 16 -19.95 -44.59 48.49
C HIS F 16 -20.80 -44.50 49.74
N ASP F 17 -20.91 -45.62 50.45
CA ASP F 17 -21.41 -45.65 51.81
C ASP F 17 -20.30 -45.20 52.75
N ALA F 18 -20.56 -45.20 54.06
CA ALA F 18 -19.61 -44.56 54.96
C ALA F 18 -18.27 -45.31 54.94
N ASP F 19 -18.30 -46.64 54.85
CA ASP F 19 -17.14 -47.51 54.97
C ASP F 19 -16.06 -46.96 55.91
N GLY F 20 -16.45 -46.66 57.15
CA GLY F 20 -15.54 -46.12 58.14
C GLY F 20 -15.35 -44.62 58.17
N ARG F 21 -16.07 -43.87 57.34
CA ARG F 21 -15.91 -42.42 57.35
C ARG F 21 -16.64 -41.82 58.55
N ARG F 22 -16.27 -40.59 58.91
CA ARG F 22 -17.08 -39.88 59.87
C ARG F 22 -18.50 -39.74 59.33
N THR F 23 -19.48 -39.88 60.21
CA THR F 23 -20.87 -39.66 59.84
C THR F 23 -21.47 -38.60 60.74
N GLN F 24 -22.65 -38.13 60.34
CA GLN F 24 -23.41 -37.14 61.07
C GLN F 24 -24.88 -37.55 61.02
N PRO F 25 -25.59 -37.48 62.14
CA PRO F 25 -27.02 -37.81 62.12
C PRO F 25 -27.82 -36.76 61.36
N VAL F 26 -28.88 -37.23 60.70
CA VAL F 26 -29.83 -36.38 60.00
C VAL F 26 -31.16 -36.50 60.74
N VAL F 27 -31.70 -35.36 61.18
CA VAL F 27 -32.84 -35.37 62.09
C VAL F 27 -34.07 -34.79 61.40
N ASP F 28 -35.21 -35.45 61.63
CA ASP F 28 -36.50 -34.95 61.17
C ASP F 28 -36.93 -33.80 62.04
N PRO F 29 -37.08 -32.58 61.51
CA PRO F 29 -37.42 -31.42 62.36
C PRO F 29 -38.82 -31.45 62.92
N GLY F 30 -39.70 -32.30 62.40
CA GLY F 30 -41.06 -32.35 62.85
C GLY F 30 -41.26 -33.35 63.97
N THR F 31 -40.34 -34.31 64.09
CA THR F 31 -40.39 -35.32 65.13
C THR F 31 -39.18 -35.32 66.05
N THR F 32 -38.05 -34.74 65.61
CA THR F 32 -36.73 -34.78 66.25
C THR F 32 -36.13 -36.18 66.19
N ARG F 33 -36.77 -37.14 65.54
CA ARG F 33 -36.21 -38.47 65.44
C ARG F 33 -35.06 -38.47 64.44
N VAL F 34 -34.07 -39.33 64.68
CA VAL F 34 -32.96 -39.48 63.74
C VAL F 34 -33.43 -40.29 62.55
N LEU F 35 -33.16 -39.79 61.34
CA LEU F 35 -33.55 -40.47 60.12
C LEU F 35 -32.48 -41.39 59.57
N GLY F 36 -31.21 -41.04 59.74
CA GLY F 36 -30.13 -41.82 59.18
C GLY F 36 -28.82 -41.09 59.39
N GLU F 37 -27.75 -41.71 58.90
CA GLU F 37 -26.42 -41.14 59.04
C GLU F 37 -25.86 -40.73 57.68
N LEU F 38 -25.29 -39.53 57.64
CA LEU F 38 -24.72 -38.98 56.42
C LEU F 38 -23.21 -39.20 56.45
N PRO F 39 -22.62 -39.84 55.45
CA PRO F 39 -21.15 -40.00 55.45
C PRO F 39 -20.45 -38.72 55.03
N HIS F 40 -19.38 -38.39 55.75
CA HIS F 40 -18.56 -37.24 55.43
C HIS F 40 -17.45 -37.64 54.46
N ALA F 41 -17.21 -36.79 53.47
CA ALA F 41 -16.09 -37.00 52.59
C ALA F 41 -14.78 -36.78 53.34
N THR F 42 -13.78 -37.62 53.08
CA THR F 42 -12.44 -37.31 53.54
C THR F 42 -11.82 -36.22 52.66
N ALA F 43 -10.70 -35.69 53.13
CA ALA F 43 -9.91 -34.77 52.32
C ALA F 43 -9.51 -35.44 51.01
N HIS F 44 -9.16 -36.73 51.06
CA HIS F 44 -8.85 -37.46 49.84
C HIS F 44 -10.06 -37.60 48.92
N ASP F 45 -11.27 -37.86 49.48
CA ASP F 45 -12.47 -37.90 48.66
C ASP F 45 -12.63 -36.61 47.87
N ILE F 46 -12.36 -35.47 48.52
CA ILE F 46 -12.56 -34.19 47.87
C ILE F 46 -11.51 -33.98 46.77
N ASP F 47 -10.25 -34.32 47.05
CA ASP F 47 -9.23 -34.30 45.98
C ASP F 47 -9.64 -35.17 44.81
N ALA F 48 -10.14 -36.37 45.09
CA ALA F 48 -10.57 -37.29 44.04
C ALA F 48 -11.76 -36.74 43.27
N ALA F 49 -12.68 -36.06 43.95
CA ALA F 49 -13.84 -35.49 43.26
C ALA F 49 -13.41 -34.39 42.30
N VAL F 50 -12.47 -33.53 42.73
CA VAL F 50 -11.97 -32.47 41.86
C VAL F 50 -11.22 -33.05 40.66
N GLN F 51 -10.31 -34.01 40.91
CA GLN F 51 -9.55 -34.61 39.81
C GLN F 51 -10.48 -35.34 38.85
N ALA F 52 -11.50 -36.03 39.37
CA ALA F 52 -12.48 -36.65 38.49
C ALA F 52 -13.25 -35.60 37.68
N ALA F 53 -13.62 -34.49 38.32
CA ALA F 53 -14.31 -33.43 37.58
C ALA F 53 -13.43 -32.88 36.48
N HIS F 54 -12.12 -32.78 36.73
CA HIS F 54 -11.23 -32.24 35.72
C HIS F 54 -11.08 -33.19 34.55
N ARG F 55 -10.88 -34.48 34.81
CA ARG F 55 -10.81 -35.46 33.73
C ARG F 55 -12.07 -35.43 32.88
N ALA F 56 -13.24 -35.36 33.54
CA ALA F 56 -14.50 -35.39 32.80
C ALA F 56 -14.67 -34.14 31.95
N PHE F 57 -14.26 -32.98 32.47
CA PHE F 57 -14.42 -31.72 31.73
C PHE F 57 -13.71 -31.76 30.38
N VAL F 58 -12.56 -32.45 30.32
CA VAL F 58 -11.76 -32.46 29.10
C VAL F 58 -12.58 -32.94 27.90
N THR F 59 -13.46 -33.91 28.11
CA THR F 59 -14.32 -34.39 27.03
C THR F 59 -15.74 -33.82 27.06
N TRP F 60 -16.30 -33.59 28.25
CA TRP F 60 -17.66 -33.07 28.34
C TRP F 60 -17.77 -31.69 27.69
N ARG F 61 -16.74 -30.85 27.84
CA ARG F 61 -16.70 -29.55 27.19
C ARG F 61 -16.95 -29.64 25.68
N HIS F 62 -16.53 -30.74 25.05
CA HIS F 62 -16.59 -30.90 23.60
C HIS F 62 -17.75 -31.76 23.14
N GLU F 63 -18.53 -32.32 24.06
CA GLU F 63 -19.70 -33.09 23.67
C GLU F 63 -20.70 -32.19 22.92
N SER F 64 -21.41 -32.78 21.97
CA SER F 64 -22.45 -32.05 21.23
C SER F 64 -23.47 -31.47 22.20
N PRO F 65 -23.81 -30.18 22.07
CA PRO F 65 -24.84 -29.61 22.96
C PRO F 65 -26.18 -30.32 22.87
N LEU F 66 -26.49 -30.94 21.74
CA LEU F 66 -27.73 -31.69 21.65
C LEU F 66 -27.63 -33.00 22.42
N VAL F 67 -26.48 -33.66 22.34
CA VAL F 67 -26.25 -34.87 23.13
C VAL F 67 -26.32 -34.55 24.61
N ARG F 68 -25.72 -33.44 25.02
CA ARG F 68 -25.81 -33.04 26.42
C ARG F 68 -27.25 -32.71 26.81
N SER F 69 -27.98 -32.04 25.91
CA SER F 69 -29.38 -31.73 26.15
C SER F 69 -30.22 -32.99 26.34
N ASP F 70 -30.07 -33.96 25.42
CA ASP F 70 -30.77 -35.24 25.53
C ASP F 70 -30.56 -35.85 26.92
N LEU F 71 -29.32 -35.87 27.39
CA LEU F 71 -29.03 -36.50 28.66
C LEU F 71 -29.67 -35.72 29.82
N LEU F 72 -29.56 -34.39 29.80
CA LEU F 72 -30.14 -33.57 30.88
C LEU F 72 -31.66 -33.69 30.91
N ARG F 73 -32.30 -33.78 29.72
CA ARG F 73 -33.76 -33.97 29.66
C ARG F 73 -34.16 -35.34 30.19
N ARG F 74 -33.36 -36.38 29.93
CA ARG F 74 -33.63 -37.70 30.49
CA ARG F 74 -33.62 -37.70 30.48
C ARG F 74 -33.58 -37.65 32.01
N ALA F 75 -32.56 -37.00 32.55
CA ALA F 75 -32.49 -36.81 34.01
C ALA F 75 -33.71 -36.04 34.52
N ALA F 76 -34.14 -35.01 33.79
CA ALA F 76 -35.32 -34.26 34.20
C ALA F 76 -36.56 -35.15 34.21
N ALA F 77 -36.70 -36.01 33.20
CA ALA F 77 -37.83 -36.93 33.14
C ALA F 77 -37.83 -37.89 34.32
N LEU F 78 -36.65 -38.36 34.73
CA LEU F 78 -36.56 -39.24 35.90
C LEU F 78 -36.97 -38.51 37.18
N ALA F 79 -36.58 -37.24 37.31
CA ALA F 79 -37.01 -36.43 38.44
C ALA F 79 -38.53 -36.36 38.53
N ARG F 80 -39.21 -36.15 37.41
CA ARG F 80 -40.66 -36.06 37.44
C ARG F 80 -41.28 -37.38 37.87
N GLU F 81 -40.74 -38.50 37.34
CA GLU F 81 -41.26 -39.81 37.72
C GLU F 81 -41.12 -40.07 39.21
N ARG F 82 -40.05 -39.55 39.83
CA ARG F 82 -39.71 -39.85 41.21
C ARG F 82 -40.14 -38.76 42.18
N ALA F 83 -40.99 -37.81 41.72
CA ALA F 83 -41.26 -36.60 42.49
C ALA F 83 -41.83 -36.90 43.87
N GLU F 84 -42.73 -37.88 43.96
CA GLU F 84 -43.37 -38.20 45.23
C GLU F 84 -42.39 -38.78 46.22
N THR F 85 -41.56 -39.73 45.77
CA THR F 85 -40.59 -40.34 46.66
C THR F 85 -39.54 -39.33 47.11
N ILE F 86 -39.01 -38.55 46.16
CA ILE F 86 -38.05 -37.50 46.47
C ILE F 86 -38.69 -36.45 47.39
N GLY F 87 -39.93 -36.08 47.10
CA GLY F 87 -40.58 -35.05 47.90
C GLY F 87 -40.80 -35.49 49.34
N ARG F 88 -41.32 -36.72 49.52
CA ARG F 88 -41.54 -37.25 50.85
C ARG F 88 -40.27 -37.16 51.71
N HIS F 89 -39.14 -37.56 51.13
CA HIS F 89 -37.86 -37.49 51.83
C HIS F 89 -37.46 -36.06 52.16
N ILE F 90 -37.81 -35.11 51.29
CA ILE F 90 -37.55 -33.70 51.59
C ILE F 90 -38.38 -33.25 52.79
N THR F 91 -39.68 -33.54 52.78
CA THR F 91 -40.52 -33.23 53.93
C THR F 91 -39.92 -33.80 55.20
N MET F 92 -39.41 -35.04 55.14
CA MET F 92 -38.89 -35.67 56.34
C MET F 92 -37.64 -34.98 56.87
N ASP F 93 -36.70 -34.63 55.99
CA ASP F 93 -35.44 -34.07 56.49
C ASP F 93 -35.36 -32.55 56.38
N GLN F 94 -36.39 -31.90 55.90
CA GLN F 94 -36.35 -30.44 55.86
C GLN F 94 -37.54 -29.82 56.57
N GLY F 95 -38.73 -30.43 56.48
CA GLY F 95 -39.89 -30.02 57.24
C GLY F 95 -41.08 -29.56 56.41
N LYS F 96 -40.87 -29.10 55.18
CA LYS F 96 -41.92 -28.45 54.42
C LYS F 96 -43.04 -29.44 54.06
N PRO F 97 -44.27 -28.96 53.88
CA PRO F 97 -45.36 -29.85 53.51
C PRO F 97 -45.07 -30.59 52.21
N LEU F 98 -45.59 -31.82 52.12
CA LEU F 98 -45.33 -32.69 50.97
C LEU F 98 -45.67 -32.02 49.64
N ARG F 99 -46.80 -31.31 49.58
CA ARG F 99 -47.21 -30.67 48.33
C ARG F 99 -46.17 -29.65 47.88
N GLU F 100 -45.54 -28.94 48.82
CA GLU F 100 -44.47 -28.00 48.47
C GLU F 100 -43.23 -28.75 48.00
N ALA F 101 -42.89 -29.84 48.67
CA ALA F 101 -41.71 -30.60 48.27
C ALA F 101 -41.89 -31.15 46.86
N ILE F 102 -43.09 -31.65 46.56
CA ILE F 102 -43.36 -32.16 45.23
C ILE F 102 -43.30 -31.03 44.21
N ALA F 103 -43.87 -29.87 44.54
CA ALA F 103 -43.81 -28.73 43.62
C ALA F 103 -42.37 -28.30 43.38
N GLU F 104 -41.52 -28.38 44.41
CA GLU F 104 -40.11 -28.03 44.26
C GLU F 104 -39.43 -28.94 43.27
N VAL F 105 -39.70 -30.24 43.33
CA VAL F 105 -39.07 -31.17 42.39
C VAL F 105 -39.49 -30.85 40.97
N VAL F 106 -40.79 -30.62 40.77
CA VAL F 106 -41.31 -30.29 39.46
C VAL F 106 -40.69 -29.00 38.95
N SER F 107 -40.57 -28.00 39.81
CA SER F 107 -39.91 -26.76 39.42
C SER F 107 -38.47 -27.01 39.00
N ALA F 108 -37.76 -27.88 39.72
CA ALA F 108 -36.38 -28.19 39.39
C ALA F 108 -36.26 -28.86 38.02
N ALA F 109 -37.21 -29.75 37.70
CA ALA F 109 -37.20 -30.40 36.39
C ALA F 109 -37.36 -29.39 35.25
N GLU F 110 -38.28 -28.43 35.43
CA GLU F 110 -38.46 -27.41 34.40
C GLU F 110 -37.20 -26.57 34.25
N GLN F 111 -36.54 -26.26 35.38
CA GLN F 111 -35.30 -25.51 35.33
C GLN F 111 -34.22 -26.30 34.58
N LEU F 112 -34.13 -27.61 34.84
CA LEU F 112 -33.16 -28.44 34.13
C LEU F 112 -33.45 -28.48 32.64
N GLU F 113 -34.73 -28.62 32.28
CA GLU F 113 -35.12 -28.68 30.88
C GLU F 113 -34.80 -27.36 30.16
N TRP F 114 -35.03 -26.23 30.83
CA TRP F 114 -34.69 -24.94 30.23
C TRP F 114 -33.19 -24.85 29.95
N HIS F 115 -32.36 -25.30 30.90
CA HIS F 115 -30.92 -25.20 30.73
C HIS F 115 -30.43 -26.10 29.61
N ALA F 116 -31.04 -27.29 29.48
CA ALA F 116 -30.76 -28.15 28.34
C ALA F 116 -31.00 -27.41 27.03
N GLU F 117 -32.14 -26.71 26.92
CA GLU F 117 -32.45 -25.96 25.72
C GLU F 117 -31.48 -24.81 25.54
N GLU F 118 -31.13 -24.13 26.64
CA GLU F 118 -30.28 -22.94 26.59
C GLU F 118 -28.84 -23.29 26.26
N GLY F 119 -28.38 -24.50 26.63
CA GLY F 119 -27.05 -24.94 26.31
C GLY F 119 -26.77 -25.06 24.82
N ARG F 120 -27.83 -25.17 24.01
CA ARG F 120 -27.67 -25.17 22.57
C ARG F 120 -27.49 -23.76 22.01
N ARG F 121 -27.64 -22.73 22.85
CA ARG F 121 -27.79 -21.35 22.41
C ARG F 121 -26.75 -20.44 23.07
N THR F 122 -25.58 -20.98 23.42
CA THR F 122 -24.50 -20.18 23.97
C THR F 122 -23.77 -19.50 22.82
N TYR F 123 -24.51 -18.59 22.17
CA TYR F 123 -24.11 -18.02 20.89
C TYR F 123 -22.86 -17.16 21.00
N GLY F 124 -22.03 -17.20 19.96
CA GLY F 124 -20.97 -16.24 19.78
C GLY F 124 -21.43 -15.10 18.89
N ARG F 125 -20.52 -14.16 18.68
CA ARG F 125 -20.81 -12.97 17.90
C ARG F 125 -19.74 -12.82 16.82
N VAL F 126 -20.15 -12.43 15.62
CA VAL F 126 -19.22 -12.00 14.59
C VAL F 126 -19.28 -10.48 14.53
N VAL F 127 -18.16 -9.81 14.75
CA VAL F 127 -18.11 -8.35 14.75
C VAL F 127 -17.60 -7.89 13.39
N PRO F 128 -18.37 -7.12 12.64
CA PRO F 128 -17.90 -6.65 11.32
C PRO F 128 -16.58 -5.92 11.45
N ALA F 129 -15.61 -6.34 10.65
CA ALA F 129 -14.22 -5.92 10.74
C ALA F 129 -13.97 -4.69 9.88
N ARG F 130 -12.88 -4.00 10.20
CA ARG F 130 -12.48 -2.82 9.47
C ARG F 130 -11.82 -3.15 8.13
N SER F 131 -11.43 -4.39 7.90
CA SER F 131 -10.84 -4.77 6.63
C SER F 131 -11.47 -6.08 6.17
N PRO F 132 -11.67 -6.25 4.85
CA PRO F 132 -12.39 -7.43 4.35
C PRO F 132 -11.62 -8.75 4.48
N ASP F 133 -10.33 -8.72 4.81
CA ASP F 133 -9.56 -9.95 5.03
C ASP F 133 -9.54 -10.42 6.48
N VAL F 134 -10.22 -9.72 7.40
CA VAL F 134 -10.20 -10.05 8.83
C VAL F 134 -11.54 -10.64 9.23
N MET F 135 -11.47 -11.65 10.10
CA MET F 135 -12.64 -12.31 10.69
C MET F 135 -12.56 -12.14 12.20
N GLN F 136 -13.56 -11.49 12.79
CA GLN F 136 -13.60 -11.22 14.22
C GLN F 136 -14.77 -11.98 14.84
N THR F 137 -14.47 -12.91 15.74
CA THR F 137 -15.51 -13.67 16.42
C THR F 137 -15.34 -13.55 17.93
N VAL F 138 -16.46 -13.44 18.64
CA VAL F 138 -16.50 -13.45 20.10
C VAL F 138 -17.14 -14.76 20.50
N LEU F 139 -16.35 -15.67 21.05
CA LEU F 139 -16.80 -16.99 21.47
C LEU F 139 -17.03 -17.01 22.98
N ARG F 140 -17.89 -17.94 23.40
CA ARG F 140 -18.11 -18.21 24.82
C ARG F 140 -17.79 -19.67 25.06
N GLU F 141 -16.86 -19.94 25.97
CA GLU F 141 -16.41 -21.31 26.20
C GLU F 141 -16.50 -21.61 27.69
N PRO F 142 -16.80 -22.86 28.05
CA PRO F 142 -16.98 -23.20 29.47
C PRO F 142 -15.72 -22.95 30.27
N ILE F 143 -15.90 -22.41 31.48
CA ILE F 143 -14.74 -21.97 32.23
C ILE F 143 -13.95 -23.16 32.76
N GLY F 144 -14.62 -24.29 33.07
CA GLY F 144 -13.91 -25.43 33.63
C GLY F 144 -14.58 -26.09 34.82
N VAL F 145 -13.79 -26.62 35.76
CA VAL F 145 -14.36 -27.31 36.93
C VAL F 145 -14.96 -26.28 37.88
N CYS F 146 -16.19 -26.53 38.32
CA CYS F 146 -16.91 -25.65 39.24
C CYS F 146 -17.10 -26.33 40.60
N ALA F 147 -17.12 -25.49 41.64
CA ALA F 147 -17.51 -25.89 42.97
C ALA F 147 -18.77 -25.11 43.34
N ALA F 148 -19.74 -25.80 43.93
CA ALA F 148 -21.01 -25.20 44.28
C ALA F 148 -21.39 -25.56 45.69
N PHE F 149 -22.10 -24.66 46.35
CA PHE F 149 -22.57 -24.86 47.71
C PHE F 149 -24.01 -24.39 47.77
N SER F 150 -24.89 -25.27 48.22
CA SER F 150 -26.31 -24.95 48.17
C SER F 150 -26.97 -25.30 49.50
N PRO F 151 -28.03 -24.57 49.87
CA PRO F 151 -28.57 -24.68 51.23
C PRO F 151 -29.73 -25.63 51.36
N TRP F 152 -30.35 -25.62 52.56
CA TRP F 152 -31.39 -26.56 52.92
C TRP F 152 -32.81 -26.07 52.62
N ASN F 153 -33.04 -24.78 52.31
CA ASN F 153 -34.42 -24.31 52.28
C ASN F 153 -35.19 -24.89 51.10
N PHE F 154 -34.53 -25.02 49.93
CA PHE F 154 -35.07 -25.76 48.79
C PHE F 154 -33.97 -26.72 48.38
N PRO F 155 -33.77 -27.80 49.14
CA PRO F 155 -32.55 -28.60 48.96
C PRO F 155 -32.42 -29.19 47.58
N PHE F 156 -33.54 -29.48 46.92
CA PHE F 156 -33.52 -30.08 45.59
C PHE F 156 -33.33 -29.01 44.51
N SER F 157 -34.14 -27.94 44.54
CA SER F 157 -34.10 -26.98 43.44
C SER F 157 -32.91 -26.02 43.54
N GLN F 158 -32.46 -25.68 44.75
CA GLN F 158 -31.23 -24.88 44.85
C GLN F 158 -30.05 -25.64 44.28
N ALA F 159 -29.94 -26.92 44.62
CA ALA F 159 -28.84 -27.72 44.08
C ALA F 159 -28.99 -27.90 42.58
N MET F 160 -30.23 -28.10 42.10
CA MET F 160 -30.45 -28.27 40.67
C MET F 160 -29.93 -27.09 39.88
N HIS F 161 -30.11 -25.86 40.39
CA HIS F 161 -29.59 -24.67 39.71
C HIS F 161 -28.09 -24.81 39.43
N LYS F 162 -27.34 -25.25 40.44
CA LYS F 162 -25.89 -25.41 40.27
C LYS F 162 -25.57 -26.48 39.25
N ILE F 163 -26.28 -27.62 39.31
CA ILE F 163 -25.98 -28.74 38.42
C ILE F 163 -26.36 -28.39 36.99
N ALA F 164 -27.55 -27.84 36.80
CA ALA F 164 -28.04 -27.53 35.47
C ALA F 164 -27.15 -26.50 34.79
N ALA F 165 -26.75 -25.47 35.53
CA ALA F 165 -25.96 -24.39 34.94
C ALA F 165 -24.55 -24.88 34.57
N ALA F 166 -23.91 -25.59 35.49
CA ALA F 166 -22.57 -26.09 35.21
C ALA F 166 -22.60 -27.08 34.05
N LEU F 167 -23.46 -28.09 34.14
CA LEU F 167 -23.45 -29.15 33.14
C LEU F 167 -23.84 -28.62 31.76
N ALA F 168 -24.91 -27.83 31.68
CA ALA F 168 -25.41 -27.41 30.38
C ALA F 168 -24.48 -26.39 29.71
N SER F 169 -23.63 -25.71 30.49
CA SER F 169 -22.63 -24.84 29.90
C SER F 169 -21.39 -25.60 29.40
N GLY F 170 -21.28 -26.90 29.69
CA GLY F 170 -20.09 -27.64 29.33
C GLY F 170 -19.08 -27.75 30.44
N CYS F 171 -19.37 -27.22 31.62
CA CYS F 171 -18.54 -27.38 32.80
C CYS F 171 -18.88 -28.68 33.51
N THR F 172 -18.06 -29.03 34.49
CA THR F 172 -18.32 -30.10 35.44
C THR F 172 -18.30 -29.53 36.86
N LEU F 173 -18.70 -30.35 37.83
CA LEU F 173 -19.15 -29.82 39.10
C LEU F 173 -18.77 -30.76 40.24
N VAL F 174 -18.25 -30.18 41.33
CA VAL F 174 -18.26 -30.82 42.64
C VAL F 174 -19.21 -30.01 43.52
N LEU F 175 -20.24 -30.67 44.05
CA LEU F 175 -21.32 -30.00 44.76
C LEU F 175 -21.30 -30.43 46.23
N LYS F 176 -21.44 -29.45 47.13
CA LYS F 176 -21.68 -29.73 48.54
C LYS F 176 -23.05 -29.18 48.89
N GLY F 177 -24.05 -30.06 48.94
CA GLY F 177 -25.37 -29.65 49.36
C GLY F 177 -25.50 -29.57 50.87
N PRO F 178 -26.73 -29.38 51.37
CA PRO F 178 -26.93 -29.18 52.82
C PRO F 178 -26.84 -30.50 53.58
N GLU F 179 -25.86 -30.61 54.47
CA GLU F 179 -25.74 -31.80 55.30
C GLU F 179 -27.00 -32.04 56.14
N GLU F 180 -27.72 -30.98 56.52
CA GLU F 180 -28.89 -31.14 57.37
C GLU F 180 -30.14 -31.59 56.63
N SER F 181 -30.20 -31.43 55.30
CA SER F 181 -31.32 -31.97 54.50
C SER F 181 -30.78 -32.61 53.23
N PRO F 182 -30.11 -33.76 53.36
CA PRO F 182 -29.28 -34.28 52.25
C PRO F 182 -29.93 -35.21 51.27
N SER F 183 -31.11 -35.77 51.56
CA SER F 183 -31.64 -36.80 50.67
C SER F 183 -31.88 -36.27 49.27
N ALA F 184 -32.29 -34.99 49.15
CA ALA F 184 -32.50 -34.40 47.82
C ALA F 184 -31.24 -34.47 46.96
N ILE F 185 -30.06 -34.27 47.57
CA ILE F 185 -28.82 -34.27 46.79
C ILE F 185 -28.48 -35.69 46.34
N VAL F 186 -28.67 -36.67 47.23
CA VAL F 186 -28.49 -38.06 46.86
C VAL F 186 -29.41 -38.43 45.70
N ALA F 187 -30.66 -37.98 45.76
CA ALA F 187 -31.61 -38.26 44.70
C ALA F 187 -31.14 -37.63 43.39
N LEU F 188 -30.58 -36.42 43.46
CA LEU F 188 -30.04 -35.79 42.26
C LEU F 188 -28.91 -36.60 41.65
N ALA F 189 -27.94 -37.02 42.48
CA ALA F 189 -26.86 -37.86 41.98
C ALA F 189 -27.39 -39.14 41.35
N GLN F 190 -28.39 -39.76 41.99
CA GLN F 190 -28.93 -41.00 41.48
C GLN F 190 -29.57 -40.82 40.11
N LEU F 191 -30.34 -39.75 39.93
CA LEU F 191 -31.05 -39.60 38.67
C LEU F 191 -30.11 -39.18 37.55
N PHE F 192 -29.06 -38.43 37.86
CA PHE F 192 -28.07 -38.14 36.84
C PHE F 192 -27.24 -39.39 36.51
N HIS F 193 -26.91 -40.18 37.53
CA HIS F 193 -26.28 -41.48 37.31
C HIS F 193 -27.17 -42.38 36.46
N ASP F 194 -28.46 -42.47 36.81
CA ASP F 194 -29.37 -43.32 36.03
C ASP F 194 -29.58 -42.80 34.61
N ALA F 195 -29.46 -41.49 34.40
CA ALA F 195 -29.57 -40.93 33.06
C ALA F 195 -28.30 -41.13 32.24
N GLY F 196 -27.23 -41.63 32.84
CA GLY F 196 -26.02 -41.90 32.10
C GLY F 196 -25.03 -40.77 32.05
N LEU F 197 -25.12 -39.82 32.95
CA LEU F 197 -24.14 -38.74 32.96
C LEU F 197 -22.74 -39.35 33.09
N PRO F 198 -21.78 -38.94 32.26
CA PRO F 198 -20.46 -39.56 32.30
C PRO F 198 -19.80 -39.33 33.65
N PRO F 199 -18.98 -40.29 34.11
CA PRO F 199 -18.39 -40.19 35.46
C PRO F 199 -17.49 -38.97 35.61
N GLY F 200 -17.57 -38.34 36.78
CA GLY F 200 -16.84 -37.13 37.07
C GLY F 200 -17.57 -35.85 36.78
N CYS F 201 -18.59 -35.87 35.92
CA CYS F 201 -19.29 -34.65 35.56
C CYS F 201 -19.97 -34.03 36.78
N LEU F 202 -20.56 -34.88 37.63
CA LEU F 202 -21.21 -34.43 38.86
C LEU F 202 -20.65 -35.26 40.01
N ASN F 203 -20.19 -34.58 41.05
CA ASN F 203 -19.73 -35.22 42.26
C ASN F 203 -20.38 -34.50 43.43
N ILE F 204 -20.86 -35.26 44.40
CA ILE F 204 -21.43 -34.68 45.61
C ILE F 204 -20.58 -35.09 46.81
N VAL F 205 -20.32 -34.13 47.67
CA VAL F 205 -19.49 -34.34 48.85
C VAL F 205 -20.21 -33.74 50.06
N TRP F 206 -19.77 -34.18 51.24
CA TRP F 206 -20.35 -33.74 52.51
C TRP F 206 -19.23 -33.60 53.53
N GLY F 207 -19.43 -32.73 54.50
CA GLY F 207 -18.52 -32.65 55.62
C GLY F 207 -18.79 -31.43 56.47
N VAL F 208 -17.77 -31.00 57.21
CA VAL F 208 -17.83 -29.74 57.93
C VAL F 208 -17.84 -28.62 56.89
N PRO F 209 -18.91 -27.81 56.83
CA PRO F 209 -19.09 -26.91 55.67
C PRO F 209 -17.92 -25.98 55.45
N GLY F 210 -17.40 -25.37 56.51
CA GLY F 210 -16.27 -24.47 56.35
C GLY F 210 -15.02 -25.16 55.83
N ASP F 211 -14.78 -26.40 56.26
CA ASP F 211 -13.59 -27.13 55.81
C ASP F 211 -13.73 -27.59 54.37
N VAL F 212 -14.90 -28.10 53.98
CA VAL F 212 -15.09 -28.58 52.62
C VAL F 212 -14.93 -27.44 51.63
N SER F 213 -15.58 -26.31 51.92
CA SER F 213 -15.55 -25.18 50.99
C SER F 213 -14.16 -24.60 50.88
N LYS F 214 -13.43 -24.53 52.00
CA LYS F 214 -12.06 -24.05 51.90
C LYS F 214 -11.24 -24.94 50.99
N GLN F 215 -11.34 -26.27 51.16
CA GLN F 215 -10.55 -27.16 50.32
C GLN F 215 -10.96 -27.04 48.85
N LEU F 216 -12.26 -26.94 48.60
CA LEU F 216 -12.73 -26.82 47.21
C LEU F 216 -12.26 -25.51 46.57
N ILE F 217 -12.37 -24.40 47.28
CA ILE F 217 -12.02 -23.12 46.67
C ILE F 217 -10.52 -23.03 46.40
N GLU F 218 -9.72 -23.62 47.27
CA GLU F 218 -8.28 -23.59 47.08
C GLU F 218 -7.78 -24.68 46.15
N ALA F 219 -8.64 -25.58 45.70
CA ALA F 219 -8.23 -26.63 44.79
C ALA F 219 -7.83 -26.00 43.47
N PRO F 220 -6.61 -26.23 42.99
CA PRO F 220 -6.13 -25.48 41.82
C PRO F 220 -6.95 -25.71 40.55
N GLN F 221 -7.53 -26.89 40.36
CA GLN F 221 -8.33 -27.15 39.16
C GLN F 221 -9.72 -26.53 39.23
N VAL F 222 -10.19 -26.16 40.43
CA VAL F 222 -11.46 -25.46 40.55
C VAL F 222 -11.29 -24.03 40.06
N ARG F 223 -12.09 -23.63 39.06
CA ARG F 223 -11.96 -22.32 38.46
C ARG F 223 -13.14 -21.40 38.73
N LYS F 224 -14.21 -21.90 39.28
CA LYS F 224 -15.38 -21.06 39.44
C LYS F 224 -16.19 -21.59 40.60
N ILE F 225 -16.71 -20.68 41.40
CA ILE F 225 -17.45 -21.02 42.61
C ILE F 225 -18.85 -20.44 42.46
N SER F 226 -19.83 -21.15 42.98
CA SER F 226 -21.18 -20.64 43.04
C SER F 226 -21.76 -20.98 44.42
N PHE F 227 -22.26 -19.97 45.12
CA PHE F 227 -22.69 -20.15 46.50
C PHE F 227 -24.08 -19.57 46.70
N THR F 228 -24.96 -20.35 47.33
CA THR F 228 -26.26 -19.86 47.80
C THR F 228 -26.33 -20.07 49.31
N GLY F 229 -26.56 -18.98 50.03
CA GLY F 229 -26.56 -19.06 51.49
C GLY F 229 -26.64 -17.68 52.09
N SER F 230 -26.09 -17.55 53.28
CA SER F 230 -26.22 -16.30 54.01
C SER F 230 -25.22 -15.25 53.54
N VAL F 231 -25.59 -14.00 53.78
CA VAL F 231 -24.71 -12.88 53.44
C VAL F 231 -23.36 -12.99 54.14
N PRO F 232 -23.27 -13.21 55.45
CA PRO F 232 -21.93 -13.23 56.08
C PRO F 232 -21.04 -14.36 55.56
N VAL F 233 -21.58 -15.56 55.37
CA VAL F 233 -20.78 -16.65 54.79
C VAL F 233 -20.43 -16.34 53.34
N GLY F 234 -21.38 -15.79 52.58
CA GLY F 234 -21.09 -15.38 51.22
C GLY F 234 -19.91 -14.43 51.13
N LYS F 235 -19.84 -13.47 52.06
CA LYS F 235 -18.72 -12.55 52.04
C LYS F 235 -17.40 -13.27 52.31
N GLN F 236 -17.40 -14.23 53.24
CA GLN F 236 -16.19 -14.98 53.56
C GLN F 236 -15.70 -15.78 52.36
N LEU F 237 -16.62 -16.50 51.71
CA LEU F 237 -16.19 -17.34 50.60
C LEU F 237 -15.81 -16.48 49.40
N ALA F 238 -16.53 -15.39 49.16
CA ALA F 238 -16.20 -14.53 48.02
C ALA F 238 -14.80 -13.97 48.16
N ALA F 239 -14.44 -13.57 49.39
CA ALA F 239 -13.12 -13.01 49.60
C ALA F 239 -12.03 -14.05 49.33
N LEU F 240 -12.23 -15.28 49.78
CA LEU F 240 -11.24 -16.33 49.50
C LEU F 240 -11.12 -16.60 48.01
N ALA F 241 -12.25 -16.79 47.33
CA ALA F 241 -12.22 -17.04 45.90
C ALA F 241 -11.52 -15.91 45.15
N ALA F 242 -11.85 -14.66 45.50
CA ALA F 242 -11.27 -13.51 44.82
C ALA F 242 -9.77 -13.43 45.05
N SER F 243 -9.30 -13.81 46.25
CA SER F 243 -7.87 -13.77 46.50
C SER F 243 -7.12 -14.72 45.56
N LEU F 244 -7.81 -15.71 45.00
CA LEU F 244 -7.22 -16.63 44.06
C LEU F 244 -7.63 -16.34 42.62
N MET F 245 -8.25 -15.17 42.38
CA MET F 245 -8.68 -14.75 41.05
C MET F 245 -9.67 -15.75 40.45
N LYS F 246 -10.50 -16.34 41.30
CA LYS F 246 -11.50 -17.28 40.85
C LYS F 246 -12.85 -16.58 40.77
N ARG F 247 -13.55 -16.82 39.66
CA ARG F 247 -14.86 -16.24 39.41
C ARG F 247 -15.90 -16.82 40.34
N MET F 248 -16.87 -16.00 40.75
CA MET F 248 -17.89 -16.44 41.69
CA MET F 248 -17.91 -16.51 41.63
C MET F 248 -19.25 -15.84 41.36
N THR F 249 -20.32 -16.63 41.52
CA THR F 249 -21.67 -16.10 41.52
C THR F 249 -22.33 -16.44 42.85
N MET F 250 -23.25 -15.59 43.28
CA MET F 250 -23.75 -15.64 44.64
C MET F 250 -25.22 -15.31 44.70
N GLU F 251 -26.00 -16.15 45.38
CA GLU F 251 -27.40 -15.88 45.70
C GLU F 251 -27.51 -15.83 47.22
N LEU F 252 -27.60 -14.63 47.78
CA LEU F 252 -27.56 -14.48 49.22
C LEU F 252 -28.95 -14.11 49.74
N GLY F 253 -29.01 -13.63 50.98
CA GLY F 253 -30.30 -13.33 51.57
C GLY F 253 -30.94 -12.10 50.94
N GLY F 254 -32.22 -11.90 51.30
CA GLY F 254 -32.94 -10.70 50.93
C GLY F 254 -33.73 -10.19 52.13
N HIS F 255 -34.45 -9.08 51.90
CA HIS F 255 -35.27 -8.50 52.96
C HIS F 255 -36.42 -7.78 52.24
N ALA F 256 -37.30 -8.57 51.65
CA ALA F 256 -38.15 -8.09 50.56
C ALA F 256 -39.18 -7.07 51.03
N PRO F 257 -39.21 -5.86 50.46
CA PRO F 257 -40.28 -4.92 50.76
C PRO F 257 -41.52 -5.17 49.90
N VAL F 258 -42.66 -4.81 50.45
CA VAL F 258 -43.94 -4.88 49.76
C VAL F 258 -44.59 -3.52 49.87
N LEU F 259 -44.90 -2.91 48.73
CA LEU F 259 -45.60 -1.63 48.73
C LEU F 259 -47.01 -1.84 48.24
N VAL F 260 -47.98 -1.62 49.11
CA VAL F 260 -49.39 -1.75 48.77
C VAL F 260 -49.95 -0.34 48.61
N CYS F 261 -50.16 0.06 47.36
CA CYS F 261 -50.71 1.38 47.09
C CYS F 261 -52.19 1.46 47.45
N ALA F 262 -52.64 2.68 47.70
CA ALA F 262 -54.02 2.89 48.08
C ALA F 262 -54.99 2.45 46.98
N ASP F 263 -54.56 2.45 45.71
CA ASP F 263 -55.44 2.11 44.60
C ASP F 263 -55.41 0.63 44.24
N ALA F 264 -54.76 -0.19 45.06
CA ALA F 264 -54.65 -1.61 44.79
C ALA F 264 -55.98 -2.32 45.03
N ASP F 265 -56.09 -3.52 44.48
CA ASP F 265 -57.09 -4.46 44.98
C ASP F 265 -56.56 -4.99 46.31
N VAL F 266 -57.00 -4.36 47.42
CA VAL F 266 -56.37 -4.56 48.72
C VAL F 266 -56.66 -5.95 49.27
N GLU F 267 -57.92 -6.39 49.21
CA GLU F 267 -58.25 -7.72 49.74
C GLU F 267 -57.54 -8.81 48.96
N ARG F 268 -57.46 -8.66 47.64
CA ARG F 268 -56.74 -9.62 46.81
C ARG F 268 -55.27 -9.70 47.21
N ALA F 269 -54.63 -8.53 47.38
CA ALA F 269 -53.22 -8.50 47.74
C ALA F 269 -52.97 -9.20 49.08
N ALA F 270 -53.79 -8.90 50.09
CA ALA F 270 -53.58 -9.48 51.41
C ALA F 270 -53.70 -10.99 51.38
N ALA F 271 -54.75 -11.51 50.71
CA ALA F 271 -54.93 -12.95 50.66
C ALA F 271 -53.74 -13.63 49.97
N MET F 272 -53.32 -13.06 48.84
CA MET F 272 -52.19 -13.62 48.10
C MET F 272 -50.91 -13.55 48.93
N LEU F 273 -50.66 -12.39 49.55
CA LEU F 273 -49.43 -12.19 50.30
C LEU F 273 -49.39 -13.06 51.55
N ALA F 274 -50.56 -13.38 52.12
CA ALA F 274 -50.58 -14.28 53.26
C ALA F 274 -50.21 -15.69 52.84
N ALA F 275 -50.82 -16.21 51.78
CA ALA F 275 -50.51 -17.57 51.35
C ALA F 275 -49.05 -17.69 50.90
N TYR F 276 -48.56 -16.70 50.15
CA TYR F 276 -47.20 -16.77 49.63
C TYR F 276 -46.17 -16.65 50.75
N LYS F 277 -46.42 -15.77 51.72
CA LYS F 277 -45.46 -15.54 52.80
C LYS F 277 -45.09 -16.85 53.51
N PHE F 278 -46.09 -17.64 53.86
CA PHE F 278 -45.83 -18.76 54.76
C PHE F 278 -45.59 -20.09 54.05
N ARG F 279 -45.41 -20.07 52.73
CA ARG F 279 -44.78 -21.21 52.08
C ARG F 279 -43.38 -21.40 52.66
N ASN F 280 -43.00 -22.67 52.87
CA ASN F 280 -41.70 -23.03 53.47
C ASN F 280 -41.48 -22.32 54.80
N ALA F 281 -42.58 -22.02 55.50
CA ALA F 281 -42.55 -21.32 56.79
C ALA F 281 -41.76 -20.01 56.70
N GLY F 282 -41.82 -19.35 55.54
CA GLY F 282 -41.10 -18.10 55.36
C GLY F 282 -39.61 -18.26 55.16
N GLN F 283 -39.09 -19.48 55.07
CA GLN F 283 -37.66 -19.74 54.90
C GLN F 283 -37.29 -19.62 53.42
N VAL F 284 -37.51 -18.43 52.89
CA VAL F 284 -37.46 -18.16 51.46
C VAL F 284 -36.66 -16.89 51.25
N CYS F 285 -35.64 -16.95 50.41
CA CYS F 285 -34.78 -15.79 50.17
C CYS F 285 -35.58 -14.60 49.62
N VAL F 286 -36.67 -14.86 48.90
CA VAL F 286 -37.49 -13.78 48.36
C VAL F 286 -38.70 -13.49 49.24
N SER F 287 -38.75 -14.05 50.44
CA SER F 287 -39.93 -13.97 51.28
C SER F 287 -40.32 -12.51 51.54
N PRO F 288 -41.55 -12.12 51.25
CA PRO F 288 -41.97 -10.75 51.59
C PRO F 288 -41.97 -10.55 53.09
N THR F 289 -41.27 -9.52 53.55
CA THR F 289 -41.03 -9.34 54.99
C THR F 289 -41.50 -7.99 55.49
N ARG F 290 -41.17 -6.90 54.79
CA ARG F 290 -41.50 -5.55 55.20
C ARG F 290 -42.65 -5.01 54.33
N PHE F 291 -43.83 -4.90 54.95
CA PHE F 291 -45.04 -4.46 54.27
C PHE F 291 -45.28 -2.99 54.56
N PHE F 292 -45.24 -2.17 53.50
CA PHE F 292 -45.55 -0.74 53.53
C PHE F 292 -46.89 -0.56 52.83
N VAL F 293 -47.94 -0.28 53.60
CA VAL F 293 -49.30 -0.17 53.09
C VAL F 293 -49.73 1.28 53.19
N GLN F 294 -50.22 1.84 52.09
CA GLN F 294 -50.72 3.22 52.12
C GLN F 294 -51.76 3.38 53.22
N ARG F 295 -51.65 4.48 53.98
CA ARG F 295 -52.36 4.60 55.25
C ARG F 295 -53.85 4.30 55.08
N ALA F 296 -54.48 4.84 54.03
CA ALA F 296 -55.91 4.67 53.86
C ALA F 296 -56.30 3.21 53.65
N ALA F 297 -55.39 2.37 53.18
CA ALA F 297 -55.67 0.96 52.96
C ALA F 297 -55.18 0.10 54.11
N PHE F 298 -54.57 0.71 55.14
CA PHE F 298 -53.83 -0.06 56.15
C PHE F 298 -54.78 -0.97 56.96
N ASP F 299 -55.85 -0.42 57.51
CA ASP F 299 -56.76 -1.23 58.32
C ASP F 299 -57.40 -2.34 57.48
N ARG F 300 -57.91 -1.97 56.30
CA ARG F 300 -58.49 -2.97 55.41
C ARG F 300 -57.46 -4.07 55.09
N PHE F 301 -56.22 -3.69 54.83
CA PHE F 301 -55.21 -4.69 54.51
C PHE F 301 -54.94 -5.60 55.69
N VAL F 302 -54.76 -5.02 56.88
CA VAL F 302 -54.42 -5.79 58.06
C VAL F 302 -55.51 -6.79 58.41
N CYS F 303 -56.77 -6.35 58.35
CA CYS F 303 -57.90 -7.23 58.67
C CYS F 303 -57.97 -8.41 57.70
N ALA F 304 -57.82 -8.16 56.39
CA ALA F 304 -57.84 -9.25 55.43
C ALA F 304 -56.60 -10.14 55.57
N TYR F 305 -55.45 -9.54 55.89
CA TYR F 305 -54.23 -10.35 56.02
C TYR F 305 -54.34 -11.29 57.20
N LEU F 306 -54.80 -10.79 58.35
CA LEU F 306 -54.93 -11.63 59.53
C LEU F 306 -55.92 -12.78 59.30
N ASP F 307 -57.03 -12.48 58.63
CA ASP F 307 -58.01 -13.51 58.29
C ASP F 307 -57.36 -14.63 57.48
N ALA F 308 -56.58 -14.26 56.46
CA ALA F 308 -55.96 -15.30 55.64
C ALA F 308 -54.93 -16.08 56.43
N VAL F 309 -54.15 -15.41 57.27
CA VAL F 309 -53.20 -16.13 58.12
C VAL F 309 -53.93 -17.12 59.01
N GLY F 310 -55.15 -16.79 59.43
CA GLY F 310 -55.91 -17.67 60.30
C GLY F 310 -56.27 -19.00 59.67
N THR F 311 -56.20 -19.12 58.35
CA THR F 311 -56.53 -20.38 57.69
C THR F 311 -55.35 -21.34 57.58
N ILE F 312 -54.16 -20.91 57.96
CA ILE F 312 -52.98 -21.77 57.89
C ILE F 312 -53.10 -22.86 58.93
N ARG F 313 -52.81 -24.10 58.55
CA ARG F 313 -52.84 -25.23 59.45
C ARG F 313 -51.41 -25.74 59.61
N VAL F 314 -50.86 -25.62 60.82
CA VAL F 314 -49.50 -26.03 61.13
C VAL F 314 -49.54 -27.48 61.62
N GLY F 315 -48.59 -28.28 61.15
CA GLY F 315 -48.54 -29.67 61.57
C GLY F 315 -47.41 -30.37 60.86
N TYR F 316 -47.40 -31.70 60.97
CA TYR F 316 -46.36 -32.51 60.35
C TYR F 316 -46.55 -32.53 58.83
N GLY F 317 -45.43 -32.41 58.10
CA GLY F 317 -45.51 -32.16 56.67
C GLY F 317 -46.13 -33.27 55.85
N LEU F 318 -46.18 -34.50 56.37
CA LEU F 318 -46.83 -35.59 55.65
C LEU F 318 -48.31 -35.76 56.00
N ASP F 319 -48.83 -35.00 56.95
CA ASP F 319 -50.21 -35.15 57.40
C ASP F 319 -51.19 -34.37 56.53
N ALA F 320 -52.38 -34.94 56.36
CA ALA F 320 -53.40 -34.33 55.52
C ALA F 320 -53.81 -32.96 56.05
N GLY F 321 -53.96 -32.00 55.14
CA GLY F 321 -54.41 -30.67 55.49
C GLY F 321 -53.36 -29.74 56.05
N VAL F 322 -52.14 -30.23 56.32
CA VAL F 322 -51.09 -29.36 56.84
C VAL F 322 -50.63 -28.43 55.74
N THR F 323 -50.61 -27.13 56.02
CA THR F 323 -50.14 -26.13 55.07
C THR F 323 -48.91 -25.37 55.53
N MET F 324 -48.47 -25.56 56.76
CA MET F 324 -47.14 -25.08 57.16
C MET F 324 -46.52 -26.09 58.12
N GLY F 325 -45.26 -26.44 57.89
CA GLY F 325 -44.56 -27.39 58.71
C GLY F 325 -43.71 -26.73 59.78
N PRO F 326 -42.87 -27.50 60.45
CA PRO F 326 -41.97 -26.92 61.45
C PRO F 326 -40.87 -26.13 60.77
N LEU F 327 -40.20 -25.30 61.57
CA LEU F 327 -38.97 -24.65 61.12
C LEU F 327 -37.85 -25.68 61.01
N ALA F 328 -36.76 -25.30 60.33
CA ALA F 328 -35.76 -26.28 59.90
C ALA F 328 -34.95 -26.84 61.06
N HIS F 329 -34.59 -26.01 62.04
CA HIS F 329 -33.86 -26.51 63.20
CA HIS F 329 -33.82 -26.48 63.19
C HIS F 329 -34.15 -25.62 64.40
N ALA F 330 -33.82 -26.15 65.59
CA ALA F 330 -34.11 -25.47 66.85
C ALA F 330 -33.59 -24.04 66.87
N ARG F 331 -32.43 -23.81 66.26
CA ARG F 331 -31.84 -22.47 66.21
C ARG F 331 -32.76 -21.47 65.49
N ARG F 332 -33.57 -21.93 64.52
CA ARG F 332 -34.50 -21.01 63.85
C ARG F 332 -35.60 -20.54 64.79
N VAL F 333 -36.09 -21.44 65.66
CA VAL F 333 -37.11 -21.07 66.64
C VAL F 333 -36.60 -19.98 67.57
N ASP F 334 -35.37 -20.18 68.10
CA ASP F 334 -34.74 -19.16 68.94
C ASP F 334 -34.62 -17.82 68.20
N GLU F 335 -34.21 -17.87 66.93
CA GLU F 335 -34.04 -16.66 66.14
C GLU F 335 -35.34 -15.89 66.01
N ILE F 336 -36.45 -16.58 65.73
CA ILE F 336 -37.71 -15.88 65.59
C ILE F 336 -38.15 -15.32 66.95
N ASP F 337 -37.91 -16.05 68.02
CA ASP F 337 -38.14 -15.52 69.37
C ASP F 337 -37.44 -14.19 69.58
N ALA F 338 -36.18 -14.09 69.19
CA ALA F 338 -35.44 -12.85 69.42
C ALA F 338 -36.01 -11.72 68.59
N PHE F 339 -36.45 -12.02 67.35
CA PHE F 339 -37.11 -11.02 66.54
C PHE F 339 -38.38 -10.54 67.22
N VAL F 340 -39.19 -11.47 67.73
CA VAL F 340 -40.45 -11.10 68.38
C VAL F 340 -40.18 -10.28 69.64
N ALA F 341 -39.25 -10.74 70.47
CA ALA F 341 -38.96 -10.04 71.71
C ALA F 341 -38.47 -8.63 71.44
N ASP F 342 -37.59 -8.47 70.45
CA ASP F 342 -37.08 -7.14 70.11
C ASP F 342 -38.18 -6.20 69.66
N ALA F 343 -39.13 -6.68 68.87
CA ALA F 343 -40.19 -5.82 68.36
C ALA F 343 -41.09 -5.31 69.48
N THR F 344 -41.52 -6.21 70.38
CA THR F 344 -42.36 -5.77 71.50
C THR F 344 -41.58 -4.82 72.40
N ALA F 345 -40.32 -5.13 72.68
CA ALA F 345 -39.49 -4.26 73.51
C ALA F 345 -39.41 -2.85 72.94
N LYS F 346 -39.55 -2.71 71.62
CA LYS F 346 -39.51 -1.40 71.00
C LYS F 346 -40.89 -0.89 70.62
N GLY F 347 -41.96 -1.53 71.12
CA GLY F 347 -43.29 -0.97 71.05
C GLY F 347 -44.19 -1.50 69.97
N ALA F 348 -43.78 -2.51 69.22
CA ALA F 348 -44.64 -3.05 68.18
C ALA F 348 -45.72 -3.93 68.79
N GLN F 349 -46.78 -4.18 68.02
CA GLN F 349 -47.89 -5.02 68.45
C GLN F 349 -47.80 -6.36 67.74
N ILE F 350 -47.97 -7.45 68.50
CA ILE F 350 -48.02 -8.80 67.96
C ILE F 350 -49.49 -9.13 67.67
N ALA F 351 -49.89 -9.01 66.41
CA ALA F 351 -51.29 -9.21 66.08
C ALA F 351 -51.69 -10.68 66.11
N THR F 352 -50.77 -11.58 65.77
CA THR F 352 -51.07 -13.00 65.83
C THR F 352 -49.77 -13.78 65.94
N GLY F 353 -49.85 -14.98 66.51
CA GLY F 353 -48.66 -15.81 66.61
C GLY F 353 -47.69 -15.22 67.61
N GLY F 354 -46.41 -15.33 67.29
CA GLY F 354 -45.36 -14.77 68.13
C GLY F 354 -44.73 -15.71 69.12
N MET F 355 -45.17 -16.97 69.19
CA MET F 355 -44.64 -17.94 70.14
C MET F 355 -44.41 -19.26 69.42
N ARG F 356 -43.58 -20.11 70.02
CA ARG F 356 -43.44 -21.47 69.50
C ARG F 356 -44.68 -22.28 69.81
N LEU F 357 -44.89 -23.33 69.03
CA LEU F 357 -46.05 -24.16 69.25
C LEU F 357 -45.64 -25.43 69.99
N PRO F 358 -46.56 -26.08 70.71
CA PRO F 358 -46.17 -27.22 71.55
C PRO F 358 -45.74 -28.42 70.72
N GLY F 359 -45.10 -29.36 71.41
CA GLY F 359 -44.77 -30.63 70.83
C GLY F 359 -43.29 -30.75 70.52
N PRO F 360 -42.78 -31.96 70.28
N PRO F 360 -42.85 -32.03 70.45
CA PRO F 360 -41.30 -32.10 70.16
CA PRO F 360 -41.60 -32.38 69.77
C PRO F 360 -40.62 -31.21 69.10
C PRO F 360 -41.67 -32.04 68.30
N GLY F 361 -41.34 -30.80 68.06
CA GLY F 361 -40.74 -30.35 66.81
C GLY F 361 -40.51 -28.87 66.86
N HIS F 362 -39.85 -28.36 65.84
CA HIS F 362 -39.52 -26.94 65.79
C HIS F 362 -40.65 -26.12 65.20
N TYR F 363 -41.84 -26.31 65.78
CA TYR F 363 -43.05 -25.64 65.32
C TYR F 363 -43.16 -24.25 65.89
N PHE F 364 -43.57 -23.31 65.03
CA PHE F 364 -43.73 -21.92 65.40
C PHE F 364 -44.95 -21.36 64.69
N ALA F 365 -45.70 -20.52 65.38
CA ALA F 365 -46.95 -19.95 64.85
C ALA F 365 -46.66 -18.83 63.85
N PRO F 366 -47.42 -18.76 62.76
CA PRO F 366 -47.29 -17.62 61.84
C PRO F 366 -47.51 -16.29 62.56
N THR F 367 -46.56 -15.35 62.38
CA THR F 367 -46.49 -14.16 63.24
C THR F 367 -46.63 -12.89 62.41
N VAL F 368 -47.52 -11.99 62.86
CA VAL F 368 -47.76 -10.71 62.20
C VAL F 368 -47.51 -9.59 63.20
N VAL F 369 -46.59 -8.69 62.86
CA VAL F 369 -46.17 -7.59 63.71
C VAL F 369 -46.62 -6.28 63.09
N LEU F 370 -47.34 -5.48 63.87
CA LEU F 370 -47.90 -4.20 63.43
C LEU F 370 -47.08 -3.05 64.01
N GLY F 371 -46.77 -2.07 63.16
CA GLY F 371 -46.04 -0.89 63.55
C GLY F 371 -44.61 -1.04 64.07
N PRO F 372 -43.84 -2.02 63.61
CA PRO F 372 -42.45 -2.10 64.05
C PRO F 372 -41.65 -0.90 63.53
N THR F 373 -40.85 -0.31 64.42
CA THR F 373 -40.11 0.90 64.07
C THR F 373 -38.88 0.54 63.26
N ARG F 374 -38.26 1.57 62.70
CA ARG F 374 -37.13 1.37 61.81
C ARG F 374 -35.90 0.80 62.51
N ASP F 375 -35.85 0.79 63.85
CA ASP F 375 -34.70 0.26 64.56
C ASP F 375 -34.95 -1.12 65.13
N THR F 376 -36.06 -1.75 64.79
CA THR F 376 -36.28 -3.13 65.16
C THR F 376 -35.46 -4.05 64.27
N ARG F 377 -35.09 -5.20 64.83
CA ARG F 377 -34.42 -6.22 64.03
C ARG F 377 -35.29 -6.65 62.85
N LEU F 378 -36.62 -6.73 63.05
CA LEU F 378 -37.51 -7.18 61.99
C LEU F 378 -37.43 -6.30 60.75
N MET F 379 -37.22 -5.00 60.90
CA MET F 379 -37.13 -4.09 59.77
C MET F 379 -35.69 -3.89 59.28
N ASN F 380 -34.72 -4.67 59.78
CA ASN F 380 -33.34 -4.51 59.35
C ASN F 380 -32.65 -5.82 59.00
N ASP F 381 -32.91 -6.88 59.75
CA ASP F 381 -32.24 -8.16 59.57
C ASP F 381 -33.22 -9.15 58.95
N GLU F 382 -32.69 -10.04 58.13
CA GLU F 382 -33.52 -11.03 57.44
C GLU F 382 -34.05 -12.04 58.44
N PRO F 383 -35.35 -12.13 58.66
CA PRO F 383 -35.85 -13.09 59.65
C PRO F 383 -35.83 -14.51 59.12
N PHE F 384 -36.03 -14.68 57.81
CA PHE F 384 -36.00 -15.98 57.17
C PHE F 384 -36.87 -16.98 57.94
N GLY F 385 -38.09 -16.57 58.22
CA GLY F 385 -39.00 -17.34 59.02
C GLY F 385 -40.42 -16.80 58.93
N PRO F 386 -41.32 -17.39 59.70
CA PRO F 386 -42.75 -17.09 59.55
C PRO F 386 -43.18 -15.82 60.29
N ILE F 387 -42.68 -14.68 59.83
CA ILE F 387 -42.95 -13.41 60.50
C ILE F 387 -42.91 -12.28 59.47
N VAL F 388 -43.81 -11.30 59.62
CA VAL F 388 -43.85 -10.12 58.76
C VAL F 388 -43.99 -8.88 59.63
N GLY F 389 -43.55 -7.76 59.10
CA GLY F 389 -43.83 -6.46 59.70
C GLY F 389 -44.67 -5.63 58.74
N ILE F 390 -45.69 -4.96 59.28
CA ILE F 390 -46.60 -4.14 58.48
C ILE F 390 -46.65 -2.75 59.07
N VAL F 391 -46.31 -1.74 58.27
CA VAL F 391 -46.33 -0.35 58.71
C VAL F 391 -47.09 0.51 57.71
N PRO F 392 -47.73 1.59 58.15
CA PRO F 392 -48.33 2.52 57.20
C PRO F 392 -47.30 3.43 56.54
N PHE F 393 -47.65 3.92 55.36
CA PHE F 393 -46.90 5.01 54.76
C PHE F 393 -47.87 6.03 54.19
N ASP F 394 -47.42 7.27 54.13
CA ASP F 394 -48.20 8.35 53.53
C ASP F 394 -47.70 8.69 52.14
N ASP F 395 -46.41 8.97 51.99
CA ASP F 395 -45.84 9.38 50.71
C ASP F 395 -45.09 8.20 50.09
N LEU F 396 -45.44 7.89 48.83
CA LEU F 396 -44.84 6.74 48.16
C LEU F 396 -43.32 6.85 48.04
N ASP F 397 -42.79 8.06 47.89
CA ASP F 397 -41.34 8.22 47.79
C ASP F 397 -40.64 7.87 49.10
N ASP F 398 -41.28 8.18 50.24
CA ASP F 398 -40.71 7.81 51.53
C ASP F 398 -40.72 6.31 51.71
N ALA F 399 -41.79 5.65 51.26
CA ALA F 399 -41.83 4.19 51.32
C ALA F 399 -40.75 3.59 50.44
N LEU F 400 -40.56 4.14 49.23
CA LEU F 400 -39.51 3.61 48.36
C LEU F 400 -38.14 3.81 48.99
N ALA F 401 -37.91 4.97 49.61
CA ALA F 401 -36.62 5.20 50.26
C ALA F 401 -36.41 4.20 51.38
N GLU F 402 -37.46 3.88 52.13
CA GLU F 402 -37.33 2.87 53.16
C GLU F 402 -37.14 1.48 52.54
N ALA F 403 -37.83 1.21 51.44
CA ALA F 403 -37.66 -0.06 50.76
C ALA F 403 -36.22 -0.26 50.29
N ASN F 404 -35.51 0.83 49.99
CA ASN F 404 -34.15 0.74 49.49
C ASN F 404 -33.10 0.96 50.57
N ARG F 405 -33.51 1.25 51.81
CA ARG F 405 -32.56 1.64 52.85
C ARG F 405 -31.62 0.50 53.23
N LEU F 406 -32.10 -0.75 53.18
CA LEU F 406 -31.27 -1.85 53.66
C LEU F 406 -30.27 -2.26 52.59
N PRO F 407 -29.14 -2.86 52.99
CA PRO F 407 -28.18 -3.38 51.99
C PRO F 407 -28.70 -4.62 51.25
N PHE F 408 -29.83 -5.17 51.66
CA PHE F 408 -30.44 -6.26 50.92
C PHE F 408 -31.10 -5.73 49.63
N GLY F 409 -31.11 -6.57 48.59
CA GLY F 409 -31.68 -6.19 47.32
C GLY F 409 -32.00 -7.34 46.38
N LEU F 410 -32.75 -8.32 46.89
CA LEU F 410 -33.11 -9.51 46.12
C LEU F 410 -34.49 -9.37 45.49
N ALA F 411 -35.56 -9.71 46.22
CA ALA F 411 -36.92 -9.56 45.72
C ALA F 411 -37.59 -8.32 46.29
N SER F 412 -38.68 -7.91 45.63
CA SER F 412 -39.53 -6.81 46.06
C SER F 412 -40.88 -6.97 45.39
N TYR F 413 -41.90 -6.38 46.01
CA TYR F 413 -43.28 -6.59 45.61
C TYR F 413 -44.03 -5.27 45.66
N ALA F 414 -45.02 -5.15 44.78
CA ALA F 414 -45.88 -3.96 44.76
C ALA F 414 -47.25 -4.33 44.21
N PHE F 415 -48.27 -3.66 44.73
CA PHE F 415 -49.65 -3.84 44.31
C PHE F 415 -50.26 -2.47 44.03
N THR F 416 -50.72 -2.27 42.81
CA THR F 416 -51.27 -1.00 42.37
C THR F 416 -52.02 -1.25 41.07
N THR F 417 -53.00 -0.40 40.79
CA THR F 417 -53.69 -0.41 39.50
C THR F 417 -53.27 0.72 38.59
N SER F 418 -52.43 1.64 39.08
CA SER F 418 -51.98 2.80 38.33
C SER F 418 -50.73 2.48 37.52
N ALA F 419 -50.76 2.83 36.23
CA ALA F 419 -49.56 2.68 35.41
C ALA F 419 -48.42 3.56 35.92
N ARG F 420 -48.74 4.77 36.39
CA ARG F 420 -47.70 5.66 36.91
C ARG F 420 -47.06 5.08 38.17
N ASN F 421 -47.87 4.60 39.11
CA ASN F 421 -47.31 3.95 40.30
C ASN F 421 -46.45 2.76 39.92
N ALA F 422 -46.97 1.88 39.05
CA ALA F 422 -46.21 0.69 38.67
C ALA F 422 -44.87 1.05 38.05
N HIS F 423 -44.85 2.05 37.15
CA HIS F 423 -43.61 2.48 36.52
C HIS F 423 -42.67 3.14 37.54
N ARG F 424 -43.17 4.11 38.31
CA ARG F 424 -42.30 4.77 39.29
CA ARG F 424 -42.36 4.78 39.34
C ARG F 424 -41.74 3.78 40.29
N ILE F 425 -42.55 2.84 40.77
CA ILE F 425 -42.08 1.87 41.75
C ILE F 425 -41.06 0.93 41.14
N SER F 426 -41.35 0.38 39.96
CA SER F 426 -40.45 -0.61 39.40
C SER F 426 -39.10 -0.01 39.04
N ARG F 427 -39.07 1.26 38.61
CA ARG F 427 -37.80 1.89 38.29
C ARG F 427 -37.04 2.28 39.54
N ALA F 428 -37.73 2.73 40.60
CA ALA F 428 -37.05 3.27 41.77
C ALA F 428 -36.52 2.19 42.71
N LEU F 429 -37.10 0.99 42.71
CA LEU F 429 -36.67 -0.07 43.62
C LEU F 429 -35.25 -0.52 43.31
N GLU F 430 -34.45 -0.71 44.36
CA GLU F 430 -33.12 -1.31 44.26
C GLU F 430 -33.28 -2.78 44.61
N ALA F 431 -33.50 -3.60 43.59
CA ALA F 431 -33.77 -5.02 43.78
C ALA F 431 -33.52 -5.73 42.46
N GLY F 432 -33.07 -6.98 42.55
CA GLY F 432 -32.92 -7.78 41.36
C GLY F 432 -34.23 -8.19 40.73
N MET F 433 -35.30 -8.23 41.52
CA MET F 433 -36.60 -8.70 41.05
C MET F 433 -37.72 -7.84 41.66
N VAL F 434 -38.62 -7.37 40.79
CA VAL F 434 -39.77 -6.57 41.18
C VAL F 434 -41.02 -7.29 40.70
N ASN F 435 -41.89 -7.67 41.64
CA ASN F 435 -43.13 -8.38 41.36
C ASN F 435 -44.31 -7.43 41.57
N ILE F 436 -45.12 -7.22 40.52
CA ILE F 436 -46.23 -6.28 40.58
C ILE F 436 -47.52 -7.03 40.40
N ASN F 437 -48.34 -7.06 41.46
CA ASN F 437 -49.70 -7.62 41.52
C ASN F 437 -49.74 -9.14 41.50
N HIS F 438 -48.61 -9.82 41.48
CA HIS F 438 -48.56 -11.28 41.51
C HIS F 438 -47.14 -11.67 41.87
N PHE F 439 -46.90 -12.98 42.00
CA PHE F 439 -45.58 -13.50 42.33
C PHE F 439 -45.09 -14.26 41.09
N GLY F 440 -44.12 -13.69 40.39
CA GLY F 440 -43.77 -14.21 39.09
C GLY F 440 -42.33 -14.63 38.91
N MET F 441 -41.67 -15.11 39.96
CA MET F 441 -40.27 -15.51 39.90
C MET F 441 -40.07 -17.01 39.67
N GLY F 442 -41.14 -17.79 39.53
CA GLY F 442 -41.05 -19.21 39.23
C GLY F 442 -40.49 -19.65 37.87
N PRO F 443 -40.83 -18.95 36.78
CA PRO F 443 -40.48 -19.49 35.46
C PRO F 443 -38.97 -19.68 35.28
N ALA F 444 -38.60 -20.86 34.79
CA ALA F 444 -37.20 -21.14 34.51
C ALA F 444 -36.62 -20.16 33.50
N GLU F 445 -37.46 -19.56 32.66
CA GLU F 445 -36.99 -18.68 31.59
C GLU F 445 -36.72 -17.25 32.04
N ILE F 446 -36.84 -16.93 33.33
CA ILE F 446 -36.51 -15.55 33.75
C ILE F 446 -35.26 -15.55 34.63
N PRO F 447 -34.51 -14.45 34.69
CA PRO F 447 -33.31 -14.41 35.51
C PRO F 447 -33.64 -14.06 36.96
N PHE F 448 -33.08 -14.85 37.89
CA PHE F 448 -33.32 -14.75 39.33
C PHE F 448 -32.00 -14.34 39.98
N GLY F 449 -31.97 -13.18 40.64
CA GLY F 449 -30.74 -12.73 41.26
C GLY F 449 -30.93 -11.40 41.95
N GLY F 450 -29.89 -10.97 42.65
CA GLY F 450 -29.97 -9.80 43.48
C GLY F 450 -28.95 -8.73 43.13
N VAL F 451 -29.05 -7.61 43.86
CA VAL F 451 -28.10 -6.51 43.81
C VAL F 451 -27.63 -6.23 45.24
N LYS F 452 -26.66 -5.32 45.37
CA LYS F 452 -26.08 -4.93 46.67
C LYS F 452 -25.65 -6.20 47.42
N ASP F 453 -26.00 -6.35 48.70
CA ASP F 453 -25.54 -7.51 49.47
C ASP F 453 -26.21 -8.82 49.07
N SER F 454 -27.24 -8.79 48.22
CA SER F 454 -27.97 -10.02 47.93
C SER F 454 -27.25 -10.93 46.94
N GLY F 455 -26.10 -10.52 46.42
CA GLY F 455 -25.27 -11.39 45.61
C GLY F 455 -25.03 -10.81 44.24
N PHE F 456 -24.49 -11.63 43.35
CA PHE F 456 -24.37 -11.21 41.95
C PHE F 456 -24.42 -12.41 41.01
N GLY F 457 -24.77 -12.09 39.77
CA GLY F 457 -25.10 -13.09 38.79
C GLY F 457 -26.57 -13.46 38.85
N SER F 458 -26.98 -14.27 37.90
CA SER F 458 -28.36 -14.70 37.80
C SER F 458 -28.42 -16.20 37.62
N GLU F 459 -29.53 -16.78 38.05
CA GLU F 459 -29.83 -18.16 37.77
C GLU F 459 -31.13 -18.18 36.97
N GLY F 460 -31.21 -19.09 36.01
CA GLY F 460 -32.32 -19.14 35.09
C GLY F 460 -32.19 -18.16 33.94
N GLY F 461 -33.14 -18.25 33.02
CA GLY F 461 -33.17 -17.31 31.90
C GLY F 461 -31.96 -17.45 30.99
N MET F 462 -31.77 -16.41 30.16
CA MET F 462 -30.59 -16.37 29.30
C MET F 462 -29.31 -16.19 30.10
N GLU F 463 -29.39 -15.49 31.23
CA GLU F 463 -28.23 -15.13 32.02
C GLU F 463 -27.63 -16.30 32.81
N ALA F 464 -28.25 -17.49 32.78
CA ALA F 464 -27.86 -18.55 33.71
C ALA F 464 -26.41 -18.99 33.51
N PHE F 465 -25.88 -18.84 32.30
CA PHE F 465 -24.55 -19.33 31.98
C PHE F 465 -23.47 -18.26 32.08
N ASP F 466 -23.83 -17.01 32.44
CA ASP F 466 -22.85 -15.92 32.35
C ASP F 466 -21.67 -16.18 33.27
N GLY F 467 -21.91 -16.70 34.46
CA GLY F 467 -20.78 -17.02 35.31
C GLY F 467 -19.99 -18.25 34.89
N TYR F 468 -20.52 -19.07 33.99
CA TYR F 468 -19.90 -20.33 33.66
C TYR F 468 -19.14 -20.31 32.34
N LEU F 469 -19.27 -19.23 31.56
CA LEU F 469 -18.64 -19.10 30.26
C LEU F 469 -17.59 -17.98 30.32
N VAL F 470 -16.46 -18.19 29.66
CA VAL F 470 -15.47 -17.14 29.47
C VAL F 470 -15.61 -16.58 28.07
N THR F 471 -15.30 -15.30 27.94
CA THR F 471 -15.27 -14.66 26.64
C THR F 471 -13.93 -14.94 25.95
N LYS F 472 -13.96 -15.36 24.69
CA LYS F 472 -12.74 -15.51 23.90
C LYS F 472 -12.91 -14.73 22.61
N PHE F 473 -12.12 -13.67 22.44
CA PHE F 473 -12.08 -12.91 21.19
C PHE F 473 -11.02 -13.50 20.28
N VAL F 474 -11.43 -13.96 19.10
CA VAL F 474 -10.52 -14.51 18.08
C VAL F 474 -10.58 -13.61 16.85
N THR F 475 -9.42 -13.13 16.42
CA THR F 475 -9.32 -12.28 15.23
C THR F 475 -8.26 -12.85 14.31
N GLN F 476 -8.63 -13.06 13.06
CA GLN F 476 -7.81 -13.77 12.10
C GLN F 476 -7.72 -13.00 10.80
N MET F 477 -6.50 -12.72 10.35
CA MET F 477 -6.26 -12.13 9.04
C MET F 477 -5.90 -13.23 8.03
N ASN F 478 -6.60 -13.23 6.90
CA ASN F 478 -6.38 -14.20 5.84
C ASN F 478 -5.83 -13.50 4.59
N HIS G 2 -53.56 -53.75 4.12
CA HIS G 2 -53.14 -52.47 4.72
C HIS G 2 -51.65 -52.21 4.48
N ASP G 3 -51.22 -52.39 3.23
CA ASP G 3 -49.83 -52.13 2.86
C ASP G 3 -49.52 -50.64 2.88
N TYR G 4 -50.48 -49.82 2.45
CA TYR G 4 -50.41 -48.37 2.38
C TYR G 4 -51.61 -47.78 3.11
N ALA G 5 -51.38 -46.73 3.87
CA ALA G 5 -52.39 -46.20 4.77
C ALA G 5 -53.45 -45.39 4.04
N PRO G 6 -54.64 -45.25 4.63
CA PRO G 6 -55.68 -44.44 4.00
C PRO G 6 -55.29 -42.97 3.95
N LEU G 7 -55.65 -42.34 2.84
CA LEU G 7 -55.36 -40.93 2.61
C LEU G 7 -56.60 -40.11 2.95
N ARG G 8 -56.41 -39.04 3.72
CA ARG G 8 -57.54 -38.33 4.30
C ARG G 8 -57.25 -36.84 4.32
N LEU G 9 -58.33 -36.06 4.37
CA LEU G 9 -58.26 -34.64 4.73
C LEU G 9 -58.32 -34.49 6.24
N TYR G 10 -57.86 -33.34 6.74
CA TYR G 10 -57.92 -33.05 8.17
C TYR G 10 -58.26 -31.58 8.36
N ILE G 11 -59.45 -31.31 8.88
CA ILE G 11 -60.00 -29.96 8.97
C ILE G 11 -60.68 -29.81 10.32
N ASP G 12 -60.28 -28.79 11.08
CA ASP G 12 -60.95 -28.44 12.33
C ASP G 12 -61.04 -29.66 13.25
N GLY G 13 -59.94 -30.39 13.35
CA GLY G 13 -59.81 -31.49 14.29
C GLY G 13 -60.46 -32.80 13.89
N ARG G 14 -60.96 -32.94 12.66
CA ARG G 14 -61.56 -34.18 12.22
C ARG G 14 -60.96 -34.60 10.88
N PHE G 15 -60.76 -35.91 10.72
CA PHE G 15 -60.37 -36.47 9.42
C PHE G 15 -61.61 -36.66 8.56
N HIS G 16 -61.42 -36.54 7.25
CA HIS G 16 -62.50 -36.80 6.30
C HIS G 16 -62.00 -37.74 5.22
N ASP G 17 -62.74 -38.82 5.00
CA ASP G 17 -62.53 -39.65 3.83
C ASP G 17 -63.11 -38.95 2.62
N ALA G 18 -62.95 -39.56 1.44
CA ALA G 18 -63.43 -38.93 0.22
C ALA G 18 -64.92 -38.61 0.26
N ASP G 19 -65.72 -39.44 0.95
CA ASP G 19 -67.18 -39.48 0.82
C ASP G 19 -67.76 -38.60 -0.28
N GLY G 20 -67.66 -39.05 -1.53
CA GLY G 20 -68.21 -38.33 -2.66
C GLY G 20 -67.36 -37.23 -3.25
N ARG G 21 -66.15 -37.01 -2.75
CA ARG G 21 -65.32 -35.94 -3.30
C ARG G 21 -64.51 -36.49 -4.47
N ARG G 22 -64.00 -35.58 -5.29
CA ARG G 22 -63.06 -35.97 -6.34
CA ARG G 22 -63.08 -36.00 -6.34
C ARG G 22 -61.81 -36.57 -5.71
N THR G 23 -61.27 -37.60 -6.34
CA THR G 23 -60.02 -38.17 -5.87
C THR G 23 -59.02 -38.26 -7.02
N GLN G 24 -57.78 -38.55 -6.65
CA GLN G 24 -56.67 -38.66 -7.56
C GLN G 24 -55.83 -39.87 -7.15
N PRO G 25 -55.39 -40.68 -8.11
CA PRO G 25 -54.55 -41.84 -7.76
C PRO G 25 -53.17 -41.42 -7.32
N VAL G 26 -52.61 -42.20 -6.39
CA VAL G 26 -51.23 -42.06 -5.91
C VAL G 26 -50.47 -43.28 -6.40
N VAL G 27 -49.35 -43.05 -7.08
CA VAL G 27 -48.64 -44.10 -7.81
C VAL G 27 -47.27 -44.34 -7.18
N ASP G 28 -46.90 -45.60 -7.07
CA ASP G 28 -45.56 -45.97 -6.62
C ASP G 28 -44.58 -45.72 -7.76
N PRO G 29 -43.59 -44.83 -7.59
CA PRO G 29 -42.67 -44.53 -8.72
C PRO G 29 -41.74 -45.68 -9.08
N GLY G 30 -41.57 -46.66 -8.21
CA GLY G 30 -40.69 -47.77 -8.49
C GLY G 30 -41.37 -48.94 -9.16
N THR G 31 -42.69 -49.04 -9.03
CA THR G 31 -43.46 -50.12 -9.63
C THR G 31 -44.52 -49.66 -10.62
N THR G 32 -44.94 -48.39 -10.56
CA THR G 32 -46.05 -47.78 -11.29
C THR G 32 -47.42 -48.28 -10.83
N ARG G 33 -47.49 -49.09 -9.77
CA ARG G 33 -48.78 -49.55 -9.28
C ARG G 33 -49.48 -48.42 -8.52
N VAL G 34 -50.81 -48.43 -8.57
CA VAL G 34 -51.59 -47.45 -7.81
C VAL G 34 -51.63 -47.88 -6.36
N LEU G 35 -51.30 -46.96 -5.45
CA LEU G 35 -51.28 -47.25 -4.02
C LEU G 35 -52.60 -46.92 -3.35
N GLY G 36 -53.30 -45.90 -3.83
CA GLY G 36 -54.52 -45.45 -3.20
C GLY G 36 -55.02 -44.22 -3.92
N GLU G 37 -56.16 -43.74 -3.45
CA GLU G 37 -56.82 -42.57 -4.03
C GLU G 37 -56.80 -41.45 -3.00
N LEU G 38 -56.41 -40.25 -3.43
CA LEU G 38 -56.30 -39.10 -2.53
C LEU G 38 -57.54 -38.23 -2.66
N PRO G 39 -58.27 -37.95 -1.58
CA PRO G 39 -59.44 -37.07 -1.70
C PRO G 39 -59.06 -35.61 -1.83
N HIS G 40 -59.74 -34.92 -2.73
CA HIS G 40 -59.55 -33.49 -2.94
C HIS G 40 -60.52 -32.67 -2.09
N ALA G 41 -60.01 -31.62 -1.47
CA ALA G 41 -60.85 -30.67 -0.74
C ALA G 41 -61.75 -29.92 -1.71
N THR G 42 -63.00 -29.71 -1.31
CA THR G 42 -63.86 -28.80 -2.04
C THR G 42 -63.47 -27.37 -1.70
N ALA G 43 -63.99 -26.43 -2.51
CA ALA G 43 -63.82 -25.03 -2.16
C ALA G 43 -64.36 -24.76 -0.76
N HIS G 44 -65.49 -25.40 -0.41
CA HIS G 44 -66.04 -25.25 0.92
C HIS G 44 -65.16 -25.87 1.98
N ASP G 45 -64.54 -27.02 1.70
CA ASP G 45 -63.57 -27.60 2.63
C ASP G 45 -62.46 -26.59 2.94
N ILE G 46 -61.96 -25.91 1.92
CA ILE G 46 -60.85 -24.99 2.12
C ILE G 46 -61.31 -23.76 2.90
N ASP G 47 -62.47 -23.21 2.56
CA ASP G 47 -63.06 -22.14 3.35
C ASP G 47 -63.21 -22.55 4.81
N ALA G 48 -63.71 -23.78 5.03
CA ALA G 48 -63.92 -24.26 6.39
C ALA G 48 -62.62 -24.40 7.16
N ALA G 49 -61.55 -24.82 6.46
CA ALA G 49 -60.24 -24.96 7.08
C ALA G 49 -59.68 -23.60 7.49
N VAL G 50 -59.85 -22.59 6.62
CA VAL G 50 -59.40 -21.24 6.94
C VAL G 50 -60.15 -20.70 8.15
N GLN G 51 -61.49 -20.85 8.15
CA GLN G 51 -62.27 -20.34 9.27
C GLN G 51 -61.95 -21.10 10.55
N ALA G 52 -61.74 -22.41 10.46
CA ALA G 52 -61.29 -23.17 11.63
C ALA G 52 -59.95 -22.65 12.14
N ALA G 53 -59.03 -22.36 11.21
CA ALA G 53 -57.75 -21.81 11.60
C ALA G 53 -57.90 -20.46 12.30
N HIS G 54 -58.83 -19.64 11.83
CA HIS G 54 -59.07 -18.36 12.47
C HIS G 54 -59.59 -18.53 13.89
N ARG G 55 -60.62 -19.36 14.07
CA ARG G 55 -61.13 -19.60 15.41
C ARG G 55 -60.03 -20.15 16.32
N ALA G 56 -59.23 -21.09 15.82
CA ALA G 56 -58.19 -21.68 16.65
C ALA G 56 -57.16 -20.64 17.05
N PHE G 57 -56.79 -19.76 16.12
CA PHE G 57 -55.75 -18.75 16.39
C PHE G 57 -56.14 -17.86 17.54
N VAL G 58 -57.43 -17.57 17.70
CA VAL G 58 -57.89 -16.62 18.72
C VAL G 58 -57.37 -17.01 20.11
N THR G 59 -57.32 -18.30 20.41
CA THR G 59 -56.80 -18.73 21.71
C THR G 59 -55.39 -19.29 21.65
N TRP G 60 -55.01 -19.96 20.55
CA TRP G 60 -53.67 -20.53 20.45
C TRP G 60 -52.59 -19.46 20.54
N ARG G 61 -52.87 -18.25 20.04
CA ARG G 61 -51.92 -17.14 20.13
C ARG G 61 -51.59 -16.81 21.58
N HIS G 62 -52.53 -17.00 22.51
CA HIS G 62 -52.35 -16.64 23.92
C HIS G 62 -51.97 -17.84 24.79
N GLU G 63 -51.88 -19.03 24.22
CA GLU G 63 -51.47 -20.19 24.99
C GLU G 63 -50.05 -19.99 25.51
N SER G 64 -49.77 -20.56 26.69
CA SER G 64 -48.41 -20.50 27.23
C SER G 64 -47.42 -21.11 26.24
N PRO G 65 -46.31 -20.44 25.95
CA PRO G 65 -45.28 -21.04 25.09
C PRO G 65 -44.72 -22.35 25.64
N LEU G 66 -44.74 -22.58 26.96
CA LEU G 66 -44.33 -23.87 27.49
C LEU G 66 -45.39 -24.94 27.25
N VAL G 67 -46.66 -24.59 27.40
CA VAL G 67 -47.72 -25.52 27.05
C VAL G 67 -47.64 -25.87 25.56
N ARG G 68 -47.39 -24.86 24.71
CA ARG G 68 -47.25 -25.14 23.29
C ARG G 68 -46.04 -26.02 23.03
N SER G 69 -44.94 -25.74 23.73
CA SER G 69 -43.75 -26.58 23.59
C SER G 69 -44.03 -28.02 24.00
N ASP G 70 -44.62 -28.22 25.18
CA ASP G 70 -44.94 -29.56 25.67
C ASP G 70 -45.67 -30.37 24.59
N LEU G 71 -46.68 -29.75 23.96
CA LEU G 71 -47.48 -30.40 22.95
C LEU G 71 -46.66 -30.69 21.69
N LEU G 72 -45.86 -29.73 21.24
CA LEU G 72 -45.04 -29.99 20.06
C LEU G 72 -44.02 -31.07 20.34
N ARG G 73 -43.47 -31.12 21.56
CA ARG G 73 -42.49 -32.17 21.87
C ARG G 73 -43.14 -33.55 21.86
N ARG G 74 -44.36 -33.66 22.38
CA ARG G 74 -45.10 -34.92 22.32
C ARG G 74 -45.32 -35.39 20.88
N ALA G 75 -45.73 -34.48 19.99
CA ALA G 75 -45.87 -34.84 18.58
C ALA G 75 -44.56 -35.35 18.02
N ALA G 76 -43.45 -34.70 18.38
CA ALA G 76 -42.14 -35.12 17.90
C ALA G 76 -41.82 -36.52 18.39
N ALA G 77 -42.14 -36.82 19.65
CA ALA G 77 -41.90 -38.16 20.18
C ALA G 77 -42.72 -39.19 19.41
N LEU G 78 -43.97 -38.86 19.07
CA LEU G 78 -44.76 -39.79 18.28
C LEU G 78 -44.16 -39.98 16.89
N ALA G 79 -43.65 -38.90 16.29
CA ALA G 79 -42.98 -39.04 14.99
C ALA G 79 -41.80 -40.01 15.08
N ARG G 80 -40.99 -39.90 16.14
CA ARG G 80 -39.87 -40.82 16.31
C ARG G 80 -40.37 -42.24 16.46
N GLU G 81 -41.42 -42.45 17.27
CA GLU G 81 -41.95 -43.78 17.48
C GLU G 81 -42.44 -44.41 16.20
N ARG G 82 -42.94 -43.58 15.27
CA ARG G 82 -43.60 -44.04 14.07
C ARG G 82 -42.72 -43.95 12.83
N ALA G 83 -41.41 -43.69 12.98
CA ALA G 83 -40.56 -43.36 11.85
C ALA G 83 -40.52 -44.48 10.79
N GLU G 84 -40.45 -45.73 11.23
CA GLU G 84 -40.36 -46.84 10.29
C GLU G 84 -41.62 -46.96 9.43
N THR G 85 -42.79 -46.85 10.05
CA THR G 85 -44.03 -46.92 9.30
C THR G 85 -44.19 -45.72 8.37
N ILE G 86 -43.96 -44.51 8.89
CA ILE G 86 -44.04 -43.31 8.08
C ILE G 86 -43.02 -43.38 6.94
N GLY G 87 -41.80 -43.84 7.24
CA GLY G 87 -40.77 -43.89 6.22
C GLY G 87 -41.11 -44.85 5.09
N ARG G 88 -41.54 -46.06 5.44
CA ARG G 88 -41.95 -47.04 4.43
C ARG G 88 -42.96 -46.45 3.44
N HIS G 89 -44.00 -45.79 3.96
CA HIS G 89 -44.99 -45.16 3.10
C HIS G 89 -44.40 -44.05 2.24
N ILE G 90 -43.39 -43.35 2.75
CA ILE G 90 -42.71 -42.33 1.95
C ILE G 90 -41.95 -42.99 0.80
N THR G 91 -41.16 -44.01 1.10
CA THR G 91 -40.50 -44.76 0.05
C THR G 91 -41.50 -45.20 -1.01
N MET G 92 -42.67 -45.67 -0.57
CA MET G 92 -43.64 -46.21 -1.51
C MET G 92 -44.22 -45.12 -2.42
N ASP G 93 -44.56 -43.96 -1.88
CA ASP G 93 -45.22 -42.94 -2.69
C ASP G 93 -44.28 -41.84 -3.16
N GLN G 94 -42.98 -41.92 -2.80
CA GLN G 94 -42.03 -40.91 -3.27
C GLN G 94 -40.83 -41.50 -3.99
N GLY G 95 -40.33 -42.66 -3.55
CA GLY G 95 -39.29 -43.40 -4.25
C GLY G 95 -38.00 -43.60 -3.48
N LYS G 96 -37.67 -42.74 -2.51
CA LYS G 96 -36.36 -42.75 -1.88
C LYS G 96 -36.15 -44.01 -1.05
N PRO G 97 -34.90 -44.44 -0.86
CA PRO G 97 -34.63 -45.62 -0.03
C PRO G 97 -35.13 -45.46 1.40
N LEU G 98 -35.51 -46.60 1.98
CA LEU G 98 -36.10 -46.62 3.32
C LEU G 98 -35.23 -45.88 4.34
N ARG G 99 -33.91 -46.12 4.30
CA ARG G 99 -33.02 -45.47 5.28
C ARG G 99 -33.08 -43.95 5.15
N GLU G 100 -33.21 -43.42 3.93
CA GLU G 100 -33.36 -41.98 3.75
C GLU G 100 -34.69 -41.49 4.28
N ALA G 101 -35.74 -42.25 4.00
CA ALA G 101 -37.06 -41.84 4.47
C ALA G 101 -37.09 -41.82 5.99
N ILE G 102 -36.50 -42.83 6.63
CA ILE G 102 -36.46 -42.85 8.10
C ILE G 102 -35.63 -41.69 8.63
N ALA G 103 -34.49 -41.42 7.99
CA ALA G 103 -33.66 -40.29 8.42
C ALA G 103 -34.41 -38.97 8.27
N GLU G 104 -35.24 -38.86 7.23
CA GLU G 104 -36.03 -37.65 7.05
C GLU G 104 -36.99 -37.44 8.20
N VAL G 105 -37.62 -38.51 8.66
CA VAL G 105 -38.57 -38.42 9.78
C VAL G 105 -37.85 -37.95 11.03
N VAL G 106 -36.71 -38.57 11.32
CA VAL G 106 -35.94 -38.21 12.51
C VAL G 106 -35.49 -36.76 12.46
N SER G 107 -35.00 -36.32 11.29
CA SER G 107 -34.58 -34.94 11.15
C SER G 107 -35.74 -33.97 11.38
N ALA G 108 -36.92 -34.30 10.86
CA ALA G 108 -38.07 -33.43 11.09
C ALA G 108 -38.43 -33.40 12.56
N ALA G 109 -38.29 -34.54 13.26
CA ALA G 109 -38.59 -34.54 14.68
C ALA G 109 -37.66 -33.59 15.42
N GLU G 110 -36.38 -33.60 15.05
CA GLU G 110 -35.42 -32.67 15.64
C GLU G 110 -35.78 -31.22 15.31
N GLN G 111 -36.25 -30.98 14.07
CA GLN G 111 -36.69 -29.63 13.72
C GLN G 111 -37.85 -29.19 14.61
N LEU G 112 -38.82 -30.08 14.81
CA LEU G 112 -40.01 -29.71 15.58
C LEU G 112 -39.61 -29.39 17.01
N GLU G 113 -38.69 -30.19 17.57
CA GLU G 113 -38.23 -29.98 18.93
C GLU G 113 -37.50 -28.66 19.08
N TRP G 114 -36.67 -28.32 18.10
CA TRP G 114 -35.98 -27.03 18.13
C TRP G 114 -36.98 -25.88 18.14
N HIS G 115 -38.06 -25.97 17.36
CA HIS G 115 -39.07 -24.91 17.30
C HIS G 115 -39.86 -24.83 18.60
N ALA G 116 -40.15 -25.97 19.22
CA ALA G 116 -40.77 -25.94 20.54
C ALA G 116 -39.90 -25.14 21.52
N GLU G 117 -38.59 -25.40 21.50
CA GLU G 117 -37.68 -24.67 22.35
C GLU G 117 -37.60 -23.19 21.96
N GLU G 118 -37.53 -22.93 20.66
CA GLU G 118 -37.35 -21.55 20.21
C GLU G 118 -38.61 -20.72 20.44
N GLY G 119 -39.79 -21.34 20.43
CA GLY G 119 -41.04 -20.65 20.71
C GLY G 119 -41.10 -20.03 22.09
N ARG G 120 -40.28 -20.51 23.04
CA ARG G 120 -40.23 -19.85 24.33
C ARG G 120 -39.35 -18.61 24.30
N ARG G 121 -38.68 -18.33 23.17
CA ARG G 121 -37.60 -17.37 23.10
C ARG G 121 -37.83 -16.30 22.03
N THR G 122 -39.10 -15.98 21.75
CA THR G 122 -39.42 -14.94 20.78
C THR G 122 -39.32 -13.57 21.47
N TYR G 123 -38.10 -13.23 21.86
CA TYR G 123 -37.86 -12.12 22.77
C TYR G 123 -38.23 -10.77 22.18
N GLY G 124 -38.74 -9.88 23.04
CA GLY G 124 -38.86 -8.49 22.72
C GLY G 124 -37.66 -7.70 23.19
N ARG G 125 -37.68 -6.41 22.90
CA ARG G 125 -36.56 -5.53 23.25
C ARG G 125 -37.07 -4.32 24.01
N VAL G 126 -36.35 -3.91 25.05
CA VAL G 126 -36.61 -2.64 25.73
C VAL G 126 -35.56 -1.65 25.25
N VAL G 127 -35.99 -0.54 24.66
CA VAL G 127 -35.09 0.48 24.15
C VAL G 127 -35.01 1.60 25.18
N PRO G 128 -33.83 1.91 25.71
CA PRO G 128 -33.72 3.00 26.71
C PRO G 128 -34.23 4.30 26.14
N ALA G 129 -35.12 4.93 26.89
CA ALA G 129 -35.88 6.08 26.42
C ALA G 129 -35.15 7.39 26.71
N ARG G 130 -35.55 8.44 26.00
CA ARG G 130 -34.92 9.73 26.20
C ARG G 130 -35.42 10.42 27.46
N SER G 131 -36.47 9.90 28.06
CA SER G 131 -37.11 10.47 29.21
C SER G 131 -37.34 9.38 30.25
N PRO G 132 -37.12 9.66 31.53
CA PRO G 132 -37.25 8.60 32.55
C PRO G 132 -38.69 8.18 32.81
N ASP G 133 -39.67 8.94 32.33
CA ASP G 133 -41.06 8.55 32.51
C ASP G 133 -41.59 7.71 31.35
N VAL G 134 -40.76 7.37 30.37
CA VAL G 134 -41.20 6.64 29.18
C VAL G 134 -40.64 5.22 29.20
N MET G 135 -41.48 4.27 28.75
CA MET G 135 -41.12 2.88 28.59
C MET G 135 -41.32 2.50 27.12
N GLN G 136 -40.25 2.06 26.47
CA GLN G 136 -40.27 1.69 25.05
C GLN G 136 -40.00 0.21 24.90
N THR G 137 -40.97 -0.52 24.34
CA THR G 137 -40.83 -1.95 24.11
C THR G 137 -41.09 -2.29 22.65
N VAL G 138 -40.31 -3.21 22.13
CA VAL G 138 -40.50 -3.79 20.81
C VAL G 138 -40.93 -5.22 21.01
N LEU G 139 -42.19 -5.51 20.74
CA LEU G 139 -42.77 -6.83 20.91
C LEU G 139 -42.82 -7.55 19.56
N ARG G 140 -42.80 -8.87 19.60
CA ARG G 140 -42.97 -9.71 18.44
C ARG G 140 -44.21 -10.57 18.65
N GLU G 141 -45.17 -10.47 17.74
CA GLU G 141 -46.46 -11.12 17.94
C GLU G 141 -46.83 -11.95 16.72
N PRO G 142 -47.53 -13.08 16.91
CA PRO G 142 -47.89 -13.93 15.77
C PRO G 142 -48.78 -13.20 14.78
N ILE G 143 -48.51 -13.40 13.50
CA ILE G 143 -49.20 -12.61 12.50
C ILE G 143 -50.65 -13.04 12.33
N GLY G 144 -50.97 -14.32 12.53
CA GLY G 144 -52.32 -14.82 12.33
C GLY G 144 -52.39 -16.12 11.55
N VAL G 145 -53.45 -16.31 10.75
CA VAL G 145 -53.61 -17.55 10.00
C VAL G 145 -52.61 -17.59 8.85
N CYS G 146 -51.89 -18.70 8.72
CA CYS G 146 -50.91 -18.90 7.67
C CYS G 146 -51.37 -20.00 6.73
N ALA G 147 -50.97 -19.87 5.46
CA ALA G 147 -51.15 -20.90 4.44
C ALA G 147 -49.78 -21.33 3.93
N ALA G 148 -49.58 -22.63 3.78
CA ALA G 148 -48.29 -23.18 3.40
C ALA G 148 -48.46 -24.22 2.31
N PHE G 149 -47.44 -24.33 1.46
CA PHE G 149 -47.41 -25.27 0.35
C PHE G 149 -46.02 -25.90 0.33
N SER G 150 -45.98 -27.23 0.35
CA SER G 150 -44.70 -27.91 0.48
C SER G 150 -44.62 -29.01 -0.57
N PRO G 151 -43.40 -29.38 -0.99
CA PRO G 151 -43.24 -30.26 -2.16
C PRO G 151 -43.03 -31.73 -1.83
N TRP G 152 -42.73 -32.55 -2.85
CA TRP G 152 -42.64 -33.99 -2.70
C TRP G 152 -41.24 -34.51 -2.41
N ASN G 153 -40.20 -33.69 -2.56
CA ASN G 153 -38.84 -34.25 -2.51
C ASN G 153 -38.48 -34.71 -1.10
N PHE G 154 -38.90 -33.97 -0.08
CA PHE G 154 -38.87 -34.42 1.31
C PHE G 154 -40.26 -34.17 1.88
N PRO G 155 -41.23 -35.03 1.55
CA PRO G 155 -42.63 -34.67 1.81
C PRO G 155 -42.94 -34.47 3.28
N PHE G 156 -42.24 -35.18 4.15
CA PHE G 156 -42.45 -35.08 5.59
C PHE G 156 -41.69 -33.91 6.19
N SER G 157 -40.39 -33.79 5.91
CA SER G 157 -39.64 -32.77 6.62
C SER G 157 -39.90 -31.37 6.06
N GLN G 158 -40.16 -31.26 4.74
CA GLN G 158 -40.56 -29.96 4.18
C GLN G 158 -41.84 -29.46 4.84
N ALA G 159 -42.83 -30.35 5.01
CA ALA G 159 -44.09 -29.94 5.64
C ALA G 159 -43.89 -29.62 7.12
N MET G 160 -43.07 -30.41 7.81
CA MET G 160 -42.80 -30.16 9.23
C MET G 160 -42.26 -28.74 9.46
N HIS G 161 -41.41 -28.25 8.57
CA HIS G 161 -40.93 -26.87 8.69
C HIS G 161 -42.10 -25.90 8.75
N LYS G 162 -43.05 -26.05 7.83
CA LYS G 162 -44.18 -25.15 7.80
C LYS G 162 -45.01 -25.28 9.07
N ILE G 163 -45.25 -26.51 9.51
CA ILE G 163 -46.06 -26.73 10.70
C ILE G 163 -45.34 -26.23 11.94
N ALA G 164 -44.06 -26.59 12.08
CA ALA G 164 -43.32 -26.22 13.29
C ALA G 164 -43.19 -24.70 13.40
N ALA G 165 -42.87 -24.03 12.30
CA ALA G 165 -42.68 -22.59 12.36
C ALA G 165 -44.00 -21.89 12.67
N ALA G 166 -45.08 -22.30 12.01
CA ALA G 166 -46.38 -21.68 12.24
C ALA G 166 -46.85 -21.89 13.68
N LEU G 167 -46.93 -23.15 14.10
CA LEU G 167 -47.52 -23.45 15.40
C LEU G 167 -46.70 -22.87 16.55
N ALA G 168 -45.37 -23.05 16.51
CA ALA G 168 -44.54 -22.61 17.62
C ALA G 168 -44.45 -21.09 17.74
N SER G 169 -44.74 -20.35 16.67
CA SER G 169 -44.82 -18.90 16.77
C SER G 169 -46.14 -18.42 17.34
N GLY G 170 -47.12 -19.31 17.52
CA GLY G 170 -48.45 -18.91 17.94
C GLY G 170 -49.43 -18.72 16.81
N CYS G 171 -49.03 -18.98 15.56
CA CYS G 171 -49.92 -18.94 14.41
C CYS G 171 -50.64 -20.27 14.24
N THR G 172 -51.62 -20.28 13.33
CA THR G 172 -52.28 -21.49 12.88
C THR G 172 -52.14 -21.61 11.35
N LEU G 173 -52.49 -22.79 10.83
CA LEU G 173 -51.99 -23.16 9.51
C LEU G 173 -53.02 -23.97 8.72
N VAL G 174 -53.20 -23.59 7.46
CA VAL G 174 -53.80 -24.46 6.45
C VAL G 174 -52.66 -24.82 5.49
N LEU G 175 -52.40 -26.13 5.37
CA LEU G 175 -51.27 -26.66 4.62
C LEU G 175 -51.76 -27.47 3.42
N LYS G 176 -51.18 -27.21 2.25
CA LYS G 176 -51.36 -28.08 1.09
C LYS G 176 -50.01 -28.72 0.78
N GLY G 177 -49.82 -29.97 1.22
CA GLY G 177 -48.63 -30.73 0.89
C GLY G 177 -48.73 -31.35 -0.49
N PRO G 178 -47.79 -32.23 -0.84
CA PRO G 178 -47.70 -32.76 -2.21
C PRO G 178 -48.71 -33.87 -2.47
N GLU G 179 -49.64 -33.61 -3.39
CA GLU G 179 -50.63 -34.62 -3.77
C GLU G 179 -49.98 -35.90 -4.28
N GLU G 180 -48.76 -35.84 -4.81
CA GLU G 180 -48.12 -36.99 -5.43
CA GLU G 180 -48.17 -37.02 -5.41
C GLU G 180 -47.44 -37.90 -4.41
N SER G 181 -47.09 -37.38 -3.24
CA SER G 181 -46.48 -38.16 -2.17
C SER G 181 -47.14 -37.76 -0.87
N PRO G 182 -48.41 -38.14 -0.68
CA PRO G 182 -49.22 -37.49 0.34
C PRO G 182 -49.20 -38.16 1.71
N SER G 183 -48.75 -39.43 1.80
CA SER G 183 -48.92 -40.17 3.05
C SER G 183 -48.21 -39.48 4.22
N ALA G 184 -47.05 -38.87 3.95
CA ALA G 184 -46.34 -38.13 4.99
C ALA G 184 -47.19 -37.04 5.62
N ILE G 185 -48.03 -36.36 4.83
CA ILE G 185 -48.81 -35.26 5.39
C ILE G 185 -49.93 -35.80 6.26
N VAL G 186 -50.60 -36.86 5.79
CA VAL G 186 -51.61 -37.50 6.62
C VAL G 186 -51.02 -37.96 7.92
N ALA G 187 -49.78 -38.49 7.89
CA ALA G 187 -49.12 -38.89 9.13
C ALA G 187 -48.89 -37.69 10.03
N LEU G 188 -48.52 -36.55 9.46
CA LEU G 188 -48.29 -35.36 10.27
C LEU G 188 -49.58 -34.95 10.96
N ALA G 189 -50.68 -34.93 10.21
CA ALA G 189 -51.96 -34.62 10.81
C ALA G 189 -52.30 -35.61 11.92
N GLN G 190 -52.01 -36.89 11.71
CA GLN G 190 -52.33 -37.92 12.70
C GLN G 190 -51.54 -37.73 13.98
N LEU G 191 -50.25 -37.45 13.87
CA LEU G 191 -49.48 -37.36 15.10
C LEU G 191 -49.74 -36.04 15.84
N PHE G 192 -50.05 -34.96 15.13
CA PHE G 192 -50.47 -33.74 15.83
C PHE G 192 -51.84 -33.91 16.45
N HIS G 193 -52.74 -34.62 15.76
CA HIS G 193 -54.02 -34.96 16.35
C HIS G 193 -53.83 -35.82 17.60
N ASP G 194 -53.03 -36.88 17.48
CA ASP G 194 -52.80 -37.78 18.60
C ASP G 194 -52.09 -37.08 19.75
N ALA G 195 -51.31 -36.05 19.44
CA ALA G 195 -50.65 -35.27 20.48
C ALA G 195 -51.58 -34.28 21.17
N GLY G 196 -52.81 -34.11 20.68
CA GLY G 196 -53.74 -33.21 21.33
C GLY G 196 -53.74 -31.78 20.83
N LEU G 197 -53.17 -31.52 19.66
CA LEU G 197 -53.20 -30.16 19.11
C LEU G 197 -54.65 -29.70 18.96
N PRO G 198 -55.02 -28.51 19.46
CA PRO G 198 -56.43 -28.11 19.43
C PRO G 198 -56.93 -28.03 18.00
N PRO G 199 -58.20 -28.36 17.78
CA PRO G 199 -58.73 -28.37 16.40
C PRO G 199 -58.66 -26.99 15.75
N GLY G 200 -58.36 -27.00 14.46
CA GLY G 200 -58.19 -25.80 13.70
C GLY G 200 -56.76 -25.32 13.63
N CYS G 201 -55.91 -25.70 14.58
CA CYS G 201 -54.54 -25.21 14.58
C CYS G 201 -53.79 -25.67 13.34
N LEU G 202 -54.01 -26.92 12.93
CA LEU G 202 -53.41 -27.51 11.74
C LEU G 202 -54.51 -28.10 10.88
N ASN G 203 -54.54 -27.71 9.61
CA ASN G 203 -55.49 -28.24 8.64
C ASN G 203 -54.71 -28.63 7.39
N ILE G 204 -55.02 -29.79 6.84
CA ILE G 204 -54.39 -30.21 5.60
C ILE G 204 -55.46 -30.39 4.53
N VAL G 205 -55.15 -29.89 3.33
CA VAL G 205 -56.06 -29.93 2.19
C VAL G 205 -55.31 -30.44 0.98
N TRP G 206 -56.07 -30.87 -0.03
CA TRP G 206 -55.53 -31.38 -1.28
C TRP G 206 -56.37 -30.89 -2.44
N GLY G 207 -55.75 -30.79 -3.62
CA GLY G 207 -56.54 -30.51 -4.80
C GLY G 207 -55.64 -30.15 -5.98
N VAL G 208 -56.23 -29.44 -6.94
CA VAL G 208 -55.47 -28.87 -8.05
C VAL G 208 -54.60 -27.77 -7.46
N PRO G 209 -53.27 -27.90 -7.53
CA PRO G 209 -52.40 -26.99 -6.74
C PRO G 209 -52.62 -25.52 -7.01
N GLY G 210 -52.75 -25.11 -8.28
CA GLY G 210 -52.97 -23.69 -8.56
C GLY G 210 -54.27 -23.18 -8.00
N ASP G 211 -55.33 -23.99 -8.06
CA ASP G 211 -56.62 -23.53 -7.55
C ASP G 211 -56.60 -23.43 -6.03
N VAL G 212 -56.03 -24.43 -5.36
CA VAL G 212 -55.99 -24.43 -3.91
C VAL G 212 -55.18 -23.25 -3.40
N SER G 213 -54.00 -23.03 -3.99
CA SER G 213 -53.14 -21.96 -3.52
C SER G 213 -53.76 -20.60 -3.80
N LYS G 214 -54.42 -20.45 -4.95
CA LYS G 214 -55.12 -19.19 -5.23
C LYS G 214 -56.20 -18.92 -4.18
N GLN G 215 -57.00 -19.93 -3.86
CA GLN G 215 -58.05 -19.72 -2.88
C GLN G 215 -57.44 -19.41 -1.50
N LEU G 216 -56.37 -20.11 -1.12
CA LEU G 216 -55.75 -19.86 0.17
C LEU G 216 -55.15 -18.46 0.24
N ILE G 217 -54.44 -18.05 -0.81
CA ILE G 217 -53.78 -16.75 -0.78
C ILE G 217 -54.81 -15.62 -0.79
N GLU G 218 -55.94 -15.82 -1.47
CA GLU G 218 -56.98 -14.80 -1.50
C GLU G 218 -57.94 -14.84 -0.29
N ALA G 219 -57.78 -15.80 0.62
CA ALA G 219 -58.65 -15.83 1.79
C ALA G 219 -58.33 -14.66 2.71
N PRO G 220 -59.33 -13.84 3.07
CA PRO G 220 -59.04 -12.62 3.85
C PRO G 220 -58.40 -12.89 5.20
N GLN G 221 -58.78 -13.97 5.89
CA GLN G 221 -58.19 -14.23 7.19
C GLN G 221 -56.75 -14.73 7.09
N VAL G 222 -56.36 -15.29 5.94
CA VAL G 222 -54.98 -15.71 5.72
C VAL G 222 -54.11 -14.46 5.64
N ARG G 223 -53.07 -14.39 6.49
CA ARG G 223 -52.26 -13.19 6.56
C ARG G 223 -50.83 -13.40 6.08
N LYS G 224 -50.43 -14.64 5.86
CA LYS G 224 -49.04 -14.95 5.57
C LYS G 224 -48.97 -16.26 4.78
N ILE G 225 -48.07 -16.29 3.82
CA ILE G 225 -47.89 -17.39 2.89
C ILE G 225 -46.48 -17.92 3.05
N SER G 226 -46.33 -19.24 2.96
CA SER G 226 -45.02 -19.86 2.94
C SER G 226 -45.02 -20.95 1.89
N PHE G 227 -44.04 -20.90 0.99
CA PHE G 227 -43.99 -21.78 -0.18
C PHE G 227 -42.61 -22.39 -0.32
N THR G 228 -42.56 -23.69 -0.53
CA THR G 228 -41.34 -24.36 -0.97
C THR G 228 -41.66 -25.08 -2.26
N GLY G 229 -40.90 -24.79 -3.31
CA GLY G 229 -41.15 -25.36 -4.61
C GLY G 229 -40.24 -24.77 -5.67
N SER G 230 -40.75 -24.71 -6.90
CA SER G 230 -39.95 -24.26 -8.04
C SER G 230 -39.91 -22.73 -8.12
N VAL G 231 -38.85 -22.22 -8.76
CA VAL G 231 -38.73 -20.77 -8.93
C VAL G 231 -39.91 -20.16 -9.67
N PRO G 232 -40.34 -20.67 -10.84
CA PRO G 232 -41.47 -20.02 -11.54
C PRO G 232 -42.76 -20.03 -10.76
N VAL G 233 -43.09 -21.14 -10.09
CA VAL G 233 -44.29 -21.13 -9.27
C VAL G 233 -44.16 -20.15 -8.12
N GLY G 234 -42.96 -20.09 -7.49
CA GLY G 234 -42.74 -19.09 -6.46
C GLY G 234 -43.03 -17.69 -6.93
N LYS G 235 -42.55 -17.34 -8.13
CA LYS G 235 -42.77 -16.00 -8.67
C LYS G 235 -44.25 -15.73 -8.91
N GLN G 236 -44.98 -16.72 -9.43
CA GLN G 236 -46.42 -16.53 -9.62
C GLN G 236 -47.14 -16.37 -8.28
N LEU G 237 -46.83 -17.24 -7.30
CA LEU G 237 -47.53 -17.14 -6.01
C LEU G 237 -47.12 -15.88 -5.26
N ALA G 238 -45.83 -15.51 -5.33
CA ALA G 238 -45.37 -14.30 -4.63
C ALA G 238 -46.06 -13.06 -5.16
N ALA G 239 -46.27 -12.96 -6.48
CA ALA G 239 -46.94 -11.80 -7.06
C ALA G 239 -48.37 -11.68 -6.58
N LEU G 240 -49.09 -12.80 -6.50
CA LEU G 240 -50.44 -12.76 -5.99
C LEU G 240 -50.44 -12.31 -4.54
N ALA G 241 -49.59 -12.92 -3.71
CA ALA G 241 -49.51 -12.53 -2.31
C ALA G 241 -49.16 -11.04 -2.17
N ALA G 242 -48.13 -10.59 -2.88
CA ALA G 242 -47.72 -9.21 -2.76
C ALA G 242 -48.81 -8.25 -3.22
N SER G 243 -49.60 -8.63 -4.23
CA SER G 243 -50.70 -7.78 -4.67
C SER G 243 -51.74 -7.55 -3.58
N LEU G 244 -51.81 -8.45 -2.60
CA LEU G 244 -52.72 -8.32 -1.48
C LEU G 244 -52.00 -7.92 -0.18
N MET G 245 -50.75 -7.49 -0.29
CA MET G 245 -49.99 -7.00 0.85
C MET G 245 -49.88 -8.05 1.96
N LYS G 246 -49.74 -9.32 1.56
CA LYS G 246 -49.57 -10.43 2.48
C LYS G 246 -48.10 -10.84 2.58
N ARG G 247 -47.66 -11.14 3.80
CA ARG G 247 -46.30 -11.56 4.06
C ARG G 247 -46.03 -12.94 3.45
N MET G 248 -44.79 -13.16 3.02
CA MET G 248 -44.46 -14.41 2.36
C MET G 248 -43.00 -14.80 2.63
N THR G 249 -42.75 -16.11 2.72
CA THR G 249 -41.40 -16.64 2.74
C THR G 249 -41.33 -17.79 1.75
N MET G 250 -40.14 -17.97 1.14
CA MET G 250 -40.02 -18.85 -0.01
C MET G 250 -38.70 -19.61 0.04
N GLU G 251 -38.79 -20.92 -0.14
CA GLU G 251 -37.63 -21.78 -0.29
C GLU G 251 -37.73 -22.38 -1.69
N LEU G 252 -36.95 -21.83 -2.63
CA LEU G 252 -37.05 -22.24 -4.03
C LEU G 252 -35.83 -23.06 -4.42
N GLY G 253 -35.64 -23.23 -5.73
CA GLY G 253 -34.55 -24.06 -6.21
C GLY G 253 -33.17 -23.44 -6.00
N GLY G 254 -32.16 -24.27 -6.22
CA GLY G 254 -30.78 -23.82 -6.22
C GLY G 254 -30.04 -24.41 -7.41
N HIS G 255 -28.76 -24.10 -7.48
CA HIS G 255 -27.92 -24.63 -8.54
C HIS G 255 -26.50 -24.67 -7.97
N ALA G 256 -26.31 -25.55 -6.99
CA ALA G 256 -25.20 -25.41 -6.05
C ALA G 256 -23.86 -25.58 -6.74
N PRO G 257 -22.97 -24.59 -6.66
CA PRO G 257 -21.61 -24.77 -7.18
C PRO G 257 -20.74 -25.44 -6.13
N VAL G 258 -19.70 -26.13 -6.61
CA VAL G 258 -18.70 -26.80 -5.78
C VAL G 258 -17.33 -26.34 -6.26
N LEU G 259 -16.53 -25.78 -5.35
CA LEU G 259 -15.16 -25.38 -5.66
C LEU G 259 -14.22 -26.32 -4.93
N VAL G 260 -13.46 -27.11 -5.68
CA VAL G 260 -12.47 -28.02 -5.13
C VAL G 260 -11.08 -27.44 -5.40
N CYS G 261 -10.45 -26.91 -4.37
CA CYS G 261 -9.10 -26.40 -4.52
C CYS G 261 -8.10 -27.54 -4.59
N ALA G 262 -6.95 -27.26 -5.20
CA ALA G 262 -5.88 -28.24 -5.34
C ALA G 262 -5.32 -28.66 -3.99
N ASP G 263 -5.43 -27.81 -2.97
CA ASP G 263 -4.86 -28.13 -1.67
C ASP G 263 -5.80 -28.91 -0.78
N ALA G 264 -6.96 -29.32 -1.30
CA ALA G 264 -7.92 -30.09 -0.52
C ALA G 264 -7.47 -31.53 -0.38
N ASP G 265 -8.10 -32.25 0.54
CA ASP G 265 -8.05 -33.69 0.48
C ASP G 265 -8.96 -34.10 -0.68
N VAL G 266 -8.37 -34.28 -1.87
CA VAL G 266 -9.16 -34.38 -3.10
C VAL G 266 -9.98 -35.67 -3.11
N GLU G 267 -9.36 -36.80 -2.74
CA GLU G 267 -10.06 -38.08 -2.74
C GLU G 267 -11.20 -38.10 -1.73
N ARG G 268 -10.98 -37.51 -0.54
CA ARG G 268 -12.06 -37.39 0.44
C ARG G 268 -13.23 -36.57 -0.09
N ALA G 269 -12.93 -35.44 -0.73
CA ALA G 269 -14.00 -34.61 -1.30
C ALA G 269 -14.80 -35.39 -2.34
N ALA G 270 -14.12 -36.10 -3.25
CA ALA G 270 -14.82 -36.83 -4.29
C ALA G 270 -15.75 -37.89 -3.70
N ALA G 271 -15.24 -38.69 -2.75
CA ALA G 271 -16.06 -39.74 -2.15
C ALA G 271 -17.25 -39.14 -1.41
N MET G 272 -17.01 -38.09 -0.61
CA MET G 272 -18.12 -37.48 0.11
C MET G 272 -19.14 -36.90 -0.87
N LEU G 273 -18.65 -36.16 -1.88
CA LEU G 273 -19.55 -35.48 -2.81
C LEU G 273 -20.33 -36.47 -3.65
N ALA G 274 -19.76 -37.64 -3.93
CA ALA G 274 -20.49 -38.63 -4.71
C ALA G 274 -21.67 -39.16 -3.93
N ALA G 275 -21.44 -39.55 -2.68
CA ALA G 275 -22.53 -40.09 -1.87
C ALA G 275 -23.59 -39.04 -1.61
N TYR G 276 -23.17 -37.80 -1.32
CA TYR G 276 -24.15 -36.77 -0.99
C TYR G 276 -24.98 -36.37 -2.21
N LYS G 277 -24.35 -36.25 -3.38
CA LYS G 277 -25.07 -35.84 -4.59
C LYS G 277 -26.27 -36.73 -4.88
N PHE G 278 -26.08 -38.04 -4.80
CA PHE G 278 -27.10 -38.96 -5.31
C PHE G 278 -28.06 -39.42 -4.21
N ARG G 279 -28.01 -38.82 -3.03
CA ARG G 279 -29.11 -38.93 -2.09
C ARG G 279 -30.37 -38.36 -2.73
N ASN G 280 -31.50 -39.03 -2.48
CA ASN G 280 -32.80 -38.68 -3.06
C ASN G 280 -32.72 -38.54 -4.58
N ALA G 281 -31.79 -39.29 -5.18
CA ALA G 281 -31.56 -39.26 -6.63
C ALA G 281 -31.30 -37.85 -7.14
N GLY G 282 -30.64 -37.04 -6.31
CA GLY G 282 -30.35 -35.66 -6.63
C GLY G 282 -31.55 -34.75 -6.55
N GLN G 283 -32.72 -35.25 -6.16
CA GLN G 283 -33.93 -34.44 -6.13
C GLN G 283 -33.93 -33.60 -4.85
N VAL G 284 -32.92 -32.73 -4.78
CA VAL G 284 -32.56 -32.01 -3.56
C VAL G 284 -32.28 -30.55 -3.90
N CYS G 285 -32.94 -29.64 -3.17
CA CYS G 285 -32.78 -28.22 -3.44
C CYS G 285 -31.33 -27.75 -3.28
N VAL G 286 -30.56 -28.38 -2.39
CA VAL G 286 -29.17 -27.99 -2.18
C VAL G 286 -28.20 -28.87 -2.94
N SER G 287 -28.71 -29.72 -3.83
CA SER G 287 -27.88 -30.75 -4.48
C SER G 287 -26.65 -30.15 -5.16
N PRO G 288 -25.45 -30.65 -4.87
CA PRO G 288 -24.25 -30.17 -5.59
C PRO G 288 -24.35 -30.50 -7.07
N THR G 289 -24.22 -29.47 -7.92
CA THR G 289 -24.50 -29.66 -9.34
C THR G 289 -23.34 -29.26 -10.24
N ARG G 290 -22.77 -28.08 -10.04
CA ARG G 290 -21.72 -27.52 -10.88
C ARG G 290 -20.39 -27.64 -10.14
N PHE G 291 -19.51 -28.55 -10.59
CA PHE G 291 -18.25 -28.83 -9.92
C PHE G 291 -17.10 -28.12 -10.63
N PHE G 292 -16.45 -27.19 -9.93
CA PHE G 292 -15.26 -26.46 -10.38
C PHE G 292 -14.06 -26.99 -9.62
N VAL G 293 -13.23 -27.79 -10.28
CA VAL G 293 -12.09 -28.44 -9.65
C VAL G 293 -10.82 -27.82 -10.24
N GLN G 294 -9.94 -27.33 -9.36
CA GLN G 294 -8.71 -26.72 -9.83
C GLN G 294 -7.96 -27.67 -10.75
N ARG G 295 -7.38 -27.13 -11.83
CA ARG G 295 -6.90 -27.96 -12.94
C ARG G 295 -6.00 -29.10 -12.47
N ALA G 296 -5.05 -28.82 -11.57
CA ALA G 296 -4.09 -29.85 -11.18
C ALA G 296 -4.75 -31.02 -10.45
N ALA G 297 -5.91 -30.82 -9.86
CA ALA G 297 -6.61 -31.89 -9.15
C ALA G 297 -7.75 -32.50 -9.96
N PHE G 298 -7.97 -32.04 -11.19
CA PHE G 298 -9.17 -32.43 -11.95
C PHE G 298 -9.18 -33.93 -12.24
N ASP G 299 -8.09 -34.45 -12.82
CA ASP G 299 -8.06 -35.88 -13.15
C ASP G 299 -8.19 -36.73 -11.90
N ARG G 300 -7.45 -36.39 -10.84
CA ARG G 300 -7.55 -37.12 -9.59
C ARG G 300 -8.96 -37.07 -9.03
N PHE G 301 -9.61 -35.90 -9.07
CA PHE G 301 -10.97 -35.80 -8.53
C PHE G 301 -11.93 -36.65 -9.35
N VAL G 302 -11.85 -36.57 -10.68
CA VAL G 302 -12.79 -37.28 -11.55
C VAL G 302 -12.69 -38.79 -11.36
N CYS G 303 -11.48 -39.34 -11.34
CA CYS G 303 -11.32 -40.78 -11.16
CA CYS G 303 -11.30 -40.78 -11.14
C CYS G 303 -11.91 -41.24 -9.82
N ALA G 304 -11.59 -40.53 -8.74
CA ALA G 304 -12.13 -40.92 -7.44
C ALA G 304 -13.64 -40.75 -7.39
N TYR G 305 -14.16 -39.71 -8.05
CA TYR G 305 -15.60 -39.50 -8.07
C TYR G 305 -16.31 -40.62 -8.83
N LEU G 306 -15.79 -41.01 -10.00
CA LEU G 306 -16.40 -42.08 -10.78
C LEU G 306 -16.38 -43.40 -10.01
N ASP G 307 -15.25 -43.72 -9.36
CA ASP G 307 -15.18 -44.93 -8.54
C ASP G 307 -16.28 -44.92 -7.48
N ALA G 308 -16.45 -43.78 -6.81
CA ALA G 308 -17.46 -43.71 -5.76
C ALA G 308 -18.86 -43.79 -6.35
N VAL G 309 -19.09 -43.14 -7.50
CA VAL G 309 -20.40 -43.25 -8.14
C VAL G 309 -20.66 -44.69 -8.51
N GLY G 310 -19.60 -45.43 -8.86
CA GLY G 310 -19.75 -46.82 -9.28
C GLY G 310 -20.26 -47.76 -8.22
N THR G 311 -20.21 -47.36 -6.95
CA THR G 311 -20.68 -48.19 -5.84
C THR G 311 -22.17 -48.01 -5.55
N ILE G 312 -22.84 -47.07 -6.23
CA ILE G 312 -24.26 -46.84 -5.99
C ILE G 312 -25.06 -48.00 -6.56
N ARG G 313 -26.02 -48.50 -5.79
CA ARG G 313 -26.89 -49.58 -6.21
C ARG G 313 -28.30 -49.00 -6.38
N VAL G 314 -28.77 -48.98 -7.61
CA VAL G 314 -30.08 -48.45 -7.94
C VAL G 314 -31.10 -49.57 -7.88
N GLY G 315 -32.24 -49.31 -7.27
CA GLY G 315 -33.27 -50.33 -7.16
C GLY G 315 -34.48 -49.83 -6.41
N TYR G 316 -35.34 -50.77 -6.03
CA TYR G 316 -36.53 -50.43 -5.28
C TYR G 316 -36.18 -50.04 -3.85
N GLY G 317 -36.80 -48.97 -3.35
CA GLY G 317 -36.39 -48.34 -2.11
C GLY G 317 -36.60 -49.18 -0.87
N LEU G 318 -37.47 -50.19 -0.91
CA LEU G 318 -37.64 -51.06 0.24
C LEU G 318 -36.71 -52.27 0.22
N ASP G 319 -35.95 -52.48 -0.84
CA ASP G 319 -35.11 -53.66 -0.94
C ASP G 319 -33.78 -53.39 -0.25
N ALA G 320 -33.25 -54.42 0.40
CA ALA G 320 -32.01 -54.29 1.15
C ALA G 320 -30.86 -53.93 0.23
N GLY G 321 -30.01 -53.00 0.69
CA GLY G 321 -28.85 -52.62 -0.06
C GLY G 321 -29.07 -51.59 -1.15
N VAL G 322 -30.31 -51.21 -1.44
CA VAL G 322 -30.53 -50.17 -2.43
C VAL G 322 -30.12 -48.84 -1.84
N THR G 323 -29.30 -48.08 -2.56
CA THR G 323 -28.93 -46.75 -2.11
C THR G 323 -29.42 -45.62 -3.02
N MET G 324 -30.02 -45.92 -4.18
CA MET G 324 -30.73 -44.91 -4.95
C MET G 324 -31.99 -45.51 -5.56
N GLY G 325 -33.10 -44.81 -5.41
CA GLY G 325 -34.37 -45.27 -5.91
C GLY G 325 -34.69 -44.70 -7.29
N PRO G 326 -35.93 -44.90 -7.73
CA PRO G 326 -36.36 -44.27 -8.98
C PRO G 326 -36.55 -42.78 -8.80
N LEU G 327 -36.62 -42.07 -9.92
CA LEU G 327 -37.02 -40.68 -9.88
C LEU G 327 -38.51 -40.58 -9.55
N ALA G 328 -38.96 -39.37 -9.24
CA ALA G 328 -40.29 -39.21 -8.65
C ALA G 328 -41.39 -39.46 -9.68
N HIS G 329 -41.21 -39.04 -10.92
CA HIS G 329 -42.21 -39.24 -11.95
C HIS G 329 -41.53 -39.42 -13.30
N ALA G 330 -42.32 -39.90 -14.27
CA ALA G 330 -41.80 -40.11 -15.61
C ALA G 330 -41.29 -38.81 -16.22
N ARG G 331 -41.94 -37.69 -15.91
CA ARG G 331 -41.51 -36.41 -16.45
C ARG G 331 -40.08 -36.06 -16.03
N ARG G 332 -39.67 -36.50 -14.85
CA ARG G 332 -38.29 -36.24 -14.42
C ARG G 332 -37.31 -36.97 -15.33
N VAL G 333 -37.65 -38.19 -15.73
CA VAL G 333 -36.80 -38.95 -16.64
C VAL G 333 -36.64 -38.22 -17.96
N ASP G 334 -37.76 -37.73 -18.51
CA ASP G 334 -37.69 -36.94 -19.73
C ASP G 334 -36.79 -35.72 -19.55
N GLU G 335 -36.90 -35.05 -18.41
CA GLU G 335 -36.11 -33.84 -18.16
C GLU G 335 -34.62 -34.14 -18.11
N ILE G 336 -34.22 -35.21 -17.42
CA ILE G 336 -32.79 -35.52 -17.33
C ILE G 336 -32.26 -35.94 -18.70
N ASP G 337 -33.06 -36.68 -19.46
CA ASP G 337 -32.74 -36.98 -20.86
C ASP G 337 -32.43 -35.70 -21.64
N ALA G 338 -33.25 -34.66 -21.44
CA ALA G 338 -33.00 -33.42 -22.18
C ALA G 338 -31.69 -32.77 -21.74
N PHE G 339 -31.38 -32.82 -20.45
CA PHE G 339 -30.09 -32.30 -19.98
C PHE G 339 -28.93 -33.04 -20.63
N VAL G 340 -29.02 -34.38 -20.66
CA VAL G 340 -27.96 -35.19 -21.24
C VAL G 340 -27.82 -34.91 -22.73
N ALA G 341 -28.94 -34.86 -23.45
CA ALA G 341 -28.89 -34.60 -24.88
C ALA G 341 -28.28 -33.24 -25.18
N ASP G 342 -28.68 -32.21 -24.45
CA ASP G 342 -28.12 -30.88 -24.65
C ASP G 342 -26.63 -30.85 -24.34
N ALA G 343 -26.21 -31.54 -23.26
CA ALA G 343 -24.79 -31.56 -22.92
C ALA G 343 -23.98 -32.23 -24.03
N THR G 344 -24.47 -33.38 -24.52
CA THR G 344 -23.78 -34.09 -25.59
C THR G 344 -23.74 -33.26 -26.87
N ALA G 345 -24.85 -32.61 -27.21
CA ALA G 345 -24.89 -31.81 -28.43
C ALA G 345 -23.84 -30.71 -28.42
N LYS G 346 -23.45 -30.22 -27.25
CA LYS G 346 -22.52 -29.11 -27.13
C LYS G 346 -21.09 -29.56 -26.80
N GLY G 347 -20.80 -30.85 -26.91
CA GLY G 347 -19.44 -31.33 -26.85
C GLY G 347 -19.00 -31.94 -25.54
N ALA G 348 -19.91 -32.07 -24.58
CA ALA G 348 -19.49 -32.62 -23.32
C ALA G 348 -19.38 -34.13 -23.42
N GLN G 349 -18.64 -34.71 -22.48
CA GLN G 349 -18.46 -36.14 -22.40
C GLN G 349 -19.31 -36.69 -21.25
N ILE G 350 -20.05 -37.76 -21.53
CA ILE G 350 -20.84 -38.47 -20.52
C ILE G 350 -19.92 -39.56 -19.95
N ALA G 351 -19.34 -39.29 -18.78
CA ALA G 351 -18.36 -40.24 -18.24
C ALA G 351 -19.03 -41.49 -17.69
N THR G 352 -20.24 -41.38 -17.16
CA THR G 352 -21.00 -42.55 -16.73
C THR G 352 -22.47 -42.19 -16.72
N GLY G 353 -23.31 -43.23 -16.82
CA GLY G 353 -24.75 -43.03 -16.81
C GLY G 353 -25.25 -42.41 -18.11
N GLY G 354 -26.24 -41.53 -17.98
CA GLY G 354 -26.79 -40.81 -19.10
C GLY G 354 -28.04 -41.40 -19.73
N MET G 355 -28.52 -42.54 -19.23
CA MET G 355 -29.70 -43.18 -19.82
C MET G 355 -30.66 -43.62 -18.71
N ARG G 356 -31.91 -43.83 -19.09
CA ARG G 356 -32.83 -44.47 -18.17
C ARG G 356 -32.48 -45.94 -18.00
N LEU G 357 -32.91 -46.52 -16.88
CA LEU G 357 -32.64 -47.92 -16.59
C LEU G 357 -33.89 -48.75 -16.86
N PRO G 358 -33.73 -50.05 -17.12
CA PRO G 358 -34.87 -50.86 -17.54
C PRO G 358 -35.90 -51.03 -16.43
N GLY G 359 -37.05 -51.57 -16.83
CA GLY G 359 -38.03 -52.02 -15.89
C GLY G 359 -39.16 -51.03 -15.80
N PRO G 360 -40.31 -51.48 -15.30
CA PRO G 360 -41.34 -50.52 -14.87
C PRO G 360 -40.78 -49.64 -13.75
N GLY G 361 -41.12 -48.37 -13.81
CA GLY G 361 -40.59 -47.44 -12.83
C GLY G 361 -39.61 -46.47 -13.45
N HIS G 362 -39.43 -45.35 -12.77
CA HIS G 362 -38.71 -44.21 -13.32
C HIS G 362 -37.23 -44.23 -12.93
N TYR G 363 -36.57 -45.35 -13.23
CA TYR G 363 -35.17 -45.53 -12.87
C TYR G 363 -34.27 -44.85 -13.89
N PHE G 364 -33.24 -44.18 -13.38
CA PHE G 364 -32.27 -43.46 -14.20
C PHE G 364 -30.89 -43.63 -13.58
N ALA G 365 -29.89 -43.74 -14.44
CA ALA G 365 -28.51 -44.00 -14.03
C ALA G 365 -27.88 -42.76 -13.42
N PRO G 366 -27.08 -42.92 -12.36
CA PRO G 366 -26.26 -41.79 -11.90
C PRO G 366 -25.37 -41.31 -13.04
N THR G 367 -25.41 -40.00 -13.29
CA THR G 367 -24.81 -39.43 -14.50
C THR G 367 -23.76 -38.38 -14.14
N VAL G 368 -22.58 -38.52 -14.73
CA VAL G 368 -21.46 -37.62 -14.54
C VAL G 368 -21.07 -37.05 -15.90
N VAL G 369 -21.10 -35.74 -16.03
CA VAL G 369 -20.83 -35.06 -17.30
C VAL G 369 -19.55 -34.23 -17.14
N LEU G 370 -18.60 -34.45 -18.03
CA LEU G 370 -17.30 -33.80 -17.99
C LEU G 370 -17.22 -32.71 -19.05
N GLY G 371 -16.73 -31.54 -18.65
CA GLY G 371 -16.53 -30.43 -19.54
C GLY G 371 -17.73 -29.79 -20.21
N PRO G 372 -18.90 -29.74 -19.56
CA PRO G 372 -20.03 -29.02 -20.18
C PRO G 372 -19.71 -27.54 -20.26
N THR G 373 -20.03 -26.94 -21.39
CA THR G 373 -19.68 -25.54 -21.58
C THR G 373 -20.65 -24.65 -20.80
N ARG G 374 -20.29 -23.37 -20.72
CA ARG G 374 -21.07 -22.42 -19.94
C ARG G 374 -22.46 -22.18 -20.52
N ASP G 375 -22.75 -22.63 -21.74
CA ASP G 375 -24.05 -22.42 -22.34
C ASP G 375 -24.92 -23.68 -22.35
N THR G 376 -24.48 -24.75 -21.70
CA THR G 376 -25.31 -25.95 -21.58
C THR G 376 -26.41 -25.74 -20.55
N ARG G 377 -27.53 -26.45 -20.75
CA ARG G 377 -28.58 -26.42 -19.73
C ARG G 377 -28.06 -26.84 -18.37
N LEU G 378 -27.16 -27.83 -18.35
CA LEU G 378 -26.67 -28.34 -17.09
C LEU G 378 -25.99 -27.25 -16.27
N MET G 379 -25.31 -26.31 -16.92
CA MET G 379 -24.61 -25.24 -16.22
C MET G 379 -25.48 -24.00 -16.04
N ASN G 380 -26.78 -24.09 -16.35
CA ASN G 380 -27.65 -22.92 -16.26
C ASN G 380 -28.98 -23.20 -15.58
N ASP G 381 -29.57 -24.36 -15.83
CA ASP G 381 -30.88 -24.71 -15.29
C ASP G 381 -30.74 -25.80 -14.23
N GLU G 382 -31.58 -25.73 -13.21
CA GLU G 382 -31.53 -26.70 -12.13
C GLU G 382 -31.97 -28.08 -12.61
N PRO G 383 -31.10 -29.10 -12.62
CA PRO G 383 -31.53 -30.42 -13.11
C PRO G 383 -32.40 -31.19 -12.11
N PHE G 384 -32.17 -31.01 -10.82
CA PHE G 384 -32.97 -31.64 -9.79
C PHE G 384 -33.08 -33.15 -10.05
N GLY G 385 -31.93 -33.79 -10.25
CA GLY G 385 -31.86 -35.18 -10.61
C GLY G 385 -30.44 -35.70 -10.51
N PRO G 386 -30.23 -36.97 -10.88
CA PRO G 386 -28.92 -37.63 -10.66
C PRO G 386 -27.89 -37.31 -11.73
N ILE G 387 -27.46 -36.05 -11.80
CA ILE G 387 -26.53 -35.59 -12.83
C ILE G 387 -25.70 -34.45 -12.26
N VAL G 388 -24.41 -34.44 -12.59
CA VAL G 388 -23.48 -33.39 -12.20
C VAL G 388 -22.67 -32.96 -13.40
N GLY G 389 -22.14 -31.74 -13.35
CA GLY G 389 -21.15 -31.27 -14.31
C GLY G 389 -19.84 -30.93 -13.62
N ILE G 390 -18.73 -31.33 -14.23
CA ILE G 390 -17.40 -31.13 -13.66
C ILE G 390 -16.53 -30.43 -14.70
N VAL G 391 -15.99 -29.26 -14.33
CA VAL G 391 -15.10 -28.49 -15.21
C VAL G 391 -13.82 -28.12 -14.45
N PRO G 392 -12.70 -27.98 -15.14
CA PRO G 392 -11.49 -27.49 -14.47
C PRO G 392 -11.53 -25.98 -14.31
N PHE G 393 -10.75 -25.48 -13.35
CA PHE G 393 -10.51 -24.05 -13.29
C PHE G 393 -9.05 -23.77 -12.98
N ASP G 394 -8.60 -22.62 -13.46
CA ASP G 394 -7.25 -22.09 -13.26
C ASP G 394 -7.22 -20.95 -12.27
N ASP G 395 -8.11 -19.97 -12.46
CA ASP G 395 -8.20 -18.76 -11.66
C ASP G 395 -9.37 -18.93 -10.71
N LEU G 396 -9.11 -18.86 -9.40
CA LEU G 396 -10.16 -19.05 -8.40
C LEU G 396 -11.24 -17.98 -8.52
N ASP G 397 -10.85 -16.73 -8.79
CA ASP G 397 -11.85 -15.66 -8.88
C ASP G 397 -12.75 -15.84 -10.09
N ASP G 398 -12.23 -16.38 -11.19
CA ASP G 398 -13.10 -16.64 -12.32
C ASP G 398 -14.10 -17.75 -11.98
N ALA G 399 -13.65 -18.79 -11.29
CA ALA G 399 -14.57 -19.83 -10.85
C ALA G 399 -15.62 -19.26 -9.90
N LEU G 400 -15.23 -18.35 -9.00
CA LEU G 400 -16.22 -17.75 -8.12
C LEU G 400 -17.22 -16.92 -8.91
N ALA G 401 -16.75 -16.17 -9.91
CA ALA G 401 -17.66 -15.39 -10.74
C ALA G 401 -18.64 -16.30 -11.48
N GLU G 402 -18.16 -17.44 -11.97
CA GLU G 402 -19.08 -18.38 -12.61
C GLU G 402 -20.02 -19.02 -11.59
N ALA G 403 -19.52 -19.31 -10.39
CA ALA G 403 -20.36 -19.83 -9.32
C ALA G 403 -21.48 -18.86 -8.96
N ASN G 404 -21.26 -17.57 -9.16
CA ASN G 404 -22.22 -16.53 -8.83
C ASN G 404 -23.03 -16.04 -10.02
N ARG G 405 -22.73 -16.53 -11.24
CA ARG G 405 -23.33 -15.97 -12.44
C ARG G 405 -24.83 -16.23 -12.52
N LEU G 406 -25.29 -17.36 -12.02
CA LEU G 406 -26.67 -17.73 -12.17
C LEU G 406 -27.55 -17.02 -11.15
N PRO G 407 -28.83 -16.82 -11.46
CA PRO G 407 -29.75 -16.20 -10.47
C PRO G 407 -30.08 -17.09 -9.28
N PHE G 408 -29.62 -18.34 -9.29
CA PHE G 408 -29.74 -19.21 -8.12
C PHE G 408 -28.71 -18.85 -7.07
N GLY G 409 -29.07 -19.08 -5.82
CA GLY G 409 -28.15 -18.78 -4.73
C GLY G 409 -28.57 -19.43 -3.44
N LEU G 410 -28.77 -20.75 -3.46
CA LEU G 410 -29.20 -21.43 -2.25
C LEU G 410 -27.98 -21.99 -1.52
N ALA G 411 -27.54 -23.20 -1.87
CA ALA G 411 -26.35 -23.76 -1.23
C ALA G 411 -25.13 -23.69 -2.14
N SER G 412 -23.97 -23.87 -1.53
CA SER G 412 -22.70 -23.88 -2.24
C SER G 412 -21.74 -24.67 -1.37
N TYR G 413 -20.68 -25.17 -2.02
CA TYR G 413 -19.76 -26.07 -1.37
C TYR G 413 -18.34 -25.70 -1.77
N ALA G 414 -17.41 -25.94 -0.84
CA ALA G 414 -16.01 -25.70 -1.11
C ALA G 414 -15.18 -26.66 -0.29
N PHE G 415 -14.05 -27.07 -0.85
CA PHE G 415 -13.10 -27.97 -0.21
C PHE G 415 -11.69 -27.38 -0.36
N THR G 416 -11.03 -27.14 0.76
CA THR G 416 -9.70 -26.55 0.76
C THR G 416 -9.09 -26.73 2.14
N THR G 417 -7.76 -26.71 2.21
CA THR G 417 -7.05 -26.69 3.48
C THR G 417 -6.52 -25.30 3.83
N SER G 418 -6.63 -24.35 2.92
CA SER G 418 -6.10 -23.00 3.09
C SER G 418 -7.07 -22.10 3.84
N ALA G 419 -6.58 -21.43 4.89
CA ALA G 419 -7.42 -20.45 5.58
C ALA G 419 -7.81 -19.32 4.65
N ARG G 420 -6.86 -18.83 3.83
CA ARG G 420 -7.16 -17.74 2.89
C ARG G 420 -8.19 -18.17 1.86
N ASN G 421 -8.05 -19.38 1.29
CA ASN G 421 -9.06 -19.87 0.36
C ASN G 421 -10.43 -19.96 1.04
N ALA G 422 -10.48 -20.54 2.24
CA ALA G 422 -11.76 -20.68 2.94
C ALA G 422 -12.43 -19.34 3.16
N HIS G 423 -11.67 -18.32 3.56
CA HIS G 423 -12.23 -17.00 3.80
C HIS G 423 -12.69 -16.36 2.49
N ARG G 424 -11.83 -16.33 1.47
CA ARG G 424 -12.17 -15.71 0.19
C ARG G 424 -13.40 -16.35 -0.44
N ILE G 425 -13.42 -17.68 -0.50
CA ILE G 425 -14.56 -18.37 -1.10
C ILE G 425 -15.84 -18.07 -0.34
N SER G 426 -15.83 -18.21 0.98
CA SER G 426 -17.06 -18.04 1.74
C SER G 426 -17.59 -16.62 1.65
N ARG G 427 -16.68 -15.62 1.62
CA ARG G 427 -17.14 -14.24 1.50
C ARG G 427 -17.64 -13.93 0.10
N ALA G 428 -17.01 -14.51 -0.92
CA ALA G 428 -17.33 -14.12 -2.29
C ALA G 428 -18.57 -14.82 -2.83
N LEU G 429 -18.90 -16.00 -2.30
CA LEU G 429 -20.04 -16.74 -2.82
C LEU G 429 -21.35 -16.02 -2.57
N GLU G 430 -22.20 -15.96 -3.59
CA GLU G 430 -23.54 -15.41 -3.46
C GLU G 430 -24.46 -16.60 -3.25
N ALA G 431 -24.68 -16.94 -1.98
CA ALA G 431 -25.43 -18.13 -1.61
C ALA G 431 -25.91 -17.94 -0.19
N GLY G 432 -27.07 -18.51 0.12
CA GLY G 432 -27.57 -18.49 1.48
C GLY G 432 -26.80 -19.40 2.42
N MET G 433 -26.13 -20.42 1.89
CA MET G 433 -25.41 -21.41 2.68
C MET G 433 -24.10 -21.77 1.99
N VAL G 434 -23.00 -21.75 2.75
CA VAL G 434 -21.69 -22.12 2.26
C VAL G 434 -21.16 -23.27 3.12
N ASN G 435 -20.90 -24.42 2.50
CA ASN G 435 -20.41 -25.63 3.16
C ASN G 435 -18.96 -25.84 2.77
N ILE G 436 -18.07 -25.87 3.76
CA ILE G 436 -16.63 -25.98 3.53
C ILE G 436 -16.14 -27.27 4.16
N ASN G 437 -15.68 -28.21 3.34
CA ASN G 437 -15.07 -29.48 3.70
C ASN G 437 -16.06 -30.48 4.31
N HIS G 438 -17.34 -30.15 4.40
CA HIS G 438 -18.36 -31.11 4.86
C HIS G 438 -19.73 -30.57 4.51
N PHE G 439 -20.76 -31.33 4.84
CA PHE G 439 -22.14 -30.93 4.56
C PHE G 439 -22.82 -30.64 5.89
N GLY G 440 -23.05 -29.36 6.17
CA GLY G 440 -23.51 -28.96 7.48
C GLY G 440 -24.84 -28.26 7.52
N MET G 441 -25.77 -28.61 6.63
CA MET G 441 -27.07 -27.95 6.61
C MET G 441 -28.17 -28.73 7.36
N GLY G 442 -27.83 -29.89 7.93
CA GLY G 442 -28.76 -30.69 8.71
C GLY G 442 -29.26 -30.12 10.03
N PRO G 443 -28.41 -29.47 10.82
CA PRO G 443 -28.83 -29.09 12.18
C PRO G 443 -30.04 -28.15 12.19
N ALA G 444 -31.02 -28.50 13.03
CA ALA G 444 -32.21 -27.67 13.17
C ALA G 444 -31.86 -26.28 13.68
N GLU G 445 -30.73 -26.15 14.39
CA GLU G 445 -30.35 -24.91 15.03
C GLU G 445 -29.68 -23.92 14.08
N ILE G 446 -29.55 -24.23 12.79
CA ILE G 446 -28.96 -23.27 11.86
C ILE G 446 -30.02 -22.78 10.85
N PRO G 447 -29.87 -21.57 10.32
CA PRO G 447 -30.88 -21.04 9.39
C PRO G 447 -30.63 -21.51 7.96
N PHE G 448 -31.69 -22.00 7.32
CA PHE G 448 -31.65 -22.59 5.99
C PHE G 448 -32.45 -21.68 5.05
N GLY G 449 -31.79 -21.15 4.03
CA GLY G 449 -32.47 -20.25 3.09
C GLY G 449 -31.51 -19.79 2.02
N GLY G 450 -32.08 -19.08 1.03
CA GLY G 450 -31.32 -18.69 -0.15
C GLY G 450 -31.40 -17.20 -0.41
N VAL G 451 -30.67 -16.79 -1.45
CA VAL G 451 -30.71 -15.40 -1.95
C VAL G 451 -31.07 -15.42 -3.43
N LYS G 452 -31.24 -14.22 -3.99
CA LYS G 452 -31.63 -13.99 -5.38
C LYS G 452 -32.87 -14.83 -5.68
N ASP G 453 -32.90 -15.62 -6.76
CA ASP G 453 -34.10 -16.36 -7.15
C ASP G 453 -34.42 -17.52 -6.21
N SER G 454 -33.52 -17.87 -5.27
CA SER G 454 -33.73 -19.01 -4.40
C SER G 454 -34.68 -18.72 -3.24
N GLY G 455 -35.16 -17.49 -3.09
CA GLY G 455 -36.23 -17.22 -2.16
C GLY G 455 -35.83 -16.19 -1.14
N PHE G 456 -36.66 -16.07 -0.11
CA PHE G 456 -36.30 -15.22 1.01
C PHE G 456 -36.92 -15.76 2.29
N GLY G 457 -36.32 -15.34 3.39
CA GLY G 457 -36.59 -15.93 4.68
C GLY G 457 -35.71 -17.14 4.90
N SER G 458 -35.77 -17.63 6.13
CA SER G 458 -34.98 -18.77 6.56
C SER G 458 -35.91 -19.73 7.29
N GLU G 459 -35.52 -20.99 7.27
CA GLU G 459 -36.13 -22.01 8.10
C GLU G 459 -35.05 -22.57 9.03
N GLY G 460 -35.46 -22.94 10.22
CA GLY G 460 -34.55 -23.41 11.24
C GLY G 460 -33.86 -22.27 11.96
N GLY G 461 -33.10 -22.64 12.99
CA GLY G 461 -32.32 -21.65 13.69
C GLY G 461 -33.17 -20.59 14.42
N MET G 462 -32.48 -19.51 14.79
CA MET G 462 -33.14 -18.39 15.45
C MET G 462 -34.05 -17.65 14.48
N GLU G 463 -33.71 -17.65 13.19
CA GLU G 463 -34.43 -16.92 12.15
C GLU G 463 -35.76 -17.58 11.77
N ALA G 464 -36.08 -18.73 12.37
CA ALA G 464 -37.18 -19.56 11.89
C ALA G 464 -38.53 -18.84 11.95
N PHE G 465 -38.69 -17.92 12.90
CA PHE G 465 -39.96 -17.26 13.11
C PHE G 465 -40.07 -15.88 12.45
N ASP G 466 -39.05 -15.43 11.73
CA ASP G 466 -39.06 -14.03 11.29
C ASP G 466 -40.28 -13.75 10.40
N GLY G 467 -40.66 -14.69 9.54
CA GLY G 467 -41.84 -14.51 8.70
C GLY G 467 -43.18 -14.62 9.43
N TYR G 468 -43.19 -15.15 10.66
CA TYR G 468 -44.43 -15.46 11.37
C TYR G 468 -44.75 -14.44 12.45
N LEU G 469 -43.83 -13.53 12.73
CA LEU G 469 -43.99 -12.54 13.78
C LEU G 469 -44.08 -11.14 13.20
N VAL G 470 -44.98 -10.33 13.74
CA VAL G 470 -45.02 -8.92 13.41
C VAL G 470 -44.32 -8.16 14.52
N THR G 471 -43.66 -7.08 14.14
CA THR G 471 -43.07 -6.15 15.09
C THR G 471 -44.13 -5.16 15.57
N LYS G 472 -44.22 -5.00 16.89
CA LYS G 472 -45.11 -4.02 17.49
C LYS G 472 -44.30 -3.16 18.43
N PHE G 473 -44.15 -1.88 18.10
CA PHE G 473 -43.49 -0.92 18.97
C PHE G 473 -44.52 -0.28 19.88
N VAL G 474 -44.33 -0.42 21.20
CA VAL G 474 -45.20 0.17 22.20
C VAL G 474 -44.38 1.20 22.96
N THR G 475 -44.87 2.44 23.00
CA THR G 475 -44.21 3.50 23.75
C THR G 475 -45.24 4.13 24.68
N GLN G 476 -44.90 4.17 25.96
CA GLN G 476 -45.86 4.55 26.98
C GLN G 476 -45.23 5.60 27.88
N MET G 477 -45.95 6.72 28.06
CA MET G 477 -45.54 7.74 29.01
C MET G 477 -46.32 7.57 30.29
N ASN G 478 -45.60 7.55 31.42
CA ASN G 478 -46.25 7.42 32.72
C ASN G 478 -46.07 8.64 33.59
N HIS H 2 -32.19 34.28 -6.97
CA HIS H 2 -33.49 33.72 -6.63
C HIS H 2 -33.48 33.05 -5.25
N ASP H 3 -34.68 32.85 -4.72
CA ASP H 3 -34.93 32.32 -3.40
C ASP H 3 -35.10 30.79 -3.39
N TYR H 4 -35.01 30.14 -4.55
CA TYR H 4 -35.18 28.70 -4.65
C TYR H 4 -33.99 28.10 -5.41
N ALA H 5 -33.50 26.97 -4.95
CA ALA H 5 -32.24 26.40 -5.41
C ALA H 5 -32.37 25.71 -6.77
N PRO H 6 -31.25 25.52 -7.47
CA PRO H 6 -31.29 24.80 -8.76
C PRO H 6 -31.65 23.34 -8.58
N LEU H 7 -32.44 22.82 -9.51
CA LEU H 7 -32.85 21.42 -9.48
C LEU H 7 -32.00 20.61 -10.45
N ARG H 8 -31.50 19.48 -9.95
CA ARG H 8 -30.53 18.67 -10.68
C ARG H 8 -30.85 17.19 -10.50
N LEU H 9 -30.44 16.40 -11.47
CA LEU H 9 -30.21 14.97 -11.26
C LEU H 9 -28.83 14.78 -10.64
N TYR H 10 -28.64 13.63 -10.00
CA TYR H 10 -27.33 13.30 -9.44
C TYR H 10 -27.03 11.85 -9.74
N ILE H 11 -26.09 11.62 -10.64
CA ILE H 11 -25.86 10.28 -11.16
C ILE H 11 -24.37 10.04 -11.22
N ASP H 12 -23.91 8.95 -10.61
CA ASP H 12 -22.51 8.56 -10.70
C ASP H 12 -21.59 9.69 -10.27
N GLY H 13 -21.95 10.35 -9.16
CA GLY H 13 -21.08 11.37 -8.58
C GLY H 13 -21.09 12.71 -9.29
N ARG H 14 -21.99 12.92 -10.25
CA ARG H 14 -22.05 14.18 -10.99
C ARG H 14 -23.46 14.71 -10.99
N PHE H 15 -23.58 16.03 -10.89
CA PHE H 15 -24.87 16.67 -11.09
C PHE H 15 -25.10 16.85 -12.57
N HIS H 16 -26.37 16.74 -12.99
CA HIS H 16 -26.74 16.98 -14.38
C HIS H 16 -27.96 17.90 -14.40
N ASP H 17 -27.96 18.86 -15.31
CA ASP H 17 -29.00 19.87 -15.39
C ASP H 17 -29.99 19.55 -16.52
N ALA H 18 -30.80 20.54 -16.90
CA ALA H 18 -31.86 20.41 -17.89
C ALA H 18 -31.36 20.18 -19.32
N ASP H 19 -30.14 20.63 -19.65
CA ASP H 19 -29.66 20.59 -21.03
C ASP H 19 -29.89 19.21 -21.67
N GLY H 20 -30.69 19.19 -22.72
CA GLY H 20 -30.97 17.93 -23.36
C GLY H 20 -32.04 17.09 -22.69
N ARG H 21 -32.69 17.61 -21.65
CA ARG H 21 -33.69 16.83 -20.92
C ARG H 21 -35.05 17.49 -20.91
N ARG H 22 -36.07 16.67 -20.69
CA ARG H 22 -37.40 17.19 -20.44
C ARG H 22 -37.44 17.77 -19.03
N THR H 23 -38.14 18.88 -18.87
CA THR H 23 -38.33 19.41 -17.54
C THR H 23 -39.81 19.45 -17.21
N GLN H 24 -40.08 19.64 -15.92
CA GLN H 24 -41.41 19.73 -15.37
C GLN H 24 -41.38 20.91 -14.40
N PRO H 25 -42.39 21.77 -14.44
CA PRO H 25 -42.40 22.90 -13.51
C PRO H 25 -42.66 22.46 -12.08
N VAL H 26 -42.06 23.18 -11.14
CA VAL H 26 -42.27 22.99 -9.72
C VAL H 26 -42.96 24.24 -9.19
N VAL H 27 -44.09 24.06 -8.52
CA VAL H 27 -44.97 25.16 -8.14
C VAL H 27 -45.07 25.23 -6.63
N ASP H 28 -45.15 26.46 -6.12
CA ASP H 28 -45.37 26.70 -4.70
C ASP H 28 -46.85 26.48 -4.36
N PRO H 29 -47.18 25.52 -3.48
CA PRO H 29 -48.61 25.29 -3.16
C PRO H 29 -49.25 26.43 -2.39
N GLY H 30 -48.46 27.33 -1.82
CA GLY H 30 -48.99 28.46 -1.08
C GLY H 30 -49.24 29.68 -1.95
N THR H 31 -48.60 29.76 -3.13
CA THR H 31 -48.78 30.89 -4.04
C THR H 31 -49.28 30.51 -5.43
N THR H 32 -49.14 29.25 -5.84
CA THR H 32 -49.38 28.70 -7.17
C THR H 32 -48.31 29.13 -8.19
N ARG H 33 -47.32 29.93 -7.79
CA ARG H 33 -46.30 30.38 -8.72
C ARG H 33 -45.24 29.31 -8.96
N VAL H 34 -44.59 29.42 -10.12
CA VAL H 34 -43.51 28.50 -10.46
C VAL H 34 -42.28 28.83 -9.64
N LEU H 35 -41.69 27.80 -9.04
CA LEU H 35 -40.45 27.95 -8.29
C LEU H 35 -39.22 27.62 -9.13
N GLY H 36 -39.33 26.68 -10.05
CA GLY H 36 -38.21 26.22 -10.85
C GLY H 36 -38.65 25.04 -11.71
N GLU H 37 -37.70 24.56 -12.50
CA GLU H 37 -37.98 23.45 -13.41
C GLU H 37 -37.10 22.26 -13.09
N LEU H 38 -37.72 21.08 -13.01
CA LEU H 38 -37.03 19.86 -12.61
C LEU H 38 -36.65 19.04 -13.82
N PRO H 39 -35.38 18.69 -13.99
CA PRO H 39 -34.99 17.83 -15.13
C PRO H 39 -35.40 16.39 -14.87
N HIS H 40 -35.99 15.78 -15.89
CA HIS H 40 -36.35 14.36 -15.86
C HIS H 40 -35.19 13.53 -16.37
N ALA H 41 -34.96 12.40 -15.71
CA ALA H 41 -33.99 11.44 -16.21
C ALA H 41 -34.51 10.79 -17.49
N THR H 42 -33.59 10.58 -18.45
CA THR H 42 -33.91 9.74 -19.60
C THR H 42 -33.81 8.28 -19.18
N ALA H 43 -34.27 7.40 -20.08
CA ALA H 43 -34.07 5.97 -19.85
C ALA H 43 -32.60 5.66 -19.69
N HIS H 44 -31.74 6.31 -20.49
CA HIS H 44 -30.31 6.08 -20.38
C HIS H 44 -29.76 6.60 -19.05
N ASP H 45 -30.23 7.76 -18.59
CA ASP H 45 -29.84 8.26 -17.27
C ASP H 45 -30.10 7.21 -16.20
N ILE H 46 -31.27 6.58 -16.25
CA ILE H 46 -31.64 5.61 -15.22
C ILE H 46 -30.79 4.34 -15.35
N ASP H 47 -30.57 3.88 -16.58
CA ASP H 47 -29.63 2.78 -16.79
C ASP H 47 -28.26 3.09 -16.21
N ALA H 48 -27.76 4.30 -16.47
CA ALA H 48 -26.44 4.68 -16.01
C ALA H 48 -26.39 4.72 -14.48
N ALA H 49 -27.48 5.16 -13.84
CA ALA H 49 -27.51 5.19 -12.38
C ALA H 49 -27.44 3.78 -11.80
N VAL H 50 -28.17 2.83 -12.38
CA VAL H 50 -28.12 1.46 -11.88
C VAL H 50 -26.72 0.89 -12.05
N GLN H 51 -26.14 1.09 -13.25
CA GLN H 51 -24.79 0.64 -13.53
CA GLN H 51 -24.79 0.61 -13.50
C GLN H 51 -23.80 1.21 -12.52
N ALA H 52 -23.88 2.53 -12.29
CA ALA H 52 -23.00 3.18 -11.33
C ALA H 52 -23.21 2.65 -9.92
N ALA H 53 -24.47 2.41 -9.53
CA ALA H 53 -24.72 1.86 -8.20
C ALA H 53 -24.10 0.48 -8.06
N HIS H 54 -24.14 -0.33 -9.11
CA HIS H 54 -23.55 -1.66 -9.04
C HIS H 54 -22.03 -1.60 -8.95
N ARG H 55 -21.40 -0.77 -9.78
CA ARG H 55 -19.95 -0.59 -9.68
CA ARG H 55 -19.95 -0.60 -9.68
C ARG H 55 -19.57 -0.15 -8.27
N ALA H 56 -20.28 0.86 -7.75
CA ALA H 56 -20.01 1.39 -6.43
C ALA H 56 -20.20 0.33 -5.35
N PHE H 57 -21.22 -0.52 -5.50
CA PHE H 57 -21.52 -1.51 -4.48
C PHE H 57 -20.36 -2.46 -4.25
N VAL H 58 -19.65 -2.83 -5.32
CA VAL H 58 -18.61 -3.84 -5.24
C VAL H 58 -17.55 -3.45 -4.22
N THR H 59 -17.22 -2.16 -4.13
CA THR H 59 -16.20 -1.73 -3.19
C THR H 59 -16.77 -1.14 -1.92
N TRP H 60 -17.90 -0.44 -2.00
CA TRP H 60 -18.50 0.15 -0.82
C TRP H 60 -18.85 -0.90 0.23
N ARG H 61 -19.30 -2.08 -0.22
CA ARG H 61 -19.66 -3.14 0.71
C ARG H 61 -18.48 -3.59 1.56
N HIS H 62 -17.25 -3.40 1.09
CA HIS H 62 -16.06 -3.83 1.81
C HIS H 62 -15.37 -2.69 2.54
N GLU H 63 -15.87 -1.47 2.38
CA GLU H 63 -15.30 -0.36 3.12
C GLU H 63 -15.52 -0.58 4.60
N SER H 64 -14.55 -0.13 5.41
CA SER H 64 -14.63 -0.22 6.85
C SER H 64 -15.93 0.39 7.35
N PRO H 65 -16.67 -0.30 8.22
CA PRO H 65 -17.88 0.31 8.79
C PRO H 65 -17.59 1.57 9.57
N LEU H 66 -16.38 1.74 10.10
CA LEU H 66 -16.05 2.99 10.77
C LEU H 66 -15.80 4.11 9.78
N VAL H 67 -15.13 3.80 8.65
CA VAL H 67 -14.96 4.80 7.61
C VAL H 67 -16.31 5.22 7.03
N ARG H 68 -17.20 4.25 6.82
CA ARG H 68 -18.54 4.59 6.34
C ARG H 68 -19.28 5.43 7.36
N SER H 69 -19.15 5.09 8.63
CA SER H 69 -19.78 5.88 9.68
C SER H 69 -19.27 7.32 9.69
N ASP H 70 -17.94 7.51 9.64
CA ASP H 70 -17.36 8.86 9.57
C ASP H 70 -18.01 9.67 8.47
N LEU H 71 -18.13 9.07 7.29
CA LEU H 71 -18.68 9.80 6.15
C LEU H 71 -20.14 10.14 6.37
N LEU H 72 -20.94 9.19 6.86
CA LEU H 72 -22.36 9.46 7.09
C LEU H 72 -22.55 10.53 8.16
N ARG H 73 -21.70 10.54 9.20
CA ARG H 73 -21.78 11.57 10.22
C ARG H 73 -21.41 12.94 9.66
N ARG H 74 -20.40 13.02 8.78
CA ARG H 74 -20.10 14.26 8.08
C ARG H 74 -21.32 14.77 7.32
N ALA H 75 -21.97 13.90 6.54
CA ALA H 75 -23.17 14.29 5.82
C ALA H 75 -24.23 14.83 6.79
N ALA H 76 -24.41 14.13 7.92
CA ALA H 76 -25.39 14.57 8.91
C ALA H 76 -25.03 15.94 9.46
N ALA H 77 -23.74 16.17 9.72
CA ALA H 77 -23.32 17.47 10.22
C ALA H 77 -23.66 18.57 9.23
N LEU H 78 -23.49 18.28 7.94
CA LEU H 78 -23.80 19.28 6.92
C LEU H 78 -25.31 19.54 6.87
N ALA H 79 -26.11 18.48 7.03
CA ALA H 79 -27.55 18.67 7.09
C ALA H 79 -27.93 19.64 8.21
N ARG H 80 -27.33 19.47 9.38
CA ARG H 80 -27.64 20.38 10.48
C ARG H 80 -27.23 21.81 10.13
N GLU H 81 -26.05 21.97 9.52
CA GLU H 81 -25.59 23.31 9.14
C GLU H 81 -26.53 23.98 8.17
N ARG H 82 -27.14 23.21 7.27
CA ARG H 82 -27.94 23.78 6.18
C ARG H 82 -29.43 23.73 6.47
N ALA H 83 -29.81 23.42 7.72
CA ALA H 83 -31.21 23.14 8.02
C ALA H 83 -32.12 24.30 7.64
N GLU H 84 -31.71 25.55 7.91
CA GLU H 84 -32.59 26.68 7.62
C GLU H 84 -32.84 26.83 6.13
N THR H 85 -31.79 26.76 5.32
CA THR H 85 -31.95 26.89 3.88
C THR H 85 -32.75 25.71 3.31
N ILE H 86 -32.39 24.48 3.69
CA ILE H 86 -33.11 23.31 3.21
C ILE H 86 -34.57 23.39 3.64
N GLY H 87 -34.81 23.81 4.89
CA GLY H 87 -36.17 23.92 5.36
C GLY H 87 -36.96 24.97 4.60
N ARG H 88 -36.35 26.13 4.32
CA ARG H 88 -37.08 27.17 3.64
C ARG H 88 -37.55 26.68 2.28
N HIS H 89 -36.68 25.96 1.56
CA HIS H 89 -37.04 25.43 0.26
C HIS H 89 -38.12 24.35 0.38
N ILE H 90 -38.10 23.56 1.46
CA ILE H 90 -39.16 22.58 1.67
C ILE H 90 -40.50 23.29 1.86
N THR H 91 -40.53 24.32 2.73
CA THR H 91 -41.74 25.11 2.89
C THR H 91 -42.27 25.60 1.54
N MET H 92 -41.36 26.08 0.69
CA MET H 92 -41.77 26.67 -0.58
C MET H 92 -42.35 25.63 -1.53
N ASP H 93 -41.73 24.46 -1.64
CA ASP H 93 -42.20 23.49 -2.62
C ASP H 93 -43.05 22.38 -2.04
N GLN H 94 -43.30 22.39 -0.74
CA GLN H 94 -44.18 21.39 -0.15
C GLN H 94 -45.32 22.00 0.64
N GLY H 95 -45.09 23.13 1.32
CA GLY H 95 -46.17 23.91 1.95
C GLY H 95 -46.08 24.03 3.45
N LYS H 96 -45.39 23.10 4.13
CA LYS H 96 -45.42 23.05 5.60
C LYS H 96 -44.72 24.28 6.20
N PRO H 97 -45.10 24.67 7.42
CA PRO H 97 -44.45 25.82 8.07
C PRO H 97 -42.97 25.61 8.26
N LEU H 98 -42.22 26.72 8.22
CA LEU H 98 -40.77 26.66 8.31
C LEU H 98 -40.30 25.87 9.51
N ARG H 99 -40.93 26.08 10.68
CA ARG H 99 -40.49 25.39 11.88
C ARG H 99 -40.59 23.87 11.70
N GLU H 100 -41.65 23.41 11.02
CA GLU H 100 -41.79 21.98 10.77
C GLU H 100 -40.74 21.47 9.79
N ALA H 101 -40.45 22.25 8.75
CA ALA H 101 -39.44 21.86 7.77
C ALA H 101 -38.06 21.77 8.40
N ILE H 102 -37.72 22.74 9.26
CA ILE H 102 -36.44 22.70 9.93
C ILE H 102 -36.37 21.52 10.89
N ALA H 103 -37.46 21.26 11.62
CA ALA H 103 -37.47 20.12 12.52
C ALA H 103 -37.31 18.81 11.76
N GLU H 104 -37.90 18.74 10.56
CA GLU H 104 -37.76 17.55 9.73
C GLU H 104 -36.29 17.31 9.36
N VAL H 105 -35.56 18.37 9.00
CA VAL H 105 -34.15 18.21 8.64
C VAL H 105 -33.34 17.72 9.83
N VAL H 106 -33.56 18.32 11.00
CA VAL H 106 -32.83 17.91 12.20
C VAL H 106 -33.13 16.46 12.55
N SER H 107 -34.40 16.08 12.45
CA SER H 107 -34.78 14.70 12.70
C SER H 107 -34.07 13.76 11.74
N ALA H 108 -33.95 14.15 10.48
CA ALA H 108 -33.26 13.29 9.51
C ALA H 108 -31.79 13.14 9.85
N ALA H 109 -31.17 14.22 10.35
CA ALA H 109 -29.76 14.14 10.75
C ALA H 109 -29.58 13.12 11.88
N GLU H 110 -30.48 13.12 12.86
CA GLU H 110 -30.40 12.12 13.94
C GLU H 110 -30.61 10.72 13.40
N GLN H 111 -31.54 10.56 12.46
CA GLN H 111 -31.75 9.26 11.84
C GLN H 111 -30.49 8.79 11.10
N LEU H 112 -29.84 9.70 10.37
CA LEU H 112 -28.62 9.34 9.68
C LEU H 112 -27.51 8.94 10.66
N GLU H 113 -27.36 9.69 11.75
CA GLU H 113 -26.33 9.38 12.74
C GLU H 113 -26.58 8.03 13.40
N TRP H 114 -27.84 7.71 13.69
CA TRP H 114 -28.16 6.40 14.25
C TRP H 114 -27.71 5.28 13.33
N HIS H 115 -27.97 5.41 12.03
CA HIS H 115 -27.61 4.38 11.06
C HIS H 115 -26.10 4.27 10.93
N ALA H 116 -25.39 5.41 11.03
CA ALA H 116 -23.94 5.36 11.06
C ALA H 116 -23.46 4.48 12.22
N GLU H 117 -24.08 4.68 13.40
CA GLU H 117 -23.72 3.87 14.56
C GLU H 117 -24.13 2.41 14.36
N GLU H 118 -25.29 2.17 13.78
CA GLU H 118 -25.81 0.82 13.68
C GLU H 118 -25.05 0.03 12.62
N GLY H 119 -24.49 0.72 11.61
CA GLY H 119 -23.72 0.04 10.59
C GLY H 119 -22.49 -0.66 11.13
N ARG H 120 -22.00 -0.24 12.29
CA ARG H 120 -20.89 -0.94 12.93
C ARG H 120 -21.32 -2.20 13.66
N ARG H 121 -22.62 -2.46 13.76
CA ARG H 121 -23.18 -3.47 14.63
C ARG H 121 -24.05 -4.45 13.86
N THR H 122 -23.76 -4.69 12.57
CA THR H 122 -24.53 -5.66 11.78
C THR H 122 -23.99 -7.05 12.11
N TYR H 123 -24.22 -7.44 13.38
CA TYR H 123 -23.56 -8.60 13.97
C TYR H 123 -24.00 -9.91 13.32
N GLY H 124 -23.04 -10.83 13.19
CA GLY H 124 -23.31 -12.22 12.92
C GLY H 124 -23.35 -13.03 14.22
N ARG H 125 -23.67 -14.31 14.07
CA ARG H 125 -23.88 -15.25 15.18
C ARG H 125 -23.02 -16.49 14.99
N VAL H 126 -22.41 -16.95 16.08
CA VAL H 126 -21.70 -18.25 16.10
C VAL H 126 -22.60 -19.25 16.80
N VAL H 127 -22.94 -20.32 16.11
CA VAL H 127 -23.84 -21.35 16.63
C VAL H 127 -23.01 -22.51 17.16
N PRO H 128 -23.12 -22.86 18.45
CA PRO H 128 -22.32 -23.98 18.97
C PRO H 128 -22.58 -25.26 18.18
N ALA H 129 -21.51 -25.85 17.69
CA ALA H 129 -21.60 -26.94 16.72
C ALA H 129 -21.72 -28.28 17.43
N ARG H 130 -22.22 -29.27 16.69
CA ARG H 130 -22.37 -30.61 17.26
C ARG H 130 -21.05 -31.36 17.33
N SER H 131 -20.02 -30.89 16.65
CA SER H 131 -18.70 -31.49 16.60
C SER H 131 -17.64 -30.43 16.83
N PRO H 132 -16.59 -30.75 17.59
CA PRO H 132 -15.60 -29.71 17.93
C PRO H 132 -14.71 -29.26 16.78
N ASP H 133 -14.71 -29.95 15.64
CA ASP H 133 -13.94 -29.52 14.48
C ASP H 133 -14.73 -28.64 13.52
N VAL H 134 -15.98 -28.32 13.85
CA VAL H 134 -16.86 -27.57 12.96
C VAL H 134 -17.04 -26.17 13.52
N MET H 135 -17.05 -25.19 12.62
CA MET H 135 -17.31 -23.79 12.95
C MET H 135 -18.52 -23.34 12.17
N GLN H 136 -19.56 -22.90 12.88
CA GLN H 136 -20.81 -22.46 12.28
C GLN H 136 -21.00 -20.98 12.57
N THR H 137 -21.06 -20.17 11.51
CA THR H 137 -21.29 -18.73 11.62
C THR H 137 -22.51 -18.33 10.78
N VAL H 138 -23.31 -17.42 11.31
CA VAL H 138 -24.43 -16.85 10.55
C VAL H 138 -24.05 -15.41 10.30
N LEU H 139 -23.73 -15.11 9.05
CA LEU H 139 -23.28 -13.77 8.69
C LEU H 139 -24.45 -12.99 8.11
N ARG H 140 -24.35 -11.66 8.20
CA ARG H 140 -25.29 -10.77 7.53
C ARG H 140 -24.53 -9.88 6.56
N GLU H 141 -24.93 -9.92 5.28
CA GLU H 141 -24.21 -9.23 4.23
C GLU H 141 -25.14 -8.37 3.38
N PRO H 142 -24.65 -7.23 2.89
CA PRO H 142 -25.51 -6.33 2.11
C PRO H 142 -26.03 -7.01 0.85
N ILE H 143 -27.31 -6.76 0.56
CA ILE H 143 -27.95 -7.47 -0.54
C ILE H 143 -27.45 -6.99 -1.89
N GLY H 144 -27.12 -5.70 -2.04
CA GLY H 144 -26.71 -5.15 -3.33
C GLY H 144 -27.34 -3.81 -3.67
N VAL H 145 -27.60 -3.58 -4.96
CA VAL H 145 -28.16 -2.31 -5.40
C VAL H 145 -29.62 -2.22 -5.00
N CYS H 146 -30.02 -1.10 -4.40
CA CYS H 146 -31.38 -0.86 -3.95
C CYS H 146 -32.04 0.24 -4.78
N ALA H 147 -33.35 0.12 -4.99
CA ALA H 147 -34.13 1.17 -5.61
C ALA H 147 -35.15 1.64 -4.59
N ALA H 148 -35.26 2.95 -4.43
CA ALA H 148 -36.14 3.50 -3.42
C ALA H 148 -36.99 4.62 -4.01
N PHE H 149 -38.21 4.71 -3.50
CA PHE H 149 -39.20 5.69 -3.92
C PHE H 149 -39.78 6.30 -2.67
N SER H 150 -39.71 7.63 -2.57
CA SER H 150 -40.12 8.31 -1.36
C SER H 150 -41.05 9.47 -1.69
N PRO H 151 -41.95 9.79 -0.78
CA PRO H 151 -43.02 10.73 -1.13
C PRO H 151 -42.75 12.19 -0.72
N TRP H 152 -43.77 13.05 -0.87
CA TRP H 152 -43.65 14.48 -0.67
C TRP H 152 -43.99 14.96 0.73
N ASN H 153 -44.61 14.15 1.60
CA ASN H 153 -45.14 14.72 2.84
C ASN H 153 -44.02 15.11 3.79
N PHE H 154 -42.94 14.31 3.81
CA PHE H 154 -41.69 14.68 4.50
C PHE H 154 -40.57 14.43 3.50
N PRO H 155 -40.43 15.31 2.51
CA PRO H 155 -39.55 14.98 1.38
C PRO H 155 -38.11 14.73 1.79
N PHE H 156 -37.63 15.37 2.88
CA PHE H 156 -36.25 15.17 3.32
C PHE H 156 -36.10 13.93 4.21
N SER H 157 -36.92 13.80 5.25
CA SER H 157 -36.68 12.69 6.17
C SER H 157 -37.15 11.35 5.60
N GLN H 158 -38.22 11.31 4.80
CA GLN H 158 -38.56 10.05 4.13
C GLN H 158 -37.42 9.58 3.24
N ALA H 159 -36.81 10.50 2.47
CA ALA H 159 -35.69 10.10 1.62
C ALA H 159 -34.46 9.73 2.43
N MET H 160 -34.21 10.47 3.53
CA MET H 160 -33.09 10.13 4.40
C MET H 160 -33.19 8.70 4.89
N HIS H 161 -34.39 8.27 5.26
CA HIS H 161 -34.58 6.88 5.68
C HIS H 161 -34.06 5.88 4.64
N LYS H 162 -34.41 6.10 3.37
CA LYS H 162 -33.94 5.19 2.32
C LYS H 162 -32.42 5.26 2.16
N ILE H 163 -31.87 6.47 2.21
CA ILE H 163 -30.44 6.65 2.01
C ILE H 163 -29.64 6.06 3.16
N ALA H 164 -30.03 6.40 4.39
CA ALA H 164 -29.28 5.96 5.57
C ALA H 164 -29.26 4.45 5.69
N ALA H 165 -30.40 3.80 5.44
CA ALA H 165 -30.47 2.36 5.59
C ALA H 165 -29.66 1.64 4.51
N ALA H 166 -29.80 2.09 3.25
CA ALA H 166 -29.05 1.47 2.16
C ALA H 166 -27.55 1.66 2.36
N LEU H 167 -27.09 2.91 2.52
CA LEU H 167 -25.66 3.19 2.59
C LEU H 167 -25.02 2.58 3.83
N ALA H 168 -25.66 2.73 5.00
CA ALA H 168 -25.03 2.25 6.23
C ALA H 168 -24.98 0.74 6.33
N SER H 169 -25.81 0.03 5.58
CA SER H 169 -25.75 -1.42 5.54
C SER H 169 -24.69 -1.94 4.58
N GLY H 170 -24.07 -1.06 3.78
CA GLY H 170 -23.16 -1.49 2.74
C GLY H 170 -23.78 -1.62 1.36
N CYS H 171 -25.07 -1.31 1.21
CA CYS H 171 -25.73 -1.26 -0.09
C CYS H 171 -25.48 0.09 -0.76
N THR H 172 -25.87 0.18 -2.02
CA THR H 172 -25.91 1.44 -2.76
C THR H 172 -27.33 1.65 -3.29
N LEU H 173 -27.57 2.84 -3.83
CA LEU H 173 -28.96 3.27 -3.94
C LEU H 173 -29.18 4.09 -5.21
N VAL H 174 -30.26 3.78 -5.92
CA VAL H 174 -30.88 4.71 -6.86
C VAL H 174 -32.21 5.12 -6.27
N LEU H 175 -32.40 6.43 -6.08
CA LEU H 175 -33.55 6.98 -5.38
C LEU H 175 -34.38 7.85 -6.33
N LYS H 176 -35.70 7.68 -6.32
CA LYS H 176 -36.61 8.61 -6.98
C LYS H 176 -37.49 9.24 -5.92
N GLY H 177 -37.16 10.47 -5.51
CA GLY H 177 -37.97 11.22 -4.58
C GLY H 177 -39.16 11.86 -5.27
N PRO H 178 -39.86 12.74 -4.54
CA PRO H 178 -41.10 13.36 -5.05
C PRO H 178 -40.81 14.51 -6.02
N GLU H 179 -41.20 14.33 -7.30
CA GLU H 179 -41.08 15.39 -8.28
C GLU H 179 -41.83 16.65 -7.86
N GLU H 180 -42.93 16.52 -7.13
CA GLU H 180 -43.69 17.71 -6.75
C GLU H 180 -42.99 18.52 -5.66
N SER H 181 -42.11 17.92 -4.85
CA SER H 181 -41.36 18.64 -3.82
C SER H 181 -39.89 18.22 -3.84
N PRO H 182 -39.14 18.64 -4.89
CA PRO H 182 -37.83 18.00 -5.15
C PRO H 182 -36.61 18.63 -4.48
N SER H 183 -36.68 19.85 -3.95
CA SER H 183 -35.47 20.53 -3.49
C SER H 183 -34.78 19.76 -2.35
N ALA H 184 -35.56 19.15 -1.47
CA ALA H 184 -34.99 18.36 -0.38
C ALA H 184 -34.10 17.22 -0.91
N ILE H 185 -34.49 16.59 -2.02
CA ILE H 185 -33.69 15.46 -2.51
C ILE H 185 -32.38 15.97 -3.11
N VAL H 186 -32.46 17.06 -3.88
CA VAL H 186 -31.26 17.70 -4.41
C VAL H 186 -30.33 18.10 -3.27
N ALA H 187 -30.90 18.60 -2.17
CA ALA H 187 -30.09 18.96 -1.01
C ALA H 187 -29.40 17.72 -0.42
N LEU H 188 -30.12 16.59 -0.35
CA LEU H 188 -29.52 15.36 0.16
C LEU H 188 -28.36 14.93 -0.72
N ALA H 189 -28.56 14.93 -2.04
CA ALA H 189 -27.48 14.61 -2.96
C ALA H 189 -26.28 15.54 -2.74
N GLN H 190 -26.55 16.83 -2.56
CA GLN H 190 -25.47 17.80 -2.39
C GLN H 190 -24.65 17.52 -1.14
N LEU H 191 -25.32 17.25 -0.02
CA LEU H 191 -24.56 17.12 1.21
C LEU H 191 -23.79 15.80 1.27
N PHE H 192 -24.32 14.73 0.67
CA PHE H 192 -23.55 13.49 0.56
C PHE H 192 -22.40 13.65 -0.43
N HIS H 193 -22.63 14.39 -1.52
CA HIS H 193 -21.54 14.74 -2.41
C HIS H 193 -20.46 15.52 -1.65
N ASP H 194 -20.87 16.56 -0.93
CA ASP H 194 -19.91 17.38 -0.20
C ASP H 194 -19.21 16.60 0.90
N ALA H 195 -19.86 15.57 1.45
CA ALA H 195 -19.19 14.76 2.46
C ALA H 195 -18.19 13.77 1.87
N GLY H 196 -18.13 13.67 0.54
CA GLY H 196 -17.18 12.78 -0.13
C GLY H 196 -17.68 11.38 -0.43
N LEU H 197 -18.99 11.14 -0.41
CA LEU H 197 -19.50 9.81 -0.73
C LEU H 197 -19.03 9.37 -2.12
N PRO H 198 -18.47 8.17 -2.26
CA PRO H 198 -17.88 7.78 -3.55
C PRO H 198 -18.93 7.74 -4.63
N PRO H 199 -18.55 8.07 -5.87
CA PRO H 199 -19.53 8.13 -6.95
C PRO H 199 -20.22 6.78 -7.16
N GLY H 200 -21.52 6.86 -7.49
CA GLY H 200 -22.35 5.69 -7.67
C GLY H 200 -23.09 5.23 -6.45
N CYS H 201 -22.61 5.56 -5.24
CA CYS H 201 -23.25 5.07 -4.02
C CYS H 201 -24.68 5.59 -3.89
N LEU H 202 -24.89 6.87 -4.19
CA LEU H 202 -26.22 7.48 -4.13
C LEU H 202 -26.49 8.14 -5.47
N ASN H 203 -27.62 7.82 -6.07
CA ASN H 203 -28.06 8.41 -7.32
C ASN H 203 -29.51 8.83 -7.17
N ILE H 204 -29.85 10.03 -7.65
CA ILE H 204 -31.22 10.49 -7.61
C ILE H 204 -31.70 10.77 -9.03
N VAL H 205 -32.91 10.30 -9.32
CA VAL H 205 -33.48 10.40 -10.65
C VAL H 205 -34.89 10.95 -10.52
N TRP H 206 -35.42 11.44 -11.63
CA TRP H 206 -36.76 12.00 -11.69
C TRP H 206 -37.41 11.63 -13.01
N GLY H 207 -38.74 11.58 -13.01
CA GLY H 207 -39.45 11.44 -14.27
C GLY H 207 -40.91 11.15 -14.02
N VAL H 208 -41.54 10.53 -15.02
CA VAL H 208 -42.89 10.00 -14.88
C VAL H 208 -42.81 8.86 -13.87
N PRO H 209 -43.46 8.98 -12.71
CA PRO H 209 -43.19 8.04 -11.60
C PRO H 209 -43.42 6.59 -11.94
N GLY H 210 -44.49 6.28 -12.67
CA GLY H 210 -44.74 4.90 -13.05
C GLY H 210 -43.67 4.34 -13.98
N ASP H 211 -43.16 5.17 -14.91
CA ASP H 211 -42.13 4.71 -15.83
C ASP H 211 -40.80 4.48 -15.12
N VAL H 212 -40.42 5.40 -14.23
CA VAL H 212 -39.14 5.25 -13.54
C VAL H 212 -39.16 4.02 -12.63
N SER H 213 -40.24 3.83 -11.87
CA SER H 213 -40.28 2.71 -10.94
C SER H 213 -40.28 1.38 -11.68
N LYS H 214 -41.02 1.31 -12.78
CA LYS H 214 -41.03 0.09 -13.58
C LYS H 214 -39.61 -0.22 -14.09
N GLN H 215 -38.93 0.79 -14.63
CA GLN H 215 -37.58 0.55 -15.12
C GLN H 215 -36.62 0.18 -13.99
N LEU H 216 -36.71 0.85 -12.86
CA LEU H 216 -35.82 0.51 -11.75
C LEU H 216 -36.11 -0.88 -11.20
N ILE H 217 -37.39 -1.23 -11.03
CA ILE H 217 -37.71 -2.52 -10.45
C ILE H 217 -37.31 -3.66 -11.39
N GLU H 218 -37.42 -3.46 -12.70
CA GLU H 218 -37.07 -4.49 -13.67
C GLU H 218 -35.59 -4.52 -14.05
N ALA H 219 -34.77 -3.60 -13.56
CA ALA H 219 -33.34 -3.65 -13.84
C ALA H 219 -32.73 -4.85 -13.13
N PRO H 220 -32.10 -5.78 -13.84
CA PRO H 220 -31.61 -7.02 -13.19
C PRO H 220 -30.58 -6.76 -12.09
N GLN H 221 -29.87 -5.64 -12.11
CA GLN H 221 -28.89 -5.39 -11.06
C GLN H 221 -29.54 -4.90 -9.77
N VAL H 222 -30.76 -4.38 -9.83
CA VAL H 222 -31.48 -3.95 -8.64
C VAL H 222 -31.97 -5.18 -7.89
N ARG H 223 -31.58 -5.32 -6.63
CA ARG H 223 -31.91 -6.54 -5.91
C ARG H 223 -32.91 -6.34 -4.79
N LYS H 224 -33.27 -5.09 -4.47
CA LYS H 224 -34.18 -4.81 -3.38
C LYS H 224 -34.87 -3.48 -3.66
N ILE H 225 -36.16 -3.41 -3.32
CA ILE H 225 -36.99 -2.24 -3.53
C ILE H 225 -37.44 -1.74 -2.16
N SER H 226 -37.53 -0.43 -2.02
CA SER H 226 -38.06 0.18 -0.80
C SER H 226 -39.03 1.29 -1.21
N PHE H 227 -40.27 1.21 -0.76
CA PHE H 227 -41.31 2.11 -1.21
C PHE H 227 -42.05 2.68 0.01
N THR H 228 -42.22 4.01 0.01
CA THR H 228 -43.10 4.68 0.94
C THR H 228 -44.10 5.49 0.13
N GLY H 229 -45.38 5.22 0.34
CA GLY H 229 -46.43 5.85 -0.45
C GLY H 229 -47.78 5.24 -0.12
N SER H 230 -48.67 5.27 -1.11
CA SER H 230 -50.04 4.82 -0.87
C SER H 230 -50.16 3.30 -0.96
N VAL H 231 -51.18 2.77 -0.28
CA VAL H 231 -51.46 1.33 -0.35
C VAL H 231 -51.69 0.87 -1.79
N PRO H 232 -52.55 1.52 -2.60
CA PRO H 232 -52.78 1.00 -3.96
C PRO H 232 -51.53 0.97 -4.81
N VAL H 233 -50.71 2.03 -4.77
CA VAL H 233 -49.46 2.03 -5.51
C VAL H 233 -48.47 1.00 -4.93
N GLY H 234 -48.43 0.90 -3.60
CA GLY H 234 -47.59 -0.11 -2.96
C GLY H 234 -47.88 -1.51 -3.44
N LYS H 235 -49.17 -1.84 -3.58
CA LYS H 235 -49.55 -3.17 -4.06
C LYS H 235 -49.12 -3.41 -5.51
N GLN H 236 -49.23 -2.39 -6.37
CA GLN H 236 -48.78 -2.60 -7.75
C GLN H 236 -47.28 -2.86 -7.80
N LEU H 237 -46.51 -2.04 -7.11
CA LEU H 237 -45.06 -2.17 -7.17
C LEU H 237 -44.60 -3.44 -6.48
N ALA H 238 -45.22 -3.78 -5.34
CA ALA H 238 -44.86 -5.01 -4.65
C ALA H 238 -45.14 -6.23 -5.53
N ALA H 239 -46.27 -6.22 -6.23
CA ALA H 239 -46.59 -7.36 -7.08
C ALA H 239 -45.56 -7.50 -8.18
N LEU H 240 -45.12 -6.39 -8.76
CA LEU H 240 -44.07 -6.44 -9.78
C LEU H 240 -42.76 -6.96 -9.20
N ALA H 241 -42.34 -6.41 -8.05
CA ALA H 241 -41.08 -6.85 -7.45
C ALA H 241 -41.11 -8.34 -7.13
N ALA H 242 -42.21 -8.80 -6.53
CA ALA H 242 -42.31 -10.21 -6.15
C ALA H 242 -42.26 -11.14 -7.35
N SER H 243 -42.84 -10.72 -8.49
CA SER H 243 -42.78 -11.54 -9.69
C SER H 243 -41.34 -11.74 -10.18
N LEU H 244 -40.40 -10.89 -9.76
CA LEU H 244 -39.00 -11.04 -10.10
C LEU H 244 -38.16 -11.47 -8.91
N MET H 245 -38.79 -11.94 -7.83
CA MET H 245 -38.10 -12.46 -6.66
C MET H 245 -37.18 -11.43 -6.01
N LYS H 246 -37.60 -10.16 -6.02
CA LYS H 246 -36.84 -9.09 -5.39
C LYS H 246 -37.41 -8.74 -4.02
N ARG H 247 -36.50 -8.57 -3.07
CA ARG H 247 -36.90 -8.18 -1.72
C ARG H 247 -37.50 -6.79 -1.76
N MET H 248 -38.49 -6.57 -0.89
CA MET H 248 -39.07 -5.25 -0.74
C MET H 248 -39.35 -4.97 0.73
N THR H 249 -39.31 -3.70 1.08
CA THR H 249 -39.92 -3.23 2.31
C THR H 249 -40.85 -2.09 1.93
N MET H 250 -41.89 -1.92 2.74
CA MET H 250 -42.97 -1.02 2.35
C MET H 250 -43.49 -0.25 3.57
N GLU H 251 -43.58 1.06 3.43
CA GLU H 251 -44.20 1.95 4.40
C GLU H 251 -45.38 2.59 3.68
N LEU H 252 -46.59 2.11 3.97
CA LEU H 252 -47.78 2.58 3.26
C LEU H 252 -48.64 3.44 4.20
N GLY H 253 -49.88 3.68 3.79
CA GLY H 253 -50.73 4.55 4.58
C GLY H 253 -51.20 3.90 5.87
N GLY H 254 -51.79 4.73 6.72
CA GLY H 254 -52.42 4.27 7.93
C GLY H 254 -53.78 4.91 8.09
N HIS H 255 -54.45 4.56 9.18
CA HIS H 255 -55.75 5.12 9.53
C HIS H 255 -55.85 5.04 11.05
N ALA H 256 -55.05 5.84 11.72
CA ALA H 256 -54.70 5.61 13.10
C ALA H 256 -55.90 5.80 14.03
N PRO H 257 -56.25 4.80 14.83
CA PRO H 257 -57.26 5.00 15.87
C PRO H 257 -56.67 5.61 17.14
N VAL H 258 -57.53 6.33 17.86
CA VAL H 258 -57.19 6.94 19.14
C VAL H 258 -58.25 6.50 20.14
N LEU H 259 -57.81 5.88 21.25
CA LEU H 259 -58.72 5.46 22.32
C LEU H 259 -58.49 6.36 23.53
N VAL H 260 -59.48 7.16 23.87
CA VAL H 260 -59.40 8.03 25.04
C VAL H 260 -60.27 7.37 26.11
N CYS H 261 -59.62 6.72 27.07
CA CYS H 261 -60.36 6.05 28.12
C CYS H 261 -60.96 7.05 29.10
N ALA H 262 -62.00 6.61 29.80
CA ALA H 262 -62.68 7.49 30.74
C ALA H 262 -61.75 7.96 31.85
N ASP H 263 -60.73 7.18 32.18
CA ASP H 263 -59.82 7.55 33.27
C ASP H 263 -58.63 8.36 32.79
N ALA H 264 -58.62 8.81 31.55
CA ALA H 264 -57.50 9.58 31.04
C ALA H 264 -57.50 10.98 31.61
N ASP H 265 -56.35 11.64 31.51
CA ASP H 265 -56.28 13.09 31.60
C ASP H 265 -56.85 13.66 30.28
N VAL H 266 -58.15 13.98 30.29
CA VAL H 266 -58.89 14.25 29.06
C VAL H 266 -58.42 15.55 28.41
N GLU H 267 -58.33 16.63 29.19
CA GLU H 267 -57.94 17.92 28.62
C GLU H 267 -56.51 17.88 28.10
N ARG H 268 -55.61 17.20 28.81
CA ARG H 268 -54.24 17.03 28.32
C ARG H 268 -54.22 16.30 26.97
N ALA H 269 -54.98 15.20 26.86
CA ALA H 269 -55.03 14.47 25.59
C ALA H 269 -55.60 15.34 24.47
N ALA H 270 -56.69 16.07 24.73
CA ALA H 270 -57.28 16.88 23.67
C ALA H 270 -56.27 17.89 23.15
N ALA H 271 -55.59 18.59 24.06
CA ALA H 271 -54.63 19.61 23.63
C ALA H 271 -53.49 18.99 22.82
N MET H 272 -52.94 17.87 23.31
CA MET H 272 -51.86 17.22 22.58
C MET H 272 -52.33 16.74 21.21
N LEU H 273 -53.50 16.09 21.17
CA LEU H 273 -54.00 15.52 19.93
C LEU H 273 -54.35 16.59 18.91
N ALA H 274 -54.73 17.78 19.35
CA ALA H 274 -55.03 18.83 18.41
C ALA H 274 -53.76 19.32 17.71
N ALA H 275 -52.71 19.61 18.48
CA ALA H 275 -51.45 20.08 17.91
C ALA H 275 -50.80 19.01 17.05
N TYR H 276 -50.79 17.77 17.54
CA TYR H 276 -50.13 16.71 16.79
C TYR H 276 -50.90 16.41 15.51
N LYS H 277 -52.23 16.37 15.57
CA LYS H 277 -53.02 16.06 14.37
C LYS H 277 -52.69 17.00 13.21
N PHE H 278 -52.65 18.31 13.45
CA PHE H 278 -52.60 19.24 12.33
C PHE H 278 -51.18 19.64 11.95
N ARG H 279 -50.17 18.99 12.51
CA ARG H 279 -48.83 19.08 11.94
C ARG H 279 -48.88 18.63 10.50
N ASN H 280 -48.16 19.34 9.64
CA ASN H 280 -48.15 19.04 8.22
C ASN H 280 -49.57 18.94 7.66
N ALA H 281 -50.50 19.68 8.27
CA ALA H 281 -51.92 19.69 7.86
C ALA H 281 -52.50 18.27 7.78
N GLY H 282 -52.05 17.37 8.67
CA GLY H 282 -52.50 15.99 8.68
C GLY H 282 -51.94 15.09 7.60
N GLN H 283 -51.03 15.58 6.76
CA GLN H 283 -50.47 14.78 5.65
C GLN H 283 -49.35 13.90 6.19
N VAL H 284 -49.75 13.00 7.08
CA VAL H 284 -48.85 12.23 7.92
C VAL H 284 -49.37 10.81 7.94
N CYS H 285 -48.48 9.85 7.67
CA CYS H 285 -48.88 8.44 7.63
C CYS H 285 -49.42 7.96 8.96
N VAL H 286 -48.93 8.52 10.07
CA VAL H 286 -49.36 8.11 11.39
C VAL H 286 -50.43 9.03 11.96
N SER H 287 -51.01 9.90 11.13
CA SER H 287 -51.90 10.94 11.62
C SER H 287 -53.07 10.33 12.38
N PRO H 288 -53.35 10.80 13.61
CA PRO H 288 -54.54 10.34 14.32
C PRO H 288 -55.78 10.77 13.57
N THR H 289 -56.64 9.81 13.27
CA THR H 289 -57.76 10.08 12.38
C THR H 289 -59.10 9.70 13.01
N ARG H 290 -59.17 8.49 13.59
CA ARG H 290 -60.40 7.98 14.20
C ARG H 290 -60.29 8.06 15.72
N PHE H 291 -61.02 8.99 16.33
CA PHE H 291 -60.95 9.21 17.77
C PHE H 291 -62.13 8.51 18.44
N PHE H 292 -61.83 7.53 19.30
CA PHE H 292 -62.84 6.83 20.09
C PHE H 292 -62.71 7.27 21.54
N VAL H 293 -63.68 8.04 22.01
CA VAL H 293 -63.66 8.64 23.34
C VAL H 293 -64.76 7.98 24.18
N GLN H 294 -64.38 7.47 25.35
CA GLN H 294 -65.36 6.86 26.22
C GLN H 294 -66.46 7.87 26.52
N ARG H 295 -67.71 7.39 26.46
CA ARG H 295 -68.86 8.29 26.41
C ARG H 295 -68.85 9.34 27.50
N ALA H 296 -68.53 8.94 28.74
CA ALA H 296 -68.57 9.88 29.85
C ALA H 296 -67.56 11.01 29.67
N ALA H 297 -66.51 10.81 28.87
CA ALA H 297 -65.52 11.84 28.64
C ALA H 297 -65.71 12.56 27.31
N PHE H 298 -66.77 12.21 26.55
CA PHE H 298 -66.88 12.65 25.17
C PHE H 298 -67.03 14.18 25.07
N ASP H 299 -67.99 14.75 25.80
CA ASP H 299 -68.22 16.18 25.66
C ASP H 299 -67.02 16.98 26.13
N ARG H 300 -66.46 16.58 27.28
CA ARG H 300 -65.29 17.27 27.80
C ARG H 300 -64.15 17.25 26.79
N PHE H 301 -63.92 16.09 26.17
CA PHE H 301 -62.81 16.01 25.21
C PHE H 301 -63.06 16.92 24.01
N VAL H 302 -64.26 16.86 23.43
CA VAL H 302 -64.58 17.62 22.22
C VAL H 302 -64.43 19.11 22.47
N CYS H 303 -64.94 19.59 23.62
CA CYS H 303 -64.83 21.01 23.94
CA CYS H 303 -64.83 21.01 23.93
C CYS H 303 -63.37 21.45 24.03
N ALA H 304 -62.55 20.70 24.78
CA ALA H 304 -61.14 21.03 24.87
C ALA H 304 -60.44 20.86 23.53
N TYR H 305 -60.86 19.88 22.73
CA TYR H 305 -60.27 19.68 21.40
C TYR H 305 -60.57 20.84 20.47
N LEU H 306 -61.85 21.27 20.44
CA LEU H 306 -62.23 22.40 19.59
C LEU H 306 -61.51 23.67 20.02
N ASP H 307 -61.42 23.91 21.34
CA ASP H 307 -60.68 25.06 21.84
C ASP H 307 -59.25 25.08 21.32
N ALA H 308 -58.57 23.92 21.34
CA ALA H 308 -57.20 23.87 20.84
C ALA H 308 -57.14 24.02 19.33
N VAL H 309 -58.07 23.39 18.61
CA VAL H 309 -58.10 23.55 17.16
C VAL H 309 -58.33 25.00 16.79
N GLY H 310 -59.12 25.72 17.59
CA GLY H 310 -59.45 27.10 17.28
C GLY H 310 -58.27 28.06 17.31
N THR H 311 -57.15 27.66 17.91
CA THR H 311 -55.98 28.54 17.93
C THR H 311 -55.06 28.32 16.74
N ILE H 312 -55.35 27.34 15.88
CA ILE H 312 -54.51 27.10 14.72
C ILE H 312 -54.67 28.26 13.75
N ARG H 313 -53.54 28.76 13.25
CA ARG H 313 -53.53 29.84 12.27
C ARG H 313 -53.05 29.28 10.94
N VAL H 314 -53.92 29.32 9.92
CA VAL H 314 -53.59 28.82 8.58
C VAL H 314 -53.01 29.95 7.75
N GLY H 315 -51.94 29.67 7.04
CA GLY H 315 -51.35 30.69 6.21
C GLY H 315 -50.13 30.18 5.47
N TYR H 316 -49.40 31.13 4.87
CA TYR H 316 -48.21 30.78 4.13
C TYR H 316 -47.10 30.37 5.09
N GLY H 317 -46.39 29.28 4.74
CA GLY H 317 -45.50 28.62 5.69
C GLY H 317 -44.30 29.44 6.14
N LEU H 318 -43.93 30.47 5.39
CA LEU H 318 -42.82 31.31 5.80
C LEU H 318 -43.24 32.49 6.67
N ASP H 319 -44.54 32.71 6.86
CA ASP H 319 -45.01 33.87 7.61
C ASP H 319 -45.03 33.60 9.11
N ALA H 320 -44.67 34.63 9.88
CA ALA H 320 -44.61 34.50 11.32
C ALA H 320 -45.98 34.23 11.90
N GLY H 321 -46.03 33.29 12.84
CA GLY H 321 -47.25 32.93 13.51
C GLY H 321 -48.10 31.90 12.81
N VAL H 322 -47.77 31.54 11.56
CA VAL H 322 -48.52 30.51 10.85
C VAL H 322 -48.20 29.17 11.48
N THR H 323 -49.22 28.39 11.83
CA THR H 323 -48.97 27.06 12.37
C THR H 323 -49.50 25.93 11.49
N MET H 324 -50.24 26.23 10.43
CA MET H 324 -50.58 25.23 9.43
C MET H 324 -50.54 25.87 8.05
N GLY H 325 -49.90 25.19 7.10
CA GLY H 325 -49.77 25.71 5.76
C GLY H 325 -50.86 25.20 4.85
N PRO H 326 -50.74 25.47 3.56
CA PRO H 326 -51.70 24.88 2.61
C PRO H 326 -51.44 23.39 2.44
N LEU H 327 -52.43 22.72 1.85
CA LEU H 327 -52.25 21.35 1.40
C LEU H 327 -51.30 21.32 0.20
N ALA H 328 -50.79 20.14 -0.11
CA ALA H 328 -49.67 20.03 -1.05
C ALA H 328 -50.09 20.23 -2.52
N HIS H 329 -51.32 19.88 -2.89
CA HIS H 329 -51.78 20.16 -4.24
CA HIS H 329 -51.79 20.13 -4.25
C HIS H 329 -53.31 20.27 -4.23
N ALA H 330 -53.83 20.85 -5.31
CA ALA H 330 -55.26 21.07 -5.44
C ALA H 330 -56.07 19.80 -5.27
N ARG H 331 -55.56 18.67 -5.78
CA ARG H 331 -56.32 17.42 -5.68
C ARG H 331 -56.58 17.04 -4.23
N ARG H 332 -55.68 17.42 -3.32
CA ARG H 332 -55.90 17.14 -1.91
C ARG H 332 -57.10 17.92 -1.38
N VAL H 333 -57.27 19.16 -1.84
CA VAL H 333 -58.43 19.96 -1.44
C VAL H 333 -59.72 19.27 -1.90
N ASP H 334 -59.76 18.86 -3.18
CA ASP H 334 -60.92 18.13 -3.69
C ASP H 334 -61.20 16.90 -2.85
N GLU H 335 -60.13 16.18 -2.47
CA GLU H 335 -60.28 14.96 -1.70
C GLU H 335 -60.92 15.22 -0.33
N ILE H 336 -60.49 16.26 0.37
CA ILE H 336 -61.07 16.57 1.69
C ILE H 336 -62.50 17.07 1.54
N ASP H 337 -62.76 17.87 0.50
CA ASP H 337 -64.14 18.25 0.18
C ASP H 337 -65.04 17.02 0.10
N ALA H 338 -64.57 15.97 -0.58
CA ALA H 338 -65.36 14.76 -0.77
C ALA H 338 -65.57 14.02 0.55
N PHE H 339 -64.55 13.98 1.41
CA PHE H 339 -64.72 13.39 2.74
C PHE H 339 -65.79 14.14 3.54
N VAL H 340 -65.77 15.48 3.51
CA VAL H 340 -66.74 16.26 4.26
C VAL H 340 -68.15 16.04 3.72
N ALA H 341 -68.30 16.11 2.40
CA ALA H 341 -69.62 15.91 1.80
C ALA H 341 -70.16 14.53 2.12
N ASP H 342 -69.30 13.51 2.06
CA ASP H 342 -69.75 12.17 2.41
C ASP H 342 -70.20 12.10 3.87
N ALA H 343 -69.48 12.75 4.78
CA ALA H 343 -69.87 12.70 6.19
C ALA H 343 -71.21 13.39 6.43
N THR H 344 -71.37 14.61 5.90
CA THR H 344 -72.63 15.33 6.11
C THR H 344 -73.80 14.58 5.51
N ALA H 345 -73.63 14.02 4.30
CA ALA H 345 -74.68 13.23 3.67
C ALA H 345 -75.07 12.03 4.51
N LYS H 346 -74.15 11.53 5.34
CA LYS H 346 -74.43 10.38 6.17
C LYS H 346 -74.79 10.77 7.59
N GLY H 347 -75.04 12.06 7.83
CA GLY H 347 -75.63 12.53 9.07
C GLY H 347 -74.67 13.07 10.10
N ALA H 348 -73.39 13.18 9.78
CA ALA H 348 -72.40 13.62 10.74
C ALA H 348 -72.46 15.14 10.91
N GLN H 349 -71.89 15.62 12.01
CA GLN H 349 -71.86 17.05 12.30
C GLN H 349 -70.46 17.61 12.07
N ILE H 350 -70.38 18.71 11.33
CA ILE H 350 -69.12 19.41 11.11
C ILE H 350 -68.97 20.43 12.24
N ALA H 351 -68.17 20.08 13.25
CA ALA H 351 -68.05 20.95 14.42
C ALA H 351 -67.24 22.20 14.11
N THR H 352 -66.23 22.10 13.23
CA THR H 352 -65.48 23.28 12.80
C THR H 352 -64.82 22.98 11.45
N GLY H 353 -64.52 24.05 10.71
CA GLY H 353 -63.88 23.89 9.43
C GLY H 353 -64.82 23.30 8.39
N GLY H 354 -64.26 22.45 7.54
CA GLY H 354 -65.06 21.75 6.54
C GLY H 354 -65.07 22.38 5.17
N MET H 355 -64.38 23.51 4.98
CA MET H 355 -64.35 24.20 3.70
C MET H 355 -62.92 24.66 3.41
N ARG H 356 -62.67 24.94 2.14
CA ARG H 356 -61.41 25.56 1.76
C ARG H 356 -61.37 27.02 2.21
N LEU H 357 -60.16 27.53 2.35
CA LEU H 357 -59.96 28.89 2.81
C LEU H 357 -59.57 29.79 1.65
N PRO H 358 -59.80 31.08 1.75
CA PRO H 358 -59.52 31.97 0.61
C PRO H 358 -58.03 32.07 0.34
N GLY H 359 -57.72 32.62 -0.83
CA GLY H 359 -56.36 32.95 -1.20
C GLY H 359 -55.81 32.00 -2.23
N PRO H 360 -54.99 32.52 -3.14
CA PRO H 360 -54.25 31.64 -4.05
C PRO H 360 -53.43 30.64 -3.26
N GLY H 361 -53.66 29.36 -3.49
CA GLY H 361 -53.02 28.34 -2.70
C GLY H 361 -54.03 27.34 -2.19
N HIS H 362 -53.55 26.15 -1.86
CA HIS H 362 -54.45 25.06 -1.49
C HIS H 362 -54.79 25.08 -0.01
N TYR H 363 -55.31 26.21 0.46
CA TYR H 363 -55.61 26.40 1.88
C TYR H 363 -56.94 25.75 2.24
N PHE H 364 -56.94 25.04 3.37
CA PHE H 364 -58.11 24.32 3.86
C PHE H 364 -58.17 24.39 5.38
N ALA H 365 -59.37 24.54 5.91
CA ALA H 365 -59.60 24.76 7.33
C ALA H 365 -59.45 23.46 8.11
N PRO H 366 -58.84 23.51 9.29
CA PRO H 366 -58.84 22.32 10.17
C PRO H 366 -60.28 21.90 10.45
N THR H 367 -60.56 20.61 10.23
CA THR H 367 -61.94 20.11 10.23
C THR H 367 -62.12 19.03 11.29
N VAL H 368 -63.18 19.17 12.09
CA VAL H 368 -63.52 18.19 13.13
C VAL H 368 -64.92 17.69 12.85
N VAL H 369 -65.06 16.37 12.71
CA VAL H 369 -66.34 15.74 12.36
C VAL H 369 -66.82 14.94 13.57
N LEU H 370 -68.05 15.20 13.99
CA LEU H 370 -68.63 14.54 15.16
C LEU H 370 -69.65 13.50 14.73
N GLY H 371 -69.56 12.33 15.33
CA GLY H 371 -70.45 11.23 15.10
C GLY H 371 -70.50 10.60 13.71
N PRO H 372 -69.38 10.54 12.97
CA PRO H 372 -69.44 9.89 11.66
C PRO H 372 -69.69 8.40 11.83
N THR H 373 -70.59 7.87 11.01
CA THR H 373 -70.99 6.47 11.14
C THR H 373 -69.93 5.56 10.52
N ARG H 374 -70.12 4.26 10.75
CA ARG H 374 -69.18 3.24 10.31
C ARG H 374 -69.07 3.13 8.79
N ASP H 375 -70.01 3.67 8.03
CA ASP H 375 -69.95 3.59 6.58
C ASP H 375 -69.51 4.90 5.93
N THR H 376 -69.07 5.90 6.69
CA THR H 376 -68.51 7.10 6.10
C THR H 376 -67.11 6.81 5.55
N ARG H 377 -66.74 7.53 4.49
CA ARG H 377 -65.37 7.42 3.99
C ARG H 377 -64.37 7.77 5.07
N LEU H 378 -64.70 8.76 5.92
CA LEU H 378 -63.78 9.19 6.96
C LEU H 378 -63.45 8.06 7.93
N MET H 379 -64.40 7.16 8.20
CA MET H 379 -64.09 6.08 9.13
C MET H 379 -63.55 4.84 8.44
N ASN H 380 -63.25 4.92 7.12
CA ASN H 380 -62.77 3.76 6.38
C ASN H 380 -61.55 4.03 5.49
N ASP H 381 -61.50 5.19 4.84
CA ASP H 381 -60.43 5.52 3.90
C ASP H 381 -59.49 6.53 4.53
N GLU H 382 -58.20 6.43 4.22
CA GLU H 382 -57.24 7.36 4.79
C GLU H 382 -57.41 8.75 4.20
N PRO H 383 -57.79 9.75 4.99
CA PRO H 383 -58.00 11.10 4.41
C PRO H 383 -56.69 11.83 4.12
N PHE H 384 -55.65 11.58 4.92
CA PHE H 384 -54.33 12.19 4.73
C PHE H 384 -54.45 13.72 4.64
N GLY H 385 -55.14 14.30 5.60
CA GLY H 385 -55.41 15.72 5.56
C GLY H 385 -55.93 16.25 6.88
N PRO H 386 -56.30 17.53 6.90
CA PRO H 386 -56.65 18.20 8.18
C PRO H 386 -58.08 17.90 8.62
N ILE H 387 -58.36 16.64 8.95
CA ILE H 387 -59.71 16.23 9.31
C ILE H 387 -59.62 15.01 10.24
N VAL H 388 -60.48 14.99 11.26
CA VAL H 388 -60.62 13.89 12.19
C VAL H 388 -62.10 13.61 12.38
N GLY H 389 -62.38 12.37 12.80
CA GLY H 389 -63.71 11.99 13.25
C GLY H 389 -63.64 11.59 14.72
N ILE H 390 -64.62 12.03 15.50
CA ILE H 390 -64.66 11.73 16.93
C ILE H 390 -66.01 11.09 17.23
N VAL H 391 -65.99 9.87 17.78
CA VAL H 391 -67.22 9.16 18.13
C VAL H 391 -67.12 8.67 19.56
N PRO H 392 -68.23 8.55 20.28
CA PRO H 392 -68.19 7.96 21.62
C PRO H 392 -68.10 6.44 21.53
N PHE H 393 -67.61 5.85 22.61
CA PHE H 393 -67.74 4.42 22.77
C PHE H 393 -68.14 4.15 24.20
N ASP H 394 -68.81 3.02 24.41
CA ASP H 394 -69.20 2.59 25.74
C ASP H 394 -68.31 1.49 26.28
N ASP H 395 -68.15 0.41 25.53
CA ASP H 395 -67.34 -0.72 25.95
C ASP H 395 -65.99 -0.66 25.24
N LEU H 396 -64.92 -0.72 26.04
CA LEU H 396 -63.58 -0.61 25.49
C LEU H 396 -63.30 -1.70 24.45
N ASP H 397 -63.87 -2.89 24.64
CA ASP H 397 -63.68 -3.99 23.70
C ASP H 397 -64.32 -3.69 22.35
N ASP H 398 -65.46 -2.99 22.35
CA ASP H 398 -66.06 -2.59 21.08
C ASP H 398 -65.20 -1.56 20.38
N ALA H 399 -64.63 -0.61 21.14
CA ALA H 399 -63.73 0.37 20.53
C ALA H 399 -62.52 -0.31 19.90
N LEU H 400 -61.95 -1.32 20.58
CA LEU H 400 -60.79 -2.02 20.03
C LEU H 400 -61.12 -2.77 18.73
N ALA H 401 -62.29 -3.42 18.68
CA ALA H 401 -62.68 -4.13 17.47
C ALA H 401 -62.84 -3.17 16.30
N GLU H 402 -63.41 -2.01 16.55
CA GLU H 402 -63.54 -1.01 15.50
C GLU H 402 -62.18 -0.46 15.10
N ALA H 403 -61.28 -0.26 16.09
CA ALA H 403 -59.92 0.18 15.78
C ALA H 403 -59.19 -0.82 14.91
N ASN H 404 -59.57 -2.09 15.00
CA ASN H 404 -58.91 -3.15 14.26
C ASN H 404 -59.67 -3.57 13.02
N ARG H 405 -60.84 -2.96 12.77
CA ARG H 405 -61.69 -3.41 11.67
C ARG H 405 -61.07 -3.12 10.31
N LEU H 406 -60.29 -2.02 10.17
CA LEU H 406 -59.77 -1.65 8.86
C LEU H 406 -58.49 -2.44 8.50
N PRO H 407 -58.22 -2.62 7.20
CA PRO H 407 -56.96 -3.26 6.81
C PRO H 407 -55.73 -2.40 7.09
N PHE H 408 -55.91 -1.15 7.51
CA PHE H 408 -54.78 -0.34 7.93
C PHE H 408 -54.29 -0.75 9.31
N GLY H 409 -52.99 -0.60 9.54
CA GLY H 409 -52.39 -0.98 10.80
C GLY H 409 -51.00 -0.39 11.02
N LEU H 410 -50.90 0.94 10.91
CA LEU H 410 -49.64 1.61 11.08
C LEU H 410 -49.48 2.09 12.52
N ALA H 411 -49.97 3.30 12.82
CA ALA H 411 -49.91 3.83 14.16
C ALA H 411 -51.27 3.74 14.87
N SER H 412 -51.22 3.85 16.19
CA SER H 412 -52.40 3.85 17.04
C SER H 412 -52.02 4.58 18.31
N TYR H 413 -53.03 5.11 19.01
CA TYR H 413 -52.83 5.97 20.17
C TYR H 413 -53.86 5.64 21.23
N ALA H 414 -53.46 5.77 22.49
CA ALA H 414 -54.38 5.53 23.59
C ALA H 414 -53.99 6.42 24.76
N PHE H 415 -55.01 6.81 25.52
CA PHE H 415 -54.82 7.65 26.70
C PHE H 415 -55.56 7.03 27.87
N THR H 416 -54.83 6.71 28.92
CA THR H 416 -55.39 6.07 30.09
C THR H 416 -54.38 6.16 31.23
N THR H 417 -54.89 6.13 32.46
CA THR H 417 -54.03 6.02 33.63
C THR H 417 -53.98 4.61 34.17
N SER H 418 -54.78 3.70 33.63
CA SER H 418 -54.90 2.34 34.15
C SER H 418 -53.84 1.43 33.55
N ALA H 419 -53.13 0.71 34.42
CA ALA H 419 -52.19 -0.30 33.96
C ALA H 419 -52.89 -1.39 33.17
N ARG H 420 -54.08 -1.80 33.63
CA ARG H 420 -54.85 -2.81 32.92
C ARG H 420 -55.31 -2.30 31.55
N ASN H 421 -55.82 -1.07 31.48
CA ASN H 421 -56.20 -0.50 30.18
C ASN H 421 -54.99 -0.44 29.25
N ALA H 422 -53.87 0.08 29.74
CA ALA H 422 -52.68 0.20 28.91
C ALA H 422 -52.27 -1.16 28.36
N HIS H 423 -52.26 -2.19 29.21
CA HIS H 423 -51.83 -3.52 28.80
C HIS H 423 -52.80 -4.14 27.81
N ARG H 424 -54.10 -4.13 28.13
CA ARG H 424 -55.05 -4.73 27.22
CA ARG H 424 -55.09 -4.70 27.22
C ARG H 424 -55.07 -4.02 25.87
N ILE H 425 -55.04 -2.68 25.88
CA ILE H 425 -55.07 -1.93 24.64
C ILE H 425 -53.84 -2.23 23.79
N SER H 426 -52.65 -2.15 24.40
CA SER H 426 -51.45 -2.33 23.59
C SER H 426 -51.37 -3.75 23.00
N ARG H 427 -51.88 -4.76 23.73
CA ARG H 427 -51.85 -6.12 23.20
C ARG H 427 -52.91 -6.35 22.13
N ALA H 428 -54.08 -5.73 22.26
CA ALA H 428 -55.20 -6.03 21.38
C ALA H 428 -55.09 -5.30 20.04
N LEU H 429 -54.43 -4.15 20.01
CA LEU H 429 -54.37 -3.35 18.79
C LEU H 429 -53.58 -4.06 17.70
N GLU H 430 -54.10 -4.04 16.49
CA GLU H 430 -53.41 -4.54 15.31
C GLU H 430 -52.78 -3.33 14.63
N ALA H 431 -51.55 -3.03 15.01
CA ALA H 431 -50.83 -1.85 14.54
C ALA H 431 -49.35 -2.09 14.78
N GLY H 432 -48.52 -1.53 13.90
CA GLY H 432 -47.09 -1.60 14.09
C GLY H 432 -46.57 -0.76 15.25
N MET H 433 -47.33 0.26 15.67
CA MET H 433 -46.92 1.21 16.69
C MET H 433 -48.10 1.58 17.58
N VAL H 434 -47.90 1.51 18.90
CA VAL H 434 -48.89 1.90 19.89
C VAL H 434 -48.29 3.01 20.77
N ASN H 435 -48.90 4.19 20.73
CA ASN H 435 -48.48 5.34 21.50
C ASN H 435 -49.48 5.54 22.64
N ILE H 436 -49.00 5.49 23.88
CA ILE H 436 -49.86 5.56 25.05
C ILE H 436 -49.50 6.81 25.84
N ASN H 437 -50.43 7.77 25.88
CA ASN H 437 -50.32 9.01 26.64
C ASN H 437 -49.31 9.98 26.06
N HIS H 438 -48.66 9.67 24.95
CA HIS H 438 -47.75 10.62 24.30
C HIS H 438 -47.50 10.13 22.88
N PHE H 439 -46.73 10.91 22.13
CA PHE H 439 -46.36 10.57 20.76
C PHE H 439 -44.87 10.24 20.77
N GLY H 440 -44.54 8.97 20.66
CA GLY H 440 -43.17 8.55 20.85
C GLY H 440 -42.56 7.84 19.67
N MET H 441 -42.94 8.21 18.45
CA MET H 441 -42.40 7.55 17.26
C MET H 441 -41.23 8.31 16.62
N GLY H 442 -40.84 9.46 17.14
CA GLY H 442 -39.73 10.21 16.59
C GLY H 442 -38.32 9.60 16.69
N PRO H 443 -37.95 8.97 17.82
CA PRO H 443 -36.54 8.60 18.01
C PRO H 443 -36.01 7.64 16.95
N ALA H 444 -34.81 7.94 16.46
CA ALA H 444 -34.17 7.10 15.46
C ALA H 444 -33.95 5.68 15.96
N GLU H 445 -33.79 5.50 17.27
CA GLU H 445 -33.44 4.20 17.85
C GLU H 445 -34.64 3.27 18.03
N ILE H 446 -35.84 3.65 17.60
CA ILE H 446 -36.98 2.73 17.73
C ILE H 446 -37.44 2.30 16.33
N PRO H 447 -38.05 1.13 16.16
CA PRO H 447 -38.47 0.70 14.82
C PRO H 447 -39.84 1.26 14.45
N PHE H 448 -39.94 1.75 13.21
CA PHE H 448 -41.12 2.41 12.67
C PHE H 448 -41.66 1.57 11.51
N GLY H 449 -42.90 1.09 11.63
CA GLY H 449 -43.45 0.28 10.55
C GLY H 449 -44.84 -0.17 10.91
N GLY H 450 -45.47 -0.84 9.95
CA GLY H 450 -46.86 -1.25 10.05
C GLY H 450 -47.06 -2.74 9.85
N VAL H 451 -48.32 -3.14 9.99
CA VAL H 451 -48.81 -4.49 9.72
C VAL H 451 -49.98 -4.38 8.75
N LYS H 452 -50.48 -5.54 8.31
CA LYS H 452 -51.61 -5.67 7.36
C LYS H 452 -51.32 -4.80 6.14
N ASP H 453 -52.27 -3.99 5.65
CA ASP H 453 -52.08 -3.22 4.42
C ASP H 453 -51.08 -2.07 4.57
N SER H 454 -50.65 -1.75 5.78
CA SER H 454 -49.75 -0.62 5.99
C SER H 454 -48.30 -0.95 5.66
N GLY H 455 -47.99 -2.18 5.28
CA GLY H 455 -46.69 -2.50 4.76
C GLY H 455 -46.01 -3.58 5.58
N PHE H 456 -44.71 -3.72 5.33
CA PHE H 456 -43.89 -4.60 6.12
C PHE H 456 -42.47 -4.05 6.11
N GLY H 457 -41.71 -4.51 7.11
CA GLY H 457 -40.40 -3.98 7.38
C GLY H 457 -40.47 -2.76 8.29
N SER H 458 -39.30 -2.37 8.75
CA SER H 458 -39.17 -1.28 9.70
C SER H 458 -38.09 -0.33 9.23
N GLU H 459 -38.23 0.93 9.62
CA GLU H 459 -37.19 1.91 9.44
C GLU H 459 -36.80 2.41 10.83
N GLY H 460 -35.51 2.67 11.01
CA GLY H 460 -34.97 3.03 12.31
C GLY H 460 -34.72 1.85 13.21
N GLY H 461 -34.12 2.15 14.36
CA GLY H 461 -33.88 1.13 15.36
C GLY H 461 -32.90 0.05 14.89
N MET H 462 -32.93 -1.05 15.62
CA MET H 462 -32.09 -2.20 15.29
C MET H 462 -32.55 -2.87 14.00
N GLU H 463 -33.84 -2.86 13.70
CA GLU H 463 -34.43 -3.54 12.55
C GLU H 463 -34.18 -2.83 11.23
N ALA H 464 -33.54 -1.66 11.24
CA ALA H 464 -33.55 -0.82 10.04
C ALA H 464 -32.88 -1.52 8.87
N PHE H 465 -31.93 -2.40 9.14
CA PHE H 465 -31.16 -3.01 8.07
C PHE H 465 -31.72 -4.35 7.62
N ASP H 466 -32.83 -4.81 8.21
CA ASP H 466 -33.29 -6.18 7.97
C ASP H 466 -33.62 -6.42 6.51
N GLY H 467 -34.23 -5.44 5.84
CA GLY H 467 -34.50 -5.63 4.43
C GLY H 467 -33.29 -5.53 3.54
N TYR H 468 -32.17 -5.03 4.05
CA TYR H 468 -31.00 -4.75 3.23
C TYR H 468 -29.90 -5.78 3.39
N LEU H 469 -30.01 -6.69 4.35
CA LEU H 469 -28.99 -7.68 4.61
C LEU H 469 -29.53 -9.07 4.27
N VAL H 470 -28.70 -9.88 3.66
CA VAL H 470 -29.02 -11.27 3.45
C VAL H 470 -28.36 -12.08 4.56
N THR H 471 -28.98 -13.19 4.91
CA THR H 471 -28.39 -14.15 5.83
C THR H 471 -27.49 -15.09 5.04
N LYS H 472 -26.29 -15.32 5.54
CA LYS H 472 -25.38 -16.30 4.95
C LYS H 472 -24.88 -17.24 6.06
N PHE H 473 -25.27 -18.50 5.96
CA PHE H 473 -24.77 -19.54 6.85
C PHE H 473 -23.50 -20.14 6.25
N VAL H 474 -22.40 -20.05 6.98
CA VAL H 474 -21.13 -20.66 6.60
C VAL H 474 -20.82 -21.72 7.64
N THR H 475 -20.60 -22.96 7.18
CA THR H 475 -20.26 -24.06 8.07
C THR H 475 -18.97 -24.70 7.57
N GLN H 476 -17.98 -24.80 8.45
CA GLN H 476 -16.65 -25.21 8.04
C GLN H 476 -16.12 -26.30 8.96
N MET H 477 -15.71 -27.41 8.37
CA MET H 477 -15.06 -28.49 9.11
C MET H 477 -13.56 -28.38 8.92
N ASN H 478 -12.83 -28.40 10.03
CA ASN H 478 -11.38 -28.28 9.96
C ASN H 478 -10.64 -29.52 10.43
O1 MES I . 20.88 35.00 -16.62
C2 MES I . 20.88 34.51 -17.97
C3 MES I . 20.57 35.60 -18.99
N4 MES I . 19.32 36.15 -18.52
C5 MES I . 19.22 36.72 -17.17
C6 MES I . 20.51 36.36 -16.42
C7 MES I . 18.19 36.26 -19.43
C8 MES I . 17.02 35.95 -18.50
S MES I . 15.65 35.30 -19.21
O1S MES I . 16.01 34.52 -20.43
O2S MES I . 15.03 34.45 -18.18
O3S MES I . 14.68 36.37 -19.58
C1 GOL J . 28.85 11.23 -33.64
O1 GOL J . 27.57 11.35 -33.07
C2 GOL J . 28.72 11.32 -35.20
O2 GOL J . 27.63 12.10 -35.61
C3 GOL J . 30.06 11.88 -35.68
O3 GOL J . 29.87 12.37 -36.97
C FMT K . 18.49 31.10 -22.15
O1 FMT K . 17.47 31.07 -22.85
O2 FMT K . 18.77 31.96 -21.30
UNK UNX L . 10.23 49.27 -29.10
O1 MES M . 13.05 -7.17 -32.30
C2 MES M . 13.08 -6.44 -33.53
C3 MES M . 12.50 -5.04 -33.29
N4 MES M . 11.13 -5.25 -32.86
C5 MES M . 10.64 -6.57 -32.45
C6 MES M . 11.76 -7.24 -31.66
C7 MES M . 10.25 -4.10 -32.74
C8 MES M . 8.96 -4.54 -33.39
S MES M . 8.18 -3.21 -34.05
O1S MES M . 6.86 -3.70 -34.51
O2S MES M . 8.03 -2.14 -33.04
O3S MES M . 8.96 -2.72 -35.21
C1 GOL N . 20.33 11.90 -8.37
O1 GOL N . 19.22 11.58 -7.60
C2 GOL N . 19.81 12.19 -9.78
O2 GOL N . 18.81 13.18 -9.78
C3 GOL N . 21.07 12.60 -10.56
O3 GOL N . 20.72 12.64 -11.89
C FMT O . -1.13 4.94 -3.91
O1 FMT O . -2.34 5.14 -4.07
O2 FMT O . -0.53 4.92 -2.83
UNK UNX P . -8.23 -10.13 -31.73
O1 MES Q . 31.86 -0.93 2.63
C2 MES Q . 32.61 0.04 3.37
C3 MES Q . 33.90 -0.55 3.93
N4 MES Q . 34.15 -1.76 3.14
C5 MES Q . 33.21 -2.86 3.24
C6 MES Q . 31.82 -2.23 3.23
C7 MES Q . 35.52 -2.05 2.71
C8 MES Q . 36.40 -1.96 3.95
S MES Q . 37.98 -1.66 3.54
O1S MES Q . 38.30 -2.15 2.18
O2S MES Q . 38.86 -2.35 4.53
O3S MES Q . 38.20 -0.19 3.60
C1 GOL R . 33.33 -0.39 -26.76
O1 GOL R . 34.43 0.36 -26.33
C2 GOL R . 33.89 -1.58 -27.52
O2 GOL R . 35.14 -1.94 -27.08
C3 GOL R . 32.88 -2.69 -27.31
O3 GOL R . 32.65 -3.24 -28.54
UNK UNX S . 43.70 -17.09 10.76
O1 MES T . 50.34 14.37 -35.99
C2 MES T . 50.32 12.94 -36.13
C3 MES T . 51.70 12.30 -35.95
N4 MES T . 52.23 12.90 -34.73
C5 MES T . 52.30 14.35 -34.57
C6 MES T . 51.63 14.95 -35.80
C7 MES T . 52.75 12.02 -33.70
C8 MES T . 54.25 12.29 -33.64
S MES T . 54.95 11.11 -32.70
O1S MES T . 54.45 9.79 -33.18
O2S MES T . 54.55 11.32 -31.28
O3S MES T . 56.42 11.17 -32.80
C1 GOL U . 33.81 20.53 -10.06
O1 GOL U . 34.57 21.69 -9.85
C2 GOL U . 34.78 19.41 -10.58
O2 GOL U . 35.60 18.92 -9.57
C3 GOL U . 33.85 18.31 -11.20
O3 GOL U . 34.66 17.22 -11.52
UNK UNX V . 70.57 19.47 -32.34
O1 MES W . -4.38 -1.51 21.14
C2 MES W . -3.57 -2.70 21.15
C3 MES W . -2.50 -2.65 22.24
N4 MES W . -3.18 -2.13 23.42
C5 MES W . -3.87 -0.84 23.41
C6 MES W . -3.89 -0.43 21.93
C7 MES W . -3.17 -2.93 24.63
C8 MES W . -2.55 -2.09 25.74
S MES W . -2.43 -3.06 27.08
O1S MES W . -3.66 -2.84 27.87
O2S MES W . -2.32 -4.48 26.67
O3S MES W . -1.24 -2.71 27.89
C1 GOL X . -34.42 0.69 29.81
O1 GOL X . -34.31 1.89 30.49
C2 GOL X . -33.14 -0.11 30.15
O2 GOL X . -33.04 -0.40 31.52
C3 GOL X . -33.23 -1.38 29.28
O3 GOL X . -32.31 -2.29 29.76
C FMT Y . -52.94 -3.72 36.40
O1 FMT Y . -53.72 -3.70 37.36
O2 FMT Y . -51.74 -4.02 36.43
UNK UNX Z . 7.47 9.25 35.44
O1 MES AA . -40.45 -19.81 43.13
C2 MES AA . -39.59 -20.92 42.89
C3 MES AA . -38.81 -21.30 44.14
N4 MES AA . -38.19 -20.09 44.66
C5 MES AA . -39.10 -18.98 44.97
C6 MES AA . -39.77 -18.66 43.64
C7 MES AA . -37.00 -20.29 45.50
C8 MES AA . -37.17 -19.37 46.70
S MES AA . -35.72 -18.78 47.26
O1S MES AA . -34.64 -19.09 46.31
O2S MES AA . -35.40 -19.37 48.57
O3S MES AA . -35.90 -17.32 47.39
C1 GOL BA . -20.05 -19.95 20.62
O1 GOL BA . -19.89 -19.05 21.68
C2 GOL BA . -19.26 -21.25 20.96
O2 GOL BA . -18.02 -20.95 21.53
C3 GOL BA . -19.11 -22.03 19.62
O3 GOL BA . -18.88 -23.39 19.92
UNK UNX CA . -33.16 -31.70 59.32
O1 MES DA . -30.19 -31.16 5.15
C2 MES DA . -31.41 -31.66 5.71
C3 MES DA . -32.40 -32.13 4.63
N4 MES DA . -32.24 -31.17 3.56
C5 MES DA . -30.99 -31.17 2.83
C6 MES DA . -29.89 -31.59 3.82
C7 MES DA . -33.45 -30.67 2.88
C8 MES DA . -33.20 -30.87 1.40
S MES DA . -33.67 -29.61 0.42
O1S MES DA . -34.31 -30.21 -0.77
O2S MES DA . -34.61 -28.72 1.15
O3S MES DA . -32.49 -28.84 -0.04
C1 GOL EA . -43.93 -11.71 24.34
O1 GOL EA . -45.12 -11.39 24.97
C2 GOL EA . -43.54 -10.50 23.51
O2 GOL EA . -44.36 -10.34 22.38
C3 GOL EA . -42.03 -10.75 23.19
O3 GOL EA . -41.74 -10.34 21.89
UNK UNX FA . -45.98 -40.75 -6.42
O1 MES GA . -41.70 11.01 13.58
C2 MES GA . -43.09 10.71 13.78
C3 MES GA . -43.93 11.13 12.58
N4 MES GA . -42.98 11.18 11.48
C5 MES GA . -41.94 12.19 11.47
C6 MES GA . -41.45 12.26 12.93
C7 MES GA . -43.19 10.35 10.31
C8 MES GA . -44.37 10.96 9.58
S MES GA . -45.05 9.81 8.58
O1S MES GA . -44.00 9.02 7.92
O2S MES GA . -45.95 8.97 9.40
O3S MES GA . -45.84 10.49 7.52
C1 GOL HA . -21.42 -9.95 10.27
O1 GOL HA . -22.71 -10.44 10.02
C2 GOL HA . -20.53 -10.06 8.99
O2 GOL HA . -21.26 -9.96 7.81
C3 GOL HA . -19.51 -8.92 9.13
O3 GOL HA . -18.33 -9.31 8.54
C FMT IA . -40.94 32.14 -6.18
O1 FMT IA . -39.74 32.28 -6.43
O2 FMT IA . -41.75 31.53 -6.91
UNK UNX JA . -45.16 21.55 -4.98
#